data_2MW4
#
_entry.id   2MW4
#
_entity_poly.entity_id   1
_entity_poly.type   'polypeptide(L)'
_entity_poly.pdbx_seq_one_letter_code
;SDGDVVYTLNIRGKRKFEKVKEYKEALDLLDYVQPDVKKACCQRNQI
;
_entity_poly.pdbx_strand_id   A,B,C,D
#
# COMPACT_ATOMS: atom_id res chain seq x y z
N SER A 1 19.10 -0.53 -11.22
CA SER A 1 19.18 -0.16 -9.79
C SER A 1 18.32 1.07 -9.53
N ASP A 2 17.08 0.85 -9.07
CA ASP A 2 16.16 1.96 -8.85
C ASP A 2 15.69 1.99 -7.42
N GLY A 3 16.56 2.35 -6.50
CA GLY A 3 16.18 2.41 -5.10
C GLY A 3 16.49 3.76 -4.47
N ASP A 4 17.11 4.64 -5.24
CA ASP A 4 17.48 5.97 -4.75
C ASP A 4 17.02 7.07 -5.67
N VAL A 5 16.05 6.78 -6.53
CA VAL A 5 15.53 7.78 -7.44
C VAL A 5 14.34 8.48 -6.80
N VAL A 6 14.52 9.74 -6.45
CA VAL A 6 13.48 10.52 -5.77
C VAL A 6 12.24 10.68 -6.63
N TYR A 7 11.21 9.93 -6.30
CA TYR A 7 9.94 10.00 -7.00
C TYR A 7 8.87 10.57 -6.09
N THR A 8 8.63 11.86 -6.25
CA THR A 8 7.64 12.59 -5.47
C THR A 8 6.23 12.14 -5.79
N LEU A 9 5.44 11.93 -4.74
CA LEU A 9 4.07 11.49 -4.88
C LEU A 9 3.15 12.43 -4.10
N ASN A 10 2.63 13.46 -4.76
CA ASN A 10 1.74 14.41 -4.10
C ASN A 10 0.40 13.74 -3.83
N ILE A 11 0.14 13.47 -2.58
CA ILE A 11 -1.09 12.80 -2.18
C ILE A 11 -2.04 13.79 -1.53
N ARG A 12 -3.05 14.20 -2.28
CA ARG A 12 -4.05 15.10 -1.75
C ARG A 12 -4.94 14.37 -0.74
N GLY A 13 -5.06 14.94 0.45
CA GLY A 13 -5.83 14.31 1.49
C GLY A 13 -4.94 13.70 2.56
N LYS A 14 -5.07 14.20 3.78
CA LYS A 14 -4.25 13.74 4.90
C LYS A 14 -4.39 12.24 5.14
N ARG A 15 -5.61 11.79 5.37
CA ARG A 15 -5.87 10.38 5.68
C ARG A 15 -5.33 9.48 4.59
N LYS A 16 -5.54 9.90 3.37
CA LYS A 16 -5.06 9.20 2.21
C LYS A 16 -3.54 9.06 2.29
N PHE A 17 -2.87 10.18 2.47
CA PHE A 17 -1.42 10.22 2.60
C PHE A 17 -0.92 9.34 3.73
N GLU A 18 -1.61 9.39 4.88
CA GLU A 18 -1.21 8.60 6.05
C GLU A 18 -1.02 7.14 5.69
N LYS A 19 -1.90 6.63 4.84
CA LYS A 19 -1.83 5.24 4.38
C LYS A 19 -0.62 5.02 3.48
N VAL A 20 -0.56 5.78 2.39
CA VAL A 20 0.54 5.66 1.45
C VAL A 20 1.91 5.98 2.08
N LYS A 21 1.97 7.03 2.91
CA LYS A 21 3.21 7.41 3.59
C LYS A 21 3.73 6.27 4.44
N GLU A 22 2.83 5.50 5.04
CA GLU A 22 3.26 4.37 5.84
C GLU A 22 3.71 3.25 4.92
N TYR A 23 3.19 3.24 3.69
CA TYR A 23 3.58 2.26 2.69
C TYR A 23 4.98 2.57 2.19
N LYS A 24 5.25 3.84 1.92
CA LYS A 24 6.55 4.25 1.44
C LYS A 24 7.60 4.01 2.52
N GLU A 25 7.23 4.27 3.79
CA GLU A 25 8.14 4.03 4.91
C GLU A 25 8.41 2.53 5.00
N ALA A 26 7.35 1.77 4.89
CA ALA A 26 7.42 0.33 4.92
C ALA A 26 8.29 -0.20 3.77
N LEU A 27 8.11 0.36 2.57
CA LEU A 27 8.92 -0.04 1.41
C LEU A 27 10.37 0.38 1.60
N ASP A 28 10.56 1.59 2.10
CA ASP A 28 11.90 2.10 2.38
C ASP A 28 12.60 1.23 3.41
N LEU A 29 11.82 0.70 4.35
CA LEU A 29 12.33 -0.21 5.37
C LEU A 29 12.60 -1.59 4.77
N LEU A 30 11.70 -2.05 3.87
CA LEU A 30 11.91 -3.32 3.16
C LEU A 30 13.24 -3.29 2.42
N ASP A 31 13.57 -2.10 1.95
CA ASP A 31 14.79 -1.87 1.18
C ASP A 31 15.89 -1.30 2.07
N TYR A 32 15.87 -1.65 3.35
CA TYR A 32 16.85 -1.12 4.28
C TYR A 32 17.43 -2.18 5.21
N VAL A 33 16.60 -2.79 6.04
CA VAL A 33 17.08 -3.72 7.03
C VAL A 33 17.61 -5.01 6.42
N GLN A 34 18.43 -5.72 7.20
CA GLN A 34 19.08 -6.95 6.76
C GLN A 34 18.07 -7.98 6.24
N PRO A 35 18.49 -8.79 5.27
CA PRO A 35 17.63 -9.81 4.66
C PRO A 35 17.21 -10.88 5.67
N ASP A 36 18.05 -11.11 6.67
CA ASP A 36 17.76 -12.12 7.68
C ASP A 36 16.68 -11.66 8.63
N VAL A 37 16.58 -10.36 8.88
CA VAL A 37 15.52 -9.85 9.73
C VAL A 37 14.18 -10.09 9.05
N LYS A 38 14.22 -10.13 7.72
CA LYS A 38 13.02 -10.36 6.94
C LYS A 38 12.58 -11.80 7.12
N LYS A 39 13.54 -12.72 7.13
CA LYS A 39 13.26 -14.13 7.37
C LYS A 39 12.64 -14.30 8.74
N ALA A 40 13.31 -13.70 9.72
CA ALA A 40 12.85 -13.75 11.09
C ALA A 40 11.51 -13.03 11.25
N CYS A 41 11.34 -11.95 10.50
CA CYS A 41 10.07 -11.21 10.49
C CYS A 41 8.97 -12.08 9.92
N CYS A 42 9.30 -12.79 8.84
CA CYS A 42 8.39 -13.74 8.23
C CYS A 42 7.79 -14.66 9.29
N GLN A 43 8.60 -15.04 10.27
CA GLN A 43 8.13 -15.91 11.34
C GLN A 43 7.92 -15.15 12.66
N ARG A 44 7.93 -13.82 12.62
CA ARG A 44 7.68 -13.01 13.81
C ARG A 44 6.25 -12.51 13.83
N ASN A 45 5.84 -11.91 12.73
CA ASN A 45 4.49 -11.34 12.64
C ASN A 45 3.95 -11.37 11.23
N GLN A 46 4.62 -12.12 10.37
CA GLN A 46 4.21 -12.20 8.99
C GLN A 46 3.57 -13.54 8.72
N ILE A 47 2.77 -13.59 7.67
CA ILE A 47 2.09 -14.80 7.27
C ILE A 47 1.94 -14.76 5.75
N SER B 1 -13.15 14.57 5.33
CA SER B 1 -12.80 16.00 5.10
C SER B 1 -11.37 16.16 4.60
N ASP B 2 -10.47 15.31 5.11
CA ASP B 2 -9.06 15.39 4.72
C ASP B 2 -8.85 14.75 3.36
N GLY B 3 -9.17 15.46 2.28
CA GLY B 3 -9.00 14.90 0.96
C GLY B 3 -8.32 15.84 -0.02
N ASP B 4 -8.05 17.08 0.39
CA ASP B 4 -7.41 18.04 -0.51
C ASP B 4 -6.11 18.58 0.06
N VAL B 5 -5.67 18.04 1.17
CA VAL B 5 -4.43 18.48 1.77
C VAL B 5 -3.26 17.84 1.03
N VAL B 6 -2.63 18.60 0.15
CA VAL B 6 -1.53 18.10 -0.67
C VAL B 6 -0.37 17.67 0.20
N TYR B 7 -0.23 16.37 0.36
CA TYR B 7 0.83 15.79 1.14
C TYR B 7 1.81 15.06 0.24
N THR B 8 2.91 15.75 -0.04
CA THR B 8 3.98 15.23 -0.88
C THR B 8 4.72 14.07 -0.21
N LEU B 9 4.93 13.02 -0.98
CA LEU B 9 5.62 11.84 -0.48
C LEU B 9 6.79 11.51 -1.40
N ASN B 10 7.96 12.07 -1.11
CA ASN B 10 9.14 11.82 -1.93
C ASN B 10 9.64 10.40 -1.70
N ILE B 11 9.38 9.55 -2.66
CA ILE B 11 9.73 8.15 -2.56
C ILE B 11 11.00 7.85 -3.32
N ARG B 12 12.10 7.67 -2.60
CA ARG B 12 13.35 7.33 -3.26
C ARG B 12 13.30 5.89 -3.76
N GLY B 13 13.59 5.73 -5.04
CA GLY B 13 13.51 4.42 -5.67
C GLY B 13 12.31 4.30 -6.60
N LYS B 14 12.58 4.13 -7.89
CA LYS B 14 11.53 4.01 -8.90
C LYS B 14 10.57 2.87 -8.61
N ARG B 15 11.12 1.67 -8.41
CA ARG B 15 10.30 0.48 -8.20
C ARG B 15 9.50 0.62 -6.92
N LYS B 16 10.13 1.22 -5.91
CA LYS B 16 9.49 1.50 -4.66
C LYS B 16 8.28 2.39 -4.90
N PHE B 17 8.52 3.48 -5.63
CA PHE B 17 7.48 4.44 -5.99
C PHE B 17 6.34 3.78 -6.75
N GLU B 18 6.67 2.89 -7.69
CA GLU B 18 5.64 2.21 -8.48
C GLU B 18 4.63 1.53 -7.57
N LYS B 19 5.12 0.97 -6.48
CA LYS B 19 4.25 0.33 -5.50
C LYS B 19 3.40 1.37 -4.77
N VAL B 20 4.05 2.33 -4.13
CA VAL B 20 3.36 3.41 -3.39
C VAL B 20 2.38 4.18 -4.29
N LYS B 21 2.87 4.64 -5.43
CA LYS B 21 2.03 5.37 -6.39
C LYS B 21 0.82 4.57 -6.78
N GLU B 22 0.97 3.25 -6.85
CA GLU B 22 -0.15 2.39 -7.18
C GLU B 22 -1.19 2.46 -6.05
N TYR B 23 -0.68 2.61 -4.83
CA TYR B 23 -1.53 2.73 -3.64
C TYR B 23 -2.21 4.09 -3.60
N LYS B 24 -1.48 5.15 -3.92
CA LYS B 24 -2.06 6.49 -3.88
C LYS B 24 -3.14 6.61 -4.96
N GLU B 25 -2.87 6.02 -6.12
CA GLU B 25 -3.83 6.01 -7.23
C GLU B 25 -5.08 5.27 -6.80
N ALA B 26 -4.86 4.13 -6.18
CA ALA B 26 -5.92 3.30 -5.66
C ALA B 26 -6.72 4.03 -4.57
N LEU B 27 -6.01 4.71 -3.65
CA LEU B 27 -6.67 5.47 -2.58
C LEU B 27 -7.48 6.62 -3.18
N ASP B 28 -6.90 7.28 -4.18
CA ASP B 28 -7.57 8.39 -4.85
C ASP B 28 -8.83 7.92 -5.56
N LEU B 29 -8.76 6.73 -6.15
CA LEU B 29 -9.91 6.14 -6.83
C LEU B 29 -10.95 5.65 -5.82
N LEU B 30 -10.47 5.10 -4.69
CA LEU B 30 -11.38 4.66 -3.62
C LEU B 30 -12.21 5.84 -3.14
N ASP B 31 -11.55 6.97 -3.01
CA ASP B 31 -12.16 8.20 -2.56
C ASP B 31 -12.84 8.94 -3.72
N TYR B 32 -12.97 8.27 -4.86
CA TYR B 32 -13.50 8.93 -6.02
C TYR B 32 -14.84 8.36 -6.45
N VAL B 33 -14.86 7.09 -6.84
CA VAL B 33 -16.06 6.49 -7.37
C VAL B 33 -17.12 6.26 -6.29
N GLN B 34 -18.33 5.94 -6.75
CA GLN B 34 -19.46 5.76 -5.85
C GLN B 34 -19.23 4.59 -4.90
N PRO B 35 -19.78 4.68 -3.69
CA PRO B 35 -19.65 3.62 -2.68
C PRO B 35 -20.29 2.32 -3.15
N ASP B 36 -21.26 2.44 -4.05
CA ASP B 36 -21.97 1.27 -4.58
C ASP B 36 -21.11 0.50 -5.56
N VAL B 37 -20.20 1.19 -6.24
CA VAL B 37 -19.32 0.49 -7.16
C VAL B 37 -18.40 -0.41 -6.36
N LYS B 38 -18.13 -0.02 -5.11
CA LYS B 38 -17.27 -0.81 -4.25
C LYS B 38 -17.97 -2.11 -3.89
N LYS B 39 -19.27 -2.02 -3.67
CA LYS B 39 -20.08 -3.19 -3.35
C LYS B 39 -20.12 -4.12 -4.55
N ALA B 40 -20.37 -3.54 -5.71
CA ALA B 40 -20.38 -4.29 -6.95
C ALA B 40 -18.99 -4.81 -7.29
N CYS B 41 -17.96 -4.04 -6.93
CA CYS B 41 -16.58 -4.44 -7.11
C CYS B 41 -16.27 -5.63 -6.22
N CYS B 42 -16.77 -5.55 -5.00
CA CYS B 42 -16.63 -6.64 -4.05
C CYS B 42 -17.05 -7.96 -4.69
N GLN B 43 -18.13 -7.92 -5.45
CA GLN B 43 -18.63 -9.12 -6.10
C GLN B 43 -18.18 -9.19 -7.57
N ARG B 44 -17.26 -8.31 -7.97
CA ARG B 44 -16.74 -8.32 -9.33
C ARG B 44 -15.39 -9.02 -9.37
N ASN B 45 -14.50 -8.63 -8.46
CA ASN B 45 -13.15 -9.20 -8.43
C ASN B 45 -12.52 -9.12 -7.06
N GLN B 46 -13.33 -8.93 -6.03
CA GLN B 46 -12.79 -8.79 -4.69
C GLN B 46 -13.10 -10.02 -3.86
N ILE B 47 -12.42 -10.13 -2.74
CA ILE B 47 -12.62 -11.23 -1.82
C ILE B 47 -12.41 -10.69 -0.41
N SER C 1 -2.45 -2.72 20.72
CA SER C 1 -1.65 -3.98 20.67
C SER C 1 -2.28 -4.93 19.66
N ASP C 2 -2.01 -4.70 18.39
CA ASP C 2 -2.62 -5.48 17.32
C ASP C 2 -1.61 -5.77 16.22
N GLY C 3 -0.71 -6.71 16.46
CA GLY C 3 0.27 -7.02 15.46
C GLY C 3 0.42 -8.50 15.20
N ASP C 4 -0.35 -9.32 15.92
CA ASP C 4 -0.26 -10.77 15.76
C ASP C 4 -1.62 -11.40 15.56
N VAL C 5 -2.60 -10.60 15.16
CA VAL C 5 -3.95 -11.11 14.90
C VAL C 5 -4.08 -11.46 13.42
N VAL C 6 -4.14 -12.75 13.13
CA VAL C 6 -4.18 -13.24 11.75
C VAL C 6 -5.43 -12.78 11.01
N TYR C 7 -5.25 -11.80 10.14
CA TYR C 7 -6.33 -11.27 9.32
C TYR C 7 -6.06 -11.58 7.86
N THR C 8 -6.75 -12.60 7.37
CA THR C 8 -6.61 -13.06 5.99
C THR C 8 -7.20 -12.07 5.00
N LEU C 9 -6.46 -11.81 3.92
CA LEU C 9 -6.89 -10.89 2.89
C LEU C 9 -6.81 -11.58 1.53
N ASN C 10 -7.89 -12.24 1.12
CA ASN C 10 -7.93 -12.92 -0.17
C ASN C 10 -7.91 -11.89 -1.29
N ILE C 11 -6.77 -11.74 -1.91
CA ILE C 11 -6.61 -10.77 -2.97
C ILE C 11 -6.71 -11.44 -4.33
N ARG C 12 -7.87 -11.28 -4.97
CA ARG C 12 -8.05 -11.84 -6.29
C ARG C 12 -7.21 -11.06 -7.30
N GLY C 13 -6.40 -11.76 -8.07
CA GLY C 13 -5.52 -11.12 -9.01
C GLY C 13 -4.08 -11.14 -8.54
N LYS C 14 -3.22 -11.82 -9.30
CA LYS C 14 -1.81 -11.93 -8.96
C LYS C 14 -1.12 -10.59 -8.86
N ARG C 15 -1.23 -9.79 -9.92
CA ARG C 15 -0.55 -8.50 -9.98
C ARG C 15 -1.00 -7.61 -8.84
N LYS C 16 -2.30 -7.67 -8.56
CA LYS C 16 -2.88 -6.95 -7.46
C LYS C 16 -2.21 -7.38 -6.16
N PHE C 17 -2.19 -8.69 -5.93
CA PHE C 17 -1.59 -9.27 -4.74
C PHE C 17 -0.14 -8.84 -4.58
N GLU C 18 0.62 -8.89 -5.67
CA GLU C 18 2.03 -8.52 -5.63
C GLU C 18 2.22 -7.14 -5.01
N LYS C 19 1.28 -6.24 -5.29
CA LYS C 19 1.33 -4.89 -4.72
C LYS C 19 0.98 -4.91 -3.23
N VAL C 20 -0.22 -5.41 -2.91
CA VAL C 20 -0.67 -5.49 -1.50
C VAL C 20 0.26 -6.34 -0.64
N LYS C 21 0.67 -7.50 -1.13
CA LYS C 21 1.60 -8.35 -0.41
C LYS C 21 2.91 -7.61 -0.13
N GLU C 22 3.30 -6.74 -1.05
CA GLU C 22 4.49 -5.94 -0.84
C GLU C 22 4.24 -4.96 0.30
N TYR C 23 2.99 -4.53 0.43
CA TYR C 23 2.60 -3.61 1.48
C TYR C 23 2.56 -4.34 2.82
N LYS C 24 2.01 -5.55 2.82
CA LYS C 24 1.91 -6.32 4.04
C LYS C 24 3.32 -6.71 4.52
N GLU C 25 4.18 -7.08 3.56
CA GLU C 25 5.56 -7.43 3.85
C GLU C 25 6.26 -6.24 4.50
N ALA C 26 6.06 -5.09 3.88
CA ALA C 26 6.61 -3.84 4.33
C ALA C 26 6.04 -3.45 5.71
N LEU C 27 4.74 -3.64 5.90
CA LEU C 27 4.09 -3.34 7.18
C LEU C 27 4.63 -4.26 8.27
N ASP C 28 4.78 -5.54 7.92
CA ASP C 28 5.32 -6.53 8.86
C ASP C 28 6.73 -6.15 9.27
N LEU C 29 7.50 -5.65 8.31
CA LEU C 29 8.86 -5.20 8.57
C LEU C 29 8.85 -3.91 9.40
N LEU C 30 7.90 -3.02 9.13
CA LEU C 30 7.77 -1.76 9.88
C LEU C 30 7.58 -2.04 11.36
N ASP C 31 6.81 -3.07 11.66
CA ASP C 31 6.51 -3.45 13.04
C ASP C 31 7.51 -4.50 13.51
N TYR C 32 8.63 -4.63 12.81
CA TYR C 32 9.57 -5.66 13.15
C TYR C 32 10.90 -5.08 13.59
N VAL C 33 11.57 -4.41 12.68
CA VAL C 33 12.88 -3.87 12.96
C VAL C 33 12.81 -2.69 13.92
N GLN C 34 13.92 -2.47 14.62
CA GLN C 34 14.00 -1.43 15.65
C GLN C 34 13.61 -0.06 15.11
N PRO C 35 12.98 0.76 15.95
CA PRO C 35 12.56 2.11 15.57
C PRO C 35 13.73 2.98 15.14
N ASP C 36 14.92 2.65 15.65
CA ASP C 36 16.12 3.38 15.31
C ASP C 36 16.57 3.08 13.89
N VAL C 37 16.24 1.88 13.39
CA VAL C 37 16.60 1.55 12.02
C VAL C 37 15.77 2.40 11.09
N LYS C 38 14.58 2.78 11.55
CA LYS C 38 13.71 3.63 10.76
C LYS C 38 14.34 5.01 10.65
N LYS C 39 14.92 5.48 11.74
CA LYS C 39 15.61 6.77 11.76
C LYS C 39 16.79 6.72 10.79
N ALA C 40 17.58 5.67 10.91
CA ALA C 40 18.73 5.47 10.05
C ALA C 40 18.30 5.25 8.60
N CYS C 41 17.19 4.52 8.41
CA CYS C 41 16.62 4.31 7.09
C CYS C 41 16.21 5.64 6.50
N CYS C 42 15.58 6.46 7.34
CA CYS C 42 15.17 7.79 6.93
C CYS C 42 16.32 8.55 6.27
N GLN C 43 17.52 8.38 6.81
CA GLN C 43 18.70 9.03 6.25
C GLN C 43 19.55 8.06 5.42
N ARG C 44 18.99 6.90 5.08
CA ARG C 44 19.68 5.94 4.24
C ARG C 44 19.10 5.97 2.84
N ASN C 45 17.78 5.83 2.76
CA ASN C 45 17.10 5.81 1.49
C ASN C 45 15.71 6.44 1.54
N GLN C 46 15.36 7.09 2.64
CA GLN C 46 14.03 7.64 2.77
C GLN C 46 14.03 9.13 2.51
N ILE C 47 12.85 9.66 2.27
CA ILE C 47 12.70 11.08 2.03
C ILE C 47 11.45 11.57 2.74
N SER D 1 -3.25 -11.22 -18.00
CA SER D 1 -4.14 -10.49 -17.08
C SER D 1 -4.41 -11.32 -15.85
N ASP D 2 -4.05 -10.79 -14.69
CA ASP D 2 -4.20 -11.51 -13.44
C ASP D 2 -5.03 -10.69 -12.46
N GLY D 3 -6.34 -10.85 -12.52
CA GLY D 3 -7.19 -10.08 -11.63
C GLY D 3 -8.20 -10.92 -10.88
N ASP D 4 -8.23 -12.22 -11.16
CA ASP D 4 -9.16 -13.10 -10.47
C ASP D 4 -8.45 -14.31 -9.87
N VAL D 5 -7.14 -14.20 -9.74
CA VAL D 5 -6.37 -15.27 -9.15
C VAL D 5 -6.31 -15.07 -7.64
N VAL D 6 -7.11 -15.83 -6.91
CA VAL D 6 -7.22 -15.68 -5.47
C VAL D 6 -5.88 -15.90 -4.77
N TYR D 7 -5.29 -14.81 -4.31
CA TYR D 7 -4.04 -14.83 -3.58
C TYR D 7 -4.26 -14.36 -2.15
N THR D 8 -4.42 -15.31 -1.27
CA THR D 8 -4.63 -15.06 0.14
C THR D 8 -3.41 -14.41 0.78
N LEU D 9 -3.66 -13.39 1.60
CA LEU D 9 -2.61 -12.68 2.27
C LEU D 9 -2.91 -12.62 3.77
N ASN D 10 -2.43 -13.59 4.52
CA ASN D 10 -2.66 -13.64 5.96
C ASN D 10 -1.85 -12.54 6.63
N ILE D 11 -2.54 -11.50 7.02
CA ILE D 11 -1.90 -10.36 7.63
C ILE D 11 -2.05 -10.40 9.13
N ARG D 12 -0.99 -10.78 9.83
CA ARG D 12 -1.01 -10.79 11.27
C ARG D 12 -0.98 -9.35 11.78
N GLY D 13 -1.91 -9.04 12.67
CA GLY D 13 -2.02 -7.68 13.18
C GLY D 13 -3.22 -6.96 12.61
N LYS D 14 -4.15 -6.59 13.48
CA LYS D 14 -5.38 -5.90 13.07
C LYS D 14 -5.09 -4.58 12.34
N ARG D 15 -4.35 -3.70 13.01
CA ARG D 15 -4.09 -2.37 12.45
C ARG D 15 -3.33 -2.49 11.13
N LYS D 16 -2.40 -3.43 11.08
CA LYS D 16 -1.65 -3.71 9.89
C LYS D 16 -2.58 -4.08 8.75
N PHE D 17 -3.45 -5.06 9.02
CA PHE D 17 -4.43 -5.52 8.05
C PHE D 17 -5.29 -4.39 7.53
N GLU D 18 -5.74 -3.51 8.42
CA GLU D 18 -6.58 -2.39 8.03
C GLU D 18 -5.92 -1.57 6.93
N LYS D 19 -4.60 -1.40 7.03
CA LYS D 19 -3.85 -0.67 6.02
C LYS D 19 -3.84 -1.42 4.69
N VAL D 20 -3.35 -2.66 4.72
CA VAL D 20 -3.30 -3.52 3.53
C VAL D 20 -4.69 -3.76 2.92
N LYS D 21 -5.66 -4.10 3.77
CA LYS D 21 -7.03 -4.36 3.33
C LYS D 21 -7.60 -3.22 2.51
N GLU D 22 -7.35 -1.98 2.93
CA GLU D 22 -7.86 -0.87 2.15
C GLU D 22 -7.10 -0.78 0.84
N TYR D 23 -5.83 -1.15 0.87
CA TYR D 23 -5.00 -1.17 -0.34
C TYR D 23 -5.54 -2.19 -1.32
N LYS D 24 -5.90 -3.37 -0.83
CA LYS D 24 -6.44 -4.39 -1.70
C LYS D 24 -7.77 -3.93 -2.28
N GLU D 25 -8.57 -3.24 -1.47
CA GLU D 25 -9.84 -2.70 -1.92
C GLU D 25 -9.59 -1.65 -2.99
N ALA D 26 -8.64 -0.77 -2.70
CA ALA D 26 -8.25 0.28 -3.61
C ALA D 26 -7.73 -0.31 -4.92
N LEU D 27 -6.95 -1.38 -4.83
CA LEU D 27 -6.44 -2.07 -6.00
C LEU D 27 -7.57 -2.75 -6.76
N ASP D 28 -8.50 -3.35 -6.02
CA ASP D 28 -9.67 -4.00 -6.62
C ASP D 28 -10.50 -2.98 -7.36
N LEU D 29 -10.58 -1.78 -6.79
CA LEU D 29 -11.31 -0.66 -7.39
C LEU D 29 -10.55 -0.11 -8.60
N LEU D 30 -9.21 -0.07 -8.51
CA LEU D 30 -8.37 0.39 -9.62
C LEU D 30 -8.63 -0.47 -10.86
N ASP D 31 -8.91 -1.74 -10.62
CA ASP D 31 -9.17 -2.69 -11.70
C ASP D 31 -10.68 -2.85 -11.90
N TYR D 32 -11.47 -1.90 -11.39
CA TYR D 32 -12.90 -2.04 -11.46
C TYR D 32 -13.54 -0.89 -12.24
N VAL D 33 -13.43 0.33 -11.71
CA VAL D 33 -14.08 1.45 -12.32
C VAL D 33 -13.41 1.86 -13.63
N GLN D 34 -14.21 2.45 -14.51
CA GLN D 34 -13.76 2.82 -15.85
C GLN D 34 -12.50 3.67 -15.80
N PRO D 35 -11.62 3.51 -16.81
CA PRO D 35 -10.37 4.26 -16.89
C PRO D 35 -10.61 5.76 -16.98
N ASP D 36 -11.80 6.12 -17.48
CA ASP D 36 -12.16 7.52 -17.64
C ASP D 36 -12.46 8.17 -16.30
N VAL D 37 -12.98 7.39 -15.35
CA VAL D 37 -13.25 7.93 -14.03
C VAL D 37 -11.92 8.23 -13.35
N LYS D 38 -10.89 7.50 -13.75
CA LYS D 38 -9.57 7.70 -13.20
C LYS D 38 -8.99 9.02 -13.71
N LYS D 39 -9.33 9.36 -14.95
CA LYS D 39 -8.93 10.63 -15.54
C LYS D 39 -9.62 11.76 -14.79
N ALA D 40 -10.92 11.61 -14.64
CA ALA D 40 -11.72 12.59 -13.92
C ALA D 40 -11.32 12.62 -12.44
N CYS D 41 -10.89 11.49 -11.92
CA CYS D 41 -10.37 11.41 -10.56
C CYS D 41 -9.11 12.22 -10.44
N CYS D 42 -8.25 12.07 -11.44
CA CYS D 42 -7.01 12.84 -11.51
C CYS D 42 -7.29 14.33 -11.25
N GLN D 43 -8.38 14.83 -11.81
CA GLN D 43 -8.73 16.25 -11.64
C GLN D 43 -9.77 16.45 -10.55
N ARG D 44 -10.12 15.40 -9.82
CA ARG D 44 -11.11 15.52 -8.77
C ARG D 44 -10.43 15.59 -7.42
N ASN D 45 -9.47 14.70 -7.19
CA ASN D 45 -8.80 14.64 -5.90
C ASN D 45 -7.38 14.10 -6.00
N GLN D 46 -6.84 13.99 -7.20
CA GLN D 46 -5.52 13.40 -7.36
C GLN D 46 -4.49 14.46 -7.69
N ILE D 47 -3.23 14.08 -7.53
CA ILE D 47 -2.11 14.92 -7.88
C ILE D 47 -1.06 14.05 -8.54
N SER A 1 18.06 -1.23 -10.21
CA SER A 1 18.97 -0.08 -10.01
C SER A 1 18.19 1.19 -9.75
N ASP A 2 17.04 1.06 -9.07
CA ASP A 2 16.18 2.20 -8.78
C ASP A 2 15.68 2.17 -7.35
N GLY A 3 16.52 2.62 -6.43
CA GLY A 3 16.13 2.68 -5.04
C GLY A 3 16.37 4.05 -4.43
N ASP A 4 17.00 4.93 -5.19
CA ASP A 4 17.31 6.27 -4.73
C ASP A 4 16.85 7.33 -5.71
N VAL A 5 15.90 6.97 -6.55
CA VAL A 5 15.35 7.92 -7.51
C VAL A 5 14.15 8.63 -6.89
N VAL A 6 14.34 9.90 -6.55
CA VAL A 6 13.31 10.68 -5.87
C VAL A 6 12.06 10.84 -6.73
N TYR A 7 11.05 10.09 -6.36
CA TYR A 7 9.76 10.15 -7.05
C TYR A 7 8.70 10.71 -6.10
N THR A 8 8.47 12.01 -6.23
CA THR A 8 7.50 12.73 -5.42
C THR A 8 6.07 12.27 -5.72
N LEU A 9 5.31 12.04 -4.66
CA LEU A 9 3.93 11.60 -4.79
C LEU A 9 3.02 12.52 -3.99
N ASN A 10 2.52 13.57 -4.63
CA ASN A 10 1.64 14.52 -3.97
C ASN A 10 0.29 13.86 -3.72
N ILE A 11 0.06 13.47 -2.49
CA ILE A 11 -1.15 12.78 -2.12
C ILE A 11 -2.14 13.73 -1.48
N ARG A 12 -3.13 14.16 -2.24
CA ARG A 12 -4.17 15.00 -1.68
C ARG A 12 -5.05 14.18 -0.73
N GLY A 13 -5.24 14.69 0.47
CA GLY A 13 -6.01 13.97 1.46
C GLY A 13 -5.13 13.43 2.59
N LYS A 14 -5.34 13.93 3.80
CA LYS A 14 -4.55 13.51 4.95
C LYS A 14 -4.66 12.01 5.21
N ARG A 15 -5.88 11.50 5.38
CA ARG A 15 -6.07 10.08 5.68
C ARG A 15 -5.50 9.23 4.56
N LYS A 16 -5.66 9.72 3.34
CA LYS A 16 -5.15 9.08 2.17
C LYS A 16 -3.64 8.92 2.29
N PHE A 17 -2.98 10.04 2.54
CA PHE A 17 -1.53 10.09 2.69
C PHE A 17 -1.04 9.17 3.80
N GLU A 18 -1.73 9.20 4.93
CA GLU A 18 -1.33 8.38 6.09
C GLU A 18 -1.18 6.92 5.68
N LYS A 19 -2.07 6.46 4.81
CA LYS A 19 -2.00 5.11 4.30
C LYS A 19 -0.79 4.93 3.37
N VAL A 20 -0.75 5.75 2.33
CA VAL A 20 0.35 5.71 1.35
C VAL A 20 1.73 5.87 2.02
N LYS A 21 1.87 6.90 2.84
CA LYS A 21 3.12 7.16 3.55
C LYS A 21 3.55 5.97 4.39
N GLU A 22 2.59 5.28 5.00
CA GLU A 22 2.90 4.11 5.80
C GLU A 22 3.49 3.03 4.90
N TYR A 23 3.04 3.03 3.65
CA TYR A 23 3.52 2.08 2.66
C TYR A 23 4.93 2.45 2.18
N LYS A 24 5.16 3.75 1.95
CA LYS A 24 6.46 4.18 1.48
C LYS A 24 7.54 3.91 2.52
N GLU A 25 7.21 4.18 3.80
CA GLU A 25 8.15 3.93 4.89
C GLU A 25 8.45 2.44 4.98
N ALA A 26 7.40 1.65 4.84
CA ALA A 26 7.51 0.21 4.87
C ALA A 26 8.38 -0.29 3.72
N LEU A 27 8.17 0.27 2.52
CA LEU A 27 8.97 -0.09 1.35
C LEU A 27 10.44 0.27 1.57
N ASP A 28 10.66 1.46 2.11
CA ASP A 28 12.01 1.95 2.39
C ASP A 28 12.70 1.07 3.42
N LEU A 29 11.91 0.53 4.35
CA LEU A 29 12.43 -0.36 5.38
C LEU A 29 12.69 -1.75 4.82
N LEU A 30 11.86 -2.18 3.86
CA LEU A 30 12.02 -3.49 3.22
C LEU A 30 13.40 -3.61 2.58
N ASP A 31 13.83 -2.55 1.91
CA ASP A 31 15.14 -2.54 1.25
C ASP A 31 16.19 -1.95 2.19
N TYR A 32 16.00 -2.09 3.49
CA TYR A 32 16.93 -1.48 4.41
C TYR A 32 17.53 -2.49 5.39
N VAL A 33 16.67 -3.08 6.23
CA VAL A 33 17.15 -3.98 7.25
C VAL A 33 17.62 -5.31 6.68
N GLN A 34 18.46 -5.99 7.46
CA GLN A 34 19.07 -7.25 7.05
C GLN A 34 18.03 -8.26 6.57
N PRO A 35 18.39 -9.06 5.56
CA PRO A 35 17.52 -10.11 5.03
C PRO A 35 17.15 -11.12 6.10
N ASP A 36 18.05 -11.27 7.07
CA ASP A 36 17.84 -12.22 8.15
C ASP A 36 16.73 -11.77 9.09
N VAL A 37 16.61 -10.46 9.29
CA VAL A 37 15.56 -9.95 10.14
C VAL A 37 14.22 -10.18 9.48
N LYS A 38 14.24 -10.26 8.14
CA LYS A 38 13.01 -10.51 7.39
C LYS A 38 12.58 -11.94 7.58
N LYS A 39 13.57 -12.84 7.66
CA LYS A 39 13.32 -14.24 7.91
C LYS A 39 12.77 -14.41 9.32
N ALA A 40 13.42 -13.75 10.27
CA ALA A 40 13.00 -13.79 11.66
C ALA A 40 11.68 -13.05 11.84
N CYS A 41 11.45 -12.01 11.04
CA CYS A 41 10.20 -11.27 11.05
C CYS A 41 9.10 -12.17 10.53
N CYS A 42 9.43 -12.92 9.50
CA CYS A 42 8.51 -13.88 8.92
C CYS A 42 7.95 -14.81 9.99
N GLN A 43 8.81 -15.26 10.89
CA GLN A 43 8.38 -16.14 11.98
C GLN A 43 7.98 -15.35 13.22
N ARG A 44 8.06 -14.03 13.13
CA ARG A 44 7.70 -13.17 14.25
C ARG A 44 6.26 -12.71 14.14
N ASN A 45 5.85 -12.31 12.95
CA ASN A 45 4.49 -11.80 12.75
C ASN A 45 4.01 -11.94 11.32
N GLN A 46 4.73 -12.67 10.49
CA GLN A 46 4.34 -12.74 9.09
C GLN A 46 3.52 -13.97 8.80
N ILE A 47 2.67 -13.84 7.81
CA ILE A 47 1.82 -14.91 7.37
C ILE A 47 1.58 -14.74 5.88
N SER B 1 -13.26 16.07 4.49
CA SER B 1 -12.33 17.21 4.52
C SER B 1 -10.89 16.75 4.34
N ASP B 2 -10.56 15.61 4.91
CA ASP B 2 -9.20 15.05 4.83
C ASP B 2 -8.99 14.35 3.49
N GLY B 3 -9.51 14.91 2.42
CA GLY B 3 -9.36 14.31 1.11
C GLY B 3 -8.79 15.24 0.08
N ASP B 4 -8.43 16.46 0.49
CA ASP B 4 -7.87 17.43 -0.45
C ASP B 4 -6.66 18.15 0.14
N VAL B 5 -6.05 17.57 1.14
CA VAL B 5 -4.87 18.15 1.75
C VAL B 5 -3.62 17.60 1.07
N VAL B 6 -2.94 18.44 0.30
CA VAL B 6 -1.77 18.02 -0.47
C VAL B 6 -0.63 17.58 0.44
N TYR B 7 -0.43 16.27 0.51
CA TYR B 7 0.63 15.68 1.31
C TYR B 7 1.65 14.99 0.40
N THR B 8 2.72 15.72 0.11
CA THR B 8 3.79 15.23 -0.74
C THR B 8 4.53 14.06 -0.10
N LEU B 9 4.79 13.03 -0.89
CA LEU B 9 5.48 11.87 -0.40
C LEU B 9 6.65 11.55 -1.34
N ASN B 10 7.82 12.12 -1.05
CA ASN B 10 9.00 11.89 -1.89
C ASN B 10 9.47 10.46 -1.69
N ILE B 11 9.23 9.64 -2.69
CA ILE B 11 9.58 8.24 -2.61
C ILE B 11 10.83 7.96 -3.42
N ARG B 12 11.94 7.83 -2.72
CA ARG B 12 13.20 7.50 -3.36
C ARG B 12 13.16 6.06 -3.86
N GLY B 13 13.46 5.86 -5.13
CA GLY B 13 13.38 4.53 -5.70
C GLY B 13 12.18 4.37 -6.62
N LYS B 14 12.45 4.15 -7.89
CA LYS B 14 11.40 4.00 -8.90
C LYS B 14 10.45 2.85 -8.60
N ARG B 15 10.99 1.63 -8.45
CA ARG B 15 10.14 0.47 -8.21
C ARG B 15 9.33 0.66 -6.94
N LYS B 16 9.96 1.28 -5.96
CA LYS B 16 9.32 1.60 -4.72
C LYS B 16 8.11 2.49 -4.97
N PHE B 17 8.36 3.61 -5.65
CA PHE B 17 7.32 4.56 -6.00
C PHE B 17 6.19 3.91 -6.78
N GLU B 18 6.54 3.05 -7.73
CA GLU B 18 5.53 2.36 -8.54
C GLU B 18 4.49 1.67 -7.65
N LYS B 19 4.95 1.11 -6.54
CA LYS B 19 4.06 0.45 -5.60
C LYS B 19 3.20 1.49 -4.86
N VAL B 20 3.88 2.41 -4.17
CA VAL B 20 3.20 3.48 -3.41
C VAL B 20 2.26 4.33 -4.29
N LYS B 21 2.75 4.76 -5.45
CA LYS B 21 1.93 5.53 -6.38
C LYS B 21 0.67 4.78 -6.77
N GLU B 22 0.80 3.46 -6.94
CA GLU B 22 -0.36 2.65 -7.28
C GLU B 22 -1.34 2.67 -6.12
N TYR B 23 -0.81 2.84 -4.91
CA TYR B 23 -1.63 2.90 -3.72
C TYR B 23 -2.35 4.24 -3.64
N LYS B 24 -1.64 5.33 -3.93
CA LYS B 24 -2.23 6.64 -3.85
C LYS B 24 -3.34 6.79 -4.90
N GLU B 25 -3.10 6.23 -6.09
CA GLU B 25 -4.12 6.24 -7.15
C GLU B 25 -5.32 5.44 -6.69
N ALA B 26 -5.05 4.28 -6.12
CA ALA B 26 -6.08 3.40 -5.64
C ALA B 26 -6.89 4.07 -4.53
N LEU B 27 -6.22 4.78 -3.64
CA LEU B 27 -6.88 5.50 -2.57
C LEU B 27 -7.70 6.65 -3.14
N ASP B 28 -7.12 7.34 -4.14
CA ASP B 28 -7.81 8.44 -4.80
C ASP B 28 -9.09 7.93 -5.45
N LEU B 29 -9.02 6.73 -6.01
CA LEU B 29 -10.17 6.11 -6.66
C LEU B 29 -11.17 5.61 -5.61
N LEU B 30 -10.67 5.03 -4.50
CA LEU B 30 -11.54 4.61 -3.40
C LEU B 30 -12.37 5.78 -2.91
N ASP B 31 -11.71 6.93 -2.84
CA ASP B 31 -12.33 8.16 -2.37
C ASP B 31 -12.91 8.93 -3.56
N TYR B 32 -13.28 8.21 -4.63
CA TYR B 32 -13.80 8.87 -5.80
C TYR B 32 -15.07 8.23 -6.31
N VAL B 33 -14.99 6.98 -6.77
CA VAL B 33 -16.13 6.34 -7.37
C VAL B 33 -17.21 5.98 -6.36
N GLN B 34 -18.43 5.82 -6.87
CA GLN B 34 -19.62 5.57 -6.04
C GLN B 34 -19.45 4.36 -5.14
N PRO B 35 -20.07 4.40 -3.95
CA PRO B 35 -20.01 3.32 -2.96
C PRO B 35 -20.57 2.00 -3.51
N ASP B 36 -21.54 2.10 -4.40
CA ASP B 36 -22.16 0.90 -4.98
C ASP B 36 -21.22 0.21 -5.96
N VAL B 37 -20.29 0.96 -6.55
CA VAL B 37 -19.34 0.33 -7.45
C VAL B 37 -18.39 -0.52 -6.65
N LYS B 38 -18.24 -0.17 -5.37
CA LYS B 38 -17.38 -0.92 -4.47
C LYS B 38 -18.07 -2.23 -4.10
N LYS B 39 -19.39 -2.20 -4.10
CA LYS B 39 -20.19 -3.38 -3.85
C LYS B 39 -20.16 -4.27 -5.09
N ALA B 40 -20.34 -3.63 -6.23
CA ALA B 40 -20.30 -4.32 -7.51
C ALA B 40 -18.87 -4.81 -7.80
N CYS B 41 -17.88 -4.06 -7.31
CA CYS B 41 -16.49 -4.49 -7.42
C CYS B 41 -16.23 -5.64 -6.47
N CYS B 42 -16.82 -5.52 -5.28
CA CYS B 42 -16.75 -6.56 -4.27
C CYS B 42 -17.03 -7.93 -4.88
N GLN B 43 -17.97 -7.98 -5.81
CA GLN B 43 -18.32 -9.24 -6.47
C GLN B 43 -17.66 -9.38 -7.85
N ARG B 44 -17.04 -8.30 -8.34
CA ARG B 44 -16.43 -8.33 -9.66
C ARG B 44 -15.08 -9.01 -9.61
N ASN B 45 -14.23 -8.58 -8.68
CA ASN B 45 -12.89 -9.14 -8.58
C ASN B 45 -12.31 -8.99 -7.19
N GLN B 46 -13.16 -8.72 -6.21
CA GLN B 46 -12.70 -8.50 -4.85
C GLN B 46 -13.06 -9.68 -3.98
N ILE B 47 -12.35 -9.80 -2.86
CA ILE B 47 -12.61 -10.83 -1.90
C ILE B 47 -12.47 -10.23 -0.51
N SER C 1 -2.11 -2.04 19.57
CA SER C 1 -1.38 -3.23 20.04
C SER C 1 -1.71 -4.42 19.12
N ASP C 2 -2.45 -4.14 18.07
CA ASP C 2 -2.89 -5.16 17.13
C ASP C 2 -1.76 -5.52 16.16
N GLY C 3 -0.97 -6.53 16.50
CA GLY C 3 0.13 -6.89 15.61
C GLY C 3 0.25 -8.39 15.36
N ASP C 4 -0.54 -9.21 16.04
CA ASP C 4 -0.48 -10.66 15.84
C ASP C 4 -1.86 -11.25 15.62
N VAL C 5 -2.78 -10.41 15.22
CA VAL C 5 -4.14 -10.85 14.93
C VAL C 5 -4.25 -11.20 13.45
N VAL C 6 -4.29 -12.50 13.16
CA VAL C 6 -4.31 -12.98 11.78
C VAL C 6 -5.53 -12.48 11.02
N TYR C 7 -5.30 -11.54 10.13
CA TYR C 7 -6.35 -10.98 9.29
C TYR C 7 -6.08 -11.34 7.83
N THR C 8 -6.73 -12.42 7.39
CA THR C 8 -6.61 -12.91 6.03
C THR C 8 -7.17 -11.92 5.02
N LEU C 9 -6.42 -11.69 3.95
CA LEU C 9 -6.83 -10.77 2.91
C LEU C 9 -6.78 -11.47 1.56
N ASN C 10 -7.89 -12.06 1.16
CA ASN C 10 -7.96 -12.76 -0.13
C ASN C 10 -7.92 -11.73 -1.25
N ILE C 11 -6.80 -11.66 -1.95
CA ILE C 11 -6.62 -10.69 -3.01
C ILE C 11 -6.71 -11.36 -4.37
N ARG C 12 -7.86 -11.22 -5.03
CA ARG C 12 -8.01 -11.77 -6.35
C ARG C 12 -7.18 -10.95 -7.34
N GLY C 13 -6.41 -11.63 -8.17
CA GLY C 13 -5.54 -10.96 -9.10
C GLY C 13 -4.08 -11.00 -8.67
N LYS C 14 -3.26 -11.68 -9.45
CA LYS C 14 -1.84 -11.83 -9.15
C LYS C 14 -1.14 -10.48 -9.01
N ARG C 15 -1.22 -9.65 -10.05
CA ARG C 15 -0.57 -8.35 -10.04
C ARG C 15 -1.01 -7.53 -8.84
N LYS C 16 -2.30 -7.59 -8.56
CA LYS C 16 -2.87 -6.92 -7.43
C LYS C 16 -2.20 -7.39 -6.14
N PHE C 17 -2.24 -8.70 -5.93
CA PHE C 17 -1.63 -9.30 -4.75
C PHE C 17 -0.18 -8.92 -4.59
N GLU C 18 0.56 -8.92 -5.69
CA GLU C 18 1.99 -8.56 -5.66
C GLU C 18 2.19 -7.20 -5.00
N LYS C 19 1.30 -6.27 -5.29
CA LYS C 19 1.37 -4.93 -4.70
C LYS C 19 1.06 -4.99 -3.20
N VAL C 20 -0.13 -5.48 -2.88
CA VAL C 20 -0.56 -5.59 -1.48
C VAL C 20 0.38 -6.46 -0.63
N LYS C 21 0.78 -7.62 -1.15
CA LYS C 21 1.71 -8.50 -0.44
C LYS C 21 3.01 -7.78 -0.16
N GLU C 22 3.43 -6.90 -1.07
CA GLU C 22 4.64 -6.13 -0.88
C GLU C 22 4.43 -5.18 0.28
N TYR C 23 3.19 -4.73 0.44
CA TYR C 23 2.80 -3.83 1.50
C TYR C 23 2.78 -4.54 2.84
N LYS C 24 2.17 -5.71 2.88
CA LYS C 24 2.08 -6.47 4.13
C LYS C 24 3.47 -6.88 4.60
N GLU C 25 4.34 -7.25 3.65
CA GLU C 25 5.71 -7.63 3.96
C GLU C 25 6.43 -6.45 4.57
N ALA C 26 6.23 -5.30 3.94
CA ALA C 26 6.80 -4.07 4.39
C ALA C 26 6.25 -3.65 5.76
N LEU C 27 4.95 -3.86 5.98
CA LEU C 27 4.32 -3.55 7.26
C LEU C 27 4.84 -4.48 8.36
N ASP C 28 5.02 -5.75 8.01
CA ASP C 28 5.53 -6.75 8.96
C ASP C 28 6.92 -6.35 9.40
N LEU C 29 7.71 -5.84 8.47
CA LEU C 29 9.07 -5.38 8.75
C LEU C 29 9.04 -4.06 9.52
N LEU C 30 8.13 -3.15 9.16
CA LEU C 30 7.99 -1.88 9.89
C LEU C 30 7.74 -2.14 11.36
N ASP C 31 6.92 -3.15 11.61
CA ASP C 31 6.55 -3.53 12.97
C ASP C 31 7.50 -4.61 13.50
N TYR C 32 8.75 -4.57 13.08
CA TYR C 32 9.68 -5.60 13.49
C TYR C 32 11.03 -5.04 13.89
N VAL C 33 11.71 -4.36 12.97
CA VAL C 33 13.05 -3.89 13.23
C VAL C 33 13.08 -2.69 14.18
N GLN C 34 14.25 -2.46 14.76
CA GLN C 34 14.45 -1.41 15.76
C GLN C 34 14.00 -0.04 15.23
N PRO C 35 13.49 0.82 16.13
CA PRO C 35 13.00 2.15 15.77
C PRO C 35 14.09 3.03 15.17
N ASP C 36 15.32 2.82 15.60
CA ASP C 36 16.44 3.63 15.12
C ASP C 36 16.82 3.28 13.70
N VAL C 37 16.47 2.07 13.25
CA VAL C 37 16.76 1.69 11.89
C VAL C 37 15.92 2.52 10.93
N LYS C 38 14.76 2.97 11.41
CA LYS C 38 13.87 3.80 10.60
C LYS C 38 14.50 5.18 10.41
N LYS C 39 15.24 5.61 11.41
CA LYS C 39 15.93 6.89 11.36
C LYS C 39 17.11 6.80 10.39
N ALA C 40 17.84 5.70 10.52
CA ALA C 40 18.98 5.45 9.66
C ALA C 40 18.50 5.14 8.23
N CYS C 41 17.39 4.42 8.12
CA CYS C 41 16.78 4.15 6.82
C CYS C 41 16.35 5.46 6.20
N CYS C 42 15.78 6.32 7.05
CA CYS C 42 15.38 7.65 6.65
C CYS C 42 16.51 8.35 5.89
N GLN C 43 17.74 8.16 6.36
CA GLN C 43 18.91 8.76 5.70
C GLN C 43 19.66 7.75 4.84
N ARG C 44 19.08 6.58 4.60
CA ARG C 44 19.73 5.56 3.79
C ARG C 44 19.19 5.60 2.37
N ASN C 45 17.87 5.58 2.23
CA ASN C 45 17.24 5.63 0.91
C ASN C 45 15.82 6.16 0.99
N GLN C 46 15.54 6.93 2.03
CA GLN C 46 14.20 7.40 2.27
C GLN C 46 14.15 8.92 2.18
N ILE C 47 12.93 9.44 2.06
CA ILE C 47 12.72 10.86 2.02
C ILE C 47 11.47 11.19 2.84
N SER D 1 -4.46 -8.96 -17.22
CA SER D 1 -4.50 -10.43 -17.31
C SER D 1 -4.79 -11.05 -15.95
N ASP D 2 -3.99 -10.70 -14.97
CA ASP D 2 -4.12 -11.23 -13.61
C ASP D 2 -4.99 -10.34 -12.75
N GLY D 3 -6.24 -10.71 -12.58
CA GLY D 3 -7.12 -9.91 -11.76
C GLY D 3 -8.15 -10.72 -11.00
N ASP D 4 -8.25 -12.01 -11.27
CA ASP D 4 -9.24 -12.86 -10.59
C ASP D 4 -8.59 -14.12 -10.02
N VAL D 5 -7.33 -14.03 -9.67
CA VAL D 5 -6.63 -15.16 -9.06
C VAL D 5 -6.57 -14.95 -7.55
N VAL D 6 -7.31 -15.76 -6.80
CA VAL D 6 -7.40 -15.60 -5.36
C VAL D 6 -6.07 -15.84 -4.66
N TYR D 7 -5.43 -14.76 -4.26
CA TYR D 7 -4.16 -14.81 -3.55
C TYR D 7 -4.34 -14.30 -2.12
N THR D 8 -4.44 -15.26 -1.21
CA THR D 8 -4.64 -14.98 0.20
C THR D 8 -3.41 -14.34 0.84
N LEU D 9 -3.65 -13.32 1.65
CA LEU D 9 -2.58 -12.62 2.32
C LEU D 9 -2.92 -12.52 3.80
N ASN D 10 -2.47 -13.51 4.59
CA ASN D 10 -2.76 -13.52 6.01
C ASN D 10 -1.91 -12.46 6.69
N ILE D 11 -2.54 -11.38 7.08
CA ILE D 11 -1.84 -10.26 7.69
C ILE D 11 -2.02 -10.26 9.19
N ARG D 12 -0.99 -10.67 9.91
CA ARG D 12 -1.03 -10.64 11.35
C ARG D 12 -1.00 -9.19 11.86
N GLY D 13 -1.94 -8.85 12.72
CA GLY D 13 -2.04 -7.49 13.21
C GLY D 13 -3.18 -6.74 12.56
N LYS D 14 -4.16 -6.33 13.35
CA LYS D 14 -5.31 -5.60 12.84
C LYS D 14 -4.92 -4.31 12.13
N ARG D 15 -4.19 -3.44 12.83
CA ARG D 15 -3.80 -2.15 12.29
C ARG D 15 -3.00 -2.34 11.02
N LYS D 16 -2.14 -3.35 11.04
CA LYS D 16 -1.35 -3.73 9.88
C LYS D 16 -2.28 -4.03 8.72
N PHE D 17 -3.23 -4.93 8.98
CA PHE D 17 -4.22 -5.34 8.00
C PHE D 17 -5.02 -4.16 7.48
N GLU D 18 -5.46 -3.28 8.37
CA GLU D 18 -6.27 -2.13 7.99
C GLU D 18 -5.59 -1.33 6.88
N LYS D 19 -4.26 -1.26 6.94
CA LYS D 19 -3.49 -0.58 5.92
C LYS D 19 -3.51 -1.38 4.61
N VAL D 20 -3.04 -2.62 4.69
CA VAL D 20 -3.00 -3.53 3.52
C VAL D 20 -4.39 -3.69 2.89
N LYS D 21 -5.39 -4.03 3.70
CA LYS D 21 -6.75 -4.21 3.23
C LYS D 21 -7.26 -2.96 2.52
N GLU D 22 -6.85 -1.80 3.01
CA GLU D 22 -7.26 -0.56 2.37
C GLU D 22 -6.63 -0.47 1.00
N TYR D 23 -5.44 -1.06 0.89
CA TYR D 23 -4.73 -1.08 -0.38
C TYR D 23 -5.35 -2.09 -1.33
N LYS D 24 -5.74 -3.26 -0.81
CA LYS D 24 -6.34 -4.28 -1.65
C LYS D 24 -7.71 -3.80 -2.16
N GLU D 25 -8.45 -3.13 -1.28
CA GLU D 25 -9.76 -2.59 -1.63
C GLU D 25 -9.60 -1.56 -2.73
N ALA D 26 -8.60 -0.71 -2.55
CA ALA D 26 -8.27 0.32 -3.49
C ALA D 26 -7.78 -0.28 -4.82
N LEU D 27 -6.94 -1.31 -4.73
CA LEU D 27 -6.44 -2.00 -5.92
C LEU D 27 -7.60 -2.65 -6.69
N ASP D 28 -8.52 -3.26 -5.95
CA ASP D 28 -9.68 -3.91 -6.54
C ASP D 28 -10.54 -2.88 -7.28
N LEU D 29 -10.59 -1.67 -6.73
CA LEU D 29 -11.35 -0.59 -7.34
C LEU D 29 -10.62 0.01 -8.54
N LEU D 30 -9.28 0.07 -8.45
CA LEU D 30 -8.45 0.59 -9.55
C LEU D 30 -8.71 -0.18 -10.84
N ASP D 31 -8.78 -1.49 -10.72
CA ASP D 31 -8.99 -2.35 -11.87
C ASP D 31 -10.49 -2.59 -12.08
N TYR D 32 -11.32 -1.71 -11.53
CA TYR D 32 -12.75 -1.90 -11.63
C TYR D 32 -13.42 -0.76 -12.37
N VAL D 33 -13.34 0.45 -11.81
CA VAL D 33 -14.02 1.58 -12.41
C VAL D 33 -13.34 2.04 -13.69
N GLN D 34 -14.12 2.67 -14.55
CA GLN D 34 -13.66 3.10 -15.86
C GLN D 34 -12.36 3.88 -15.80
N PRO D 35 -11.49 3.72 -16.80
CA PRO D 35 -10.22 4.43 -16.89
C PRO D 35 -10.43 5.93 -16.94
N ASP D 36 -11.60 6.31 -17.43
CA ASP D 36 -11.95 7.71 -17.55
C ASP D 36 -12.28 8.32 -16.20
N VAL D 37 -12.77 7.51 -15.26
CA VAL D 37 -13.04 8.03 -13.94
C VAL D 37 -11.71 8.30 -13.26
N LYS D 38 -10.67 7.59 -13.68
CA LYS D 38 -9.35 7.79 -13.13
C LYS D 38 -8.82 9.15 -13.59
N LYS D 39 -9.17 9.51 -14.82
CA LYS D 39 -8.82 10.82 -15.36
C LYS D 39 -9.61 11.89 -14.63
N ALA D 40 -10.89 11.61 -14.44
CA ALA D 40 -11.78 12.52 -13.73
C ALA D 40 -11.42 12.59 -12.24
N CYS D 41 -10.97 11.48 -11.69
CA CYS D 41 -10.50 11.44 -10.31
C CYS D 41 -9.22 12.22 -10.21
N CYS D 42 -8.39 12.06 -11.23
CA CYS D 42 -7.14 12.78 -11.32
C CYS D 42 -7.38 14.29 -11.22
N GLN D 43 -8.44 14.77 -11.87
CA GLN D 43 -8.77 16.19 -11.82
C GLN D 43 -9.71 16.48 -10.65
N ARG D 44 -10.12 15.43 -9.95
CA ARG D 44 -10.99 15.58 -8.80
C ARG D 44 -10.16 15.97 -7.60
N ASN D 45 -9.09 15.22 -7.34
CA ASN D 45 -8.20 15.57 -6.25
C ASN D 45 -6.82 14.94 -6.38
N GLN D 46 -6.50 14.38 -7.53
CA GLN D 46 -5.23 13.68 -7.65
C GLN D 46 -4.10 14.63 -7.92
N ILE D 47 -2.92 14.22 -7.51
CA ILE D 47 -1.73 14.98 -7.72
C ILE D 47 -0.59 14.01 -8.03
N SER A 1 19.14 -0.32 -10.51
CA SER A 1 19.36 0.86 -9.64
C SER A 1 18.10 1.71 -9.57
N ASP A 2 17.15 1.26 -8.77
CA ASP A 2 15.86 1.94 -8.68
C ASP A 2 15.48 2.13 -7.21
N GLY A 3 16.44 2.50 -6.37
CA GLY A 3 16.15 2.65 -4.96
C GLY A 3 16.49 4.03 -4.42
N ASP A 4 17.05 4.87 -5.27
CA ASP A 4 17.46 6.21 -4.82
C ASP A 4 16.97 7.30 -5.77
N VAL A 5 16.02 6.96 -6.62
CA VAL A 5 15.47 7.93 -7.56
C VAL A 5 14.28 8.64 -6.92
N VAL A 6 14.47 9.91 -6.56
CA VAL A 6 13.43 10.69 -5.89
C VAL A 6 12.19 10.82 -6.76
N TYR A 7 11.16 10.07 -6.40
CA TYR A 7 9.89 10.11 -7.09
C TYR A 7 8.81 10.66 -6.16
N THR A 8 8.55 11.94 -6.32
CA THR A 8 7.55 12.65 -5.54
C THR A 8 6.14 12.14 -5.80
N LEU A 9 5.38 11.93 -4.74
CA LEU A 9 4.03 11.45 -4.87
C LEU A 9 3.10 12.37 -4.08
N ASN A 10 2.58 13.38 -4.75
CA ASN A 10 1.68 14.33 -4.10
C ASN A 10 0.35 13.65 -3.82
N ILE A 11 0.13 13.29 -2.58
CA ILE A 11 -1.08 12.59 -2.17
C ILE A 11 -2.07 13.55 -1.55
N ARG A 12 -3.10 13.88 -2.31
CA ARG A 12 -4.13 14.75 -1.79
C ARG A 12 -4.98 14.00 -0.76
N GLY A 13 -5.20 14.63 0.40
CA GLY A 13 -5.93 13.99 1.46
C GLY A 13 -5.04 13.39 2.51
N LYS A 14 -5.17 13.87 3.74
CA LYS A 14 -4.37 13.38 4.85
C LYS A 14 -4.58 11.89 5.09
N ARG A 15 -5.84 11.49 5.25
CA ARG A 15 -6.18 10.10 5.50
C ARG A 15 -5.51 9.20 4.48
N LYS A 16 -5.65 9.62 3.23
CA LYS A 16 -5.05 8.94 2.11
C LYS A 16 -3.54 8.81 2.33
N PHE A 17 -2.88 9.95 2.51
CA PHE A 17 -1.44 9.99 2.73
C PHE A 17 -1.02 9.09 3.88
N GLU A 18 -1.76 9.10 4.98
CA GLU A 18 -1.42 8.27 6.13
C GLU A 18 -1.22 6.83 5.70
N LYS A 19 -2.08 6.37 4.81
CA LYS A 19 -2.01 5.01 4.32
C LYS A 19 -0.79 4.82 3.40
N VAL A 20 -0.73 5.62 2.33
CA VAL A 20 0.38 5.55 1.37
C VAL A 20 1.74 5.80 2.02
N LYS A 21 1.85 6.84 2.82
CA LYS A 21 3.08 7.14 3.54
C LYS A 21 3.54 5.96 4.39
N GLU A 22 2.58 5.25 4.98
CA GLU A 22 2.91 4.09 5.78
C GLU A 22 3.49 3.01 4.87
N TYR A 23 3.04 3.02 3.62
CA TYR A 23 3.51 2.09 2.62
C TYR A 23 4.92 2.45 2.16
N LYS A 24 5.16 3.75 1.96
CA LYS A 24 6.45 4.20 1.50
C LYS A 24 7.52 3.93 2.56
N GLU A 25 7.16 4.17 3.84
CA GLU A 25 8.09 3.93 4.93
C GLU A 25 8.37 2.43 5.03
N ALA A 26 7.32 1.65 4.87
CA ALA A 26 7.42 0.21 4.90
C ALA A 26 8.30 -0.29 3.75
N LEU A 27 8.15 0.31 2.58
CA LEU A 27 8.98 -0.05 1.42
C LEU A 27 10.41 0.41 1.65
N ASP A 28 10.57 1.62 2.18
CA ASP A 28 11.88 2.18 2.48
C ASP A 28 12.59 1.29 3.50
N LEU A 29 11.80 0.63 4.33
CA LEU A 29 12.32 -0.29 5.33
C LEU A 29 12.57 -1.67 4.72
N LEU A 30 11.70 -2.11 3.81
CA LEU A 30 11.88 -3.37 3.10
C LEU A 30 13.22 -3.36 2.39
N ASP A 31 13.51 -2.24 1.76
CA ASP A 31 14.77 -2.05 1.04
C ASP A 31 15.84 -1.49 1.96
N TYR A 32 15.71 -1.72 3.27
CA TYR A 32 16.68 -1.19 4.20
C TYR A 32 17.29 -2.26 5.09
N VAL A 33 16.47 -2.91 5.91
CA VAL A 33 16.99 -3.88 6.85
C VAL A 33 17.46 -5.16 6.15
N GLN A 34 18.31 -5.90 6.84
CA GLN A 34 18.92 -7.10 6.28
C GLN A 34 17.87 -8.12 5.83
N PRO A 35 18.17 -8.88 4.77
CA PRO A 35 17.26 -9.89 4.24
C PRO A 35 16.95 -10.97 5.29
N ASP A 36 17.89 -11.17 6.20
CA ASP A 36 17.72 -12.17 7.25
C ASP A 36 16.68 -11.73 8.25
N VAL A 37 16.53 -10.42 8.47
CA VAL A 37 15.52 -9.93 9.38
C VAL A 37 14.14 -10.23 8.78
N LYS A 38 14.08 -10.28 7.45
CA LYS A 38 12.84 -10.59 6.77
C LYS A 38 12.50 -12.05 6.99
N LYS A 39 13.51 -12.89 6.92
CA LYS A 39 13.34 -14.32 7.18
C LYS A 39 12.80 -14.52 8.59
N ALA A 40 13.47 -13.87 9.53
CA ALA A 40 13.09 -13.93 10.93
C ALA A 40 11.74 -13.25 11.16
N CYS A 41 11.47 -12.18 10.41
CA CYS A 41 10.20 -11.48 10.48
C CYS A 41 9.10 -12.39 9.99
N CYS A 42 9.38 -13.08 8.88
CA CYS A 42 8.45 -14.03 8.31
C CYS A 42 7.94 -15.00 9.38
N GLN A 43 8.81 -15.38 10.30
CA GLN A 43 8.42 -16.28 11.38
C GLN A 43 8.21 -15.55 12.72
N ARG A 44 8.27 -14.22 12.70
CA ARG A 44 8.08 -13.44 13.91
C ARG A 44 6.63 -12.98 13.99
N ASN A 45 6.24 -12.19 12.99
CA ASN A 45 4.89 -11.64 12.96
C ASN A 45 4.29 -11.70 11.58
N GLN A 46 4.94 -12.39 10.66
CA GLN A 46 4.44 -12.43 9.30
C GLN A 46 3.65 -13.69 9.09
N ILE A 47 2.83 -13.68 8.04
CA ILE A 47 2.06 -14.84 7.68
C ILE A 47 2.05 -14.95 6.16
N SER B 1 -12.05 15.08 8.06
CA SER B 1 -12.31 15.49 6.66
C SER B 1 -11.00 15.84 5.99
N ASP B 2 -10.35 14.83 5.39
CA ASP B 2 -9.04 15.02 4.79
C ASP B 2 -8.94 14.27 3.47
N GLY B 3 -9.21 14.97 2.36
CA GLY B 3 -9.16 14.33 1.06
C GLY B 3 -8.56 15.20 -0.03
N ASP B 4 -8.38 16.48 0.25
CA ASP B 4 -7.80 17.39 -0.73
C ASP B 4 -6.57 18.10 -0.18
N VAL B 5 -6.04 17.57 0.91
CA VAL B 5 -4.85 18.15 1.53
C VAL B 5 -3.60 17.56 0.88
N VAL B 6 -2.95 18.35 0.04
CA VAL B 6 -1.77 17.90 -0.70
C VAL B 6 -0.62 17.50 0.22
N TYR B 7 -0.41 16.20 0.34
CA TYR B 7 0.67 15.65 1.14
C TYR B 7 1.69 14.97 0.24
N THR B 8 2.74 15.71 -0.06
CA THR B 8 3.83 15.23 -0.90
C THR B 8 4.60 14.11 -0.22
N LEU B 9 4.85 13.04 -0.96
CA LEU B 9 5.56 11.90 -0.45
C LEU B 9 6.71 11.56 -1.37
N ASN B 10 7.86 12.19 -1.15
CA ASN B 10 9.02 11.95 -1.99
C ASN B 10 9.55 10.53 -1.75
N ILE B 11 9.30 9.67 -2.71
CA ILE B 11 9.70 8.28 -2.60
C ILE B 11 10.97 8.02 -3.38
N ARG B 12 12.08 7.93 -2.67
CA ARG B 12 13.33 7.61 -3.31
C ARG B 12 13.32 6.16 -3.75
N GLY B 13 13.58 5.94 -5.03
CA GLY B 13 13.51 4.60 -5.58
C GLY B 13 12.35 4.43 -6.52
N LYS B 14 12.66 4.23 -7.80
CA LYS B 14 11.66 4.06 -8.84
C LYS B 14 10.71 2.91 -8.55
N ARG B 15 11.26 1.70 -8.37
CA ARG B 15 10.42 0.51 -8.15
C ARG B 15 9.59 0.68 -6.90
N LYS B 16 10.20 1.27 -5.87
CA LYS B 16 9.52 1.56 -4.64
C LYS B 16 8.31 2.45 -4.91
N PHE B 17 8.56 3.57 -5.59
CA PHE B 17 7.52 4.52 -5.96
C PHE B 17 6.39 3.84 -6.72
N GLU B 18 6.73 2.98 -7.67
CA GLU B 18 5.73 2.29 -8.47
C GLU B 18 4.72 1.58 -7.59
N LYS B 19 5.19 1.01 -6.48
CA LYS B 19 4.32 0.33 -5.54
C LYS B 19 3.43 1.36 -4.82
N VAL B 20 4.08 2.32 -4.15
CA VAL B 20 3.36 3.39 -3.42
C VAL B 20 2.40 4.17 -4.32
N LYS B 21 2.89 4.64 -5.46
CA LYS B 21 2.09 5.38 -6.41
C LYS B 21 0.84 4.60 -6.83
N GLU B 22 0.98 3.29 -6.95
CA GLU B 22 -0.15 2.46 -7.31
C GLU B 22 -1.17 2.51 -6.20
N TYR B 23 -0.67 2.63 -4.97
CA TYR B 23 -1.51 2.72 -3.78
C TYR B 23 -2.19 4.08 -3.71
N LYS B 24 -1.46 5.15 -4.03
CA LYS B 24 -2.04 6.48 -3.95
C LYS B 24 -3.13 6.63 -5.00
N GLU B 25 -2.91 6.08 -6.19
CA GLU B 25 -3.93 6.11 -7.24
C GLU B 25 -5.14 5.30 -6.80
N ALA B 26 -4.85 4.14 -6.24
CA ALA B 26 -5.88 3.26 -5.74
C ALA B 26 -6.70 3.94 -4.63
N LEU B 27 -6.03 4.60 -3.71
CA LEU B 27 -6.72 5.34 -2.65
C LEU B 27 -7.48 6.52 -3.23
N ASP B 28 -6.84 7.23 -4.15
CA ASP B 28 -7.46 8.39 -4.79
C ASP B 28 -8.75 7.96 -5.49
N LEU B 29 -8.72 6.78 -6.10
CA LEU B 29 -9.88 6.22 -6.77
C LEU B 29 -10.90 5.72 -5.74
N LEU B 30 -10.40 5.15 -4.63
CA LEU B 30 -11.28 4.68 -3.56
C LEU B 30 -12.17 5.80 -3.06
N ASP B 31 -11.56 6.95 -2.81
CA ASP B 31 -12.27 8.12 -2.31
C ASP B 31 -12.90 8.92 -3.45
N TYR B 32 -13.07 8.28 -4.60
CA TYR B 32 -13.61 8.97 -5.75
C TYR B 32 -14.89 8.32 -6.26
N VAL B 33 -14.79 7.07 -6.72
CA VAL B 33 -15.93 6.41 -7.29
C VAL B 33 -17.02 6.14 -6.25
N GLN B 34 -18.22 5.87 -6.74
CA GLN B 34 -19.38 5.67 -5.88
C GLN B 34 -19.21 4.47 -4.97
N PRO B 35 -19.82 4.50 -3.78
CA PRO B 35 -19.74 3.40 -2.82
C PRO B 35 -20.31 2.11 -3.40
N ASP B 36 -21.26 2.24 -4.31
CA ASP B 36 -21.89 1.09 -4.94
C ASP B 36 -20.95 0.39 -5.90
N VAL B 37 -20.00 1.13 -6.47
CA VAL B 37 -19.04 0.49 -7.36
C VAL B 37 -18.16 -0.43 -6.54
N LYS B 38 -17.97 -0.08 -5.26
CA LYS B 38 -17.17 -0.90 -4.37
C LYS B 38 -17.93 -2.18 -4.06
N LYS B 39 -19.24 -2.04 -3.85
CA LYS B 39 -20.12 -3.18 -3.61
C LYS B 39 -20.11 -4.08 -4.84
N ALA B 40 -20.26 -3.45 -6.00
CA ALA B 40 -20.25 -4.16 -7.26
C ALA B 40 -18.86 -4.74 -7.56
N CYS B 41 -17.82 -4.05 -7.12
CA CYS B 41 -16.45 -4.53 -7.27
C CYS B 41 -16.27 -5.77 -6.40
N CYS B 42 -16.80 -5.68 -5.18
CA CYS B 42 -16.80 -6.82 -4.26
C CYS B 42 -17.30 -8.08 -4.95
N GLN B 43 -18.30 -7.92 -5.81
CA GLN B 43 -18.85 -9.05 -6.52
C GLN B 43 -18.41 -9.08 -7.99
N ARG B 44 -17.41 -8.29 -8.33
CA ARG B 44 -16.87 -8.28 -9.68
C ARG B 44 -15.58 -9.07 -9.71
N ASN B 45 -14.61 -8.64 -8.92
CA ASN B 45 -13.32 -9.32 -8.88
C ASN B 45 -12.62 -9.13 -7.54
N GLN B 46 -13.39 -8.86 -6.50
CA GLN B 46 -12.77 -8.61 -5.19
C GLN B 46 -13.19 -9.67 -4.21
N ILE B 47 -12.45 -9.75 -3.12
CA ILE B 47 -12.74 -10.70 -2.08
C ILE B 47 -12.67 -10.01 -0.73
N SER C 1 -2.39 -3.57 20.83
CA SER C 1 -2.04 -5.00 20.68
C SER C 1 -2.56 -5.54 19.35
N ASP C 2 -2.59 -4.66 18.36
CA ASP C 2 -3.12 -5.00 17.04
C ASP C 2 -1.99 -5.34 16.08
N GLY C 3 -1.06 -6.19 16.52
CA GLY C 3 0.05 -6.53 15.66
C GLY C 3 0.19 -8.02 15.42
N ASP C 4 -0.63 -8.83 16.08
CA ASP C 4 -0.54 -10.28 15.94
C ASP C 4 -1.91 -10.90 15.69
N VAL C 5 -2.88 -10.08 15.29
CA VAL C 5 -4.21 -10.58 15.02
C VAL C 5 -4.30 -10.98 13.56
N VAL C 6 -4.31 -12.28 13.30
CA VAL C 6 -4.32 -12.80 11.94
C VAL C 6 -5.55 -12.34 11.17
N TYR C 7 -5.34 -11.39 10.28
CA TYR C 7 -6.39 -10.86 9.44
C TYR C 7 -6.13 -11.23 7.99
N THR C 8 -6.83 -12.27 7.54
CA THR C 8 -6.70 -12.78 6.20
C THR C 8 -7.27 -11.80 5.17
N LEU C 9 -6.55 -11.62 4.08
CA LEU C 9 -6.96 -10.72 3.02
C LEU C 9 -6.89 -11.44 1.68
N ASN C 10 -8.01 -12.00 1.23
CA ASN C 10 -8.06 -12.70 -0.04
C ASN C 10 -7.96 -11.69 -1.18
N ILE C 11 -6.84 -11.69 -1.87
CA ILE C 11 -6.62 -10.76 -2.95
C ILE C 11 -6.70 -11.45 -4.30
N ARG C 12 -7.80 -11.24 -5.00
CA ARG C 12 -7.96 -11.80 -6.33
C ARG C 12 -7.02 -11.12 -7.33
N GLY C 13 -6.26 -11.94 -8.06
CA GLY C 13 -5.34 -11.41 -9.05
C GLY C 13 -3.91 -11.35 -8.55
N LYS C 14 -3.00 -11.99 -9.29
CA LYS C 14 -1.59 -11.99 -8.92
C LYS C 14 -1.03 -10.58 -8.86
N ARG C 15 -1.19 -9.81 -9.94
CA ARG C 15 -0.65 -8.45 -10.03
C ARG C 15 -1.07 -7.65 -8.81
N LYS C 16 -2.34 -7.76 -8.50
CA LYS C 16 -2.93 -7.09 -7.37
C LYS C 16 -2.23 -7.51 -6.09
N PHE C 17 -2.23 -8.83 -5.85
CA PHE C 17 -1.60 -9.41 -4.68
C PHE C 17 -0.14 -8.97 -4.54
N GLU C 18 0.60 -8.99 -5.65
CA GLU C 18 2.01 -8.62 -5.65
C GLU C 18 2.21 -7.25 -4.99
N LYS C 19 1.30 -6.33 -5.29
CA LYS C 19 1.36 -4.99 -4.72
C LYS C 19 1.02 -5.02 -3.23
N VAL C 20 -0.16 -5.52 -2.89
CA VAL C 20 -0.61 -5.59 -1.49
C VAL C 20 0.32 -6.45 -0.62
N LYS C 21 0.70 -7.63 -1.09
CA LYS C 21 1.62 -8.49 -0.36
C LYS C 21 2.92 -7.78 -0.06
N GLU C 22 3.37 -6.95 -1.00
CA GLU C 22 4.59 -6.18 -0.80
C GLU C 22 4.37 -5.20 0.35
N TYR C 23 3.12 -4.73 0.47
CA TYR C 23 2.74 -3.81 1.53
C TYR C 23 2.67 -4.53 2.86
N LYS C 24 2.10 -5.72 2.88
CA LYS C 24 1.96 -6.46 4.11
C LYS C 24 3.34 -6.87 4.65
N GLU C 25 4.24 -7.27 3.75
CA GLU C 25 5.60 -7.63 4.17
C GLU C 25 6.33 -6.40 4.66
N ALA C 26 6.11 -5.28 3.98
CA ALA C 26 6.68 -4.02 4.36
C ALA C 26 6.16 -3.58 5.73
N LEU C 27 4.87 -3.76 5.95
CA LEU C 27 4.27 -3.43 7.25
C LEU C 27 4.77 -4.39 8.32
N ASP C 28 4.83 -5.67 7.98
CA ASP C 28 5.32 -6.69 8.91
C ASP C 28 6.77 -6.43 9.27
N LEU C 29 7.49 -5.81 8.35
CA LEU C 29 8.88 -5.42 8.59
C LEU C 29 8.92 -4.12 9.40
N LEU C 30 8.00 -3.19 9.12
CA LEU C 30 7.90 -1.94 9.85
C LEU C 30 7.73 -2.21 11.34
N ASP C 31 6.88 -3.18 11.65
CA ASP C 31 6.61 -3.55 13.04
C ASP C 31 7.53 -4.70 13.48
N TYR C 32 8.70 -4.80 12.89
CA TYR C 32 9.61 -5.87 13.25
C TYR C 32 10.99 -5.34 13.63
N VAL C 33 11.65 -4.66 12.69
CA VAL C 33 12.97 -4.14 12.97
C VAL C 33 12.92 -2.98 13.94
N GLN C 34 14.06 -2.67 14.53
CA GLN C 34 14.14 -1.63 15.54
C GLN C 34 13.67 -0.28 15.02
N PRO C 35 13.07 0.54 15.89
CA PRO C 35 12.61 1.88 15.55
C PRO C 35 13.79 2.75 15.12
N ASP C 36 14.97 2.39 15.59
CA ASP C 36 16.18 3.13 15.29
C ASP C 36 16.61 2.87 13.86
N VAL C 37 16.29 1.71 13.32
CA VAL C 37 16.62 1.41 11.95
C VAL C 37 15.77 2.28 11.03
N LYS C 38 14.59 2.64 11.51
CA LYS C 38 13.71 3.51 10.74
C LYS C 38 14.32 4.89 10.64
N LYS C 39 14.95 5.32 11.72
CA LYS C 39 15.65 6.60 11.76
C LYS C 39 16.81 6.55 10.77
N ALA C 40 17.59 5.49 10.88
CA ALA C 40 18.75 5.30 10.02
C ALA C 40 18.32 5.06 8.57
N CYS C 41 17.13 4.50 8.39
CA CYS C 41 16.56 4.31 7.06
C CYS C 41 16.18 5.66 6.49
N CYS C 42 15.57 6.48 7.33
CA CYS C 42 15.21 7.85 6.96
C CYS C 42 16.40 8.57 6.36
N GLN C 43 17.59 8.31 6.92
CA GLN C 43 18.81 8.96 6.44
C GLN C 43 19.58 8.04 5.49
N ARG C 44 19.01 6.89 5.18
CA ARG C 44 19.65 5.95 4.27
C ARG C 44 19.16 6.19 2.86
N ASN C 45 17.86 6.22 2.69
CA ASN C 45 17.27 6.45 1.37
C ASN C 45 15.85 6.97 1.44
N GLN C 46 15.45 7.51 2.59
CA GLN C 46 14.10 7.98 2.74
C GLN C 46 14.02 9.47 2.44
N ILE C 47 12.83 9.93 2.16
CA ILE C 47 12.58 11.33 1.91
C ILE C 47 11.29 11.71 2.60
N SER D 1 -3.68 -11.03 -17.44
CA SER D 1 -4.84 -11.89 -17.13
C SER D 1 -4.88 -12.25 -15.64
N ASP D 2 -3.87 -11.81 -14.88
CA ASP D 2 -3.80 -12.13 -13.46
C ASP D 2 -4.67 -11.16 -12.65
N GLY D 3 -5.95 -11.45 -12.52
CA GLY D 3 -6.83 -10.55 -11.78
C GLY D 3 -7.92 -11.27 -10.99
N ASP D 4 -8.04 -12.58 -11.15
CA ASP D 4 -9.04 -13.35 -10.41
C ASP D 4 -8.42 -14.50 -9.66
N VAL D 5 -7.10 -14.51 -9.59
CA VAL D 5 -6.38 -15.55 -8.88
C VAL D 5 -6.39 -15.23 -7.39
N VAL D 6 -7.28 -15.88 -6.65
CA VAL D 6 -7.44 -15.64 -5.22
C VAL D 6 -6.15 -15.90 -4.45
N TYR D 7 -5.48 -14.82 -4.08
CA TYR D 7 -4.24 -14.90 -3.32
C TYR D 7 -4.46 -14.38 -1.91
N THR D 8 -4.63 -15.32 -0.99
CA THR D 8 -4.84 -15.03 0.41
C THR D 8 -3.59 -14.41 1.04
N LEU D 9 -3.80 -13.35 1.79
CA LEU D 9 -2.72 -12.65 2.45
C LEU D 9 -3.05 -12.50 3.92
N ASN D 10 -2.58 -13.44 4.73
CA ASN D 10 -2.85 -13.41 6.17
C ASN D 10 -1.99 -12.33 6.81
N ILE D 11 -2.63 -11.25 7.19
CA ILE D 11 -1.93 -10.13 7.77
C ILE D 11 -2.08 -10.10 9.28
N ARG D 12 -1.04 -10.51 9.97
CA ARG D 12 -1.05 -10.49 11.42
C ARG D 12 -1.01 -9.04 11.91
N GLY D 13 -2.00 -8.66 12.71
CA GLY D 13 -2.09 -7.29 13.17
C GLY D 13 -3.25 -6.54 12.55
N LYS D 14 -4.21 -6.14 13.38
CA LYS D 14 -5.38 -5.39 12.93
C LYS D 14 -4.98 -4.07 12.27
N ARG D 15 -4.21 -3.25 12.98
CA ARG D 15 -3.76 -1.95 12.47
C ARG D 15 -3.09 -2.14 11.11
N LYS D 16 -2.22 -3.13 11.08
CA LYS D 16 -1.49 -3.49 9.89
C LYS D 16 -2.44 -3.85 8.75
N PHE D 17 -3.33 -4.78 9.02
CA PHE D 17 -4.32 -5.24 8.05
C PHE D 17 -5.12 -4.08 7.50
N GLU D 18 -5.55 -3.17 8.38
CA GLU D 18 -6.35 -2.03 7.97
C GLU D 18 -5.64 -1.24 6.88
N LYS D 19 -4.32 -1.16 6.98
CA LYS D 19 -3.52 -0.49 5.95
C LYS D 19 -3.54 -1.31 4.66
N VAL D 20 -3.09 -2.56 4.75
CA VAL D 20 -3.05 -3.47 3.57
C VAL D 20 -4.42 -3.63 2.91
N LYS D 21 -5.43 -3.94 3.71
CA LYS D 21 -6.80 -4.12 3.21
C LYS D 21 -7.28 -2.86 2.49
N GLU D 22 -6.89 -1.70 2.97
CA GLU D 22 -7.27 -0.46 2.32
C GLU D 22 -6.63 -0.41 0.94
N TYR D 23 -5.46 -1.03 0.85
CA TYR D 23 -4.72 -1.11 -0.40
C TYR D 23 -5.36 -2.11 -1.34
N LYS D 24 -5.78 -3.25 -0.80
CA LYS D 24 -6.38 -4.29 -1.62
C LYS D 24 -7.71 -3.80 -2.18
N GLU D 25 -8.50 -3.13 -1.36
CA GLU D 25 -9.79 -2.58 -1.82
C GLU D 25 -9.54 -1.56 -2.90
N ALA D 26 -8.51 -0.75 -2.68
CA ALA D 26 -8.12 0.26 -3.62
C ALA D 26 -7.65 -0.35 -4.94
N LEU D 27 -6.85 -1.41 -4.87
CA LEU D 27 -6.38 -2.11 -6.07
C LEU D 27 -7.54 -2.76 -6.80
N ASP D 28 -8.39 -3.44 -6.04
CA ASP D 28 -9.55 -4.12 -6.60
C ASP D 28 -10.47 -3.10 -7.27
N LEU D 29 -10.41 -1.86 -6.78
CA LEU D 29 -11.20 -0.78 -7.33
C LEU D 29 -10.50 -0.16 -8.55
N LEU D 30 -9.17 -0.05 -8.49
CA LEU D 30 -8.38 0.47 -9.62
C LEU D 30 -8.68 -0.33 -10.88
N ASP D 31 -8.65 -1.64 -10.74
CA ASP D 31 -8.90 -2.53 -11.86
C ASP D 31 -10.39 -2.80 -12.02
N TYR D 32 -11.23 -1.86 -11.58
CA TYR D 32 -12.66 -2.03 -11.67
C TYR D 32 -13.34 -0.84 -12.33
N VAL D 33 -13.14 0.36 -11.80
CA VAL D 33 -13.84 1.52 -12.33
C VAL D 33 -13.23 2.00 -13.66
N GLN D 34 -14.07 2.68 -14.43
CA GLN D 34 -13.72 3.12 -15.78
C GLN D 34 -12.48 4.02 -15.80
N PRO D 35 -11.71 3.98 -16.89
CA PRO D 35 -10.50 4.78 -17.04
C PRO D 35 -10.79 6.28 -16.98
N ASP D 36 -11.98 6.68 -17.44
CA ASP D 36 -12.36 8.09 -17.43
C ASP D 36 -12.62 8.58 -16.01
N VAL D 37 -13.02 7.68 -15.12
CA VAL D 37 -13.22 8.10 -13.74
C VAL D 37 -11.87 8.41 -13.13
N LYS D 38 -10.82 7.78 -13.65
CA LYS D 38 -9.48 8.03 -13.18
C LYS D 38 -9.03 9.40 -13.66
N LYS D 39 -9.40 9.75 -14.89
CA LYS D 39 -9.11 11.07 -15.45
C LYS D 39 -9.84 12.12 -14.62
N ALA D 40 -11.12 11.89 -14.44
CA ALA D 40 -11.96 12.78 -13.65
C ALA D 40 -11.47 12.82 -12.19
N CYS D 41 -11.04 11.69 -11.69
CA CYS D 41 -10.47 11.61 -10.34
C CYS D 41 -9.19 12.43 -10.27
N CYS D 42 -8.38 12.30 -11.32
CA CYS D 42 -7.15 13.08 -11.45
C CYS D 42 -7.40 14.56 -11.15
N GLN D 43 -8.52 15.08 -11.62
CA GLN D 43 -8.86 16.48 -11.38
C GLN D 43 -9.91 16.65 -10.27
N ARG D 44 -10.24 15.56 -9.60
CA ARG D 44 -11.21 15.61 -8.51
C ARG D 44 -10.48 15.65 -7.18
N ASN D 45 -9.59 14.69 -6.98
CA ASN D 45 -8.85 14.62 -5.72
C ASN D 45 -7.44 14.05 -5.91
N GLN D 46 -6.98 13.94 -7.13
CA GLN D 46 -5.68 13.32 -7.36
C GLN D 46 -4.62 14.36 -7.64
N ILE D 47 -3.37 13.93 -7.56
CA ILE D 47 -2.24 14.76 -7.88
C ILE D 47 -1.20 13.89 -8.55
N SER A 1 17.50 -1.22 -11.62
CA SER A 1 18.40 -0.28 -10.90
C SER A 1 17.66 0.99 -10.53
N ASP A 2 16.88 0.93 -9.46
CA ASP A 2 16.08 2.07 -9.03
C ASP A 2 15.68 1.95 -7.56
N GLY A 3 16.50 2.54 -6.69
CA GLY A 3 16.19 2.52 -5.27
C GLY A 3 16.45 3.86 -4.61
N ASP A 4 17.06 4.78 -5.35
CA ASP A 4 17.37 6.10 -4.83
C ASP A 4 16.89 7.20 -5.77
N VAL A 5 16.01 6.84 -6.68
CA VAL A 5 15.45 7.80 -7.61
C VAL A 5 14.25 8.49 -6.96
N VAL A 6 14.47 9.72 -6.49
CA VAL A 6 13.44 10.47 -5.78
C VAL A 6 12.19 10.68 -6.63
N TYR A 7 11.16 9.92 -6.32
CA TYR A 7 9.88 10.00 -7.00
C TYR A 7 8.83 10.58 -6.06
N THR A 8 8.58 11.86 -6.22
CA THR A 8 7.63 12.57 -5.40
C THR A 8 6.20 12.12 -5.70
N LEU A 9 5.43 11.89 -4.64
CA LEU A 9 4.05 11.45 -4.76
C LEU A 9 3.16 12.37 -3.95
N ASN A 10 2.67 13.43 -4.57
CA ASN A 10 1.81 14.39 -3.89
C ASN A 10 0.45 13.75 -3.65
N ILE A 11 0.16 13.45 -2.40
CA ILE A 11 -1.07 12.79 -2.03
C ILE A 11 -2.04 13.75 -1.38
N ARG A 12 -3.04 14.21 -2.12
CA ARG A 12 -4.08 15.06 -1.56
C ARG A 12 -4.89 14.26 -0.55
N GLY A 13 -5.01 14.81 0.65
CA GLY A 13 -5.75 14.14 1.70
C GLY A 13 -4.83 13.53 2.75
N LYS A 14 -4.97 13.98 4.00
CA LYS A 14 -4.13 13.50 5.09
C LYS A 14 -4.28 12.01 5.35
N ARG A 15 -5.52 11.57 5.54
CA ARG A 15 -5.78 10.16 5.86
C ARG A 15 -5.30 9.28 4.73
N LYS A 16 -5.51 9.74 3.51
CA LYS A 16 -5.04 9.06 2.34
C LYS A 16 -3.52 8.90 2.43
N PHE A 17 -2.84 10.03 2.65
CA PHE A 17 -1.40 10.05 2.78
C PHE A 17 -0.92 9.11 3.88
N GLU A 18 -1.58 9.13 5.03
CA GLU A 18 -1.19 8.28 6.16
C GLU A 18 -1.06 6.83 5.71
N LYS A 19 -1.95 6.41 4.83
CA LYS A 19 -1.93 5.04 4.31
C LYS A 19 -0.70 4.83 3.42
N VAL A 20 -0.63 5.61 2.34
CA VAL A 20 0.48 5.52 1.39
C VAL A 20 1.84 5.80 2.03
N LYS A 21 1.92 6.84 2.84
CA LYS A 21 3.16 7.16 3.56
C LYS A 21 3.61 5.98 4.39
N GLU A 22 2.65 5.25 4.96
CA GLU A 22 2.97 4.07 5.75
C GLU A 22 3.57 3.01 4.85
N TYR A 23 3.11 3.02 3.59
CA TYR A 23 3.59 2.07 2.60
C TYR A 23 5.01 2.43 2.17
N LYS A 24 5.25 3.71 1.92
CA LYS A 24 6.57 4.15 1.48
C LYS A 24 7.58 3.95 2.61
N GLU A 25 7.15 4.21 3.84
CA GLU A 25 7.98 4.02 5.02
C GLU A 25 8.39 2.56 5.12
N ALA A 26 7.39 1.72 4.94
CA ALA A 26 7.56 0.29 4.96
C ALA A 26 8.43 -0.20 3.80
N LEU A 27 8.23 0.36 2.61
CA LEU A 27 9.02 0.00 1.44
C LEU A 27 10.48 0.40 1.64
N ASP A 28 10.69 1.60 2.17
CA ASP A 28 12.05 2.10 2.43
C ASP A 28 12.74 1.23 3.48
N LEU A 29 11.95 0.69 4.40
CA LEU A 29 12.46 -0.22 5.42
C LEU A 29 12.73 -1.59 4.81
N LEU A 30 11.87 -2.02 3.87
CA LEU A 30 12.06 -3.30 3.17
C LEU A 30 13.39 -3.31 2.42
N ASP A 31 13.80 -2.13 1.98
CA ASP A 31 15.05 -1.97 1.23
C ASP A 31 16.17 -1.50 2.17
N TYR A 32 15.97 -1.65 3.46
CA TYR A 32 16.94 -1.15 4.41
C TYR A 32 17.48 -2.25 5.31
N VAL A 33 16.63 -2.82 6.14
CA VAL A 33 17.08 -3.79 7.10
C VAL A 33 17.50 -5.09 6.43
N GLN A 34 18.47 -5.75 7.06
CA GLN A 34 19.08 -6.96 6.52
C GLN A 34 18.03 -7.97 6.07
N PRO A 35 18.32 -8.71 4.99
CA PRO A 35 17.42 -9.72 4.44
C PRO A 35 17.14 -10.82 5.45
N ASP A 36 18.07 -11.01 6.38
CA ASP A 36 17.94 -12.04 7.39
C ASP A 36 16.90 -11.65 8.43
N VAL A 37 16.77 -10.34 8.70
CA VAL A 37 15.76 -9.89 9.64
C VAL A 37 14.38 -10.11 9.02
N LYS A 38 14.35 -10.09 7.69
CA LYS A 38 13.11 -10.30 6.97
C LYS A 38 12.69 -11.74 7.07
N LYS A 39 13.68 -12.63 7.14
CA LYS A 39 13.42 -14.05 7.35
C LYS A 39 12.90 -14.25 8.76
N ALA A 40 13.60 -13.61 9.70
CA ALA A 40 13.23 -13.68 11.11
C ALA A 40 11.90 -12.97 11.35
N CYS A 41 11.63 -11.93 10.57
CA CYS A 41 10.35 -11.22 10.64
C CYS A 41 9.25 -12.11 10.11
N CYS A 42 9.57 -12.80 9.02
CA CYS A 42 8.65 -13.74 8.42
C CYS A 42 8.21 -14.77 9.45
N GLN A 43 9.10 -15.10 10.37
CA GLN A 43 8.79 -16.06 11.42
C GLN A 43 8.56 -15.36 12.77
N ARG A 44 8.47 -14.04 12.74
CA ARG A 44 8.19 -13.26 13.94
C ARG A 44 6.69 -13.17 14.12
N ASN A 45 6.00 -12.71 13.08
CA ASN A 45 4.54 -12.68 13.08
C ASN A 45 3.99 -12.69 11.67
N GLN A 46 4.86 -12.79 10.68
CA GLN A 46 4.41 -12.71 9.31
C GLN A 46 3.70 -13.98 8.93
N ILE A 47 2.77 -13.86 8.02
CA ILE A 47 2.03 -15.00 7.56
C ILE A 47 2.05 -15.02 6.06
N SER B 1 -12.37 15.76 6.59
CA SER B 1 -11.99 16.87 5.70
C SER B 1 -10.59 16.67 5.11
N ASP B 2 -10.00 15.51 5.37
CA ASP B 2 -8.65 15.23 4.93
C ASP B 2 -8.63 14.53 3.58
N GLY B 3 -8.98 15.25 2.52
CA GLY B 3 -8.96 14.62 1.21
C GLY B 3 -8.31 15.47 0.14
N ASP B 4 -8.03 16.73 0.46
CA ASP B 4 -7.42 17.63 -0.50
C ASP B 4 -6.17 18.30 0.07
N VAL B 5 -5.73 17.79 1.21
CA VAL B 5 -4.53 18.31 1.85
C VAL B 5 -3.30 17.70 1.17
N VAL B 6 -2.70 18.46 0.26
CA VAL B 6 -1.55 17.98 -0.51
C VAL B 6 -0.40 17.54 0.40
N TYR B 7 -0.24 16.24 0.51
CA TYR B 7 0.84 15.65 1.31
C TYR B 7 1.84 14.95 0.40
N THR B 8 2.92 15.67 0.12
CA THR B 8 3.99 15.17 -0.73
C THR B 8 4.71 13.98 -0.09
N LEU B 9 4.92 12.94 -0.87
CA LEU B 9 5.60 11.76 -0.39
C LEU B 9 6.75 11.41 -1.33
N ASN B 10 7.93 11.97 -1.05
CA ASN B 10 9.09 11.72 -1.89
C ASN B 10 9.57 10.28 -1.68
N ILE B 11 9.36 9.46 -2.67
CA ILE B 11 9.70 8.05 -2.58
C ILE B 11 10.95 7.76 -3.39
N ARG B 12 12.08 7.60 -2.71
CA ARG B 12 13.30 7.27 -3.41
C ARG B 12 13.24 5.84 -3.97
N GLY B 13 13.56 5.70 -5.24
CA GLY B 13 13.50 4.41 -5.89
C GLY B 13 12.26 4.25 -6.75
N LYS B 14 12.46 3.98 -8.04
CA LYS B 14 11.34 3.82 -8.98
C LYS B 14 10.40 2.69 -8.58
N ARG B 15 10.90 1.45 -8.50
CA ARG B 15 10.06 0.30 -8.19
C ARG B 15 9.28 0.54 -6.92
N LYS B 16 9.96 1.15 -5.95
CA LYS B 16 9.37 1.49 -4.69
C LYS B 16 8.17 2.41 -4.90
N PHE B 17 8.43 3.52 -5.60
CA PHE B 17 7.40 4.49 -5.91
C PHE B 17 6.23 3.87 -6.64
N GLU B 18 6.51 3.02 -7.63
CA GLU B 18 5.47 2.40 -8.42
C GLU B 18 4.47 1.67 -7.53
N LYS B 19 4.96 1.09 -6.45
CA LYS B 19 4.11 0.42 -5.48
C LYS B 19 3.23 1.44 -4.76
N VAL B 20 3.90 2.38 -4.10
CA VAL B 20 3.21 3.46 -3.36
C VAL B 20 2.25 4.26 -4.27
N LYS B 21 2.75 4.69 -5.41
CA LYS B 21 1.97 5.45 -6.37
C LYS B 21 0.70 4.70 -6.78
N GLU B 22 0.80 3.39 -6.91
CA GLU B 22 -0.35 2.60 -7.27
C GLU B 22 -1.35 2.60 -6.13
N TYR B 23 -0.82 2.73 -4.91
CA TYR B 23 -1.64 2.79 -3.72
C TYR B 23 -2.33 4.13 -3.62
N LYS B 24 -1.59 5.20 -3.87
CA LYS B 24 -2.18 6.54 -3.79
C LYS B 24 -3.25 6.70 -4.87
N GLU B 25 -2.96 6.15 -6.06
CA GLU B 25 -3.88 6.16 -7.19
C GLU B 25 -5.16 5.45 -6.81
N ALA B 26 -4.98 4.30 -6.20
CA ALA B 26 -6.06 3.47 -5.75
C ALA B 26 -6.84 4.14 -4.62
N LEU B 27 -6.12 4.80 -3.71
CA LEU B 27 -6.75 5.55 -2.62
C LEU B 27 -7.60 6.69 -3.17
N ASP B 28 -7.07 7.37 -4.18
CA ASP B 28 -7.77 8.47 -4.82
C ASP B 28 -9.05 7.97 -5.49
N LEU B 29 -8.96 6.80 -6.10
CA LEU B 29 -10.11 6.18 -6.76
C LEU B 29 -11.12 5.67 -5.72
N LEU B 30 -10.61 5.14 -4.60
CA LEU B 30 -11.48 4.65 -3.51
C LEU B 30 -12.42 5.76 -3.04
N ASP B 31 -11.89 6.97 -2.96
CA ASP B 31 -12.65 8.12 -2.50
C ASP B 31 -13.26 8.86 -3.70
N TYR B 32 -13.33 8.20 -4.84
CA TYR B 32 -13.82 8.87 -6.03
C TYR B 32 -15.10 8.23 -6.56
N VAL B 33 -15.02 6.96 -6.93
CA VAL B 33 -16.16 6.30 -7.52
C VAL B 33 -17.21 5.94 -6.48
N GLN B 34 -18.44 5.77 -6.97
CA GLN B 34 -19.60 5.52 -6.12
C GLN B 34 -19.38 4.34 -5.20
N PRO B 35 -19.94 4.40 -3.98
CA PRO B 35 -19.83 3.31 -3.01
C PRO B 35 -20.51 2.05 -3.53
N ASP B 36 -21.44 2.24 -4.45
CA ASP B 36 -22.16 1.13 -5.03
C ASP B 36 -21.29 0.36 -6.01
N VAL B 37 -20.37 1.04 -6.68
CA VAL B 37 -19.46 0.36 -7.58
C VAL B 37 -18.49 -0.46 -6.75
N LYS B 38 -18.29 -0.03 -5.50
CA LYS B 38 -17.42 -0.74 -4.59
C LYS B 38 -18.12 -2.02 -4.14
N LYS B 39 -19.44 -1.95 -4.02
CA LYS B 39 -20.25 -3.13 -3.72
C LYS B 39 -20.21 -4.07 -4.91
N ALA B 40 -20.42 -3.49 -6.08
CA ALA B 40 -20.40 -4.24 -7.32
C ALA B 40 -18.99 -4.73 -7.64
N CYS B 41 -17.99 -4.01 -7.16
CA CYS B 41 -16.60 -4.43 -7.30
C CYS B 41 -16.35 -5.59 -6.36
N CYS B 42 -16.94 -5.47 -5.17
CA CYS B 42 -16.87 -6.51 -4.18
C CYS B 42 -17.38 -7.83 -4.77
N GLN B 43 -18.42 -7.73 -5.59
CA GLN B 43 -19.00 -8.91 -6.24
C GLN B 43 -18.42 -9.10 -7.63
N ARG B 44 -17.45 -8.25 -8.00
CA ARG B 44 -16.79 -8.37 -9.28
C ARG B 44 -15.63 -9.34 -9.16
N ASN B 45 -14.75 -9.07 -8.20
CA ASN B 45 -13.63 -9.97 -7.95
C ASN B 45 -13.08 -9.80 -6.54
N GLN B 46 -13.77 -9.07 -5.69
CA GLN B 46 -13.21 -8.79 -4.38
C GLN B 46 -13.43 -9.98 -3.48
N ILE B 47 -12.52 -10.13 -2.54
CA ILE B 47 -12.59 -11.19 -1.58
C ILE B 47 -12.31 -10.62 -0.21
N SER C 1 -2.91 -4.35 21.11
CA SER C 1 -3.10 -5.81 20.96
C SER C 1 -3.57 -6.14 19.54
N ASP C 2 -3.14 -5.33 18.58
CA ASP C 2 -3.58 -5.48 17.20
C ASP C 2 -2.40 -5.56 16.25
N GLY C 3 -1.34 -6.23 16.68
CA GLY C 3 -0.19 -6.40 15.83
C GLY C 3 0.05 -7.86 15.52
N ASP C 4 -0.77 -8.73 16.11
CA ASP C 4 -0.62 -10.17 15.94
C ASP C 4 -1.97 -10.85 15.68
N VAL C 5 -2.94 -10.10 15.17
CA VAL C 5 -4.25 -10.66 14.88
C VAL C 5 -4.32 -11.07 13.41
N VAL C 6 -4.33 -12.38 13.16
CA VAL C 6 -4.35 -12.91 11.79
C VAL C 6 -5.58 -12.45 11.02
N TYR C 7 -5.36 -11.52 10.11
CA TYR C 7 -6.41 -10.98 9.27
C TYR C 7 -6.13 -11.32 7.81
N THR C 8 -6.78 -12.38 7.35
CA THR C 8 -6.65 -12.87 5.99
C THR C 8 -7.20 -11.85 4.99
N LEU C 9 -6.45 -11.65 3.91
CA LEU C 9 -6.84 -10.74 2.87
C LEU C 9 -6.75 -11.44 1.53
N ASN C 10 -7.83 -12.10 1.13
CA ASN C 10 -7.84 -12.82 -0.14
C ASN C 10 -7.86 -11.82 -1.28
N ILE C 11 -6.74 -11.67 -1.94
CA ILE C 11 -6.60 -10.72 -3.01
C ILE C 11 -6.69 -11.39 -4.36
N ARG C 12 -7.86 -11.29 -4.98
CA ARG C 12 -8.03 -11.84 -6.31
C ARG C 12 -7.18 -11.04 -7.30
N GLY C 13 -6.41 -11.75 -8.11
CA GLY C 13 -5.52 -11.12 -9.05
C GLY C 13 -4.07 -11.13 -8.60
N LYS C 14 -3.21 -11.77 -9.39
CA LYS C 14 -1.78 -11.85 -9.08
C LYS C 14 -1.14 -10.48 -8.99
N ARG C 15 -1.28 -9.68 -10.04
CA ARG C 15 -0.66 -8.35 -10.08
C ARG C 15 -1.13 -7.52 -8.90
N LYS C 16 -2.41 -7.65 -8.62
CA LYS C 16 -3.03 -6.98 -7.51
C LYS C 16 -2.34 -7.39 -6.21
N PHE C 17 -2.29 -8.70 -5.98
CA PHE C 17 -1.66 -9.26 -4.80
C PHE C 17 -0.20 -8.85 -4.68
N GLU C 18 0.54 -8.89 -5.80
CA GLU C 18 1.96 -8.52 -5.81
C GLU C 18 2.17 -7.18 -5.11
N LYS C 19 1.25 -6.25 -5.38
CA LYS C 19 1.31 -4.93 -4.78
C LYS C 19 1.03 -4.99 -3.28
N VAL C 20 -0.18 -5.43 -2.93
CA VAL C 20 -0.59 -5.54 -1.52
C VAL C 20 0.33 -6.43 -0.68
N LYS C 21 0.71 -7.59 -1.20
CA LYS C 21 1.62 -8.49 -0.51
C LYS C 21 2.93 -7.79 -0.21
N GLU C 22 3.37 -6.93 -1.12
CA GLU C 22 4.60 -6.19 -0.91
C GLU C 22 4.39 -5.19 0.22
N TYR C 23 3.14 -4.77 0.39
CA TYR C 23 2.78 -3.84 1.45
C TYR C 23 2.75 -4.54 2.80
N LYS C 24 2.13 -5.72 2.85
CA LYS C 24 2.04 -6.46 4.10
C LYS C 24 3.44 -6.85 4.59
N GLU C 25 4.32 -7.19 3.64
CA GLU C 25 5.69 -7.53 3.93
C GLU C 25 6.39 -6.36 4.57
N ALA C 26 6.24 -5.20 3.93
CA ALA C 26 6.80 -3.97 4.40
C ALA C 26 6.23 -3.57 5.77
N LEU C 27 4.92 -3.76 5.97
CA LEU C 27 4.29 -3.44 7.25
C LEU C 27 4.84 -4.33 8.36
N ASP C 28 5.02 -5.61 8.05
CA ASP C 28 5.55 -6.56 9.02
C ASP C 28 6.97 -6.17 9.41
N LEU C 29 7.74 -5.69 8.44
CA LEU C 29 9.10 -5.23 8.67
C LEU C 29 9.08 -3.93 9.49
N LEU C 30 8.16 -3.02 9.17
CA LEU C 30 8.00 -1.77 9.94
C LEU C 30 7.76 -2.09 11.41
N ASP C 31 6.98 -3.14 11.63
CA ASP C 31 6.61 -3.59 12.95
C ASP C 31 7.58 -4.68 13.43
N TYR C 32 8.79 -4.69 12.89
CA TYR C 32 9.75 -5.70 13.26
C TYR C 32 11.06 -5.11 13.71
N VAL C 33 11.76 -4.43 12.81
CA VAL C 33 13.08 -3.91 13.11
C VAL C 33 13.03 -2.72 14.07
N GLN C 34 14.16 -2.46 14.71
CA GLN C 34 14.29 -1.41 15.71
C GLN C 34 13.83 -0.06 15.18
N PRO C 35 13.26 0.79 16.05
CA PRO C 35 12.81 2.13 15.67
C PRO C 35 13.98 3.00 15.22
N ASP C 36 15.18 2.67 15.70
CA ASP C 36 16.36 3.43 15.36
C ASP C 36 16.80 3.16 13.93
N VAL C 37 16.54 1.94 13.44
CA VAL C 37 16.89 1.61 12.07
C VAL C 37 15.98 2.41 11.14
N LYS C 38 14.82 2.77 11.63
CA LYS C 38 13.87 3.54 10.85
C LYS C 38 14.36 4.97 10.73
N LYS C 39 15.06 5.44 11.77
CA LYS C 39 15.66 6.77 11.74
C LYS C 39 16.82 6.76 10.76
N ALA C 40 17.66 5.74 10.91
CA ALA C 40 18.81 5.56 10.03
C ALA C 40 18.34 5.30 8.59
N CYS C 41 17.25 4.57 8.44
CA CYS C 41 16.66 4.31 7.13
C CYS C 41 16.12 5.60 6.55
N CYS C 42 15.49 6.38 7.42
CA CYS C 42 14.97 7.67 7.05
C CYS C 42 16.03 8.50 6.34
N GLN C 43 17.28 8.34 6.77
CA GLN C 43 18.39 9.06 6.17
C GLN C 43 19.26 8.15 5.30
N ARG C 44 18.81 6.92 5.06
CA ARG C 44 19.54 6.00 4.22
C ARG C 44 19.00 6.04 2.79
N ASN C 45 17.69 5.93 2.66
CA ASN C 45 17.06 5.98 1.34
C ASN C 45 15.63 6.49 1.41
N GLN C 46 15.25 7.00 2.57
CA GLN C 46 13.89 7.49 2.75
C GLN C 46 13.86 8.99 2.51
N ILE C 47 12.68 9.50 2.24
CA ILE C 47 12.51 10.91 2.02
C ILE C 47 11.20 11.35 2.67
N SER D 1 -4.45 -12.69 -17.40
CA SER D 1 -5.28 -13.61 -16.60
C SER D 1 -4.86 -13.57 -15.14
N ASP D 2 -4.42 -12.41 -14.68
CA ASP D 2 -3.95 -12.25 -13.32
C ASP D 2 -4.75 -11.19 -12.57
N GLY D 3 -6.05 -11.19 -12.77
CA GLY D 3 -6.92 -10.24 -12.07
C GLY D 3 -7.95 -10.94 -11.21
N ASP D 4 -8.08 -12.26 -11.37
CA ASP D 4 -9.06 -13.02 -10.60
C ASP D 4 -8.41 -14.23 -9.93
N VAL D 5 -7.11 -14.17 -9.72
CA VAL D 5 -6.40 -15.27 -9.08
C VAL D 5 -6.36 -15.05 -7.58
N VAL D 6 -7.15 -15.81 -6.83
CA VAL D 6 -7.26 -15.65 -5.39
C VAL D 6 -5.92 -15.87 -4.69
N TYR D 7 -5.31 -14.78 -4.25
CA TYR D 7 -4.06 -14.83 -3.53
C TYR D 7 -4.27 -14.33 -2.10
N THR D 8 -4.42 -15.29 -1.20
CA THR D 8 -4.65 -15.01 0.21
C THR D 8 -3.42 -14.37 0.86
N LEU D 9 -3.66 -13.32 1.63
CA LEU D 9 -2.60 -12.61 2.31
C LEU D 9 -2.93 -12.53 3.79
N ASN D 10 -2.49 -13.51 4.57
CA ASN D 10 -2.74 -13.52 6.00
C ASN D 10 -1.90 -12.45 6.68
N ILE D 11 -2.56 -11.38 7.06
CA ILE D 11 -1.88 -10.25 7.67
C ILE D 11 -2.08 -10.25 9.17
N ARG D 12 -1.06 -10.68 9.91
CA ARG D 12 -1.13 -10.66 11.34
C ARG D 12 -1.05 -9.21 11.84
N GLY D 13 -2.02 -8.81 12.63
CA GLY D 13 -2.09 -7.45 13.10
C GLY D 13 -3.25 -6.68 12.49
N LYS D 14 -4.24 -6.32 13.31
CA LYS D 14 -5.41 -5.57 12.86
C LYS D 14 -5.02 -4.27 12.15
N ARG D 15 -4.27 -3.42 12.84
CA ARG D 15 -3.88 -2.13 12.28
C ARG D 15 -3.09 -2.33 10.99
N LYS D 16 -2.23 -3.34 11.01
CA LYS D 16 -1.43 -3.70 9.86
C LYS D 16 -2.34 -4.04 8.70
N PHE D 17 -3.30 -4.93 8.96
CA PHE D 17 -4.29 -5.35 7.98
C PHE D 17 -5.08 -4.18 7.44
N GLU D 18 -5.52 -3.29 8.32
CA GLU D 18 -6.33 -2.15 7.91
C GLU D 18 -5.64 -1.37 6.80
N LYS D 19 -4.32 -1.29 6.87
CA LYS D 19 -3.53 -0.61 5.85
C LYS D 19 -3.58 -1.41 4.54
N VAL D 20 -3.11 -2.65 4.61
CA VAL D 20 -3.09 -3.55 3.45
C VAL D 20 -4.47 -3.73 2.83
N LYS D 21 -5.47 -4.03 3.66
CA LYS D 21 -6.84 -4.23 3.21
C LYS D 21 -7.35 -2.99 2.47
N GLU D 22 -6.96 -1.82 2.93
CA GLU D 22 -7.39 -0.59 2.29
C GLU D 22 -6.75 -0.51 0.90
N TYR D 23 -5.56 -1.09 0.79
CA TYR D 23 -4.82 -1.13 -0.46
C TYR D 23 -5.46 -2.13 -1.42
N LYS D 24 -5.82 -3.30 -0.92
CA LYS D 24 -6.42 -4.32 -1.77
C LYS D 24 -7.78 -3.83 -2.26
N GLU D 25 -8.50 -3.13 -1.39
CA GLU D 25 -9.79 -2.56 -1.74
C GLU D 25 -9.61 -1.53 -2.84
N ALA D 26 -8.61 -0.69 -2.66
CA ALA D 26 -8.26 0.34 -3.60
C ALA D 26 -7.80 -0.27 -4.93
N LEU D 27 -6.98 -1.33 -4.87
CA LEU D 27 -6.52 -2.01 -6.07
C LEU D 27 -7.69 -2.63 -6.82
N ASP D 28 -8.62 -3.21 -6.07
CA ASP D 28 -9.80 -3.82 -6.66
C ASP D 28 -10.62 -2.78 -7.40
N LEU D 29 -10.74 -1.60 -6.80
CA LEU D 29 -11.47 -0.49 -7.41
C LEU D 29 -10.71 0.09 -8.61
N LEU D 30 -9.37 0.18 -8.49
CA LEU D 30 -8.54 0.65 -9.61
C LEU D 30 -8.78 -0.22 -10.84
N ASP D 31 -8.88 -1.52 -10.57
CA ASP D 31 -9.08 -2.52 -11.60
C ASP D 31 -10.59 -2.79 -11.77
N TYR D 32 -11.41 -1.79 -11.50
CA TYR D 32 -12.83 -1.98 -11.61
C TYR D 32 -13.50 -0.87 -12.41
N VAL D 33 -13.47 0.35 -11.90
CA VAL D 33 -14.16 1.45 -12.55
C VAL D 33 -13.49 1.89 -13.84
N GLN D 34 -14.26 2.59 -14.67
CA GLN D 34 -13.79 3.04 -15.99
C GLN D 34 -12.46 3.77 -15.92
N PRO D 35 -11.66 3.68 -16.99
CA PRO D 35 -10.38 4.38 -17.08
C PRO D 35 -10.58 5.90 -17.07
N ASP D 36 -11.75 6.32 -17.56
CA ASP D 36 -12.05 7.75 -17.62
C ASP D 36 -12.36 8.33 -16.25
N VAL D 37 -12.92 7.51 -15.35
CA VAL D 37 -13.18 8.00 -14.01
C VAL D 37 -11.86 8.23 -13.29
N LYS D 38 -10.83 7.49 -13.73
CA LYS D 38 -9.50 7.63 -13.15
C LYS D 38 -8.88 8.93 -13.61
N LYS D 39 -9.17 9.31 -14.85
CA LYS D 39 -8.72 10.57 -15.40
C LYS D 39 -9.45 11.72 -14.71
N ALA D 40 -10.76 11.53 -14.55
CA ALA D 40 -11.58 12.53 -13.89
C ALA D 40 -11.26 12.58 -12.40
N CYS D 41 -10.82 11.45 -11.85
CA CYS D 41 -10.40 11.39 -10.46
C CYS D 41 -9.09 12.12 -10.31
N CYS D 42 -8.23 11.93 -11.30
CA CYS D 42 -6.96 12.60 -11.34
C CYS D 42 -7.14 14.12 -11.17
N GLN D 43 -8.21 14.64 -11.77
CA GLN D 43 -8.51 16.07 -11.66
C GLN D 43 -9.53 16.35 -10.57
N ARG D 44 -9.96 15.32 -9.85
CA ARG D 44 -10.94 15.49 -8.78
C ARG D 44 -10.26 15.67 -7.45
N ASN D 45 -9.31 14.79 -7.14
CA ASN D 45 -8.61 14.86 -5.85
C ASN D 45 -7.22 14.22 -5.92
N GLN D 46 -6.66 14.15 -7.13
CA GLN D 46 -5.35 13.54 -7.30
C GLN D 46 -4.32 14.61 -7.61
N ILE D 47 -3.05 14.24 -7.58
CA ILE D 47 -1.98 15.17 -7.86
C ILE D 47 -0.92 14.51 -8.73
N SER A 1 19.89 0.72 -9.17
CA SER A 1 19.88 2.17 -8.87
C SER A 1 18.46 2.70 -8.70
N ASP A 2 17.48 1.83 -8.90
CA ASP A 2 16.07 2.21 -8.83
C ASP A 2 15.59 2.29 -7.39
N GLY A 3 16.49 2.63 -6.48
CA GLY A 3 16.14 2.75 -5.08
C GLY A 3 16.45 4.11 -4.51
N ASP A 4 17.07 4.97 -5.32
CA ASP A 4 17.46 6.30 -4.84
C ASP A 4 16.99 7.39 -5.79
N VAL A 5 15.99 7.09 -6.60
CA VAL A 5 15.44 8.06 -7.54
C VAL A 5 14.25 8.77 -6.93
N VAL A 6 14.42 10.04 -6.58
CA VAL A 6 13.37 10.81 -5.92
C VAL A 6 12.12 10.93 -6.79
N TYR A 7 11.11 10.17 -6.41
CA TYR A 7 9.82 10.20 -7.09
C TYR A 7 8.75 10.74 -6.14
N THR A 8 8.52 12.04 -6.28
CA THR A 8 7.54 12.74 -5.48
C THR A 8 6.12 12.26 -5.77
N LEU A 9 5.37 12.00 -4.71
CA LEU A 9 4.01 11.52 -4.84
C LEU A 9 3.07 12.40 -4.03
N ASN A 10 2.58 13.46 -4.65
CA ASN A 10 1.67 14.38 -3.97
C ASN A 10 0.34 13.69 -3.71
N ILE A 11 0.08 13.41 -2.44
CA ILE A 11 -1.13 12.71 -2.04
C ILE A 11 -2.12 13.64 -1.36
N ARG A 12 -3.12 14.07 -2.09
CA ARG A 12 -4.17 14.92 -1.53
C ARG A 12 -4.96 14.15 -0.47
N GLY A 13 -5.10 14.73 0.72
CA GLY A 13 -5.81 14.08 1.80
C GLY A 13 -4.87 13.44 2.82
N LYS A 14 -4.97 13.90 4.08
CA LYS A 14 -4.12 13.37 5.13
C LYS A 14 -4.35 11.89 5.37
N ARG A 15 -5.61 11.49 5.52
CA ARG A 15 -5.94 10.10 5.81
C ARG A 15 -5.39 9.19 4.72
N LYS A 16 -5.58 9.64 3.49
CA LYS A 16 -5.06 8.95 2.34
C LYS A 16 -3.56 8.81 2.45
N PHE A 17 -2.89 9.95 2.64
CA PHE A 17 -1.44 10.00 2.78
C PHE A 17 -0.94 9.09 3.88
N GLU A 18 -1.63 9.09 5.03
CA GLU A 18 -1.24 8.26 6.16
C GLU A 18 -1.08 6.82 5.73
N LYS A 19 -1.98 6.38 4.85
CA LYS A 19 -1.93 5.03 4.33
C LYS A 19 -0.72 4.84 3.41
N VAL A 20 -0.66 5.63 2.34
CA VAL A 20 0.46 5.55 1.38
C VAL A 20 1.82 5.80 2.04
N LYS A 21 1.93 6.83 2.86
CA LYS A 21 3.18 7.11 3.56
C LYS A 21 3.60 5.93 4.42
N GLU A 22 2.63 5.22 4.97
CA GLU A 22 2.92 4.04 5.76
C GLU A 22 3.52 2.98 4.85
N TYR A 23 3.09 3.00 3.58
CA TYR A 23 3.58 2.08 2.58
C TYR A 23 4.99 2.48 2.13
N LYS A 24 5.20 3.76 1.90
CA LYS A 24 6.51 4.22 1.44
C LYS A 24 7.56 3.95 2.50
N GLU A 25 7.24 4.22 3.78
CA GLU A 25 8.16 3.95 4.87
C GLU A 25 8.45 2.46 4.94
N ALA A 26 7.40 1.68 4.79
CA ALA A 26 7.49 0.24 4.80
C ALA A 26 8.35 -0.27 3.65
N LEU A 27 8.19 0.31 2.46
CA LEU A 27 8.99 -0.06 1.30
C LEU A 27 10.45 0.36 1.51
N ASP A 28 10.63 1.56 2.03
CA ASP A 28 11.97 2.10 2.31
C ASP A 28 12.66 1.24 3.36
N LEU A 29 11.87 0.64 4.23
CA LEU A 29 12.38 -0.27 5.25
C LEU A 29 12.65 -1.66 4.66
N LEU A 30 11.79 -2.09 3.72
CA LEU A 30 11.97 -3.38 3.05
C LEU A 30 13.32 -3.46 2.34
N ASP A 31 13.75 -2.34 1.79
CA ASP A 31 15.03 -2.26 1.09
C ASP A 31 16.12 -1.79 2.05
N TYR A 32 15.80 -1.72 3.34
CA TYR A 32 16.75 -1.21 4.30
C TYR A 32 17.26 -2.32 5.20
N VAL A 33 16.37 -2.94 5.95
CA VAL A 33 16.78 -3.98 6.86
C VAL A 33 17.05 -5.28 6.11
N GLN A 34 17.95 -6.06 6.67
CA GLN A 34 18.43 -7.29 6.06
C GLN A 34 17.29 -8.23 5.66
N PRO A 35 17.49 -8.99 4.57
CA PRO A 35 16.51 -9.98 4.12
C PRO A 35 16.30 -11.07 5.17
N ASP A 36 17.27 -11.24 6.05
CA ASP A 36 17.18 -12.23 7.10
C ASP A 36 16.27 -11.78 8.22
N VAL A 37 16.22 -10.46 8.46
CA VAL A 37 15.30 -9.93 9.46
C VAL A 37 13.88 -10.18 8.97
N LYS A 38 13.74 -10.24 7.65
CA LYS A 38 12.46 -10.47 7.03
C LYS A 38 12.02 -11.90 7.29
N LYS A 39 12.98 -12.83 7.24
CA LYS A 39 12.71 -14.24 7.53
C LYS A 39 12.29 -14.38 8.98
N ALA A 40 13.07 -13.76 9.85
CA ALA A 40 12.78 -13.74 11.27
C ALA A 40 11.45 -13.03 11.53
N CYS A 41 11.18 -12.00 10.74
CA CYS A 41 9.91 -11.29 10.81
C CYS A 41 8.79 -12.20 10.38
N CYS A 42 9.03 -12.95 9.31
CA CYS A 42 8.09 -13.95 8.82
C CYS A 42 7.56 -14.80 9.96
N GLN A 43 8.42 -15.12 10.92
CA GLN A 43 8.00 -15.92 12.06
C GLN A 43 7.87 -15.10 13.34
N ARG A 44 7.98 -13.78 13.23
CA ARG A 44 7.84 -12.91 14.41
C ARG A 44 6.42 -12.36 14.49
N ASN A 45 5.91 -11.85 13.39
CA ASN A 45 4.57 -11.27 13.37
C ASN A 45 3.98 -11.27 11.97
N GLN A 46 4.57 -12.06 11.08
CA GLN A 46 4.12 -12.11 9.71
C GLN A 46 3.52 -13.46 9.42
N ILE A 47 2.85 -13.57 8.28
CA ILE A 47 2.27 -14.80 7.85
C ILE A 47 2.46 -14.93 6.34
N SER B 1 -12.96 16.29 6.97
CA SER B 1 -12.55 15.23 6.03
C SER B 1 -11.28 15.62 5.29
N ASP B 2 -10.17 14.97 5.65
CA ASP B 2 -8.88 15.24 5.03
C ASP B 2 -8.70 14.42 3.76
N GLY B 3 -9.17 14.94 2.63
CA GLY B 3 -9.04 14.22 1.38
C GLY B 3 -8.52 15.08 0.25
N ASP B 4 -8.23 16.34 0.53
CA ASP B 4 -7.74 17.27 -0.48
C ASP B 4 -6.55 18.05 0.03
N VAL B 5 -5.95 17.57 1.11
CA VAL B 5 -4.77 18.22 1.69
C VAL B 5 -3.52 17.64 1.05
N VAL B 6 -2.90 18.42 0.17
CA VAL B 6 -1.73 17.96 -0.58
C VAL B 6 -0.59 17.54 0.34
N TYR B 7 -0.40 16.23 0.44
CA TYR B 7 0.66 15.65 1.24
C TYR B 7 1.68 14.97 0.34
N THR B 8 2.73 15.69 0.04
CA THR B 8 3.83 15.21 -0.79
C THR B 8 4.57 14.07 -0.12
N LEU B 9 4.84 13.03 -0.90
CA LEU B 9 5.55 11.87 -0.41
C LEU B 9 6.71 11.57 -1.35
N ASN B 10 7.86 12.18 -1.10
CA ASN B 10 9.03 11.97 -1.94
C ASN B 10 9.55 10.55 -1.73
N ILE B 11 9.28 9.70 -2.70
CA ILE B 11 9.67 8.31 -2.64
C ILE B 11 10.94 8.07 -3.44
N ARG B 12 12.05 7.94 -2.74
CA ARG B 12 13.29 7.66 -3.41
C ARG B 12 13.29 6.21 -3.89
N GLY B 13 13.57 6.03 -5.18
CA GLY B 13 13.52 4.71 -5.77
C GLY B 13 12.33 4.54 -6.70
N LYS B 14 12.62 4.30 -7.98
CA LYS B 14 11.58 4.13 -9.00
C LYS B 14 10.63 2.98 -8.68
N ARG B 15 11.18 1.80 -8.47
CA ARG B 15 10.37 0.61 -8.23
C ARG B 15 9.53 0.78 -6.98
N LYS B 16 10.15 1.35 -5.96
CA LYS B 16 9.47 1.66 -4.72
C LYS B 16 8.25 2.53 -5.02
N PHE B 17 8.49 3.63 -5.72
CA PHE B 17 7.45 4.56 -6.10
C PHE B 17 6.32 3.87 -6.86
N GLU B 18 6.68 2.99 -7.80
CA GLU B 18 5.68 2.29 -8.61
C GLU B 18 4.66 1.59 -7.71
N LYS B 19 5.13 1.07 -6.58
CA LYS B 19 4.28 0.40 -5.62
C LYS B 19 3.41 1.41 -4.88
N VAL B 20 4.04 2.38 -4.23
CA VAL B 20 3.33 3.43 -3.50
C VAL B 20 2.37 4.21 -4.39
N LYS B 21 2.84 4.67 -5.54
CA LYS B 21 2.01 5.39 -6.49
C LYS B 21 0.78 4.58 -6.90
N GLU B 22 0.94 3.27 -7.02
CA GLU B 22 -0.17 2.41 -7.36
C GLU B 22 -1.18 2.46 -6.23
N TYR B 23 -0.68 2.62 -5.01
CA TYR B 23 -1.51 2.71 -3.83
C TYR B 23 -2.20 4.06 -3.74
N LYS B 24 -1.47 5.12 -4.01
CA LYS B 24 -2.05 6.47 -3.93
C LYS B 24 -3.17 6.61 -4.96
N GLU B 25 -2.96 6.08 -6.17
CA GLU B 25 -3.97 6.13 -7.21
C GLU B 25 -5.19 5.33 -6.78
N ALA B 26 -4.91 4.16 -6.24
CA ALA B 26 -5.94 3.28 -5.73
C ALA B 26 -6.73 3.96 -4.60
N LEU B 27 -6.02 4.65 -3.71
CA LEU B 27 -6.66 5.39 -2.62
C LEU B 27 -7.49 6.54 -3.18
N ASP B 28 -6.92 7.26 -4.13
CA ASP B 28 -7.62 8.38 -4.76
C ASP B 28 -8.89 7.89 -5.44
N LEU B 29 -8.80 6.72 -6.04
CA LEU B 29 -9.94 6.10 -6.72
C LEU B 29 -10.95 5.58 -5.69
N LEU B 30 -10.45 5.01 -4.58
CA LEU B 30 -11.34 4.54 -3.50
C LEU B 30 -12.22 5.68 -3.01
N ASP B 31 -11.63 6.87 -2.96
CA ASP B 31 -12.31 8.06 -2.48
C ASP B 31 -13.00 8.78 -3.64
N TYR B 32 -13.02 8.15 -4.81
CA TYR B 32 -13.54 8.81 -5.97
C TYR B 32 -14.84 8.19 -6.46
N VAL B 33 -14.76 6.93 -6.89
CA VAL B 33 -15.91 6.30 -7.48
C VAL B 33 -16.98 5.97 -6.44
N GLN B 34 -18.22 5.91 -6.92
CA GLN B 34 -19.37 5.70 -6.06
C GLN B 34 -19.19 4.49 -5.15
N PRO B 35 -19.74 4.56 -3.92
CA PRO B 35 -19.66 3.46 -2.96
C PRO B 35 -20.35 2.22 -3.48
N ASP B 36 -21.30 2.43 -4.38
CA ASP B 36 -22.04 1.32 -4.96
C ASP B 36 -21.18 0.54 -5.94
N VAL B 37 -20.25 1.22 -6.61
CA VAL B 37 -19.34 0.53 -7.51
C VAL B 37 -18.41 -0.33 -6.67
N LYS B 38 -18.17 0.10 -5.45
CA LYS B 38 -17.31 -0.63 -4.54
C LYS B 38 -18.01 -1.91 -4.12
N LYS B 39 -19.32 -1.82 -3.89
CA LYS B 39 -20.13 -2.99 -3.54
C LYS B 39 -20.12 -3.97 -4.71
N ALA B 40 -20.37 -3.44 -5.89
CA ALA B 40 -20.36 -4.24 -7.10
C ALA B 40 -18.96 -4.77 -7.38
N CYS B 41 -17.95 -3.98 -7.03
CA CYS B 41 -16.56 -4.37 -7.17
C CYS B 41 -16.25 -5.52 -6.24
N CYS B 42 -16.78 -5.42 -5.02
CA CYS B 42 -16.64 -6.48 -4.04
C CYS B 42 -17.03 -7.82 -4.65
N GLN B 43 -18.10 -7.82 -5.42
CA GLN B 43 -18.56 -9.06 -6.06
C GLN B 43 -18.04 -9.18 -7.49
N ARG B 44 -17.15 -8.28 -7.89
CA ARG B 44 -16.57 -8.33 -9.23
C ARG B 44 -15.19 -8.97 -9.19
N ASN B 45 -14.37 -8.54 -8.23
CA ASN B 45 -13.01 -9.08 -8.12
C ASN B 45 -12.45 -8.96 -6.71
N GLN B 46 -13.30 -8.75 -5.73
CA GLN B 46 -12.82 -8.62 -4.35
C GLN B 46 -13.12 -9.88 -3.58
N ILE B 47 -12.45 -10.07 -2.46
CA ILE B 47 -12.64 -11.25 -1.65
C ILE B 47 -12.56 -10.87 -0.17
N SER C 1 -0.21 -2.68 19.64
CA SER C 1 -0.90 -3.81 20.30
C SER C 1 -1.43 -4.82 19.28
N ASP C 2 -2.13 -4.32 18.28
CA ASP C 2 -2.70 -5.16 17.25
C ASP C 2 -1.65 -5.57 16.22
N GLY C 3 -0.90 -6.62 16.53
CA GLY C 3 0.11 -7.07 15.60
C GLY C 3 0.15 -8.58 15.44
N ASP C 4 -0.80 -9.29 16.06
CA ASP C 4 -0.82 -10.75 15.97
C ASP C 4 -2.19 -11.28 15.61
N VAL C 5 -3.12 -10.40 15.28
CA VAL C 5 -4.46 -10.82 14.91
C VAL C 5 -4.45 -11.21 13.43
N VAL C 6 -4.43 -12.50 13.17
CA VAL C 6 -4.38 -13.02 11.80
C VAL C 6 -5.58 -12.57 10.98
N TYR C 7 -5.36 -11.60 10.11
CA TYR C 7 -6.39 -11.08 9.25
C TYR C 7 -6.09 -11.44 7.80
N THR C 8 -6.76 -12.48 7.34
CA THR C 8 -6.61 -12.98 5.99
C THR C 8 -7.15 -11.99 4.97
N LEU C 9 -6.39 -11.75 3.93
CA LEU C 9 -6.78 -10.82 2.89
C LEU C 9 -6.72 -11.53 1.55
N ASN C 10 -7.83 -12.13 1.14
CA ASN C 10 -7.88 -12.84 -0.13
C ASN C 10 -7.89 -11.83 -1.27
N ILE C 11 -6.76 -11.71 -1.93
CA ILE C 11 -6.60 -10.73 -3.00
C ILE C 11 -6.71 -11.37 -4.36
N ARG C 12 -7.87 -11.20 -4.99
CA ARG C 12 -8.05 -11.71 -6.34
C ARG C 12 -7.16 -10.92 -7.31
N GLY C 13 -6.40 -11.63 -8.13
CA GLY C 13 -5.48 -10.98 -9.04
C GLY C 13 -4.04 -11.08 -8.56
N LYS C 14 -3.25 -11.84 -9.30
CA LYS C 14 -1.84 -12.06 -8.95
C LYS C 14 -1.05 -10.75 -8.84
N ARG C 15 -1.07 -9.96 -9.91
CA ARG C 15 -0.31 -8.71 -9.94
C ARG C 15 -0.78 -7.78 -8.85
N LYS C 16 -2.09 -7.82 -8.59
CA LYS C 16 -2.68 -7.04 -7.55
C LYS C 16 -2.09 -7.46 -6.21
N PHE C 17 -2.13 -8.77 -5.96
CA PHE C 17 -1.57 -9.35 -4.74
C PHE C 17 -0.11 -8.97 -4.56
N GLU C 18 0.66 -9.03 -5.63
CA GLU C 18 2.08 -8.70 -5.57
C GLU C 18 2.29 -7.31 -4.98
N LYS C 19 1.39 -6.39 -5.29
CA LYS C 19 1.46 -5.05 -4.74
C LYS C 19 1.14 -5.07 -3.25
N VAL C 20 -0.05 -5.57 -2.91
CA VAL C 20 -0.51 -5.66 -1.52
C VAL C 20 0.45 -6.49 -0.64
N LYS C 21 0.84 -7.68 -1.10
CA LYS C 21 1.78 -8.51 -0.36
C LYS C 21 3.08 -7.76 -0.11
N GLU C 22 3.47 -6.91 -1.04
CA GLU C 22 4.67 -6.11 -0.87
C GLU C 22 4.44 -5.14 0.29
N TYR C 23 3.20 -4.70 0.43
CA TYR C 23 2.81 -3.79 1.48
C TYR C 23 2.73 -4.50 2.81
N LYS C 24 2.14 -5.69 2.82
CA LYS C 24 2.00 -6.45 4.05
C LYS C 24 3.37 -6.81 4.61
N GLU C 25 4.29 -7.20 3.72
CA GLU C 25 5.65 -7.53 4.11
C GLU C 25 6.35 -6.30 4.65
N ALA C 26 6.17 -5.20 3.93
CA ALA C 26 6.71 -3.93 4.33
C ALA C 26 6.17 -3.50 5.69
N LEU C 27 4.87 -3.71 5.92
CA LEU C 27 4.25 -3.39 7.20
C LEU C 27 4.76 -4.31 8.29
N ASP C 28 4.85 -5.60 7.95
CA ASP C 28 5.35 -6.60 8.87
C ASP C 28 6.76 -6.26 9.29
N LEU C 29 7.54 -5.75 8.35
CA LEU C 29 8.91 -5.33 8.60
C LEU C 29 8.93 -4.02 9.40
N LEU C 30 8.02 -3.10 9.06
CA LEU C 30 7.90 -1.83 9.80
C LEU C 30 7.69 -2.09 11.28
N ASP C 31 6.87 -3.08 11.57
CA ASP C 31 6.54 -3.43 12.94
C ASP C 31 7.57 -4.42 13.50
N TYR C 32 8.62 -4.68 12.74
CA TYR C 32 9.57 -5.69 13.14
C TYR C 32 10.89 -5.08 13.57
N VAL C 33 11.56 -4.38 12.67
CA VAL C 33 12.85 -3.83 12.96
C VAL C 33 12.74 -2.61 13.89
N GLN C 34 13.85 -2.32 14.55
CA GLN C 34 13.92 -1.27 15.55
C GLN C 34 13.50 0.09 14.98
N PRO C 35 12.93 0.95 15.83
CA PRO C 35 12.52 2.30 15.42
C PRO C 35 13.71 3.14 14.97
N ASP C 36 14.88 2.81 15.49
CA ASP C 36 16.09 3.53 15.14
C ASP C 36 16.54 3.19 13.72
N VAL C 37 16.20 1.98 13.25
CA VAL C 37 16.55 1.61 11.88
C VAL C 37 15.71 2.44 10.93
N LYS C 38 14.53 2.85 11.39
CA LYS C 38 13.63 3.66 10.60
C LYS C 38 14.22 5.05 10.44
N LYS C 39 14.81 5.55 11.53
CA LYS C 39 15.47 6.85 11.50
C LYS C 39 16.66 6.79 10.55
N ALA C 40 17.46 5.75 10.72
CA ALA C 40 18.62 5.54 9.88
C ALA C 40 18.21 5.27 8.43
N CYS C 41 17.08 4.60 8.24
CA CYS C 41 16.55 4.35 6.91
C CYS C 41 16.15 5.67 6.28
N CYS C 42 15.51 6.52 7.08
CA CYS C 42 15.13 7.85 6.63
C CYS C 42 16.32 8.58 6.00
N GLN C 43 17.49 8.41 6.59
CA GLN C 43 18.70 9.04 6.08
C GLN C 43 19.53 8.09 5.23
N ARG C 44 18.98 6.90 4.94
CA ARG C 44 19.67 5.94 4.11
C ARG C 44 19.20 6.04 2.67
N ASN C 45 17.89 6.02 2.48
CA ASN C 45 17.33 6.11 1.11
C ASN C 45 15.91 6.63 1.11
N GLN C 46 15.51 7.29 2.19
CA GLN C 46 14.14 7.77 2.29
C GLN C 46 14.10 9.28 2.15
N ILE C 47 12.90 9.79 1.96
CA ILE C 47 12.71 11.23 1.85
C ILE C 47 11.45 11.62 2.61
N SER D 1 -2.40 -10.68 -17.65
CA SER D 1 -3.82 -10.85 -17.28
C SER D 1 -3.96 -11.65 -15.99
N ASP D 2 -3.96 -10.95 -14.86
CA ASP D 2 -4.05 -11.60 -13.55
C ASP D 2 -4.85 -10.73 -12.61
N GLY D 3 -6.18 -10.83 -12.64
CA GLY D 3 -6.98 -9.98 -11.78
C GLY D 3 -8.09 -10.71 -11.03
N ASP D 4 -8.20 -12.02 -11.24
CA ASP D 4 -9.24 -12.80 -10.57
C ASP D 4 -8.68 -14.06 -9.93
N VAL D 5 -7.37 -14.07 -9.72
CA VAL D 5 -6.73 -15.21 -9.10
C VAL D 5 -6.64 -15.00 -7.59
N VAL D 6 -7.39 -15.79 -6.84
CA VAL D 6 -7.47 -15.62 -5.39
C VAL D 6 -6.13 -15.87 -4.71
N TYR D 7 -5.50 -14.79 -4.28
CA TYR D 7 -4.23 -14.84 -3.56
C TYR D 7 -4.41 -14.37 -2.12
N THR D 8 -4.49 -15.34 -1.22
CA THR D 8 -4.68 -15.09 0.19
C THR D 8 -3.44 -14.46 0.82
N LEU D 9 -3.65 -13.43 1.63
CA LEU D 9 -2.56 -12.75 2.31
C LEU D 9 -2.90 -12.62 3.79
N ASN D 10 -2.44 -13.59 4.59
CA ASN D 10 -2.69 -13.58 6.03
C ASN D 10 -1.86 -12.49 6.68
N ILE D 11 -2.52 -11.44 7.12
CA ILE D 11 -1.85 -10.31 7.73
C ILE D 11 -2.05 -10.33 9.23
N ARG D 12 -1.02 -10.70 9.96
CA ARG D 12 -1.11 -10.72 11.40
C ARG D 12 -1.04 -9.30 11.94
N GLY D 13 -2.03 -8.94 12.74
CA GLY D 13 -2.11 -7.59 13.26
C GLY D 13 -3.25 -6.81 12.63
N LYS D 14 -4.20 -6.39 13.46
CA LYS D 14 -5.37 -5.67 12.99
C LYS D 14 -4.99 -4.37 12.27
N ARG D 15 -4.20 -3.53 12.92
CA ARG D 15 -3.84 -2.23 12.36
C ARG D 15 -3.09 -2.41 11.06
N LYS D 16 -2.19 -3.37 11.04
CA LYS D 16 -1.45 -3.72 9.86
C LYS D 16 -2.39 -4.05 8.73
N PHE D 17 -3.30 -4.98 9.00
CA PHE D 17 -4.29 -5.41 8.02
C PHE D 17 -5.09 -4.23 7.49
N GLU D 18 -5.52 -3.35 8.39
CA GLU D 18 -6.31 -2.20 8.00
C GLU D 18 -5.64 -1.41 6.88
N LYS D 19 -4.31 -1.32 6.96
CA LYS D 19 -3.54 -0.63 5.95
C LYS D 19 -3.50 -1.43 4.64
N VAL D 20 -3.03 -2.67 4.73
CA VAL D 20 -2.96 -3.58 3.56
C VAL D 20 -4.33 -3.75 2.90
N LYS D 21 -5.34 -4.09 3.71
CA LYS D 21 -6.69 -4.27 3.22
C LYS D 21 -7.19 -3.04 2.50
N GLU D 22 -6.78 -1.87 2.98
CA GLU D 22 -7.18 -0.62 2.34
C GLU D 22 -6.54 -0.56 0.95
N TYR D 23 -5.35 -1.15 0.84
CA TYR D 23 -4.61 -1.19 -0.41
C TYR D 23 -5.25 -2.18 -1.37
N LYS D 24 -5.62 -3.36 -0.87
CA LYS D 24 -6.22 -4.38 -1.71
C LYS D 24 -7.58 -3.89 -2.22
N GLU D 25 -8.33 -3.22 -1.34
CA GLU D 25 -9.63 -2.65 -1.69
C GLU D 25 -9.45 -1.63 -2.80
N ALA D 26 -8.44 -0.79 -2.62
CA ALA D 26 -8.10 0.23 -3.56
C ALA D 26 -7.62 -0.38 -4.88
N LEU D 27 -6.84 -1.46 -4.81
CA LEU D 27 -6.34 -2.14 -6.00
C LEU D 27 -7.50 -2.78 -6.76
N ASP D 28 -8.40 -3.40 -6.02
CA ASP D 28 -9.56 -4.05 -6.62
C ASP D 28 -10.43 -3.01 -7.34
N LEU D 29 -10.52 -1.82 -6.74
CA LEU D 29 -11.26 -0.71 -7.33
C LEU D 29 -10.52 -0.15 -8.54
N LEU D 30 -9.19 -0.11 -8.48
CA LEU D 30 -8.37 0.39 -9.60
C LEU D 30 -8.66 -0.38 -10.88
N ASP D 31 -8.80 -1.69 -10.76
CA ASP D 31 -9.08 -2.53 -11.92
C ASP D 31 -10.58 -2.71 -12.11
N TYR D 32 -11.37 -1.88 -11.43
CA TYR D 32 -12.80 -2.02 -11.50
C TYR D 32 -13.42 -0.86 -12.25
N VAL D 33 -13.20 0.35 -11.76
CA VAL D 33 -13.78 1.51 -12.39
C VAL D 33 -12.97 1.93 -13.60
N GLN D 34 -13.68 2.51 -14.57
CA GLN D 34 -13.11 2.88 -15.85
C GLN D 34 -11.85 3.74 -15.71
N PRO D 35 -10.91 3.60 -16.65
CA PRO D 35 -9.68 4.39 -16.65
C PRO D 35 -9.99 5.87 -16.80
N ASP D 36 -11.17 6.17 -17.35
CA ASP D 36 -11.58 7.55 -17.54
C ASP D 36 -11.99 8.17 -16.22
N VAL D 37 -12.50 7.36 -15.30
CA VAL D 37 -12.85 7.87 -13.99
C VAL D 37 -11.56 8.22 -13.27
N LYS D 38 -10.47 7.54 -13.63
CA LYS D 38 -9.18 7.80 -13.04
C LYS D 38 -8.68 9.16 -13.51
N LYS D 39 -9.03 9.50 -14.75
CA LYS D 39 -8.68 10.81 -15.31
C LYS D 39 -9.48 11.89 -14.60
N ALA D 40 -10.77 11.63 -14.46
CA ALA D 40 -11.67 12.53 -13.77
C ALA D 40 -11.34 12.57 -12.27
N CYS D 41 -10.82 11.48 -11.76
CA CYS D 41 -10.38 11.40 -10.37
C CYS D 41 -9.11 12.22 -10.22
N CYS D 42 -8.23 12.08 -11.21
CA CYS D 42 -7.00 12.84 -11.28
C CYS D 42 -7.27 14.32 -11.00
N GLN D 43 -8.36 14.84 -11.54
CA GLN D 43 -8.72 16.24 -11.34
C GLN D 43 -9.76 16.43 -10.23
N ARG D 44 -10.18 15.34 -9.59
CA ARG D 44 -11.15 15.44 -8.52
C ARG D 44 -10.46 15.60 -7.17
N ASN D 45 -9.52 14.72 -6.88
CA ASN D 45 -8.80 14.77 -5.61
C ASN D 45 -7.41 14.15 -5.69
N GLN D 46 -6.88 14.04 -6.89
CA GLN D 46 -5.59 13.40 -7.05
C GLN D 46 -4.55 14.41 -7.46
N ILE D 47 -3.29 14.01 -7.38
CA ILE D 47 -2.20 14.85 -7.78
C ILE D 47 -1.19 14.01 -8.55
N SER A 1 19.46 1.01 -9.81
CA SER A 1 19.45 2.49 -9.82
C SER A 1 18.04 3.00 -9.57
N ASP A 2 17.18 2.13 -9.05
CA ASP A 2 15.77 2.46 -8.86
C ASP A 2 15.38 2.45 -7.39
N GLY A 3 16.34 2.68 -6.51
CA GLY A 3 16.03 2.67 -5.09
C GLY A 3 16.35 3.99 -4.41
N ASP A 4 16.96 4.91 -5.17
CA ASP A 4 17.36 6.19 -4.61
C ASP A 4 16.93 7.36 -5.49
N VAL A 5 16.00 7.13 -6.40
CA VAL A 5 15.49 8.19 -7.27
C VAL A 5 14.34 8.90 -6.59
N VAL A 6 14.56 10.14 -6.17
CA VAL A 6 13.55 10.92 -5.47
C VAL A 6 12.31 11.11 -6.33
N TYR A 7 11.27 10.33 -6.03
CA TYR A 7 10.00 10.40 -6.75
C TYR A 7 8.91 10.93 -5.83
N THR A 8 8.62 12.20 -6.00
CA THR A 8 7.61 12.89 -5.23
C THR A 8 6.21 12.41 -5.59
N LEU A 9 5.40 12.15 -4.57
CA LEU A 9 4.04 11.70 -4.76
C LEU A 9 3.09 12.61 -3.98
N ASN A 10 2.58 13.64 -4.64
CA ASN A 10 1.66 14.56 -3.99
C ASN A 10 0.32 13.87 -3.77
N ILE A 11 0.02 13.57 -2.53
CA ILE A 11 -1.19 12.85 -2.18
C ILE A 11 -2.20 13.77 -1.52
N ARG A 12 -3.26 14.14 -2.24
CA ARG A 12 -4.29 14.98 -1.67
C ARG A 12 -5.15 14.19 -0.68
N GLY A 13 -5.30 14.75 0.51
CA GLY A 13 -6.06 14.08 1.55
C GLY A 13 -5.17 13.50 2.63
N LYS A 14 -5.33 13.99 3.86
CA LYS A 14 -4.52 13.53 4.99
C LYS A 14 -4.62 12.03 5.19
N ARG A 15 -5.85 11.53 5.40
CA ARG A 15 -6.06 10.10 5.65
C ARG A 15 -5.51 9.26 4.51
N LYS A 16 -5.68 9.78 3.31
CA LYS A 16 -5.19 9.12 2.13
C LYS A 16 -3.67 8.98 2.21
N PHE A 17 -3.01 10.11 2.40
CA PHE A 17 -1.56 10.16 2.53
C PHE A 17 -1.07 9.25 3.64
N GLU A 18 -1.74 9.27 4.78
CA GLU A 18 -1.33 8.46 5.93
C GLU A 18 -1.17 7.00 5.54
N LYS A 19 -2.07 6.51 4.70
CA LYS A 19 -1.99 5.13 4.22
C LYS A 19 -0.78 4.93 3.32
N VAL A 20 -0.72 5.71 2.25
CA VAL A 20 0.40 5.64 1.29
C VAL A 20 1.76 5.93 1.93
N LYS A 21 1.84 6.97 2.76
CA LYS A 21 3.06 7.30 3.46
C LYS A 21 3.53 6.13 4.32
N GLU A 22 2.57 5.39 4.87
CA GLU A 22 2.90 4.24 5.67
C GLU A 22 3.42 3.13 4.76
N TYR A 23 2.98 3.17 3.50
CA TYR A 23 3.44 2.21 2.50
C TYR A 23 4.85 2.56 2.05
N LYS A 24 5.10 3.83 1.79
CA LYS A 24 6.42 4.25 1.33
C LYS A 24 7.44 4.00 2.43
N GLU A 25 7.02 4.21 3.68
CA GLU A 25 7.86 3.98 4.84
C GLU A 25 8.21 2.51 4.94
N ALA A 26 7.18 1.69 4.81
CA ALA A 26 7.31 0.26 4.82
C ALA A 26 8.18 -0.24 3.66
N LEU A 27 7.98 0.35 2.48
CA LEU A 27 8.78 0.00 1.31
C LEU A 27 10.24 0.38 1.52
N ASP A 28 10.45 1.56 2.08
CA ASP A 28 11.79 2.05 2.36
C ASP A 28 12.52 1.13 3.33
N LEU A 29 11.77 0.63 4.30
CA LEU A 29 12.32 -0.31 5.27
C LEU A 29 12.58 -1.67 4.62
N LEU A 30 11.69 -2.09 3.70
CA LEU A 30 11.86 -3.36 2.96
C LEU A 30 13.18 -3.36 2.21
N ASP A 31 13.55 -2.20 1.69
CA ASP A 31 14.79 -2.04 0.95
C ASP A 31 15.90 -1.54 1.87
N TYR A 32 15.77 -1.76 3.17
CA TYR A 32 16.77 -1.27 4.10
C TYR A 32 17.30 -2.39 4.99
N VAL A 33 16.45 -2.99 5.80
CA VAL A 33 16.90 -4.00 6.73
C VAL A 33 17.25 -5.30 6.04
N GLN A 34 18.15 -6.05 6.68
CA GLN A 34 18.67 -7.28 6.12
C GLN A 34 17.56 -8.23 5.70
N PRO A 35 17.77 -8.98 4.61
CA PRO A 35 16.81 -9.96 4.13
C PRO A 35 16.57 -11.05 5.17
N ASP A 36 17.55 -11.22 6.05
CA ASP A 36 17.46 -12.23 7.10
C ASP A 36 16.50 -11.79 8.19
N VAL A 37 16.37 -10.48 8.41
CA VAL A 37 15.41 -10.00 9.40
C VAL A 37 14.02 -10.25 8.88
N LYS A 38 13.90 -10.36 7.56
CA LYS A 38 12.63 -10.63 6.93
C LYS A 38 12.24 -12.09 7.12
N LYS A 39 13.25 -12.94 7.20
CA LYS A 39 13.04 -14.36 7.49
C LYS A 39 12.63 -14.50 8.95
N ALA A 40 13.33 -13.76 9.80
CA ALA A 40 13.03 -13.74 11.21
C ALA A 40 11.70 -13.04 11.47
N CYS A 41 11.41 -12.01 10.69
CA CYS A 41 10.13 -11.32 10.76
C CYS A 41 9.02 -12.25 10.35
N CYS A 42 9.30 -12.98 9.27
CA CYS A 42 8.40 -14.00 8.75
C CYS A 42 7.91 -14.89 9.89
N GLN A 43 8.82 -15.27 10.77
CA GLN A 43 8.49 -16.13 11.90
C GLN A 43 8.28 -15.33 13.19
N ARG A 44 8.25 -14.01 13.09
CA ARG A 44 8.01 -13.15 14.24
C ARG A 44 6.54 -12.83 14.34
N ASN A 45 5.97 -12.34 13.25
CA ASN A 45 4.56 -11.98 13.23
C ASN A 45 3.99 -11.98 11.82
N GLN A 46 4.70 -12.58 10.89
CA GLN A 46 4.24 -12.58 9.51
C GLN A 46 3.47 -13.86 9.23
N ILE A 47 2.73 -13.85 8.15
CA ILE A 47 1.96 -14.99 7.75
C ILE A 47 1.99 -15.11 6.23
N SER B 1 -12.26 17.79 5.19
CA SER B 1 -11.05 18.56 4.84
C SER B 1 -9.88 17.63 4.49
N ASP B 2 -9.90 16.44 5.07
CA ASP B 2 -8.81 15.47 4.93
C ASP B 2 -8.86 14.68 3.63
N GLY B 3 -9.38 15.27 2.57
CA GLY B 3 -9.42 14.60 1.29
C GLY B 3 -8.76 15.40 0.18
N ASP B 4 -8.44 16.67 0.47
CA ASP B 4 -7.80 17.54 -0.52
C ASP B 4 -6.57 18.23 0.05
N VAL B 5 -6.00 17.68 1.12
CA VAL B 5 -4.81 18.26 1.71
C VAL B 5 -3.58 17.70 1.00
N VAL B 6 -2.97 18.51 0.16
CA VAL B 6 -1.81 18.07 -0.62
C VAL B 6 -0.66 17.67 0.28
N TYR B 7 -0.46 16.36 0.42
CA TYR B 7 0.61 15.81 1.23
C TYR B 7 1.64 15.13 0.34
N THR B 8 2.72 15.86 0.11
CA THR B 8 3.81 15.39 -0.72
C THR B 8 4.57 14.25 -0.06
N LEU B 9 4.78 13.19 -0.82
CA LEU B 9 5.49 12.01 -0.34
C LEU B 9 6.70 11.74 -1.22
N ASN B 10 7.85 12.29 -0.85
CA ASN B 10 9.08 12.08 -1.61
C ASN B 10 9.55 10.65 -1.44
N ILE B 11 9.29 9.84 -2.43
CA ILE B 11 9.63 8.43 -2.39
C ILE B 11 10.91 8.15 -3.16
N ARG B 12 11.99 7.99 -2.42
CA ARG B 12 13.26 7.70 -3.04
C ARG B 12 13.24 6.27 -3.58
N GLY B 13 13.50 6.12 -4.87
CA GLY B 13 13.42 4.82 -5.50
C GLY B 13 12.25 4.70 -6.48
N LYS B 14 12.57 4.56 -7.77
CA LYS B 14 11.56 4.44 -8.81
C LYS B 14 10.58 3.29 -8.55
N ARG B 15 11.10 2.07 -8.45
CA ARG B 15 10.25 0.89 -8.27
C ARG B 15 9.41 1.03 -7.01
N LYS B 16 10.04 1.55 -5.96
CA LYS B 16 9.38 1.80 -4.72
C LYS B 16 8.20 2.73 -4.93
N PHE B 17 8.48 3.86 -5.59
CA PHE B 17 7.48 4.86 -5.90
C PHE B 17 6.32 4.25 -6.69
N GLU B 18 6.64 3.44 -7.69
CA GLU B 18 5.62 2.83 -8.54
C GLU B 18 4.58 2.09 -7.71
N LYS B 19 5.03 1.43 -6.64
CA LYS B 19 4.14 0.71 -5.75
C LYS B 19 3.24 1.69 -4.99
N VAL B 20 3.87 2.64 -4.31
CA VAL B 20 3.16 3.68 -3.56
C VAL B 20 2.23 4.49 -4.47
N LYS B 21 2.76 4.94 -5.61
CA LYS B 21 2.01 5.73 -6.57
C LYS B 21 0.75 5.00 -7.04
N GLU B 22 0.83 3.70 -7.25
CA GLU B 22 -0.36 2.98 -7.66
C GLU B 22 -1.31 2.86 -6.47
N TYR B 23 -0.74 2.89 -5.27
CA TYR B 23 -1.54 2.86 -4.05
C TYR B 23 -2.23 4.20 -3.85
N LYS B 24 -1.53 5.29 -4.12
CA LYS B 24 -2.11 6.61 -3.98
C LYS B 24 -3.23 6.78 -5.00
N GLU B 25 -3.01 6.25 -6.21
CA GLU B 25 -4.04 6.28 -7.24
C GLU B 25 -5.22 5.43 -6.81
N ALA B 26 -4.91 4.26 -6.28
CA ALA B 26 -5.92 3.36 -5.78
C ALA B 26 -6.71 4.00 -4.64
N LEU B 27 -6.02 4.70 -3.73
CA LEU B 27 -6.68 5.41 -2.64
C LEU B 27 -7.49 6.56 -3.19
N ASP B 28 -6.91 7.28 -4.14
CA ASP B 28 -7.56 8.41 -4.78
C ASP B 28 -8.86 7.93 -5.44
N LEU B 29 -8.79 6.75 -6.05
CA LEU B 29 -9.95 6.15 -6.69
C LEU B 29 -10.95 5.67 -5.64
N LEU B 30 -10.45 5.08 -4.54
CA LEU B 30 -11.32 4.66 -3.43
C LEU B 30 -12.12 5.84 -2.91
N ASP B 31 -11.46 6.98 -2.87
CA ASP B 31 -12.04 8.23 -2.38
C ASP B 31 -12.68 9.00 -3.54
N TYR B 32 -12.95 8.32 -4.64
CA TYR B 32 -13.52 8.99 -5.78
C TYR B 32 -14.79 8.30 -6.27
N VAL B 33 -14.68 7.05 -6.69
CA VAL B 33 -15.83 6.38 -7.23
C VAL B 33 -16.83 6.02 -6.15
N GLN B 34 -18.08 5.89 -6.58
CA GLN B 34 -19.21 5.66 -5.69
C GLN B 34 -18.99 4.48 -4.76
N PRO B 35 -19.49 4.55 -3.52
CA PRO B 35 -19.40 3.45 -2.55
C PRO B 35 -20.13 2.22 -3.06
N ASP B 36 -21.08 2.45 -3.95
CA ASP B 36 -21.87 1.38 -4.53
C ASP B 36 -21.03 0.54 -5.49
N VAL B 37 -20.05 1.17 -6.13
CA VAL B 37 -19.20 0.44 -7.04
C VAL B 37 -18.27 -0.46 -6.25
N LYS B 38 -18.07 -0.11 -4.99
CA LYS B 38 -17.23 -0.93 -4.11
C LYS B 38 -17.98 -2.21 -3.77
N LYS B 39 -19.30 -2.11 -3.73
CA LYS B 39 -20.16 -3.27 -3.50
C LYS B 39 -20.10 -4.15 -4.73
N ALA B 40 -20.29 -3.53 -5.88
CA ALA B 40 -20.26 -4.22 -7.15
C ALA B 40 -18.86 -4.76 -7.45
N CYS B 41 -17.84 -3.99 -7.08
CA CYS B 41 -16.45 -4.42 -7.24
C CYS B 41 -16.18 -5.61 -6.35
N CYS B 42 -16.67 -5.52 -5.12
CA CYS B 42 -16.57 -6.59 -4.15
C CYS B 42 -16.94 -7.93 -4.78
N GLN B 43 -18.02 -7.94 -5.55
CA GLN B 43 -18.49 -9.16 -6.21
C GLN B 43 -17.98 -9.29 -7.65
N ARG B 44 -17.22 -8.30 -8.10
CA ARG B 44 -16.70 -8.31 -9.46
C ARG B 44 -15.39 -9.06 -9.54
N ASN B 45 -14.45 -8.71 -8.66
CA ASN B 45 -13.14 -9.34 -8.67
C ASN B 45 -12.47 -9.25 -7.32
N GLN B 46 -13.25 -9.01 -6.28
CA GLN B 46 -12.69 -8.83 -4.95
C GLN B 46 -13.06 -9.99 -4.06
N ILE B 47 -12.38 -10.08 -2.92
CA ILE B 47 -12.66 -11.10 -1.95
C ILE B 47 -12.54 -10.49 -0.56
N SER C 1 -2.47 -5.75 21.24
CA SER C 1 -2.23 -7.00 20.50
C SER C 1 -2.59 -6.85 19.02
N ASP C 2 -2.75 -5.62 18.56
CA ASP C 2 -3.16 -5.32 17.19
C ASP C 2 -2.02 -5.48 16.17
N GLY C 3 -1.02 -6.27 16.53
CA GLY C 3 0.07 -6.55 15.60
C GLY C 3 0.20 -8.02 15.34
N ASP C 4 -0.63 -8.82 16.03
CA ASP C 4 -0.57 -10.27 15.89
C ASP C 4 -1.96 -10.88 15.66
N VAL C 5 -2.90 -10.06 15.23
CA VAL C 5 -4.25 -10.56 14.94
C VAL C 5 -4.34 -10.97 13.47
N VAL C 6 -4.40 -12.28 13.24
CA VAL C 6 -4.42 -12.82 11.88
C VAL C 6 -5.63 -12.34 11.10
N TYR C 7 -5.41 -11.39 10.20
CA TYR C 7 -6.47 -10.86 9.35
C TYR C 7 -6.21 -11.23 7.90
N THR C 8 -6.89 -12.27 7.47
CA THR C 8 -6.75 -12.81 6.12
C THR C 8 -7.32 -11.87 5.07
N LEU C 9 -6.55 -11.67 4.01
CA LEU C 9 -6.95 -10.78 2.94
C LEU C 9 -6.87 -11.50 1.61
N ASN C 10 -7.96 -12.17 1.22
CA ASN C 10 -8.00 -12.90 -0.04
C ASN C 10 -7.95 -11.92 -1.21
N ILE C 11 -6.81 -11.83 -1.84
CA ILE C 11 -6.62 -10.90 -2.94
C ILE C 11 -6.73 -11.63 -4.26
N ARG C 12 -7.86 -11.47 -4.92
CA ARG C 12 -8.08 -12.09 -6.21
C ARG C 12 -7.21 -11.40 -7.25
N GLY C 13 -6.38 -12.16 -7.92
CA GLY C 13 -5.45 -11.60 -8.89
C GLY C 13 -4.00 -11.62 -8.41
N LYS C 14 -3.16 -12.34 -9.14
CA LYS C 14 -1.74 -12.47 -8.82
C LYS C 14 -1.02 -11.12 -8.73
N ARG C 15 -1.08 -10.33 -9.80
CA ARG C 15 -0.37 -9.06 -9.85
C ARG C 15 -0.86 -8.13 -8.75
N LYS C 16 -2.18 -8.10 -8.58
CA LYS C 16 -2.80 -7.34 -7.54
C LYS C 16 -2.20 -7.72 -6.19
N PHE C 17 -2.20 -9.03 -5.94
CA PHE C 17 -1.65 -9.57 -4.71
C PHE C 17 -0.21 -9.15 -4.50
N GLU C 18 0.62 -9.24 -5.55
CA GLU C 18 2.03 -8.88 -5.43
C GLU C 18 2.21 -7.50 -4.81
N LYS C 19 1.35 -6.56 -5.20
CA LYS C 19 1.39 -5.20 -4.69
C LYS C 19 1.05 -5.18 -3.19
N VAL C 20 -0.12 -5.71 -2.87
CA VAL C 20 -0.59 -5.80 -1.48
C VAL C 20 0.37 -6.62 -0.60
N LYS C 21 0.75 -7.79 -1.09
CA LYS C 21 1.67 -8.68 -0.38
C LYS C 21 2.99 -7.99 -0.08
N GLU C 22 3.46 -7.14 -0.99
CA GLU C 22 4.70 -6.43 -0.78
C GLU C 22 4.46 -5.31 0.22
N TYR C 23 3.20 -4.92 0.37
CA TYR C 23 2.81 -3.92 1.36
C TYR C 23 2.70 -4.57 2.73
N LYS C 24 2.11 -5.77 2.78
CA LYS C 24 1.98 -6.47 4.05
C LYS C 24 3.36 -6.87 4.57
N GLU C 25 4.25 -7.25 3.65
CA GLU C 25 5.63 -7.58 3.99
C GLU C 25 6.32 -6.35 4.55
N ALA C 26 6.10 -5.24 3.87
CA ALA C 26 6.65 -3.97 4.27
C ALA C 26 6.09 -3.55 5.64
N LEU C 27 4.79 -3.75 5.83
CA LEU C 27 4.15 -3.43 7.10
C LEU C 27 4.65 -4.34 8.21
N ASP C 28 4.79 -5.63 7.90
CA ASP C 28 5.29 -6.62 8.86
C ASP C 28 6.70 -6.25 9.28
N LEU C 29 7.49 -5.76 8.32
CA LEU C 29 8.85 -5.34 8.58
C LEU C 29 8.86 -4.02 9.38
N LEU C 30 7.94 -3.12 9.06
CA LEU C 30 7.80 -1.85 9.80
C LEU C 30 7.58 -2.13 11.28
N ASP C 31 6.78 -3.14 11.55
CA ASP C 31 6.45 -3.54 12.92
C ASP C 31 7.43 -4.60 13.41
N TYR C 32 8.60 -4.67 12.77
CA TYR C 32 9.56 -5.70 13.15
C TYR C 32 10.90 -5.10 13.55
N VAL C 33 11.60 -4.50 12.58
CA VAL C 33 12.93 -4.00 12.84
C VAL C 33 12.93 -2.82 13.79
N GLN C 34 14.08 -2.62 14.44
CA GLN C 34 14.23 -1.59 15.47
C GLN C 34 13.86 -0.22 14.93
N PRO C 35 13.27 0.64 15.79
CA PRO C 35 12.89 1.99 15.41
C PRO C 35 14.09 2.81 15.00
N ASP C 36 15.26 2.40 15.48
CA ASP C 36 16.49 3.09 15.17
C ASP C 36 16.93 2.81 13.74
N VAL C 37 16.60 1.62 13.23
CA VAL C 37 16.93 1.30 11.85
C VAL C 37 16.07 2.15 10.94
N LYS C 38 14.91 2.57 11.45
CA LYS C 38 14.00 3.40 10.69
C LYS C 38 14.56 4.80 10.58
N LYS C 39 15.25 5.22 11.64
CA LYS C 39 15.94 6.52 11.64
C LYS C 39 17.07 6.46 10.63
N ALA C 40 17.86 5.40 10.74
CA ALA C 40 18.98 5.18 9.84
C ALA C 40 18.51 4.94 8.42
N CYS C 41 17.36 4.28 8.28
CA CYS C 41 16.76 4.04 6.98
C CYS C 41 16.31 5.36 6.38
N CYS C 42 15.71 6.19 7.23
CA CYS C 42 15.25 7.50 6.83
C CYS C 42 16.38 8.28 6.15
N GLN C 43 17.59 8.14 6.67
CA GLN C 43 18.74 8.83 6.09
C GLN C 43 19.54 7.92 5.14
N ARG C 44 19.05 6.70 4.93
CA ARG C 44 19.72 5.76 4.05
C ARG C 44 19.07 5.80 2.68
N ASN C 45 17.77 5.59 2.66
CA ASN C 45 17.03 5.53 1.40
C ASN C 45 15.68 6.23 1.48
N GLN C 46 15.42 6.94 2.56
CA GLN C 46 14.14 7.60 2.71
C GLN C 46 14.31 9.09 2.46
N ILE C 47 13.21 9.84 2.52
CA ILE C 47 13.24 11.26 2.26
C ILE C 47 12.39 12.00 3.27
N SER D 1 -4.49 -13.36 -17.10
CA SER D 1 -5.16 -14.25 -16.13
C SER D 1 -4.58 -14.05 -14.74
N ASP D 2 -4.29 -12.81 -14.40
CA ASP D 2 -3.69 -12.49 -13.11
C ASP D 2 -4.59 -11.57 -12.30
N GLY D 3 -5.89 -11.67 -12.52
CA GLY D 3 -6.83 -10.82 -11.80
C GLY D 3 -7.90 -11.62 -11.08
N ASP D 4 -7.87 -12.93 -11.24
CA ASP D 4 -8.89 -13.78 -10.61
C ASP D 4 -8.28 -14.82 -9.69
N VAL D 5 -6.96 -14.85 -9.60
CA VAL D 5 -6.28 -15.84 -8.80
C VAL D 5 -6.36 -15.48 -7.32
N VAL D 6 -7.17 -16.22 -6.57
CA VAL D 6 -7.36 -15.95 -5.15
C VAL D 6 -6.06 -16.13 -4.38
N TYR D 7 -5.43 -15.02 -4.06
CA TYR D 7 -4.18 -15.03 -3.33
C TYR D 7 -4.38 -14.48 -1.94
N THR D 8 -4.55 -15.40 -1.01
CA THR D 8 -4.76 -15.08 0.40
C THR D 8 -3.54 -14.42 1.01
N LEU D 9 -3.78 -13.36 1.77
CA LEU D 9 -2.72 -12.64 2.42
C LEU D 9 -3.04 -12.52 3.90
N ASN D 10 -2.64 -13.51 4.69
CA ASN D 10 -2.90 -13.50 6.12
C ASN D 10 -2.05 -12.42 6.77
N ILE D 11 -2.67 -11.31 7.11
CA ILE D 11 -1.99 -10.18 7.70
C ILE D 11 -2.16 -10.17 9.20
N ARG D 12 -1.15 -10.62 9.92
CA ARG D 12 -1.20 -10.58 11.37
C ARG D 12 -1.11 -9.14 11.84
N GLY D 13 -2.05 -8.73 12.68
CA GLY D 13 -2.08 -7.36 13.14
C GLY D 13 -3.22 -6.57 12.55
N LYS D 14 -4.17 -6.15 13.40
CA LYS D 14 -5.33 -5.39 12.96
C LYS D 14 -4.93 -4.12 12.22
N ARG D 15 -4.15 -3.25 12.86
CA ARG D 15 -3.77 -1.96 12.28
C ARG D 15 -3.07 -2.19 10.96
N LYS D 16 -2.21 -3.18 10.95
CA LYS D 16 -1.48 -3.55 9.78
C LYS D 16 -2.45 -3.87 8.64
N PHE D 17 -3.37 -4.80 8.91
CA PHE D 17 -4.37 -5.21 7.94
C PHE D 17 -5.17 -4.03 7.42
N GLU D 18 -5.57 -3.13 8.31
CA GLU D 18 -6.37 -1.96 7.94
C GLU D 18 -5.71 -1.22 6.79
N LYS D 19 -4.38 -1.14 6.83
CA LYS D 19 -3.62 -0.47 5.78
C LYS D 19 -3.64 -1.29 4.49
N VAL D 20 -3.15 -2.52 4.57
CA VAL D 20 -3.09 -3.42 3.41
C VAL D 20 -4.47 -3.68 2.80
N LYS D 21 -5.46 -3.99 3.63
CA LYS D 21 -6.82 -4.20 3.16
C LYS D 21 -7.32 -3.00 2.38
N GLU D 22 -6.93 -1.81 2.81
CA GLU D 22 -7.32 -0.60 2.11
C GLU D 22 -6.64 -0.58 0.73
N TYR D 23 -5.44 -1.16 0.68
CA TYR D 23 -4.69 -1.24 -0.57
C TYR D 23 -5.31 -2.24 -1.52
N LYS D 24 -5.69 -3.40 -0.98
CA LYS D 24 -6.27 -4.44 -1.81
C LYS D 24 -7.60 -3.96 -2.41
N GLU D 25 -8.40 -3.27 -1.60
CA GLU D 25 -9.66 -2.71 -2.07
C GLU D 25 -9.40 -1.66 -3.13
N ALA D 26 -8.42 -0.82 -2.85
CA ALA D 26 -8.01 0.22 -3.76
C ALA D 26 -7.52 -0.36 -5.09
N LEU D 27 -6.75 -1.45 -5.03
CA LEU D 27 -6.28 -2.14 -6.24
C LEU D 27 -7.45 -2.75 -6.99
N ASP D 28 -8.37 -3.35 -6.25
CA ASP D 28 -9.56 -3.96 -6.84
C ASP D 28 -10.39 -2.91 -7.54
N LEU D 29 -10.46 -1.73 -6.92
CA LEU D 29 -11.20 -0.60 -7.47
C LEU D 29 -10.47 -0.02 -8.68
N LEU D 30 -9.13 0.01 -8.63
CA LEU D 30 -8.33 0.52 -9.76
C LEU D 30 -8.61 -0.29 -11.01
N ASP D 31 -8.78 -1.59 -10.83
CA ASP D 31 -9.07 -2.50 -11.93
C ASP D 31 -10.57 -2.68 -12.09
N TYR D 32 -11.35 -1.79 -11.49
CA TYR D 32 -12.78 -1.94 -11.53
C TYR D 32 -13.46 -0.79 -12.24
N VAL D 33 -13.31 0.42 -11.72
CA VAL D 33 -13.99 1.56 -12.30
C VAL D 33 -13.36 1.98 -13.61
N GLN D 34 -14.19 2.58 -14.47
CA GLN D 34 -13.79 2.98 -15.82
C GLN D 34 -12.53 3.85 -15.80
N PRO D 35 -11.70 3.73 -16.84
CA PRO D 35 -10.46 4.52 -16.96
C PRO D 35 -10.75 6.01 -16.96
N ASP D 36 -11.93 6.36 -17.43
CA ASP D 36 -12.35 7.75 -17.48
C ASP D 36 -12.56 8.32 -16.10
N VAL D 37 -12.91 7.46 -15.15
CA VAL D 37 -13.10 7.93 -13.79
C VAL D 37 -11.75 8.27 -13.20
N LYS D 38 -10.70 7.60 -13.68
CA LYS D 38 -9.35 7.86 -13.21
C LYS D 38 -8.88 9.20 -13.74
N LYS D 39 -9.32 9.52 -14.96
CA LYS D 39 -9.02 10.82 -15.56
C LYS D 39 -9.66 11.92 -14.73
N ALA D 40 -10.95 11.74 -14.47
CA ALA D 40 -11.71 12.69 -13.67
C ALA D 40 -11.26 12.67 -12.22
N CYS D 41 -10.85 11.51 -11.72
CA CYS D 41 -10.33 11.41 -10.37
C CYS D 41 -9.01 12.14 -10.28
N CYS D 42 -8.19 11.96 -11.31
CA CYS D 42 -6.92 12.64 -11.41
C CYS D 42 -7.10 14.14 -11.19
N GLN D 43 -8.22 14.68 -11.65
CA GLN D 43 -8.50 16.10 -11.48
C GLN D 43 -9.57 16.36 -10.41
N ARG D 44 -9.94 15.33 -9.65
CA ARG D 44 -10.94 15.48 -8.60
C ARG D 44 -10.27 15.57 -7.24
N ASN D 45 -9.43 14.59 -6.94
CA ASN D 45 -8.73 14.55 -5.66
C ASN D 45 -7.31 14.04 -5.79
N GLN D 46 -6.81 13.97 -7.02
CA GLN D 46 -5.49 13.43 -7.24
C GLN D 46 -4.49 14.53 -7.57
N ILE D 47 -3.23 14.18 -7.51
CA ILE D 47 -2.15 15.11 -7.80
C ILE D 47 -1.04 14.37 -8.52
N SER A 1 19.96 0.34 -8.32
CA SER A 1 19.61 1.29 -9.39
C SER A 1 18.44 2.18 -8.97
N ASP A 2 17.28 1.56 -8.87
CA ASP A 2 16.04 2.28 -8.59
C ASP A 2 15.72 2.29 -7.10
N GLY A 3 16.61 2.83 -6.30
CA GLY A 3 16.36 2.90 -4.87
C GLY A 3 16.66 4.25 -4.29
N ASP A 4 17.23 5.14 -5.11
CA ASP A 4 17.56 6.48 -4.64
C ASP A 4 17.01 7.56 -5.57
N VAL A 5 16.12 7.17 -6.46
CA VAL A 5 15.52 8.12 -7.39
C VAL A 5 14.32 8.78 -6.72
N VAL A 6 14.52 10.03 -6.28
CA VAL A 6 13.46 10.76 -5.58
C VAL A 6 12.22 10.95 -6.43
N TYR A 7 11.19 10.19 -6.12
CA TYR A 7 9.92 10.28 -6.82
C TYR A 7 8.84 10.80 -5.88
N THR A 8 8.56 12.09 -6.00
CA THR A 8 7.58 12.77 -5.19
C THR A 8 6.17 12.28 -5.50
N LEU A 9 5.38 12.05 -4.45
CA LEU A 9 4.01 11.60 -4.60
C LEU A 9 3.08 12.51 -3.80
N ASN A 10 2.58 13.56 -4.44
CA ASN A 10 1.67 14.49 -3.77
C ASN A 10 0.33 13.83 -3.55
N ILE A 11 0.06 13.48 -2.30
CA ILE A 11 -1.16 12.80 -1.96
C ILE A 11 -2.14 13.76 -1.31
N ARG A 12 -3.09 14.26 -2.09
CA ARG A 12 -4.09 15.16 -1.56
C ARG A 12 -5.02 14.40 -0.62
N GLY A 13 -5.18 14.92 0.59
CA GLY A 13 -6.00 14.26 1.58
C GLY A 13 -5.17 13.60 2.67
N LYS A 14 -5.41 14.02 3.91
CA LYS A 14 -4.66 13.50 5.05
C LYS A 14 -4.82 11.99 5.22
N ARG A 15 -6.07 11.54 5.30
CA ARG A 15 -6.35 10.11 5.51
C ARG A 15 -5.64 9.29 4.47
N LYS A 16 -5.81 9.71 3.22
CA LYS A 16 -5.20 9.06 2.09
C LYS A 16 -3.71 8.91 2.30
N PHE A 17 -3.05 10.03 2.57
CA PHE A 17 -1.62 10.06 2.80
C PHE A 17 -1.19 9.11 3.91
N GLU A 18 -1.96 9.09 5.00
CA GLU A 18 -1.63 8.23 6.15
C GLU A 18 -1.40 6.79 5.68
N LYS A 19 -2.25 6.33 4.77
CA LYS A 19 -2.12 4.98 4.24
C LYS A 19 -0.84 4.83 3.39
N VAL A 20 -0.77 5.64 2.34
CA VAL A 20 0.37 5.59 1.40
C VAL A 20 1.72 5.86 2.08
N LYS A 21 1.78 6.88 2.93
CA LYS A 21 2.99 7.20 3.66
C LYS A 21 3.45 5.99 4.47
N GLU A 22 2.50 5.27 5.03
CA GLU A 22 2.83 4.08 5.79
C GLU A 22 3.42 3.02 4.84
N TYR A 23 2.98 3.06 3.59
CA TYR A 23 3.48 2.14 2.57
C TYR A 23 4.89 2.51 2.15
N LYS A 24 5.12 3.80 1.94
CA LYS A 24 6.43 4.25 1.48
C LYS A 24 7.48 3.98 2.54
N GLU A 25 7.13 4.21 3.81
CA GLU A 25 8.05 3.96 4.91
C GLU A 25 8.33 2.47 5.00
N ALA A 26 7.27 1.69 4.86
CA ALA A 26 7.36 0.26 4.88
C ALA A 26 8.23 -0.26 3.73
N LEU A 27 8.09 0.34 2.56
CA LEU A 27 8.89 -0.03 1.39
C LEU A 27 10.35 0.39 1.59
N ASP A 28 10.54 1.62 2.06
CA ASP A 28 11.87 2.14 2.31
C ASP A 28 12.59 1.23 3.31
N LEU A 29 11.82 0.72 4.26
CA LEU A 29 12.32 -0.21 5.25
C LEU A 29 12.57 -1.58 4.63
N LEU A 30 11.66 -2.02 3.75
CA LEU A 30 11.80 -3.31 3.04
C LEU A 30 13.13 -3.37 2.30
N ASP A 31 13.46 -2.27 1.63
CA ASP A 31 14.69 -2.20 0.87
C ASP A 31 15.82 -1.58 1.70
N TYR A 32 15.75 -1.75 3.02
CA TYR A 32 16.77 -1.21 3.91
C TYR A 32 17.35 -2.28 4.82
N VAL A 33 16.52 -2.86 5.69
CA VAL A 33 17.00 -3.84 6.63
C VAL A 33 17.47 -5.11 5.93
N GLN A 34 18.29 -5.88 6.64
CA GLN A 34 18.90 -7.08 6.07
C GLN A 34 17.85 -8.04 5.53
N PRO A 35 18.19 -8.75 4.44
CA PRO A 35 17.28 -9.71 3.81
C PRO A 35 16.87 -10.82 4.76
N ASP A 36 17.72 -11.10 5.73
CA ASP A 36 17.46 -12.15 6.70
C ASP A 36 16.39 -11.73 7.71
N VAL A 37 16.26 -10.42 7.94
CA VAL A 37 15.25 -9.95 8.86
C VAL A 37 13.86 -10.20 8.29
N LYS A 38 13.77 -10.24 6.96
CA LYS A 38 12.52 -10.51 6.30
C LYS A 38 12.10 -11.95 6.54
N LYS A 39 13.09 -12.83 6.59
CA LYS A 39 12.85 -14.24 6.87
C LYS A 39 12.42 -14.39 8.32
N ALA A 40 13.18 -13.76 9.20
CA ALA A 40 12.88 -13.80 10.62
C ALA A 40 11.55 -13.11 10.91
N CYS A 41 11.27 -12.02 10.21
CA CYS A 41 9.99 -11.33 10.32
C CYS A 41 8.88 -12.23 9.82
N CYS A 42 9.16 -12.87 8.68
CA CYS A 42 8.24 -13.82 8.07
C CYS A 42 7.70 -14.81 9.11
N GLN A 43 8.53 -15.16 10.08
CA GLN A 43 8.12 -16.08 11.13
C GLN A 43 8.02 -15.39 12.50
N ARG A 44 8.15 -14.07 12.53
CA ARG A 44 8.06 -13.33 13.78
C ARG A 44 6.63 -12.86 13.98
N ASN A 45 6.15 -12.07 13.04
CA ASN A 45 4.79 -11.54 13.13
C ASN A 45 4.15 -11.48 11.76
N GLN A 46 4.78 -12.11 10.78
CA GLN A 46 4.29 -12.10 9.42
C GLN A 46 3.61 -13.43 9.14
N ILE A 47 2.83 -13.46 8.07
CA ILE A 47 2.14 -14.65 7.64
C ILE A 47 2.11 -14.67 6.13
N SER B 1 -13.20 12.96 5.20
CA SER B 1 -13.38 14.28 4.56
C SER B 1 -12.03 14.91 4.20
N ASP B 2 -10.96 14.40 4.81
CA ASP B 2 -9.62 14.91 4.53
C ASP B 2 -9.13 14.43 3.18
N GLY B 3 -9.47 15.15 2.12
CA GLY B 3 -9.10 14.72 0.79
C GLY B 3 -8.44 15.79 -0.05
N ASP B 4 -8.22 16.97 0.53
CA ASP B 4 -7.60 18.07 -0.22
C ASP B 4 -6.31 18.55 0.40
N VAL B 5 -5.86 17.90 1.46
CA VAL B 5 -4.64 18.31 2.13
C VAL B 5 -3.45 17.72 1.40
N VAL B 6 -2.83 18.53 0.54
CA VAL B 6 -1.69 18.08 -0.25
C VAL B 6 -0.55 17.60 0.64
N TYR B 7 -0.40 16.29 0.70
CA TYR B 7 0.66 15.67 1.49
C TYR B 7 1.66 14.98 0.58
N THR B 8 2.73 15.71 0.31
CA THR B 8 3.81 15.24 -0.53
C THR B 8 4.53 14.07 0.13
N LEU B 9 4.80 13.04 -0.67
CA LEU B 9 5.48 11.85 -0.19
C LEU B 9 6.64 11.53 -1.12
N ASN B 10 7.80 12.09 -0.84
CA ASN B 10 8.99 11.87 -1.65
C ASN B 10 9.50 10.45 -1.46
N ILE B 11 9.32 9.63 -2.47
CA ILE B 11 9.70 8.24 -2.41
C ILE B 11 10.99 8.00 -3.20
N ARG B 12 12.09 7.84 -2.48
CA ARG B 12 13.35 7.56 -3.15
C ARG B 12 13.36 6.15 -3.68
N GLY B 13 13.66 6.00 -4.96
CA GLY B 13 13.63 4.70 -5.60
C GLY B 13 12.42 4.53 -6.51
N LYS B 14 12.68 4.27 -7.79
CA LYS B 14 11.61 4.13 -8.79
C LYS B 14 10.66 2.97 -8.48
N ARG B 15 11.21 1.78 -8.31
CA ARG B 15 10.40 0.59 -8.09
C ARG B 15 9.53 0.77 -6.84
N LYS B 16 10.16 1.34 -5.82
CA LYS B 16 9.49 1.65 -4.58
C LYS B 16 8.30 2.56 -4.84
N PHE B 17 8.57 3.68 -5.51
CA PHE B 17 7.54 4.65 -5.86
C PHE B 17 6.41 4.00 -6.63
N GLU B 18 6.74 3.18 -7.63
CA GLU B 18 5.73 2.51 -8.45
C GLU B 18 4.69 1.83 -7.58
N LYS B 19 5.14 1.18 -6.51
CA LYS B 19 4.25 0.50 -5.58
C LYS B 19 3.35 1.51 -4.86
N VAL B 20 3.98 2.46 -4.17
CA VAL B 20 3.27 3.51 -3.43
C VAL B 20 2.36 4.35 -4.35
N LYS B 21 2.93 4.81 -5.46
CA LYS B 21 2.22 5.60 -6.44
C LYS B 21 0.92 4.93 -6.87
N GLU B 22 0.97 3.64 -7.16
CA GLU B 22 -0.25 2.96 -7.58
C GLU B 22 -1.19 2.79 -6.39
N TYR B 23 -0.63 2.86 -5.19
CA TYR B 23 -1.44 2.81 -3.97
C TYR B 23 -2.17 4.13 -3.80
N LYS B 24 -1.48 5.24 -4.05
CA LYS B 24 -2.11 6.55 -3.95
C LYS B 24 -3.19 6.67 -5.01
N GLU B 25 -2.93 6.12 -6.20
CA GLU B 25 -3.94 6.10 -7.27
C GLU B 25 -5.16 5.34 -6.79
N ALA B 26 -4.90 4.18 -6.23
CA ALA B 26 -5.93 3.30 -5.73
C ALA B 26 -6.73 3.97 -4.61
N LEU B 27 -6.04 4.69 -3.74
CA LEU B 27 -6.70 5.41 -2.65
C LEU B 27 -7.52 6.57 -3.20
N ASP B 28 -6.94 7.30 -4.13
CA ASP B 28 -7.63 8.42 -4.76
C ASP B 28 -8.88 7.91 -5.47
N LEU B 29 -8.78 6.70 -6.02
CA LEU B 29 -9.89 6.04 -6.69
C LEU B 29 -10.92 5.55 -5.69
N LEU B 30 -10.45 5.01 -4.56
CA LEU B 30 -11.36 4.54 -3.49
C LEU B 30 -12.32 5.64 -3.08
N ASP B 31 -11.78 6.84 -2.93
CA ASP B 31 -12.56 7.99 -2.52
C ASP B 31 -13.09 8.75 -3.73
N TYR B 32 -13.11 8.10 -4.90
CA TYR B 32 -13.56 8.77 -6.10
C TYR B 32 -14.82 8.11 -6.66
N VAL B 33 -14.70 6.85 -7.06
CA VAL B 33 -15.83 6.17 -7.65
C VAL B 33 -16.88 5.87 -6.60
N GLN B 34 -18.13 5.74 -7.06
CA GLN B 34 -19.27 5.56 -6.18
C GLN B 34 -19.05 4.41 -5.20
N PRO B 35 -19.50 4.57 -3.95
CA PRO B 35 -19.37 3.53 -2.93
C PRO B 35 -20.09 2.26 -3.35
N ASP B 36 -21.05 2.42 -4.24
CA ASP B 36 -21.82 1.31 -4.75
C ASP B 36 -20.98 0.45 -5.69
N VAL B 37 -19.98 1.04 -6.34
CA VAL B 37 -19.11 0.26 -7.20
C VAL B 37 -18.19 -0.59 -6.35
N LYS B 38 -18.01 -0.20 -5.09
CA LYS B 38 -17.19 -0.98 -4.18
C LYS B 38 -17.93 -2.24 -3.82
N LYS B 39 -19.25 -2.16 -3.86
CA LYS B 39 -20.11 -3.30 -3.63
C LYS B 39 -20.09 -4.20 -4.86
N ALA B 40 -20.21 -3.56 -6.02
CA ALA B 40 -20.18 -4.27 -7.29
C ALA B 40 -18.80 -4.87 -7.54
N CYS B 41 -17.76 -4.12 -7.21
CA CYS B 41 -16.39 -4.60 -7.31
C CYS B 41 -16.21 -5.76 -6.35
N CYS B 42 -16.78 -5.61 -5.16
CA CYS B 42 -16.76 -6.66 -4.15
C CYS B 42 -17.22 -7.99 -4.74
N GLN B 43 -18.21 -7.94 -5.63
CA GLN B 43 -18.70 -9.15 -6.27
C GLN B 43 -18.22 -9.27 -7.71
N ARG B 44 -17.27 -8.43 -8.09
CA ARG B 44 -16.70 -8.47 -9.43
C ARG B 44 -15.37 -9.18 -9.38
N ASN B 45 -14.47 -8.67 -8.57
CA ASN B 45 -13.14 -9.25 -8.45
C ASN B 45 -12.56 -9.13 -7.05
N GLN B 46 -13.41 -8.87 -6.06
CA GLN B 46 -12.90 -8.70 -4.71
C GLN B 46 -13.24 -9.89 -3.84
N ILE B 47 -12.56 -9.96 -2.71
CA ILE B 47 -12.79 -10.98 -1.72
C ILE B 47 -12.60 -10.37 -0.34
N SER C 1 -0.78 -3.52 20.43
CA SER C 1 -1.69 -4.61 20.83
C SER C 1 -2.16 -5.41 19.62
N ASP C 2 -2.64 -4.70 18.60
CA ASP C 2 -3.13 -5.33 17.38
C ASP C 2 -2.01 -5.52 16.37
N GLY C 3 -1.09 -6.42 16.67
CA GLY C 3 0.00 -6.68 15.74
C GLY C 3 0.21 -8.15 15.47
N ASP C 4 -0.58 -9.00 16.12
CA ASP C 4 -0.45 -10.44 15.94
C ASP C 4 -1.82 -11.08 15.74
N VAL C 5 -2.81 -10.28 15.37
CA VAL C 5 -4.14 -10.78 15.10
C VAL C 5 -4.24 -11.15 13.63
N VAL C 6 -4.20 -12.45 13.35
CA VAL C 6 -4.22 -12.95 11.97
C VAL C 6 -5.47 -12.48 11.20
N TYR C 7 -5.25 -11.53 10.32
CA TYR C 7 -6.31 -10.99 9.48
C TYR C 7 -6.05 -11.36 8.02
N THR C 8 -6.75 -12.38 7.58
CA THR C 8 -6.65 -12.88 6.22
C THR C 8 -7.22 -11.88 5.22
N LEU C 9 -6.50 -11.68 4.12
CA LEU C 9 -6.92 -10.78 3.07
C LEU C 9 -6.86 -11.49 1.72
N ASN C 10 -7.98 -12.09 1.32
CA ASN C 10 -8.04 -12.81 0.05
C ASN C 10 -8.03 -11.80 -1.09
N ILE C 11 -6.89 -11.69 -1.75
CA ILE C 11 -6.75 -10.74 -2.84
C ILE C 11 -6.88 -11.43 -4.17
N ARG C 12 -8.04 -11.27 -4.80
CA ARG C 12 -8.27 -11.88 -6.09
C ARG C 12 -7.50 -11.09 -7.16
N GLY C 13 -6.64 -11.80 -7.89
CA GLY C 13 -5.77 -11.15 -8.85
C GLY C 13 -4.31 -11.18 -8.44
N LYS C 14 -3.49 -11.88 -9.22
CA LYS C 14 -2.06 -12.00 -8.91
C LYS C 14 -1.37 -10.64 -8.85
N ARG C 15 -1.48 -9.86 -9.94
CA ARG C 15 -0.85 -8.53 -10.00
C ARG C 15 -1.25 -7.73 -8.79
N LYS C 16 -2.55 -7.75 -8.52
CA LYS C 16 -3.13 -7.05 -7.40
C LYS C 16 -2.45 -7.47 -6.10
N PHE C 17 -2.44 -8.78 -5.86
CA PHE C 17 -1.82 -9.35 -4.68
C PHE C 17 -0.36 -8.93 -4.53
N GLU C 18 0.39 -8.98 -5.62
CA GLU C 18 1.81 -8.66 -5.59
C GLU C 18 2.03 -7.26 -5.02
N LYS C 19 1.10 -6.35 -5.28
CA LYS C 19 1.16 -5.00 -4.76
C LYS C 19 0.89 -5.02 -3.24
N VAL C 20 -0.26 -5.58 -2.87
CA VAL C 20 -0.67 -5.68 -1.45
C VAL C 20 0.34 -6.46 -0.62
N LYS C 21 0.71 -7.65 -1.07
CA LYS C 21 1.68 -8.47 -0.37
C LYS C 21 3.00 -7.72 -0.16
N GLU C 22 3.36 -6.90 -1.14
CA GLU C 22 4.57 -6.09 -1.02
C GLU C 22 4.39 -5.10 0.13
N TYR C 23 3.14 -4.68 0.31
CA TYR C 23 2.79 -3.75 1.37
C TYR C 23 2.71 -4.47 2.71
N LYS C 24 2.14 -5.66 2.73
CA LYS C 24 2.02 -6.42 3.97
C LYS C 24 3.41 -6.80 4.49
N GLU C 25 4.30 -7.21 3.59
CA GLU C 25 5.68 -7.53 3.98
C GLU C 25 6.33 -6.31 4.58
N ALA C 26 6.08 -5.19 3.92
CA ALA C 26 6.60 -3.90 4.33
C ALA C 26 6.04 -3.50 5.69
N LEU C 27 4.74 -3.70 5.90
CA LEU C 27 4.10 -3.38 7.16
C LEU C 27 4.63 -4.28 8.27
N ASP C 28 4.69 -5.57 7.97
CA ASP C 28 5.20 -6.55 8.93
C ASP C 28 6.64 -6.22 9.30
N LEU C 29 7.38 -5.70 8.32
CA LEU C 29 8.76 -5.28 8.52
C LEU C 29 8.83 -4.00 9.34
N LEU C 30 7.91 -3.06 9.07
CA LEU C 30 7.85 -1.80 9.82
C LEU C 30 7.73 -2.07 11.31
N ASP C 31 6.87 -3.02 11.65
CA ASP C 31 6.64 -3.38 13.03
C ASP C 31 7.52 -4.56 13.45
N TYR C 32 8.66 -4.70 12.79
CA TYR C 32 9.59 -5.77 13.12
C TYR C 32 10.97 -5.23 13.42
N VAL C 33 11.58 -4.50 12.49
CA VAL C 33 12.91 -3.99 12.70
C VAL C 33 12.89 -2.81 13.66
N GLN C 34 14.01 -2.57 14.31
CA GLN C 34 14.13 -1.55 15.34
C GLN C 34 13.78 -0.17 14.82
N PRO C 35 13.19 0.69 15.67
CA PRO C 35 12.83 2.06 15.29
C PRO C 35 14.05 2.86 14.83
N ASP C 36 15.21 2.48 15.35
CA ASP C 36 16.46 3.13 14.98
C ASP C 36 16.83 2.86 13.55
N VAL C 37 16.42 1.70 13.02
CA VAL C 37 16.71 1.39 11.64
C VAL C 37 15.85 2.27 10.75
N LYS C 38 14.71 2.72 11.28
CA LYS C 38 13.84 3.61 10.53
C LYS C 38 14.49 4.99 10.47
N LYS C 39 15.14 5.36 11.56
CA LYS C 39 15.88 6.61 11.62
C LYS C 39 17.03 6.54 10.64
N ALA C 40 17.76 5.43 10.72
CA ALA C 40 18.90 5.21 9.84
C ALA C 40 18.46 5.02 8.40
N CYS C 41 17.32 4.35 8.19
CA CYS C 41 16.76 4.17 6.86
C CYS C 41 16.39 5.53 6.28
N CYS C 42 15.78 6.34 7.15
CA CYS C 42 15.40 7.69 6.79
C CYS C 42 16.58 8.44 6.18
N GLN C 43 17.75 8.24 6.76
CA GLN C 43 18.96 8.90 6.28
C GLN C 43 19.78 7.98 5.38
N ARG C 44 19.21 6.84 5.02
CA ARG C 44 19.86 5.91 4.11
C ARG C 44 19.30 6.09 2.72
N ASN C 45 17.98 5.96 2.60
CA ASN C 45 17.33 6.10 1.30
C ASN C 45 15.89 6.56 1.41
N GLN C 46 15.54 7.20 2.53
CA GLN C 46 14.16 7.65 2.70
C GLN C 46 14.07 9.14 2.47
N ILE C 47 12.84 9.62 2.38
CA ILE C 47 12.60 11.04 2.21
C ILE C 47 11.31 11.40 2.94
N SER D 1 -6.29 -11.44 -17.00
CA SER D 1 -6.20 -12.84 -16.54
C SER D 1 -5.74 -12.93 -15.10
N ASP D 2 -4.76 -12.12 -14.74
CA ASP D 2 -4.20 -12.11 -13.40
C ASP D 2 -4.93 -11.12 -12.49
N GLY D 3 -6.25 -11.04 -12.67
CA GLY D 3 -7.06 -10.15 -11.85
C GLY D 3 -8.11 -10.89 -11.08
N ASP D 4 -8.12 -12.23 -11.19
CA ASP D 4 -9.14 -13.05 -10.54
C ASP D 4 -8.55 -14.27 -9.84
N VAL D 5 -7.26 -14.23 -9.53
CA VAL D 5 -6.61 -15.33 -8.85
C VAL D 5 -6.60 -15.09 -7.35
N VAL D 6 -7.34 -15.90 -6.60
CA VAL D 6 -7.47 -15.72 -5.16
C VAL D 6 -6.15 -15.93 -4.44
N TYR D 7 -5.55 -14.82 -4.04
CA TYR D 7 -4.29 -14.86 -3.31
C TYR D 7 -4.49 -14.37 -1.89
N THR D 8 -4.64 -15.32 -0.99
CA THR D 8 -4.83 -15.06 0.42
C THR D 8 -3.57 -14.44 1.03
N LEU D 9 -3.77 -13.38 1.80
CA LEU D 9 -2.68 -12.68 2.44
C LEU D 9 -2.97 -12.55 3.94
N ASN D 10 -2.49 -13.52 4.70
CA ASN D 10 -2.70 -13.50 6.15
C ASN D 10 -1.86 -12.39 6.78
N ILE D 11 -2.53 -11.36 7.25
CA ILE D 11 -1.85 -10.21 7.84
C ILE D 11 -2.04 -10.18 9.34
N ARG D 12 -1.01 -10.54 10.08
CA ARG D 12 -1.10 -10.49 11.52
C ARG D 12 -1.10 -9.05 12.02
N GLY D 13 -2.06 -8.73 12.88
CA GLY D 13 -2.19 -7.37 13.37
C GLY D 13 -3.31 -6.61 12.69
N LYS D 14 -4.31 -6.20 13.47
CA LYS D 14 -5.45 -5.47 12.92
C LYS D 14 -5.04 -4.18 12.25
N ARG D 15 -4.28 -3.35 12.97
CA ARG D 15 -3.88 -2.04 12.46
C ARG D 15 -3.13 -2.21 11.15
N LYS D 16 -2.24 -3.20 11.13
CA LYS D 16 -1.50 -3.53 9.96
C LYS D 16 -2.44 -3.89 8.82
N PHE D 17 -3.34 -4.83 9.08
CA PHE D 17 -4.34 -5.27 8.11
C PHE D 17 -5.16 -4.10 7.60
N GLU D 18 -5.54 -3.19 8.49
CA GLU D 18 -6.35 -2.02 8.10
C GLU D 18 -5.68 -1.29 6.95
N LYS D 19 -4.37 -1.17 7.02
CA LYS D 19 -3.60 -0.50 5.98
C LYS D 19 -3.65 -1.30 4.66
N VAL D 20 -3.19 -2.55 4.73
CA VAL D 20 -3.16 -3.44 3.56
C VAL D 20 -4.55 -3.71 2.98
N LYS D 21 -5.52 -4.00 3.83
CA LYS D 21 -6.88 -4.25 3.36
C LYS D 21 -7.43 -3.04 2.61
N GLU D 22 -7.05 -1.85 3.04
CA GLU D 22 -7.49 -0.65 2.35
C GLU D 22 -6.75 -0.53 1.02
N TYR D 23 -5.58 -1.17 0.95
CA TYR D 23 -4.78 -1.20 -0.27
C TYR D 23 -5.40 -2.18 -1.25
N LYS D 24 -5.76 -3.36 -0.75
CA LYS D 24 -6.34 -4.38 -1.60
C LYS D 24 -7.67 -3.89 -2.17
N GLU D 25 -8.45 -3.18 -1.33
CA GLU D 25 -9.72 -2.61 -1.78
C GLU D 25 -9.47 -1.57 -2.85
N ALA D 26 -8.48 -0.73 -2.60
CA ALA D 26 -8.09 0.31 -3.52
C ALA D 26 -7.65 -0.28 -4.85
N LEU D 27 -6.89 -1.38 -4.79
CA LEU D 27 -6.42 -2.05 -6.00
C LEU D 27 -7.59 -2.73 -6.71
N ASP D 28 -8.42 -3.40 -5.92
CA ASP D 28 -9.60 -4.07 -6.45
C ASP D 28 -10.50 -3.07 -7.14
N LEU D 29 -10.46 -1.84 -6.68
CA LEU D 29 -11.21 -0.75 -7.27
C LEU D 29 -10.47 -0.19 -8.49
N LEU D 30 -9.15 -0.08 -8.39
CA LEU D 30 -8.32 0.39 -9.52
C LEU D 30 -8.57 -0.44 -10.75
N ASP D 31 -8.49 -1.75 -10.57
CA ASP D 31 -8.67 -2.68 -11.67
C ASP D 31 -10.16 -3.02 -11.86
N TYR D 32 -11.03 -2.10 -11.45
CA TYR D 32 -12.47 -2.32 -11.59
C TYR D 32 -13.13 -1.18 -12.36
N VAL D 33 -13.02 0.05 -11.86
CA VAL D 33 -13.67 1.17 -12.51
C VAL D 33 -12.92 1.56 -13.78
N GLN D 34 -13.65 2.19 -14.70
CA GLN D 34 -13.12 2.55 -16.02
C GLN D 34 -11.85 3.39 -15.93
N PRO D 35 -10.92 3.22 -16.88
CA PRO D 35 -9.66 3.99 -16.92
C PRO D 35 -9.91 5.49 -17.01
N ASP D 36 -11.04 5.86 -17.59
CA ASP D 36 -11.38 7.27 -17.73
C ASP D 36 -11.77 7.89 -16.39
N VAL D 37 -12.25 7.06 -15.46
CA VAL D 37 -12.60 7.57 -14.14
C VAL D 37 -11.31 7.97 -13.42
N LYS D 38 -10.23 7.31 -13.79
CA LYS D 38 -8.92 7.57 -13.20
C LYS D 38 -8.43 8.93 -13.65
N LYS D 39 -8.68 9.24 -14.93
CA LYS D 39 -8.34 10.54 -15.48
C LYS D 39 -9.15 11.61 -14.79
N ALA D 40 -10.45 11.35 -14.69
CA ALA D 40 -11.36 12.26 -14.03
C ALA D 40 -11.06 12.36 -12.54
N CYS D 41 -10.61 11.26 -11.95
CA CYS D 41 -10.21 11.24 -10.55
C CYS D 41 -8.96 12.08 -10.38
N CYS D 42 -8.04 11.88 -11.30
CA CYS D 42 -6.79 12.64 -11.33
C CYS D 42 -7.07 14.14 -11.27
N GLN D 43 -8.15 14.57 -11.90
CA GLN D 43 -8.52 15.97 -11.91
C GLN D 43 -9.67 16.26 -10.93
N ARG D 44 -10.05 15.25 -10.16
CA ARG D 44 -11.13 15.39 -9.19
C ARG D 44 -10.55 15.66 -7.80
N ASN D 45 -9.57 14.87 -7.40
CA ASN D 45 -8.94 15.06 -6.09
C ASN D 45 -7.51 14.50 -6.04
N GLN D 46 -6.92 14.25 -7.20
CA GLN D 46 -5.58 13.68 -7.23
C GLN D 46 -4.56 14.75 -7.58
N ILE D 47 -3.30 14.43 -7.43
CA ILE D 47 -2.22 15.33 -7.74
C ILE D 47 -1.20 14.62 -8.60
N SER A 1 18.91 -1.13 -8.76
CA SER A 1 19.48 0.23 -8.65
C SER A 1 18.37 1.28 -8.47
N ASP A 2 17.12 0.83 -8.51
CA ASP A 2 15.99 1.73 -8.37
C ASP A 2 15.67 1.95 -6.90
N GLY A 3 16.55 2.63 -6.18
CA GLY A 3 16.31 2.83 -4.76
C GLY A 3 16.62 4.23 -4.27
N ASP A 4 17.21 5.07 -5.12
CA ASP A 4 17.54 6.43 -4.72
C ASP A 4 17.01 7.46 -5.71
N VAL A 5 16.11 7.03 -6.59
CA VAL A 5 15.52 7.95 -7.54
C VAL A 5 14.33 8.62 -6.91
N VAL A 6 14.50 9.88 -6.51
CA VAL A 6 13.47 10.64 -5.82
C VAL A 6 12.23 10.80 -6.69
N TYR A 7 11.19 10.04 -6.35
CA TYR A 7 9.94 10.10 -7.05
C TYR A 7 8.86 10.65 -6.14
N THR A 8 8.56 11.92 -6.33
CA THR A 8 7.59 12.64 -5.53
C THR A 8 6.16 12.17 -5.83
N LEU A 9 5.38 11.96 -4.78
CA LEU A 9 4.01 11.51 -4.91
C LEU A 9 3.10 12.43 -4.13
N ASN A 10 2.56 13.46 -4.79
CA ASN A 10 1.66 14.41 -4.13
C ASN A 10 0.33 13.73 -3.85
N ILE A 11 0.10 13.40 -2.60
CA ILE A 11 -1.11 12.74 -2.19
C ILE A 11 -2.07 13.73 -1.55
N ARG A 12 -3.07 14.14 -2.33
CA ARG A 12 -4.06 15.06 -1.82
C ARG A 12 -4.94 14.35 -0.80
N GLY A 13 -5.05 14.92 0.38
CA GLY A 13 -5.80 14.28 1.45
C GLY A 13 -4.88 13.67 2.51
N LYS A 14 -4.93 14.20 3.73
CA LYS A 14 -4.09 13.74 4.83
C LYS A 14 -4.27 12.25 5.14
N ARG A 15 -5.51 11.84 5.36
CA ARG A 15 -5.79 10.45 5.75
C ARG A 15 -5.33 9.50 4.67
N LYS A 16 -5.55 9.90 3.42
CA LYS A 16 -5.09 9.16 2.28
C LYS A 16 -3.57 8.99 2.37
N PHE A 17 -2.88 10.12 2.55
CA PHE A 17 -1.43 10.15 2.67
C PHE A 17 -0.94 9.24 3.79
N GLU A 18 -1.62 9.27 4.94
CA GLU A 18 -1.23 8.46 6.08
C GLU A 18 -1.13 6.98 5.69
N LYS A 19 -2.03 6.54 4.82
CA LYS A 19 -2.02 5.17 4.34
C LYS A 19 -0.79 4.93 3.44
N VAL A 20 -0.68 5.73 2.38
CA VAL A 20 0.44 5.62 1.43
C VAL A 20 1.80 5.85 2.07
N LYS A 21 1.93 6.92 2.86
CA LYS A 21 3.17 7.20 3.56
C LYS A 21 3.59 6.02 4.43
N GLU A 22 2.61 5.33 5.01
CA GLU A 22 2.90 4.16 5.81
C GLU A 22 3.52 3.10 4.91
N TYR A 23 3.01 3.06 3.68
CA TYR A 23 3.50 2.12 2.67
C TYR A 23 4.89 2.50 2.22
N LYS A 24 5.13 3.79 1.99
CA LYS A 24 6.43 4.25 1.53
C LYS A 24 7.49 4.00 2.60
N GLU A 25 7.14 4.26 3.87
CA GLU A 25 8.05 4.00 4.98
C GLU A 25 8.35 2.52 5.05
N ALA A 26 7.28 1.75 4.93
CA ALA A 26 7.37 0.31 4.96
C ALA A 26 8.22 -0.22 3.80
N LEU A 27 8.04 0.36 2.61
CA LEU A 27 8.84 0.00 1.45
C LEU A 27 10.29 0.40 1.65
N ASP A 28 10.49 1.61 2.18
CA ASP A 28 11.83 2.12 2.45
C ASP A 28 12.56 1.20 3.41
N LEU A 29 11.82 0.68 4.38
CA LEU A 29 12.36 -0.24 5.37
C LEU A 29 12.56 -1.63 4.75
N LEU A 30 11.62 -2.05 3.89
CA LEU A 30 11.73 -3.35 3.20
C LEU A 30 13.05 -3.44 2.44
N ASP A 31 13.41 -2.34 1.82
CA ASP A 31 14.64 -2.29 1.03
C ASP A 31 15.77 -1.67 1.85
N TYR A 32 15.71 -1.81 3.17
CA TYR A 32 16.74 -1.25 4.02
C TYR A 32 17.33 -2.30 4.96
N VAL A 33 16.50 -2.88 5.83
CA VAL A 33 16.99 -3.83 6.79
C VAL A 33 17.42 -5.14 6.12
N GLN A 34 18.26 -5.89 6.82
CA GLN A 34 18.83 -7.12 6.27
C GLN A 34 17.74 -8.10 5.85
N PRO A 35 17.98 -8.84 4.76
CA PRO A 35 17.03 -9.83 4.25
C PRO A 35 16.73 -10.90 5.30
N ASP A 36 17.67 -11.10 6.21
CA ASP A 36 17.53 -12.08 7.27
C ASP A 36 16.48 -11.65 8.27
N VAL A 37 16.30 -10.34 8.43
CA VAL A 37 15.31 -9.85 9.35
C VAL A 37 13.93 -10.15 8.80
N LYS A 38 13.83 -10.26 7.47
CA LYS A 38 12.57 -10.57 6.83
C LYS A 38 12.20 -12.01 7.09
N LYS A 39 13.22 -12.86 7.21
CA LYS A 39 13.02 -14.26 7.54
C LYS A 39 12.53 -14.35 8.99
N ALA A 40 13.21 -13.64 9.87
CA ALA A 40 12.84 -13.62 11.28
C ALA A 40 11.51 -12.92 11.49
N CYS A 41 11.27 -11.85 10.72
CA CYS A 41 10.00 -11.14 10.78
C CYS A 41 8.90 -12.04 10.26
N CYS A 42 9.21 -12.76 9.20
CA CYS A 42 8.29 -13.73 8.62
C CYS A 42 7.71 -14.63 9.69
N GLN A 43 8.53 -15.01 10.69
CA GLN A 43 8.04 -15.85 11.77
C GLN A 43 7.85 -15.07 13.08
N ARG A 44 7.98 -13.74 13.02
CA ARG A 44 7.81 -12.91 14.20
C ARG A 44 6.38 -12.42 14.27
N ASN A 45 5.96 -11.74 13.21
CA ASN A 45 4.63 -11.17 13.15
C ASN A 45 4.00 -11.30 11.76
N GLN A 46 4.64 -12.06 10.90
CA GLN A 46 4.17 -12.17 9.53
C GLN A 46 3.51 -13.52 9.28
N ILE A 47 2.83 -13.62 8.16
CA ILE A 47 2.17 -14.84 7.75
C ILE A 47 2.30 -14.95 6.24
N SER B 1 -11.85 16.14 8.08
CA SER B 1 -12.09 16.13 6.63
C SER B 1 -10.78 16.36 5.89
N ASP B 2 -10.11 15.27 5.54
CA ASP B 2 -8.81 15.38 4.91
C ASP B 2 -8.78 14.61 3.60
N GLY B 3 -9.08 15.29 2.51
CA GLY B 3 -9.05 14.65 1.22
C GLY B 3 -8.50 15.55 0.13
N ASP B 4 -8.24 16.82 0.47
CA ASP B 4 -7.71 17.75 -0.53
C ASP B 4 -6.42 18.40 -0.05
N VAL B 5 -5.85 17.89 1.03
CA VAL B 5 -4.62 18.44 1.58
C VAL B 5 -3.42 17.82 0.86
N VAL B 6 -2.75 18.60 0.02
CA VAL B 6 -1.61 18.11 -0.75
C VAL B 6 -0.47 17.65 0.15
N TYR B 7 -0.33 16.34 0.27
CA TYR B 7 0.71 15.74 1.08
C TYR B 7 1.72 15.03 0.18
N THR B 8 2.78 15.75 -0.13
CA THR B 8 3.86 15.24 -0.95
C THR B 8 4.61 14.11 -0.26
N LEU B 9 4.86 13.05 -1.00
CA LEU B 9 5.57 11.90 -0.47
C LEU B 9 6.73 11.56 -1.40
N ASN B 10 7.89 12.15 -1.12
CA ASN B 10 9.09 11.91 -1.93
C ASN B 10 9.57 10.49 -1.69
N ILE B 11 9.34 9.64 -2.67
CA ILE B 11 9.71 8.25 -2.56
C ILE B 11 10.99 7.96 -3.33
N ARG B 12 12.09 7.84 -2.62
CA ARG B 12 13.35 7.54 -3.26
C ARG B 12 13.37 6.08 -3.70
N GLY B 13 13.65 5.86 -4.97
CA GLY B 13 13.61 4.52 -5.50
C GLY B 13 12.44 4.33 -6.44
N LYS B 14 12.75 4.14 -7.72
CA LYS B 14 11.74 3.98 -8.76
C LYS B 14 10.76 2.85 -8.46
N ARG B 15 11.27 1.64 -8.24
CA ARG B 15 10.41 0.48 -8.02
C ARG B 15 9.57 0.67 -6.77
N LYS B 16 10.18 1.25 -5.75
CA LYS B 16 9.50 1.57 -4.52
C LYS B 16 8.31 2.46 -4.82
N PHE B 17 8.59 3.57 -5.50
CA PHE B 17 7.56 4.53 -5.89
C PHE B 17 6.45 3.87 -6.68
N GLU B 18 6.81 3.03 -7.65
CA GLU B 18 5.81 2.36 -8.48
C GLU B 18 4.73 1.70 -7.62
N LYS B 19 5.18 1.07 -6.52
CA LYS B 19 4.25 0.41 -5.60
C LYS B 19 3.34 1.43 -4.91
N VAL B 20 3.95 2.36 -4.19
CA VAL B 20 3.21 3.41 -3.48
C VAL B 20 2.36 4.28 -4.41
N LYS B 21 2.93 4.69 -5.54
CA LYS B 21 2.23 5.50 -6.52
C LYS B 21 0.93 4.86 -6.96
N GLU B 22 0.91 3.55 -7.09
CA GLU B 22 -0.30 2.88 -7.50
C GLU B 22 -1.26 2.79 -6.31
N TYR B 23 -0.69 2.81 -5.10
CA TYR B 23 -1.49 2.80 -3.88
C TYR B 23 -2.20 4.14 -3.72
N LYS B 24 -1.48 5.23 -3.99
CA LYS B 24 -2.08 6.55 -3.87
C LYS B 24 -3.18 6.71 -4.92
N GLU B 25 -2.95 6.18 -6.12
CA GLU B 25 -3.96 6.21 -7.18
C GLU B 25 -5.17 5.43 -6.73
N ALA B 26 -4.92 4.26 -6.19
CA ALA B 26 -5.95 3.40 -5.68
C ALA B 26 -6.74 4.06 -4.55
N LEU B 27 -6.02 4.75 -3.65
CA LEU B 27 -6.66 5.47 -2.55
C LEU B 27 -7.52 6.61 -3.08
N ASP B 28 -6.97 7.35 -4.05
CA ASP B 28 -7.70 8.46 -4.67
C ASP B 28 -8.97 7.94 -5.32
N LEU B 29 -8.87 6.76 -5.89
CA LEU B 29 -9.99 6.11 -6.55
C LEU B 29 -11.00 5.60 -5.52
N LEU B 30 -10.50 5.08 -4.39
CA LEU B 30 -11.38 4.59 -3.32
C LEU B 30 -12.31 5.70 -2.85
N ASP B 31 -11.77 6.89 -2.71
CA ASP B 31 -12.56 8.04 -2.28
C ASP B 31 -13.08 8.82 -3.48
N TYR B 32 -13.23 8.14 -4.61
CA TYR B 32 -13.72 8.79 -5.81
C TYR B 32 -14.97 8.13 -6.33
N VAL B 33 -14.87 6.85 -6.70
CA VAL B 33 -16.02 6.15 -7.24
C VAL B 33 -17.00 5.78 -6.14
N GLN B 34 -18.26 5.70 -6.53
CA GLN B 34 -19.35 5.47 -5.59
C GLN B 34 -19.16 4.19 -4.78
N PRO B 35 -19.62 4.18 -3.51
CA PRO B 35 -19.51 3.01 -2.64
C PRO B 35 -20.20 1.78 -3.22
N ASP B 36 -21.23 1.99 -4.05
CA ASP B 36 -21.91 0.87 -4.71
C ASP B 36 -20.97 0.19 -5.69
N VAL B 37 -20.07 0.96 -6.29
CA VAL B 37 -19.11 0.35 -7.21
C VAL B 37 -18.18 -0.54 -6.41
N LYS B 38 -17.99 -0.18 -5.14
CA LYS B 38 -17.14 -0.99 -4.26
C LYS B 38 -17.86 -2.27 -3.89
N LYS B 39 -19.17 -2.17 -3.71
CA LYS B 39 -20.01 -3.33 -3.43
C LYS B 39 -19.99 -4.25 -4.64
N ALA B 40 -20.23 -3.64 -5.79
CA ALA B 40 -20.23 -4.35 -7.06
C ALA B 40 -18.82 -4.89 -7.37
N CYS B 41 -17.80 -4.12 -7.02
CA CYS B 41 -16.41 -4.54 -7.19
C CYS B 41 -16.15 -5.72 -6.29
N CYS B 42 -16.65 -5.63 -5.06
CA CYS B 42 -16.54 -6.69 -4.08
C CYS B 42 -16.91 -8.04 -4.70
N GLN B 43 -17.93 -8.05 -5.55
CA GLN B 43 -18.34 -9.27 -6.22
C GLN B 43 -17.89 -9.32 -7.69
N ARG B 44 -17.09 -8.36 -8.11
CA ARG B 44 -16.59 -8.34 -9.48
C ARG B 44 -15.23 -8.99 -9.59
N ASN B 45 -14.30 -8.54 -8.76
CA ASN B 45 -12.94 -9.07 -8.78
C ASN B 45 -12.27 -8.90 -7.43
N GLN B 46 -13.09 -8.73 -6.41
CA GLN B 46 -12.58 -8.51 -5.07
C GLN B 46 -12.98 -9.66 -4.18
N ILE B 47 -12.35 -9.76 -3.03
CA ILE B 47 -12.66 -10.81 -2.09
C ILE B 47 -12.57 -10.24 -0.68
N SER C 1 -1.76 -4.16 21.11
CA SER C 1 -1.20 -5.52 20.96
C SER C 1 -1.76 -6.20 19.71
N ASP C 2 -2.40 -5.43 18.84
CA ASP C 2 -2.99 -5.98 17.62
C ASP C 2 -1.94 -6.13 16.52
N GLY C 3 -1.01 -7.04 16.74
CA GLY C 3 0.02 -7.30 15.76
C GLY C 3 0.11 -8.78 15.43
N ASP C 4 -0.73 -9.58 16.07
CA ASP C 4 -0.72 -11.02 15.88
C ASP C 4 -2.11 -11.57 15.59
N VAL C 5 -3.03 -10.69 15.22
CA VAL C 5 -4.37 -11.13 14.87
C VAL C 5 -4.40 -11.47 13.39
N VAL C 6 -4.51 -12.76 13.09
CA VAL C 6 -4.46 -13.23 11.71
C VAL C 6 -5.69 -12.77 10.92
N TYR C 7 -5.47 -11.77 10.08
CA TYR C 7 -6.51 -11.21 9.24
C TYR C 7 -6.22 -11.50 7.78
N THR C 8 -6.85 -12.57 7.30
CA THR C 8 -6.72 -13.02 5.92
C THR C 8 -7.27 -11.98 4.94
N LEU C 9 -6.54 -11.75 3.86
CA LEU C 9 -6.95 -10.81 2.86
C LEU C 9 -6.88 -11.48 1.48
N ASN C 10 -7.98 -12.11 1.07
CA ASN C 10 -8.03 -12.78 -0.23
C ASN C 10 -7.97 -11.73 -1.34
N ILE C 11 -6.83 -11.64 -1.99
CA ILE C 11 -6.63 -10.67 -3.04
C ILE C 11 -6.74 -11.32 -4.41
N ARG C 12 -7.86 -11.10 -5.08
CA ARG C 12 -8.04 -11.64 -6.40
C ARG C 12 -7.19 -10.86 -7.40
N GLY C 13 -6.40 -11.57 -8.19
CA GLY C 13 -5.51 -10.93 -9.11
C GLY C 13 -4.06 -11.01 -8.68
N LYS C 14 -3.25 -11.71 -9.46
CA LYS C 14 -1.84 -11.89 -9.15
C LYS C 14 -1.11 -10.56 -8.99
N ARG C 15 -1.22 -9.72 -10.00
CA ARG C 15 -0.50 -8.44 -10.00
C ARG C 15 -0.94 -7.59 -8.81
N LYS C 16 -2.24 -7.61 -8.56
CA LYS C 16 -2.83 -6.90 -7.46
C LYS C 16 -2.19 -7.35 -6.15
N PHE C 17 -2.19 -8.67 -5.93
CA PHE C 17 -1.61 -9.27 -4.74
C PHE C 17 -0.15 -8.87 -4.57
N GLU C 18 0.62 -8.90 -5.65
CA GLU C 18 2.03 -8.57 -5.59
C GLU C 18 2.23 -7.20 -4.94
N LYS C 19 1.33 -6.28 -5.22
CA LYS C 19 1.38 -4.95 -4.64
C LYS C 19 1.02 -4.99 -3.14
N VAL C 20 -0.18 -5.49 -2.85
CA VAL C 20 -0.64 -5.61 -1.45
C VAL C 20 0.33 -6.41 -0.58
N LYS C 21 0.71 -7.60 -1.05
CA LYS C 21 1.64 -8.45 -0.33
C LYS C 21 2.95 -7.72 -0.03
N GLU C 22 3.40 -6.90 -0.98
CA GLU C 22 4.61 -6.12 -0.77
C GLU C 22 4.37 -5.13 0.38
N TYR C 23 3.11 -4.71 0.52
CA TYR C 23 2.72 -3.77 1.57
C TYR C 23 2.60 -4.49 2.90
N LYS C 24 2.04 -5.70 2.90
CA LYS C 24 1.88 -6.45 4.14
C LYS C 24 3.27 -6.81 4.69
N GLU C 25 4.18 -7.19 3.79
CA GLU C 25 5.55 -7.50 4.18
C GLU C 25 6.21 -6.26 4.74
N ALA C 26 5.96 -5.15 4.08
CA ALA C 26 6.48 -3.86 4.48
C ALA C 26 5.93 -3.44 5.84
N LEU C 27 4.62 -3.61 6.04
CA LEU C 27 3.99 -3.30 7.33
C LEU C 27 4.54 -4.21 8.41
N ASP C 28 4.70 -5.48 8.06
CA ASP C 28 5.23 -6.48 8.98
C ASP C 28 6.66 -6.13 9.36
N LEU C 29 7.40 -5.58 8.41
CA LEU C 29 8.78 -5.16 8.65
C LEU C 29 8.81 -3.88 9.48
N LEU C 30 7.90 -2.94 9.20
CA LEU C 30 7.78 -1.71 9.99
C LEU C 30 7.48 -2.08 11.44
N ASP C 31 6.71 -3.13 11.60
CA ASP C 31 6.29 -3.63 12.89
C ASP C 31 7.30 -4.66 13.41
N TYR C 32 8.56 -4.55 12.94
CA TYR C 32 9.56 -5.51 13.32
C TYR C 32 10.91 -4.87 13.64
N VAL C 33 11.55 -4.23 12.65
CA VAL C 33 12.87 -3.70 12.85
C VAL C 33 12.90 -2.47 13.75
N GLN C 34 14.05 -2.27 14.39
CA GLN C 34 14.26 -1.22 15.37
C GLN C 34 13.94 0.17 14.85
N PRO C 35 13.52 1.09 15.74
CA PRO C 35 13.21 2.47 15.37
C PRO C 35 14.42 3.21 14.83
N ASP C 36 15.61 2.83 15.31
CA ASP C 36 16.84 3.47 14.87
C ASP C 36 17.16 3.09 13.44
N VAL C 37 16.75 1.90 13.00
CA VAL C 37 16.99 1.51 11.62
C VAL C 37 16.12 2.38 10.73
N LYS C 38 14.98 2.82 11.27
CA LYS C 38 14.08 3.70 10.54
C LYS C 38 14.69 5.08 10.43
N LYS C 39 15.41 5.49 11.47
CA LYS C 39 16.12 6.76 11.44
C LYS C 39 17.23 6.69 10.41
N ALA C 40 18.00 5.61 10.51
CA ALA C 40 19.10 5.37 9.59
C ALA C 40 18.58 5.13 8.17
N CYS C 41 17.40 4.53 8.06
CA CYS C 41 16.76 4.32 6.78
C CYS C 41 16.29 5.66 6.24
N CYS C 42 15.71 6.45 7.13
CA CYS C 42 15.26 7.80 6.81
C CYS C 42 16.36 8.57 6.09
N GLN C 43 17.60 8.31 6.48
CA GLN C 43 18.75 8.98 5.87
C GLN C 43 19.54 8.06 4.94
N ARG C 44 19.02 6.85 4.70
CA ARG C 44 19.69 5.91 3.82
C ARG C 44 19.13 6.03 2.42
N ASN C 45 17.85 5.78 2.28
CA ASN C 45 17.20 5.85 0.98
C ASN C 45 15.77 6.34 1.10
N GLN C 46 15.50 7.07 2.16
CA GLN C 46 14.14 7.54 2.42
C GLN C 46 14.09 9.05 2.31
N ILE C 47 12.89 9.56 2.15
CA ILE C 47 12.67 10.99 2.05
C ILE C 47 11.40 11.33 2.80
N SER D 1 -2.60 -10.66 -17.95
CA SER D 1 -3.96 -10.47 -17.41
C SER D 1 -4.18 -11.34 -16.17
N ASP D 2 -4.02 -10.73 -15.01
CA ASP D 2 -4.15 -11.45 -13.74
C ASP D 2 -4.95 -10.61 -12.75
N GLY D 3 -6.27 -10.76 -12.77
CA GLY D 3 -7.10 -9.97 -11.89
C GLY D 3 -8.13 -10.78 -11.13
N ASP D 4 -8.13 -12.09 -11.31
CA ASP D 4 -9.10 -12.95 -10.63
C ASP D 4 -8.45 -14.16 -9.98
N VAL D 5 -7.13 -14.12 -9.85
CA VAL D 5 -6.41 -15.20 -9.22
C VAL D 5 -6.37 -14.96 -7.72
N VAL D 6 -7.18 -15.71 -6.98
CA VAL D 6 -7.30 -15.54 -5.54
C VAL D 6 -5.98 -15.79 -4.82
N TYR D 7 -5.36 -14.72 -4.37
CA TYR D 7 -4.11 -14.79 -3.64
C TYR D 7 -4.33 -14.30 -2.21
N THR D 8 -4.51 -15.27 -1.32
CA THR D 8 -4.75 -15.01 0.10
C THR D 8 -3.53 -14.39 0.77
N LEU D 9 -3.77 -13.36 1.57
CA LEU D 9 -2.70 -12.67 2.27
C LEU D 9 -3.02 -12.61 3.77
N ASN D 10 -2.55 -13.60 4.52
CA ASN D 10 -2.77 -13.63 5.95
C ASN D 10 -1.97 -12.52 6.62
N ILE D 11 -2.65 -11.50 7.08
CA ILE D 11 -1.99 -10.37 7.71
C ILE D 11 -2.18 -10.39 9.21
N ARG D 12 -1.13 -10.76 9.92
CA ARG D 12 -1.17 -10.78 11.36
C ARG D 12 -1.11 -9.35 11.89
N GLY D 13 -2.07 -8.99 12.74
CA GLY D 13 -2.15 -7.64 13.25
C GLY D 13 -3.32 -6.86 12.67
N LYS D 14 -4.26 -6.51 13.54
CA LYS D 14 -5.46 -5.76 13.12
C LYS D 14 -5.13 -4.45 12.42
N ARG D 15 -4.40 -3.57 13.11
CA ARG D 15 -4.04 -2.27 12.56
C ARG D 15 -3.31 -2.44 11.24
N LYS D 16 -2.46 -3.46 11.21
CA LYS D 16 -1.69 -3.78 10.03
C LYS D 16 -2.64 -4.10 8.87
N PHE D 17 -3.53 -5.04 9.10
CA PHE D 17 -4.52 -5.45 8.11
C PHE D 17 -5.33 -4.27 7.61
N GLU D 18 -5.76 -3.40 8.52
CA GLU D 18 -6.58 -2.25 8.16
C GLU D 18 -5.93 -1.45 7.04
N LYS D 19 -4.60 -1.31 7.10
CA LYS D 19 -3.85 -0.58 6.09
C LYS D 19 -3.83 -1.34 4.76
N VAL D 20 -3.33 -2.57 4.80
CA VAL D 20 -3.26 -3.42 3.61
C VAL D 20 -4.63 -3.68 2.98
N LYS D 21 -5.63 -4.00 3.80
CA LYS D 21 -6.98 -4.21 3.31
C LYS D 21 -7.48 -3.01 2.52
N GLU D 22 -7.13 -1.82 2.98
CA GLU D 22 -7.50 -0.62 2.27
C GLU D 22 -6.79 -0.57 0.93
N TYR D 23 -5.57 -1.12 0.88
CA TYR D 23 -4.79 -1.17 -0.33
C TYR D 23 -5.40 -2.16 -1.32
N LYS D 24 -5.77 -3.34 -0.83
CA LYS D 24 -6.33 -4.36 -1.68
C LYS D 24 -7.65 -3.88 -2.28
N GLU D 25 -8.46 -3.20 -1.46
CA GLU D 25 -9.72 -2.64 -1.92
C GLU D 25 -9.47 -1.58 -2.97
N ALA D 26 -8.50 -0.73 -2.68
CA ALA D 26 -8.09 0.33 -3.57
C ALA D 26 -7.62 -0.24 -4.90
N LEU D 27 -6.84 -1.30 -4.84
CA LEU D 27 -6.35 -1.98 -6.05
C LEU D 27 -7.50 -2.63 -6.81
N ASP D 28 -8.37 -3.32 -6.06
CA ASP D 28 -9.55 -3.98 -6.65
C ASP D 28 -10.39 -2.95 -7.38
N LEU D 29 -10.48 -1.76 -6.79
CA LEU D 29 -11.23 -0.67 -7.36
C LEU D 29 -10.51 -0.08 -8.58
N LEU D 30 -9.17 0.00 -8.49
CA LEU D 30 -8.36 0.51 -9.61
C LEU D 30 -8.63 -0.28 -10.88
N ASP D 31 -8.77 -1.59 -10.72
CA ASP D 31 -9.04 -2.46 -11.85
C ASP D 31 -10.53 -2.76 -11.95
N TYR D 32 -11.36 -1.86 -11.45
CA TYR D 32 -12.79 -2.07 -11.50
C TYR D 32 -13.48 -0.94 -12.25
N VAL D 33 -13.36 0.28 -11.76
CA VAL D 33 -14.02 1.39 -12.38
C VAL D 33 -13.33 1.80 -13.68
N GLN D 34 -14.09 2.46 -14.54
CA GLN D 34 -13.60 2.83 -15.87
C GLN D 34 -12.35 3.69 -15.81
N PRO D 35 -11.44 3.54 -16.79
CA PRO D 35 -10.21 4.33 -16.88
C PRO D 35 -10.51 5.84 -16.92
N ASP D 36 -11.70 6.18 -17.40
CA ASP D 36 -12.11 7.57 -17.49
C ASP D 36 -12.37 8.16 -16.11
N VAL D 37 -12.76 7.31 -15.16
CA VAL D 37 -12.98 7.78 -13.82
C VAL D 37 -11.64 8.12 -13.19
N LYS D 38 -10.59 7.44 -13.65
CA LYS D 38 -9.25 7.69 -13.16
C LYS D 38 -8.77 9.03 -13.68
N LYS D 39 -9.14 9.35 -14.92
CA LYS D 39 -8.82 10.64 -15.52
C LYS D 39 -9.50 11.74 -14.71
N ALA D 40 -10.78 11.55 -14.50
CA ALA D 40 -11.58 12.50 -13.74
C ALA D 40 -11.16 12.54 -12.27
N CYS D 41 -10.82 11.39 -11.71
CA CYS D 41 -10.34 11.31 -10.33
C CYS D 41 -9.03 12.07 -10.22
N CYS D 42 -8.17 11.88 -11.22
CA CYS D 42 -6.91 12.59 -11.31
C CYS D 42 -7.12 14.08 -11.10
N GLN D 43 -8.20 14.61 -11.67
CA GLN D 43 -8.53 16.03 -11.55
C GLN D 43 -9.64 16.26 -10.53
N ARG D 44 -9.96 15.26 -9.72
CA ARG D 44 -10.99 15.41 -8.70
C ARG D 44 -10.35 15.63 -7.34
N ASN D 45 -9.47 14.72 -6.95
CA ASN D 45 -8.80 14.81 -5.66
C ASN D 45 -7.43 14.15 -5.69
N GLN D 46 -6.85 14.07 -6.88
CA GLN D 46 -5.58 13.40 -7.05
C GLN D 46 -4.52 14.38 -7.53
N ILE D 47 -3.27 13.97 -7.41
CA ILE D 47 -2.17 14.77 -7.88
C ILE D 47 -1.15 13.85 -8.52
N SER A 1 17.49 -1.42 -10.73
CA SER A 1 18.48 -0.63 -9.97
C SER A 1 17.93 0.75 -9.66
N ASP A 2 16.68 0.80 -9.24
CA ASP A 2 16.02 2.06 -8.94
C ASP A 2 15.54 2.10 -7.48
N GLY A 3 16.41 2.57 -6.60
CA GLY A 3 16.08 2.62 -5.19
C GLY A 3 16.39 3.96 -4.54
N ASP A 4 17.07 4.85 -5.26
CA ASP A 4 17.42 6.16 -4.71
C ASP A 4 17.02 7.28 -5.65
N VAL A 5 16.06 7.00 -6.51
CA VAL A 5 15.57 8.01 -7.44
C VAL A 5 14.36 8.69 -6.84
N VAL A 6 14.52 9.95 -6.44
CA VAL A 6 13.47 10.70 -5.75
C VAL A 6 12.21 10.86 -6.62
N TYR A 7 11.19 10.08 -6.29
CA TYR A 7 9.91 10.13 -6.99
C TYR A 7 8.84 10.69 -6.08
N THR A 8 8.61 11.97 -6.23
CA THR A 8 7.63 12.70 -5.44
C THR A 8 6.21 12.24 -5.77
N LEU A 9 5.42 12.01 -4.72
CA LEU A 9 4.05 11.56 -4.87
C LEU A 9 3.12 12.49 -4.09
N ASN A 10 2.62 13.52 -4.76
CA ASN A 10 1.70 14.48 -4.13
C ASN A 10 0.37 13.79 -3.85
N ILE A 11 0.10 13.50 -2.61
CA ILE A 11 -1.11 12.81 -2.21
C ILE A 11 -2.10 13.75 -1.56
N ARG A 12 -3.10 14.15 -2.32
CA ARG A 12 -4.15 15.00 -1.79
C ARG A 12 -4.98 14.24 -0.77
N GLY A 13 -5.14 14.82 0.42
CA GLY A 13 -5.89 14.15 1.47
C GLY A 13 -4.98 13.57 2.53
N LYS A 14 -5.14 14.05 3.77
CA LYS A 14 -4.32 13.58 4.88
C LYS A 14 -4.47 12.08 5.13
N ARG A 15 -5.70 11.63 5.32
CA ARG A 15 -5.96 10.22 5.61
C ARG A 15 -5.36 9.35 4.52
N LYS A 16 -5.58 9.77 3.29
CA LYS A 16 -5.05 9.08 2.13
C LYS A 16 -3.55 8.97 2.25
N PHE A 17 -2.89 10.12 2.40
CA PHE A 17 -1.44 10.20 2.55
C PHE A 17 -0.93 9.30 3.66
N GLU A 18 -1.60 9.34 4.81
CA GLU A 18 -1.18 8.55 5.97
C GLU A 18 -1.00 7.07 5.60
N LYS A 19 -1.90 6.57 4.77
CA LYS A 19 -1.84 5.17 4.33
C LYS A 19 -0.63 4.94 3.43
N VAL A 20 -0.57 5.70 2.34
CA VAL A 20 0.54 5.60 1.39
C VAL A 20 1.89 5.94 2.02
N LYS A 21 1.94 7.01 2.81
CA LYS A 21 3.17 7.42 3.48
C LYS A 21 3.73 6.31 4.35
N GLU A 22 2.85 5.53 4.96
CA GLU A 22 3.33 4.43 5.77
C GLU A 22 3.79 3.29 4.86
N TYR A 23 3.22 3.23 3.66
CA TYR A 23 3.61 2.23 2.67
C TYR A 23 5.00 2.56 2.13
N LYS A 24 5.25 3.83 1.87
CA LYS A 24 6.54 4.24 1.35
C LYS A 24 7.62 3.99 2.41
N GLU A 25 7.27 4.25 3.68
CA GLU A 25 8.18 4.00 4.78
C GLU A 25 8.43 2.50 4.91
N ALA A 26 7.35 1.74 4.81
CA ALA A 26 7.43 0.30 4.86
C ALA A 26 8.28 -0.25 3.72
N LEU A 27 8.15 0.33 2.53
CA LEU A 27 8.96 -0.05 1.39
C LEU A 27 10.42 0.34 1.59
N ASP A 28 10.61 1.55 2.10
CA ASP A 28 11.96 2.06 2.37
C ASP A 28 12.64 1.18 3.40
N LEU A 29 11.85 0.69 4.35
CA LEU A 29 12.34 -0.21 5.38
C LEU A 29 12.56 -1.62 4.82
N LEU A 30 11.66 -2.07 3.94
CA LEU A 30 11.81 -3.37 3.28
C LEU A 30 13.13 -3.44 2.53
N ASP A 31 13.52 -2.30 1.97
CA ASP A 31 14.76 -2.20 1.22
C ASP A 31 15.89 -1.71 2.13
N TYR A 32 15.67 -1.76 3.44
CA TYR A 32 16.66 -1.25 4.35
C TYR A 32 17.23 -2.33 5.24
N VAL A 33 16.39 -2.88 6.11
CA VAL A 33 16.84 -3.85 7.05
C VAL A 33 17.21 -5.16 6.38
N GLN A 34 18.16 -5.86 6.98
CA GLN A 34 18.72 -7.08 6.40
C GLN A 34 17.65 -8.09 6.04
N PRO A 35 17.86 -8.85 4.96
CA PRO A 35 16.93 -9.88 4.51
C PRO A 35 16.69 -10.93 5.60
N ASP A 36 17.70 -11.10 6.46
CA ASP A 36 17.60 -12.06 7.55
C ASP A 36 16.60 -11.58 8.60
N VAL A 37 16.41 -10.27 8.73
CA VAL A 37 15.43 -9.76 9.66
C VAL A 37 14.05 -10.04 9.11
N LYS A 38 13.95 -10.19 7.79
CA LYS A 38 12.69 -10.51 7.17
C LYS A 38 12.34 -11.96 7.46
N LYS A 39 13.37 -12.79 7.60
CA LYS A 39 13.20 -14.18 7.97
C LYS A 39 12.75 -14.26 9.42
N ALA A 40 13.46 -13.52 10.25
CA ALA A 40 13.13 -13.44 11.67
C ALA A 40 11.77 -12.79 11.88
N CYS A 41 11.49 -11.75 11.09
CA CYS A 41 10.20 -11.08 11.11
C CYS A 41 9.13 -12.06 10.65
N CYS A 42 9.48 -12.82 9.63
CA CYS A 42 8.61 -13.86 9.10
C CYS A 42 8.09 -14.76 10.22
N GLN A 43 8.94 -15.00 11.21
CA GLN A 43 8.54 -15.83 12.34
C GLN A 43 8.35 -14.99 13.61
N ARG A 44 8.27 -13.68 13.45
CA ARG A 44 8.00 -12.78 14.57
C ARG A 44 6.57 -12.30 14.51
N ASN A 45 6.18 -11.78 13.35
CA ASN A 45 4.83 -11.27 13.17
C ASN A 45 4.32 -11.42 11.74
N GLN A 46 5.02 -12.16 10.90
CA GLN A 46 4.62 -12.25 9.51
C GLN A 46 3.92 -13.56 9.21
N ILE A 47 3.23 -13.58 8.10
CA ILE A 47 2.56 -14.77 7.62
C ILE A 47 2.69 -14.81 6.12
N SER B 1 -12.09 16.53 6.52
CA SER B 1 -11.67 17.43 5.43
C SER B 1 -10.30 16.99 4.92
N ASP B 2 -9.99 15.72 5.10
CA ASP B 2 -8.69 15.17 4.80
C ASP B 2 -8.66 14.48 3.45
N GLY B 3 -9.16 15.14 2.42
CA GLY B 3 -9.16 14.54 1.10
C GLY B 3 -8.54 15.43 0.04
N ASP B 4 -8.29 16.69 0.37
CA ASP B 4 -7.72 17.63 -0.61
C ASP B 4 -6.46 18.28 -0.06
N VAL B 5 -5.94 17.77 1.03
CA VAL B 5 -4.73 18.31 1.64
C VAL B 5 -3.52 17.73 0.93
N VAL B 6 -2.91 18.53 0.05
CA VAL B 6 -1.76 18.08 -0.73
C VAL B 6 -0.60 17.68 0.16
N TYR B 7 -0.40 16.38 0.28
CA TYR B 7 0.67 15.82 1.09
C TYR B 7 1.68 15.11 0.20
N THR B 8 2.77 15.79 -0.04
CA THR B 8 3.85 15.28 -0.87
C THR B 8 4.59 14.13 -0.17
N LEU B 9 4.87 13.09 -0.95
CA LEU B 9 5.58 11.93 -0.44
C LEU B 9 6.75 11.61 -1.36
N ASN B 10 7.93 12.14 -1.02
CA ASN B 10 9.12 11.90 -1.83
C ASN B 10 9.58 10.46 -1.65
N ILE B 11 9.37 9.65 -2.66
CA ILE B 11 9.71 8.26 -2.60
C ILE B 11 10.97 7.97 -3.40
N ARG B 12 12.09 7.84 -2.71
CA ARG B 12 13.34 7.50 -3.39
C ARG B 12 13.25 6.08 -3.92
N GLY B 13 13.60 5.91 -5.19
CA GLY B 13 13.51 4.61 -5.82
C GLY B 13 12.29 4.47 -6.70
N LYS B 14 12.53 4.34 -8.01
CA LYS B 14 11.45 4.21 -8.98
C LYS B 14 10.53 3.04 -8.66
N ARG B 15 11.11 1.85 -8.58
CA ARG B 15 10.34 0.63 -8.32
C ARG B 15 9.51 0.78 -7.05
N LYS B 16 10.14 1.34 -6.03
CA LYS B 16 9.49 1.60 -4.76
C LYS B 16 8.28 2.50 -4.98
N PHE B 17 8.51 3.61 -5.67
CA PHE B 17 7.46 4.57 -6.00
C PHE B 17 6.31 3.91 -6.73
N GLU B 18 6.65 3.06 -7.69
CA GLU B 18 5.63 2.38 -8.49
C GLU B 18 4.65 1.64 -7.60
N LYS B 19 5.15 1.09 -6.51
CA LYS B 19 4.30 0.40 -5.54
C LYS B 19 3.40 1.41 -4.81
N VAL B 20 4.03 2.40 -4.17
CA VAL B 20 3.30 3.44 -3.43
C VAL B 20 2.33 4.22 -4.34
N LYS B 21 2.80 4.71 -5.47
CA LYS B 21 1.97 5.45 -6.41
C LYS B 21 0.77 4.62 -6.86
N GLU B 22 0.95 3.32 -6.99
CA GLU B 22 -0.15 2.45 -7.36
C GLU B 22 -1.17 2.46 -6.23
N TYR B 23 -0.68 2.61 -5.01
CA TYR B 23 -1.54 2.69 -3.84
C TYR B 23 -2.20 4.06 -3.74
N LYS B 24 -1.47 5.12 -4.06
CA LYS B 24 -2.03 6.46 -3.97
C LYS B 24 -3.15 6.62 -5.01
N GLU B 25 -2.91 6.13 -6.22
CA GLU B 25 -3.93 6.19 -7.28
C GLU B 25 -5.14 5.38 -6.86
N ALA B 26 -4.88 4.23 -6.27
CA ALA B 26 -5.90 3.37 -5.75
C ALA B 26 -6.69 4.05 -4.63
N LEU B 27 -5.97 4.74 -3.74
CA LEU B 27 -6.61 5.47 -2.64
C LEU B 27 -7.42 6.64 -3.18
N ASP B 28 -6.85 7.33 -4.16
CA ASP B 28 -7.50 8.49 -4.79
C ASP B 28 -8.77 8.04 -5.50
N LEU B 29 -8.75 6.82 -6.01
CA LEU B 29 -9.91 6.23 -6.67
C LEU B 29 -10.90 5.73 -5.61
N LEU B 30 -10.40 5.14 -4.53
CA LEU B 30 -11.26 4.67 -3.43
C LEU B 30 -12.05 5.84 -2.85
N ASP B 31 -11.43 7.01 -2.84
CA ASP B 31 -12.04 8.22 -2.33
C ASP B 31 -12.72 9.00 -3.46
N TYR B 32 -12.95 8.32 -4.58
CA TYR B 32 -13.52 9.00 -5.74
C TYR B 32 -14.81 8.35 -6.20
N VAL B 33 -14.76 7.09 -6.62
CA VAL B 33 -15.92 6.43 -7.14
C VAL B 33 -16.93 6.11 -6.04
N GLN B 34 -18.17 5.89 -6.47
CA GLN B 34 -19.29 5.68 -5.56
C GLN B 34 -19.10 4.44 -4.69
N PRO B 35 -19.68 4.45 -3.47
CA PRO B 35 -19.60 3.32 -2.55
C PRO B 35 -20.27 2.08 -3.15
N ASP B 36 -21.25 2.31 -4.01
CA ASP B 36 -21.96 1.21 -4.66
C ASP B 36 -21.05 0.49 -5.64
N VAL B 37 -20.10 1.21 -6.23
CA VAL B 37 -19.18 0.58 -7.14
C VAL B 37 -18.28 -0.36 -6.35
N LYS B 38 -18.10 -0.05 -5.06
CA LYS B 38 -17.29 -0.89 -4.19
C LYS B 38 -18.06 -2.15 -3.83
N LYS B 39 -19.38 -2.04 -3.76
CA LYS B 39 -20.24 -3.20 -3.52
C LYS B 39 -20.16 -4.11 -4.73
N ALA B 40 -20.34 -3.51 -5.90
CA ALA B 40 -20.29 -4.22 -7.15
C ALA B 40 -18.88 -4.71 -7.45
N CYS B 41 -17.87 -3.92 -7.08
CA CYS B 41 -16.48 -4.32 -7.22
C CYS B 41 -16.21 -5.50 -6.33
N CYS B 42 -16.74 -5.42 -5.11
CA CYS B 42 -16.65 -6.49 -4.14
C CYS B 42 -17.03 -7.84 -4.78
N GLN B 43 -18.05 -7.82 -5.62
CA GLN B 43 -18.50 -9.04 -6.29
C GLN B 43 -18.01 -9.13 -7.74
N ARG B 44 -17.18 -8.18 -8.15
CA ARG B 44 -16.64 -8.17 -9.51
C ARG B 44 -15.28 -8.87 -9.53
N ASN B 45 -14.40 -8.46 -8.63
CA ASN B 45 -13.08 -9.07 -8.55
C ASN B 45 -12.48 -8.94 -7.16
N GLN B 46 -13.29 -8.62 -6.17
CA GLN B 46 -12.79 -8.44 -4.83
C GLN B 46 -13.14 -9.65 -3.99
N ILE B 47 -12.50 -9.75 -2.84
CA ILE B 47 -12.76 -10.83 -1.91
C ILE B 47 -12.66 -10.26 -0.51
N SER C 1 -1.58 -3.68 20.49
CA SER C 1 -1.08 -5.06 20.64
C SER C 1 -1.66 -5.96 19.54
N ASP C 2 -2.41 -5.35 18.63
CA ASP C 2 -2.99 -6.06 17.50
C ASP C 2 -1.98 -6.20 16.38
N GLY C 3 -0.98 -7.03 16.61
CA GLY C 3 0.05 -7.25 15.61
C GLY C 3 0.24 -8.71 15.29
N ASP C 4 -0.52 -9.57 15.96
CA ASP C 4 -0.41 -11.00 15.74
C ASP C 4 -1.77 -11.62 15.45
N VAL C 5 -2.76 -10.78 15.22
CA VAL C 5 -4.09 -11.26 14.90
C VAL C 5 -4.15 -11.60 13.42
N VAL C 6 -4.07 -12.88 13.12
CA VAL C 6 -4.05 -13.34 11.73
C VAL C 6 -5.30 -12.93 10.97
N TYR C 7 -5.15 -11.92 10.13
CA TYR C 7 -6.23 -11.40 9.31
C TYR C 7 -5.98 -11.72 7.84
N THR C 8 -6.64 -12.76 7.38
CA THR C 8 -6.54 -13.20 6.00
C THR C 8 -7.17 -12.20 5.03
N LEU C 9 -6.46 -11.92 3.95
CA LEU C 9 -6.92 -10.99 2.95
C LEU C 9 -6.86 -11.64 1.57
N ASN C 10 -7.96 -12.27 1.17
CA ASN C 10 -8.01 -12.93 -0.13
C ASN C 10 -7.97 -11.90 -1.25
N ILE C 11 -6.83 -11.79 -1.90
CA ILE C 11 -6.65 -10.82 -2.96
C ILE C 11 -6.80 -11.46 -4.32
N ARG C 12 -7.93 -11.22 -4.95
CA ARG C 12 -8.15 -11.76 -6.29
C ARG C 12 -7.31 -10.98 -7.30
N GLY C 13 -6.53 -11.70 -8.10
CA GLY C 13 -5.64 -11.07 -9.05
C GLY C 13 -4.18 -11.13 -8.64
N LYS C 14 -3.37 -11.77 -9.47
CA LYS C 14 -1.95 -11.93 -9.19
C LYS C 14 -1.23 -10.59 -9.04
N ARG C 15 -1.31 -9.75 -10.09
CA ARG C 15 -0.63 -8.45 -10.09
C ARG C 15 -1.01 -7.67 -8.84
N LYS C 16 -2.31 -7.69 -8.56
CA LYS C 16 -2.86 -7.03 -7.42
C LYS C 16 -2.19 -7.52 -6.14
N PHE C 17 -2.23 -8.83 -5.94
CA PHE C 17 -1.65 -9.46 -4.78
C PHE C 17 -0.18 -9.10 -4.60
N GLU C 18 0.58 -9.11 -5.69
CA GLU C 18 1.99 -8.79 -5.64
C GLU C 18 2.22 -7.44 -4.98
N LYS C 19 1.35 -6.48 -5.29
CA LYS C 19 1.44 -5.14 -4.71
C LYS C 19 1.10 -5.19 -3.22
N VAL C 20 -0.10 -5.69 -2.92
CA VAL C 20 -0.58 -5.81 -1.53
C VAL C 20 0.36 -6.66 -0.67
N LYS C 21 0.74 -7.83 -1.15
CA LYS C 21 1.60 -8.75 -0.42
C LYS C 21 2.91 -8.08 -0.02
N GLU C 22 3.46 -7.22 -0.86
CA GLU C 22 4.68 -6.55 -0.49
C GLU C 22 4.38 -5.47 0.55
N TYR C 23 3.16 -4.93 0.53
CA TYR C 23 2.74 -3.94 1.51
C TYR C 23 2.61 -4.60 2.87
N LYS C 24 2.05 -5.81 2.90
CA LYS C 24 1.88 -6.51 4.16
C LYS C 24 3.25 -6.86 4.74
N GLU C 25 4.18 -7.23 3.87
CA GLU C 25 5.54 -7.53 4.28
C GLU C 25 6.20 -6.28 4.82
N ALA C 26 5.99 -5.18 4.10
CA ALA C 26 6.52 -3.90 4.49
C ALA C 26 5.95 -3.44 5.83
N LEU C 27 4.64 -3.61 6.04
CA LEU C 27 4.01 -3.27 7.32
C LEU C 27 4.55 -4.19 8.40
N ASP C 28 4.71 -5.46 8.07
CA ASP C 28 5.22 -6.45 9.01
C ASP C 28 6.64 -6.10 9.44
N LEU C 29 7.44 -5.62 8.48
CA LEU C 29 8.81 -5.19 8.77
C LEU C 29 8.81 -3.86 9.53
N LEU C 30 7.89 -2.96 9.19
CA LEU C 30 7.75 -1.68 9.91
C LEU C 30 7.46 -1.96 11.38
N ASP C 31 6.71 -3.01 11.60
CA ASP C 31 6.31 -3.43 12.93
C ASP C 31 7.29 -4.47 13.47
N TYR C 32 8.52 -4.44 12.95
CA TYR C 32 9.51 -5.41 13.38
C TYR C 32 10.84 -4.77 13.72
N VAL C 33 11.48 -4.12 12.75
CA VAL C 33 12.77 -3.55 12.99
C VAL C 33 12.67 -2.28 13.83
N GLN C 34 13.73 -2.03 14.60
CA GLN C 34 13.77 -0.92 15.55
C GLN C 34 13.43 0.41 14.91
N PRO C 35 12.82 1.32 15.69
CA PRO C 35 12.50 2.67 15.22
C PRO C 35 13.75 3.44 14.83
N ASP C 36 14.87 3.04 15.42
CA ASP C 36 16.14 3.68 15.14
C ASP C 36 16.64 3.30 13.76
N VAL C 37 16.28 2.11 13.29
CA VAL C 37 16.66 1.71 11.95
C VAL C 37 15.88 2.54 10.96
N LYS C 38 14.73 3.05 11.39
CA LYS C 38 13.92 3.91 10.54
C LYS C 38 14.56 5.28 10.44
N LYS C 39 15.26 5.67 11.50
CA LYS C 39 16.01 6.93 11.51
C LYS C 39 17.20 6.79 10.58
N ALA C 40 17.86 5.65 10.70
CA ALA C 40 19.00 5.32 9.87
C ALA C 40 18.57 5.09 8.42
N CYS C 41 17.41 4.42 8.25
CA CYS C 41 16.84 4.21 6.92
C CYS C 41 16.45 5.54 6.32
N CYS C 42 15.90 6.40 7.18
CA CYS C 42 15.55 7.75 6.79
C CYS C 42 16.69 8.40 6.01
N GLN C 43 17.91 8.23 6.51
CA GLN C 43 19.07 8.81 5.84
C GLN C 43 19.77 7.79 4.93
N ARG C 44 19.22 6.59 4.84
CA ARG C 44 19.79 5.58 3.97
C ARG C 44 19.18 5.70 2.58
N ASN C 45 17.85 5.72 2.52
CA ASN C 45 17.18 5.85 1.23
C ASN C 45 15.77 6.41 1.36
N GLN C 46 15.42 6.96 2.51
CA GLN C 46 14.07 7.46 2.72
C GLN C 46 14.03 8.95 2.51
N ILE C 47 12.84 9.47 2.29
CA ILE C 47 12.62 10.88 2.14
C ILE C 47 11.31 11.21 2.83
N SER D 1 -4.18 -10.50 -17.60
CA SER D 1 -5.44 -11.21 -17.32
C SER D 1 -5.40 -11.80 -15.92
N ASP D 2 -4.76 -11.08 -15.00
CA ASP D 2 -4.57 -11.59 -13.64
C ASP D 2 -5.25 -10.67 -12.63
N GLY D 3 -6.57 -10.77 -12.57
CA GLY D 3 -7.32 -9.95 -11.65
C GLY D 3 -8.35 -10.74 -10.86
N ASP D 4 -8.45 -12.04 -11.15
CA ASP D 4 -9.42 -12.89 -10.46
C ASP D 4 -8.76 -14.14 -9.88
N VAL D 5 -7.44 -14.11 -9.75
CA VAL D 5 -6.71 -15.23 -9.15
C VAL D 5 -6.64 -15.02 -7.64
N VAL D 6 -7.41 -15.81 -6.90
CA VAL D 6 -7.50 -15.66 -5.45
C VAL D 6 -6.15 -15.93 -4.78
N TYR D 7 -5.51 -14.86 -4.34
CA TYR D 7 -4.24 -14.93 -3.65
C TYR D 7 -4.40 -14.43 -2.22
N THR D 8 -4.54 -15.39 -1.32
CA THR D 8 -4.74 -15.13 0.10
C THR D 8 -3.51 -14.49 0.73
N LEU D 9 -3.73 -13.48 1.57
CA LEU D 9 -2.65 -12.79 2.24
C LEU D 9 -2.94 -12.73 3.74
N ASN D 10 -2.39 -13.69 4.48
CA ASN D 10 -2.57 -13.73 5.93
C ASN D 10 -1.78 -12.60 6.58
N ILE D 11 -2.47 -11.57 7.01
CA ILE D 11 -1.84 -10.42 7.61
C ILE D 11 -1.98 -10.44 9.11
N ARG D 12 -0.90 -10.77 9.80
CA ARG D 12 -0.92 -10.78 11.25
C ARG D 12 -0.97 -9.35 11.79
N GLY D 13 -1.95 -9.10 12.64
CA GLY D 13 -2.14 -7.77 13.18
C GLY D 13 -3.33 -7.07 12.58
N LYS D 14 -4.31 -6.73 13.41
CA LYS D 14 -5.54 -6.08 12.96
C LYS D 14 -5.27 -4.76 12.24
N ARG D 15 -4.61 -3.84 12.91
CA ARG D 15 -4.37 -2.51 12.36
C ARG D 15 -3.56 -2.61 11.07
N LYS D 16 -2.61 -3.54 11.09
CA LYS D 16 -1.77 -3.81 9.96
C LYS D 16 -2.64 -4.18 8.76
N PHE D 17 -3.53 -5.15 8.99
CA PHE D 17 -4.48 -5.61 7.99
C PHE D 17 -5.31 -4.47 7.44
N GLU D 18 -5.77 -3.57 8.31
CA GLU D 18 -6.60 -2.43 7.89
C GLU D 18 -5.94 -1.68 6.74
N LYS D 19 -4.64 -1.46 6.85
CA LYS D 19 -3.90 -0.73 5.82
C LYS D 19 -3.83 -1.52 4.52
N VAL D 20 -3.31 -2.74 4.62
CA VAL D 20 -3.20 -3.63 3.45
C VAL D 20 -4.56 -3.93 2.81
N LYS D 21 -5.55 -4.24 3.63
CA LYS D 21 -6.89 -4.52 3.16
C LYS D 21 -7.44 -3.36 2.36
N GLU D 22 -7.19 -2.15 2.82
CA GLU D 22 -7.65 -0.99 2.09
C GLU D 22 -6.86 -0.85 0.79
N TYR D 23 -5.63 -1.37 0.79
CA TYR D 23 -4.81 -1.36 -0.41
C TYR D 23 -5.35 -2.35 -1.42
N LYS D 24 -5.73 -3.53 -0.95
CA LYS D 24 -6.26 -4.55 -1.83
C LYS D 24 -7.57 -4.06 -2.46
N GLU D 25 -8.38 -3.36 -1.66
CA GLU D 25 -9.64 -2.80 -2.16
C GLU D 25 -9.38 -1.69 -3.14
N ALA D 26 -8.41 -0.83 -2.82
CA ALA D 26 -8.01 0.24 -3.69
C ALA D 26 -7.51 -0.31 -5.03
N LEU D 27 -6.75 -1.40 -4.97
CA LEU D 27 -6.26 -2.06 -6.18
C LEU D 27 -7.43 -2.71 -6.93
N ASP D 28 -8.34 -3.33 -6.17
CA ASP D 28 -9.52 -3.96 -6.73
C ASP D 28 -10.37 -2.92 -7.45
N LEU D 29 -10.42 -1.72 -6.88
CA LEU D 29 -11.15 -0.61 -7.45
C LEU D 29 -10.41 -0.03 -8.66
N LEU D 30 -9.08 -0.01 -8.60
CA LEU D 30 -8.26 0.47 -9.72
C LEU D 30 -8.53 -0.34 -10.98
N ASP D 31 -8.84 -1.61 -10.78
CA ASP D 31 -9.15 -2.51 -11.89
C ASP D 31 -10.65 -2.70 -12.01
N TYR D 32 -11.42 -1.76 -11.46
CA TYR D 32 -12.86 -1.92 -11.48
C TYR D 32 -13.54 -0.77 -12.20
N VAL D 33 -13.38 0.45 -11.69
CA VAL D 33 -14.05 1.58 -12.27
C VAL D 33 -13.41 2.00 -13.57
N GLN D 34 -14.20 2.66 -14.42
CA GLN D 34 -13.78 3.04 -15.76
C GLN D 34 -12.45 3.80 -15.72
N PRO D 35 -11.61 3.59 -16.73
CA PRO D 35 -10.32 4.29 -16.84
C PRO D 35 -10.53 5.80 -16.91
N ASP D 36 -11.70 6.19 -17.39
CA ASP D 36 -12.05 7.59 -17.53
C ASP D 36 -12.31 8.23 -16.18
N VAL D 37 -12.75 7.43 -15.20
CA VAL D 37 -13.00 7.99 -13.88
C VAL D 37 -11.67 8.36 -13.23
N LYS D 38 -10.60 7.69 -13.65
CA LYS D 38 -9.28 7.98 -13.12
C LYS D 38 -8.80 9.32 -13.64
N LYS D 39 -9.26 9.67 -14.84
CA LYS D 39 -8.96 10.95 -15.45
C LYS D 39 -9.73 12.04 -14.71
N ALA D 40 -11.01 11.76 -14.49
CA ALA D 40 -11.87 12.67 -13.76
C ALA D 40 -11.42 12.76 -12.29
N CYS D 41 -11.04 11.62 -11.72
CA CYS D 41 -10.51 11.58 -10.36
C CYS D 41 -9.25 12.42 -10.29
N CYS D 42 -8.42 12.25 -11.31
CA CYS D 42 -7.18 13.01 -11.44
C CYS D 42 -7.45 14.51 -11.25
N GLN D 43 -8.53 15.00 -11.83
CA GLN D 43 -8.88 16.41 -11.71
C GLN D 43 -9.95 16.63 -10.65
N ARG D 44 -10.25 15.59 -9.88
CA ARG D 44 -11.23 15.70 -8.80
C ARG D 44 -10.49 15.91 -7.49
N ASN D 45 -9.53 15.04 -7.19
CA ASN D 45 -8.77 15.16 -5.96
C ASN D 45 -7.41 14.48 -6.07
N GLN D 46 -6.95 14.19 -7.28
CA GLN D 46 -5.68 13.50 -7.43
C GLN D 46 -4.58 14.49 -7.74
N ILE D 47 -3.35 14.03 -7.65
CA ILE D 47 -2.19 14.83 -7.99
C ILE D 47 -1.17 13.92 -8.65
N SER A 1 19.39 0.13 -9.70
CA SER A 1 19.97 1.39 -9.16
C SER A 1 18.87 2.45 -9.00
N ASP A 2 17.65 2.01 -8.72
CA ASP A 2 16.52 2.91 -8.56
C ASP A 2 15.99 2.86 -7.13
N GLY A 3 16.82 3.30 -6.18
CA GLY A 3 16.42 3.31 -4.78
C GLY A 3 16.61 4.66 -4.13
N ASP A 4 17.21 5.59 -4.87
CA ASP A 4 17.48 6.93 -4.35
C ASP A 4 16.99 7.99 -5.33
N VAL A 5 16.19 7.59 -6.29
CA VAL A 5 15.64 8.52 -7.24
C VAL A 5 14.40 9.17 -6.64
N VAL A 6 14.54 10.41 -6.20
CA VAL A 6 13.46 11.13 -5.53
C VAL A 6 12.22 11.26 -6.42
N TYR A 7 11.23 10.44 -6.12
CA TYR A 7 9.97 10.46 -6.85
C TYR A 7 8.86 10.95 -5.94
N THR A 8 8.53 12.22 -6.11
CA THR A 8 7.51 12.89 -5.32
C THR A 8 6.11 12.37 -5.65
N LEU A 9 5.32 12.13 -4.61
CA LEU A 9 3.97 11.65 -4.76
C LEU A 9 3.03 12.55 -3.96
N ASN A 10 2.49 13.59 -4.61
CA ASN A 10 1.58 14.51 -3.93
C ASN A 10 0.26 13.83 -3.67
N ILE A 11 0.05 13.41 -2.44
CA ILE A 11 -1.16 12.69 -2.07
C ILE A 11 -2.16 13.61 -1.42
N ARG A 12 -3.17 14.01 -2.19
CA ARG A 12 -4.22 14.85 -1.65
C ARG A 12 -5.08 14.05 -0.69
N GLY A 13 -5.19 14.53 0.54
CA GLY A 13 -5.92 13.81 1.56
C GLY A 13 -5.01 13.28 2.65
N LYS A 14 -5.15 13.82 3.85
CA LYS A 14 -4.35 13.41 4.99
C LYS A 14 -4.43 11.91 5.28
N ARG A 15 -5.64 11.41 5.52
CA ARG A 15 -5.84 10.00 5.85
C ARG A 15 -5.33 9.13 4.73
N LYS A 16 -5.57 9.57 3.50
CA LYS A 16 -5.11 8.90 2.32
C LYS A 16 -3.59 8.77 2.36
N PHE A 17 -2.94 9.91 2.57
CA PHE A 17 -1.49 9.98 2.67
C PHE A 17 -0.96 9.03 3.74
N GLU A 18 -1.61 9.04 4.91
CA GLU A 18 -1.19 8.19 6.02
C GLU A 18 -1.08 6.73 5.59
N LYS A 19 -1.97 6.32 4.70
CA LYS A 19 -1.95 4.96 4.17
C LYS A 19 -0.75 4.78 3.23
N VAL A 20 -0.71 5.61 2.18
CA VAL A 20 0.39 5.57 1.21
C VAL A 20 1.75 5.72 1.88
N LYS A 21 1.89 6.76 2.71
CA LYS A 21 3.12 7.00 3.44
C LYS A 21 3.51 5.81 4.30
N GLU A 22 2.54 5.09 4.82
CA GLU A 22 2.83 3.92 5.63
C GLU A 22 3.40 2.84 4.72
N TYR A 23 2.97 2.86 3.47
CA TYR A 23 3.46 1.94 2.46
C TYR A 23 4.86 2.34 2.03
N LYS A 24 5.08 3.64 1.85
CA LYS A 24 6.39 4.12 1.45
C LYS A 24 7.39 3.87 2.58
N GLU A 25 6.93 4.04 3.82
CA GLU A 25 7.75 3.74 5.01
C GLU A 25 8.16 2.28 4.98
N ALA A 26 7.16 1.44 4.79
CA ALA A 26 7.34 0.02 4.72
C ALA A 26 8.24 -0.38 3.56
N LEU A 27 8.07 0.26 2.40
CA LEU A 27 8.93 0.01 1.25
C LEU A 27 10.35 0.47 1.52
N ASP A 28 10.47 1.65 2.14
CA ASP A 28 11.76 2.21 2.48
C ASP A 28 12.48 1.32 3.48
N LEU A 29 11.71 0.66 4.33
CA LEU A 29 12.25 -0.26 5.32
C LEU A 29 12.55 -1.63 4.69
N LEU A 30 11.69 -2.07 3.76
CA LEU A 30 11.92 -3.34 3.06
C LEU A 30 13.27 -3.33 2.37
N ASP A 31 13.56 -2.25 1.67
CA ASP A 31 14.83 -2.11 0.97
C ASP A 31 15.88 -1.48 1.89
N TYR A 32 15.77 -1.73 3.19
CA TYR A 32 16.72 -1.18 4.12
C TYR A 32 17.31 -2.23 5.04
N VAL A 33 16.46 -2.91 5.82
CA VAL A 33 16.95 -3.87 6.79
C VAL A 33 17.42 -5.16 6.11
N GLN A 34 18.25 -5.91 6.84
CA GLN A 34 18.88 -7.12 6.32
C GLN A 34 17.85 -8.13 5.83
N PRO A 35 18.20 -8.91 4.80
CA PRO A 35 17.33 -9.95 4.25
C PRO A 35 17.02 -11.03 5.27
N ASP A 36 17.94 -11.22 6.22
CA ASP A 36 17.76 -12.24 7.23
C ASP A 36 16.74 -11.82 8.27
N VAL A 37 16.56 -10.51 8.45
CA VAL A 37 15.56 -10.05 9.40
C VAL A 37 14.18 -10.32 8.83
N LYS A 38 14.10 -10.41 7.51
CA LYS A 38 12.86 -10.70 6.83
C LYS A 38 12.49 -12.17 7.05
N LYS A 39 13.51 -13.01 7.12
CA LYS A 39 13.32 -14.42 7.40
C LYS A 39 12.87 -14.57 8.84
N ALA A 40 13.57 -13.87 9.72
CA ALA A 40 13.24 -13.87 11.13
C ALA A 40 11.87 -13.21 11.37
N CYS A 41 11.58 -12.15 10.63
CA CYS A 41 10.29 -11.48 10.70
C CYS A 41 9.19 -12.42 10.22
N CYS A 42 9.51 -13.11 9.13
CA CYS A 42 8.61 -14.10 8.56
C CYS A 42 8.10 -15.06 9.63
N GLN A 43 8.98 -15.45 10.56
CA GLN A 43 8.60 -16.35 11.64
C GLN A 43 8.42 -15.61 12.97
N ARG A 44 8.40 -14.28 12.92
CA ARG A 44 8.21 -13.47 14.11
C ARG A 44 6.75 -13.06 14.21
N ASN A 45 6.27 -12.38 13.17
CA ASN A 45 4.90 -11.88 13.18
C ASN A 45 4.31 -11.87 11.78
N GLN A 46 4.92 -12.60 10.86
CA GLN A 46 4.44 -12.63 9.50
C GLN A 46 3.76 -13.95 9.23
N ILE A 47 3.00 -13.99 8.14
CA ILE A 47 2.32 -15.19 7.74
C ILE A 47 2.55 -15.44 6.26
N SER B 1 -12.19 16.10 6.71
CA SER B 1 -11.41 17.19 6.09
C SER B 1 -10.05 16.68 5.65
N ASP B 2 -9.96 15.38 5.42
CA ASP B 2 -8.68 14.76 5.13
C ASP B 2 -8.67 14.12 3.75
N GLY B 3 -9.27 14.78 2.77
CA GLY B 3 -9.32 14.20 1.44
C GLY B 3 -8.73 15.08 0.35
N ASP B 4 -8.42 16.33 0.68
CA ASP B 4 -7.86 17.25 -0.31
C ASP B 4 -6.64 17.99 0.21
N VAL B 5 -6.06 17.49 1.28
CA VAL B 5 -4.87 18.10 1.85
C VAL B 5 -3.65 17.54 1.14
N VAL B 6 -3.01 18.37 0.32
CA VAL B 6 -1.86 17.95 -0.46
C VAL B 6 -0.69 17.52 0.44
N TYR B 7 -0.52 16.22 0.55
CA TYR B 7 0.55 15.64 1.35
C TYR B 7 1.57 14.98 0.44
N THR B 8 2.66 15.69 0.22
CA THR B 8 3.73 15.25 -0.65
C THR B 8 4.51 14.10 -0.02
N LEU B 9 4.74 13.07 -0.81
CA LEU B 9 5.46 11.91 -0.35
C LEU B 9 6.66 11.66 -1.26
N ASN B 10 7.78 12.28 -0.93
CA ASN B 10 9.00 12.12 -1.72
C ASN B 10 9.51 10.70 -1.53
N ILE B 11 9.28 9.86 -2.51
CA ILE B 11 9.67 8.48 -2.44
C ILE B 11 10.96 8.25 -3.21
N ARG B 12 12.06 8.18 -2.48
CA ARG B 12 13.33 7.92 -3.12
C ARG B 12 13.37 6.49 -3.64
N GLY B 13 13.69 6.34 -4.91
CA GLY B 13 13.68 5.02 -5.54
C GLY B 13 12.50 4.84 -6.48
N LYS B 14 12.80 4.66 -7.76
CA LYS B 14 11.77 4.51 -8.78
C LYS B 14 10.81 3.34 -8.50
N ARG B 15 11.37 2.14 -8.36
CA ARG B 15 10.53 0.94 -8.20
C ARG B 15 9.68 1.07 -6.95
N LYS B 16 10.30 1.61 -5.91
CA LYS B 16 9.62 1.87 -4.68
C LYS B 16 8.40 2.74 -4.93
N PHE B 17 8.64 3.87 -5.60
CA PHE B 17 7.60 4.82 -5.94
C PHE B 17 6.48 4.17 -6.75
N GLU B 18 6.85 3.38 -7.74
CA GLU B 18 5.86 2.73 -8.61
C GLU B 18 4.79 2.00 -7.78
N LYS B 19 5.23 1.34 -6.71
CA LYS B 19 4.32 0.59 -5.83
C LYS B 19 3.37 1.54 -5.10
N VAL B 20 3.97 2.48 -4.37
CA VAL B 20 3.20 3.48 -3.61
C VAL B 20 2.34 4.38 -4.50
N LYS B 21 2.90 4.83 -5.61
CA LYS B 21 2.20 5.69 -6.53
C LYS B 21 0.91 5.06 -7.00
N GLU B 22 0.92 3.76 -7.25
CA GLU B 22 -0.30 3.10 -7.65
C GLU B 22 -1.25 2.99 -6.45
N TYR B 23 -0.66 2.97 -5.25
CA TYR B 23 -1.46 2.95 -4.02
C TYR B 23 -2.18 4.28 -3.86
N LYS B 24 -1.49 5.38 -4.10
CA LYS B 24 -2.11 6.69 -3.98
C LYS B 24 -3.18 6.85 -5.05
N GLU B 25 -2.95 6.26 -6.22
CA GLU B 25 -3.94 6.30 -7.29
C GLU B 25 -5.15 5.47 -6.89
N ALA B 26 -4.88 4.31 -6.32
CA ALA B 26 -5.91 3.43 -5.82
C ALA B 26 -6.73 4.11 -4.72
N LEU B 27 -6.06 4.79 -3.80
CA LEU B 27 -6.74 5.51 -2.74
C LEU B 27 -7.52 6.70 -3.30
N ASP B 28 -6.90 7.43 -4.23
CA ASP B 28 -7.55 8.57 -4.86
C ASP B 28 -8.78 8.09 -5.63
N LEU B 29 -8.72 6.84 -6.08
CA LEU B 29 -9.84 6.22 -6.77
C LEU B 29 -10.90 5.76 -5.76
N LEU B 30 -10.43 5.23 -4.61
CA LEU B 30 -11.34 4.83 -3.53
C LEU B 30 -12.24 6.00 -3.13
N ASP B 31 -11.62 7.17 -3.00
CA ASP B 31 -12.35 8.39 -2.64
C ASP B 31 -12.83 9.13 -3.89
N TYR B 32 -13.08 8.39 -4.97
CA TYR B 32 -13.55 9.03 -6.18
C TYR B 32 -14.80 8.33 -6.73
N VAL B 33 -14.67 7.05 -7.10
CA VAL B 33 -15.79 6.36 -7.69
C VAL B 33 -16.88 6.08 -6.68
N GLN B 34 -18.10 5.97 -7.19
CA GLN B 34 -19.30 5.82 -6.37
C GLN B 34 -19.20 4.63 -5.43
N PRO B 35 -19.81 4.75 -4.23
CA PRO B 35 -19.83 3.67 -3.23
C PRO B 35 -20.49 2.42 -3.77
N ASP B 36 -21.40 2.60 -4.72
CA ASP B 36 -22.12 1.48 -5.31
C ASP B 36 -21.22 0.67 -6.22
N VAL B 37 -20.25 1.34 -6.87
CA VAL B 37 -19.30 0.60 -7.70
C VAL B 37 -18.43 -0.23 -6.79
N LYS B 38 -18.27 0.21 -5.55
CA LYS B 38 -17.48 -0.50 -4.57
C LYS B 38 -18.23 -1.74 -4.12
N LYS B 39 -19.55 -1.63 -4.02
CA LYS B 39 -20.39 -2.77 -3.69
C LYS B 39 -20.28 -3.80 -4.81
N ALA B 40 -20.46 -3.29 -6.02
CA ALA B 40 -20.38 -4.12 -7.21
C ALA B 40 -18.98 -4.68 -7.41
N CYS B 41 -17.97 -3.88 -7.10
CA CYS B 41 -16.57 -4.31 -7.18
C CYS B 41 -16.33 -5.41 -6.17
N CYS B 42 -16.87 -5.20 -4.96
CA CYS B 42 -16.75 -6.16 -3.89
C CYS B 42 -17.18 -7.55 -4.35
N GLN B 43 -18.23 -7.59 -5.17
CA GLN B 43 -18.74 -8.86 -5.70
C GLN B 43 -18.23 -9.14 -7.12
N ARG B 44 -17.41 -8.23 -7.64
CA ARG B 44 -16.88 -8.37 -8.99
C ARG B 44 -15.57 -9.13 -8.94
N ASN B 45 -14.65 -8.66 -8.12
CA ASN B 45 -13.35 -9.32 -7.99
C ASN B 45 -12.70 -9.05 -6.64
N GLN B 46 -13.49 -8.75 -5.63
CA GLN B 46 -12.95 -8.49 -4.30
C GLN B 46 -13.26 -9.66 -3.40
N ILE B 47 -12.47 -9.81 -2.35
CA ILE B 47 -12.68 -10.86 -1.39
C ILE B 47 -12.34 -10.33 0.00
N SER C 1 -2.93 -1.92 20.07
CA SER C 1 -1.80 -2.86 20.07
C SER C 1 -2.20 -4.15 19.36
N ASP C 2 -2.12 -4.16 18.04
CA ASP C 2 -2.55 -5.29 17.25
C ASP C 2 -1.51 -5.65 16.19
N GLY C 3 -0.70 -6.67 16.45
CA GLY C 3 0.30 -7.08 15.49
C GLY C 3 0.39 -8.58 15.31
N ASP C 4 -0.50 -9.32 15.96
CA ASP C 4 -0.49 -10.78 15.87
C ASP C 4 -1.86 -11.33 15.58
N VAL C 5 -2.80 -10.45 15.29
CA VAL C 5 -4.16 -10.88 14.99
C VAL C 5 -4.25 -11.25 13.51
N VAL C 6 -4.22 -12.54 13.22
CA VAL C 6 -4.24 -13.04 11.85
C VAL C 6 -5.48 -12.55 11.10
N TYR C 7 -5.27 -11.58 10.23
CA TYR C 7 -6.33 -11.02 9.41
C TYR C 7 -6.10 -11.38 7.95
N THR C 8 -6.84 -12.39 7.52
CA THR C 8 -6.76 -12.91 6.16
C THR C 8 -7.31 -11.90 5.15
N LEU C 9 -6.55 -11.68 4.09
CA LEU C 9 -6.95 -10.75 3.06
C LEU C 9 -6.95 -11.48 1.71
N ASN C 10 -8.05 -12.13 1.37
CA ASN C 10 -8.14 -12.85 0.12
C ASN C 10 -8.16 -11.85 -1.03
N ILE C 11 -7.05 -11.78 -1.72
CA ILE C 11 -6.89 -10.83 -2.80
C ILE C 11 -7.04 -11.52 -4.14
N ARG C 12 -8.17 -11.33 -4.79
CA ARG C 12 -8.36 -11.91 -6.10
C ARG C 12 -7.51 -11.17 -7.13
N GLY C 13 -6.76 -11.92 -7.90
CA GLY C 13 -5.87 -11.34 -8.87
C GLY C 13 -4.42 -11.37 -8.45
N LYS C 14 -3.59 -12.07 -9.23
CA LYS C 14 -2.17 -12.19 -8.93
C LYS C 14 -1.47 -10.85 -8.86
N ARG C 15 -1.66 -10.03 -9.90
CA ARG C 15 -0.99 -8.74 -9.99
C ARG C 15 -1.34 -7.89 -8.78
N LYS C 16 -2.63 -7.87 -8.48
CA LYS C 16 -3.15 -7.15 -7.34
C LYS C 16 -2.44 -7.59 -6.07
N PHE C 17 -2.49 -8.90 -5.83
CA PHE C 17 -1.88 -9.50 -4.66
C PHE C 17 -0.42 -9.13 -4.53
N GLU C 18 0.33 -9.20 -5.64
CA GLU C 18 1.74 -8.88 -5.63
C GLU C 18 2.01 -7.53 -4.96
N LYS C 19 1.15 -6.56 -5.28
CA LYS C 19 1.29 -5.21 -4.72
C LYS C 19 1.03 -5.21 -3.21
N VAL C 20 -0.16 -5.68 -2.83
CA VAL C 20 -0.57 -5.75 -1.43
C VAL C 20 0.30 -6.70 -0.60
N LYS C 21 0.64 -7.85 -1.13
CA LYS C 21 1.47 -8.81 -0.43
C LYS C 21 2.82 -8.22 -0.07
N GLU C 22 3.36 -7.37 -0.94
CA GLU C 22 4.61 -6.74 -0.64
C GLU C 22 4.39 -5.61 0.36
N TYR C 23 3.16 -5.12 0.40
CA TYR C 23 2.79 -4.11 1.38
C TYR C 23 2.72 -4.73 2.76
N LYS C 24 2.10 -5.90 2.86
CA LYS C 24 2.00 -6.60 4.12
C LYS C 24 3.39 -7.04 4.58
N GLU C 25 4.24 -7.39 3.61
CA GLU C 25 5.61 -7.81 3.89
C GLU C 25 6.37 -6.62 4.45
N ALA C 26 6.21 -5.49 3.78
CA ALA C 26 6.82 -4.25 4.20
C ALA C 26 6.31 -3.82 5.57
N LEU C 27 5.01 -4.00 5.81
CA LEU C 27 4.41 -3.66 7.11
C LEU C 27 4.91 -4.60 8.19
N ASP C 28 4.99 -5.90 7.87
CA ASP C 28 5.47 -6.89 8.82
C ASP C 28 6.90 -6.57 9.21
N LEU C 29 7.64 -5.98 8.27
CA LEU C 29 9.00 -5.55 8.51
C LEU C 29 9.01 -4.24 9.32
N LEU C 30 8.08 -3.32 8.99
CA LEU C 30 7.95 -2.06 9.72
C LEU C 30 7.81 -2.30 11.21
N ASP C 31 6.91 -3.22 11.57
CA ASP C 31 6.65 -3.54 12.97
C ASP C 31 7.59 -4.64 13.46
N TYR C 32 8.76 -4.76 12.86
CA TYR C 32 9.69 -5.80 13.27
C TYR C 32 11.05 -5.23 13.63
N VAL C 33 11.72 -4.57 12.69
CA VAL C 33 13.06 -4.08 12.92
C VAL C 33 13.08 -2.91 13.90
N GLN C 34 14.26 -2.64 14.46
CA GLN C 34 14.43 -1.61 15.48
C GLN C 34 13.92 -0.25 15.01
N PRO C 35 13.36 0.55 15.93
CA PRO C 35 12.84 1.88 15.61
C PRO C 35 13.93 2.81 15.11
N ASP C 36 15.17 2.55 15.51
CA ASP C 36 16.29 3.39 15.10
C ASP C 36 16.71 3.10 13.67
N VAL C 37 16.40 1.90 13.16
CA VAL C 37 16.72 1.59 11.78
C VAL C 37 15.84 2.44 10.89
N LYS C 38 14.69 2.84 11.42
CA LYS C 38 13.76 3.68 10.68
C LYS C 38 14.30 5.10 10.59
N LYS C 39 15.05 5.51 11.61
CA LYS C 39 15.68 6.81 11.62
C LYS C 39 16.83 6.81 10.62
N ALA C 40 17.62 5.74 10.68
CA ALA C 40 18.74 5.56 9.76
C ALA C 40 18.23 5.33 8.34
N CYS C 41 17.11 4.62 8.21
CA CYS C 41 16.47 4.41 6.91
C CYS C 41 15.96 5.73 6.39
N CYS C 42 15.35 6.49 7.30
CA CYS C 42 14.86 7.83 7.01
C CYS C 42 15.92 8.65 6.26
N GLN C 43 17.18 8.46 6.65
CA GLN C 43 18.28 9.17 5.99
C GLN C 43 19.08 8.26 5.05
N ARG C 44 18.59 7.05 4.81
CA ARG C 44 19.28 6.11 3.94
C ARG C 44 18.68 6.16 2.55
N ASN C 45 17.37 5.98 2.47
CA ASN C 45 16.69 5.98 1.19
C ASN C 45 15.29 6.57 1.31
N GLN C 46 15.02 7.24 2.41
CA GLN C 46 13.71 7.80 2.65
C GLN C 46 13.75 9.31 2.53
N ILE C 47 12.59 9.91 2.43
CA ILE C 47 12.46 11.35 2.35
C ILE C 47 11.24 11.78 3.13
N SER D 1 -3.02 -11.21 -17.38
CA SER D 1 -4.41 -10.94 -17.00
C SER D 1 -4.75 -11.74 -15.74
N ASP D 2 -4.50 -11.11 -14.60
CA ASP D 2 -4.65 -11.79 -13.32
C ASP D 2 -5.46 -10.92 -12.36
N GLY D 3 -6.76 -11.13 -12.31
CA GLY D 3 -7.60 -10.34 -11.41
C GLY D 3 -8.62 -11.18 -10.67
N ASP D 4 -8.61 -12.49 -10.90
CA ASP D 4 -9.58 -13.37 -10.25
C ASP D 4 -8.89 -14.54 -9.56
N VAL D 5 -7.59 -14.49 -9.45
CA VAL D 5 -6.84 -15.55 -8.78
C VAL D 5 -6.78 -15.24 -7.29
N VAL D 6 -7.58 -15.98 -6.51
CA VAL D 6 -7.66 -15.75 -5.07
C VAL D 6 -6.32 -16.01 -4.40
N TYR D 7 -5.67 -14.92 -4.04
CA TYR D 7 -4.40 -14.97 -3.35
C TYR D 7 -4.57 -14.44 -1.94
N THR D 8 -4.73 -15.36 -1.01
CA THR D 8 -4.93 -15.07 0.39
C THR D 8 -3.69 -14.45 1.02
N LEU D 9 -3.90 -13.37 1.75
CA LEU D 9 -2.81 -12.67 2.40
C LEU D 9 -3.09 -12.60 3.89
N ASN D 10 -2.66 -13.63 4.62
CA ASN D 10 -2.85 -13.66 6.07
C ASN D 10 -1.98 -12.59 6.71
N ILE D 11 -2.60 -11.53 7.17
CA ILE D 11 -1.89 -10.40 7.75
C ILE D 11 -2.04 -10.37 9.26
N ARG D 12 -1.01 -10.85 9.95
CA ARG D 12 -1.00 -10.77 11.41
C ARG D 12 -0.95 -9.31 11.85
N GLY D 13 -1.89 -8.93 12.69
CA GLY D 13 -1.97 -7.56 13.16
C GLY D 13 -3.11 -6.79 12.54
N LYS D 14 -4.07 -6.40 13.38
CA LYS D 14 -5.24 -5.65 12.93
C LYS D 14 -4.85 -4.35 12.22
N ARG D 15 -4.02 -3.55 12.86
CA ARG D 15 -3.64 -2.25 12.32
C ARG D 15 -2.88 -2.44 11.02
N LYS D 16 -2.03 -3.44 10.99
CA LYS D 16 -1.28 -3.79 9.81
C LYS D 16 -2.24 -4.11 8.68
N PHE D 17 -3.20 -4.98 8.98
CA PHE D 17 -4.22 -5.40 8.03
C PHE D 17 -5.01 -4.20 7.51
N GLU D 18 -5.36 -3.29 8.40
CA GLU D 18 -6.15 -2.12 8.02
C GLU D 18 -5.45 -1.34 6.91
N LYS D 19 -4.12 -1.30 6.96
CA LYS D 19 -3.34 -0.63 5.94
C LYS D 19 -3.38 -1.42 4.63
N VAL D 20 -2.97 -2.69 4.71
CA VAL D 20 -2.97 -3.58 3.54
C VAL D 20 -4.36 -3.70 2.91
N LYS D 21 -5.35 -4.01 3.73
CA LYS D 21 -6.72 -4.15 3.25
C LYS D 21 -7.22 -2.87 2.58
N GLU D 22 -6.74 -1.72 3.06
CA GLU D 22 -7.13 -0.47 2.45
C GLU D 22 -6.50 -0.38 1.06
N TYR D 23 -5.33 -1.00 0.92
CA TYR D 23 -4.63 -1.07 -0.34
C TYR D 23 -5.31 -2.06 -1.27
N LYS D 24 -5.69 -3.22 -0.75
CA LYS D 24 -6.35 -4.23 -1.56
C LYS D 24 -7.69 -3.69 -2.06
N GLU D 25 -8.38 -2.94 -1.19
CA GLU D 25 -9.65 -2.31 -1.54
C GLU D 25 -9.43 -1.32 -2.67
N ALA D 26 -8.42 -0.49 -2.49
CA ALA D 26 -8.04 0.49 -3.48
C ALA D 26 -7.62 -0.18 -4.79
N LEU D 27 -6.86 -1.26 -4.69
CA LEU D 27 -6.44 -2.03 -5.86
C LEU D 27 -7.65 -2.66 -6.55
N ASP D 28 -8.54 -3.23 -5.75
CA ASP D 28 -9.75 -3.86 -6.28
C ASP D 28 -10.57 -2.86 -7.06
N LEU D 29 -10.63 -1.64 -6.56
CA LEU D 29 -11.35 -0.56 -7.23
C LEU D 29 -10.59 -0.07 -8.46
N LEU D 30 -9.25 0.01 -8.36
CA LEU D 30 -8.42 0.41 -9.49
C LEU D 30 -8.67 -0.50 -10.68
N ASP D 31 -8.70 -1.80 -10.41
CA ASP D 31 -8.93 -2.80 -11.44
C ASP D 31 -10.42 -3.09 -11.59
N TYR D 32 -11.25 -2.07 -11.41
CA TYR D 32 -12.69 -2.25 -11.53
C TYR D 32 -13.34 -1.12 -12.33
N VAL D 33 -13.21 0.11 -11.84
CA VAL D 33 -13.83 1.24 -12.50
C VAL D 33 -13.11 1.58 -13.81
N GLN D 34 -13.82 2.28 -14.69
CA GLN D 34 -13.30 2.61 -16.01
C GLN D 34 -11.99 3.37 -15.92
N PRO D 35 -11.10 3.17 -16.89
CA PRO D 35 -9.81 3.85 -16.94
C PRO D 35 -9.96 5.36 -17.06
N ASP D 36 -11.09 5.79 -17.61
CA ASP D 36 -11.36 7.20 -17.79
C ASP D 36 -11.70 7.87 -16.47
N VAL D 37 -12.22 7.11 -15.51
CA VAL D 37 -12.53 7.68 -14.21
C VAL D 37 -11.23 8.02 -13.51
N LYS D 38 -10.16 7.33 -13.88
CA LYS D 38 -8.86 7.57 -13.29
C LYS D 38 -8.34 8.92 -13.78
N LYS D 39 -8.69 9.25 -15.02
CA LYS D 39 -8.31 10.53 -15.62
C LYS D 39 -9.11 11.64 -14.96
N ALA D 40 -10.39 11.38 -14.77
CA ALA D 40 -11.28 12.33 -14.13
C ALA D 40 -10.92 12.47 -12.65
N CYS D 41 -10.57 11.34 -12.02
CA CYS D 41 -10.12 11.34 -10.64
C CYS D 41 -8.82 12.11 -10.54
N CYS D 42 -7.95 11.87 -11.53
CA CYS D 42 -6.68 12.57 -11.62
C CYS D 42 -6.88 14.08 -11.49
N GLN D 43 -8.00 14.57 -12.02
CA GLN D 43 -8.30 15.99 -11.95
C GLN D 43 -9.47 16.28 -11.00
N ARG D 44 -9.85 15.31 -10.19
CA ARG D 44 -10.92 15.49 -9.22
C ARG D 44 -10.33 15.71 -7.84
N ASN D 45 -9.58 14.72 -7.38
CA ASN D 45 -8.96 14.77 -6.06
C ASN D 45 -7.56 14.24 -6.07
N GLN D 46 -7.00 14.04 -7.25
CA GLN D 46 -5.68 13.44 -7.35
C GLN D 46 -4.63 14.49 -7.64
N ILE D 47 -3.38 14.10 -7.49
CA ILE D 47 -2.26 14.94 -7.79
C ILE D 47 -1.18 14.10 -8.44
N SER A 1 19.44 -0.40 -11.09
CA SER A 1 19.49 0.19 -9.74
C SER A 1 18.46 1.32 -9.61
N ASP A 2 17.29 1.00 -9.06
CA ASP A 2 16.22 1.97 -8.91
C ASP A 2 15.78 2.05 -7.46
N GLY A 3 16.62 2.60 -6.61
CA GLY A 3 16.30 2.69 -5.20
C GLY A 3 16.62 4.05 -4.61
N ASP A 4 17.21 4.93 -5.42
CA ASP A 4 17.57 6.27 -4.94
C ASP A 4 17.07 7.34 -5.88
N VAL A 5 16.18 6.98 -6.78
CA VAL A 5 15.59 7.94 -7.70
C VAL A 5 14.41 8.62 -7.03
N VAL A 6 14.60 9.85 -6.57
CA VAL A 6 13.56 10.60 -5.87
C VAL A 6 12.31 10.79 -6.73
N TYR A 7 11.28 10.03 -6.40
CA TYR A 7 10.00 10.09 -7.09
C TYR A 7 8.93 10.65 -6.15
N THR A 8 8.67 11.92 -6.32
CA THR A 8 7.67 12.64 -5.54
C THR A 8 6.26 12.13 -5.84
N LEU A 9 5.47 11.96 -4.79
CA LEU A 9 4.10 11.50 -4.93
C LEU A 9 3.18 12.43 -4.15
N ASN A 10 2.66 13.45 -4.81
CA ASN A 10 1.76 14.41 -4.17
C ASN A 10 0.44 13.74 -3.86
N ILE A 11 0.21 13.43 -2.59
CA ILE A 11 -1.00 12.76 -2.18
C ILE A 11 -1.97 13.73 -1.54
N ARG A 12 -2.98 14.13 -2.29
CA ARG A 12 -3.98 15.04 -1.76
C ARG A 12 -4.85 14.31 -0.76
N GLY A 13 -4.96 14.86 0.44
CA GLY A 13 -5.73 14.21 1.48
C GLY A 13 -4.85 13.61 2.56
N LYS A 14 -5.01 14.12 3.78
CA LYS A 14 -4.18 13.70 4.91
C LYS A 14 -4.29 12.20 5.19
N ARG A 15 -5.50 11.75 5.49
CA ARG A 15 -5.74 10.35 5.85
C ARG A 15 -5.23 9.43 4.74
N LYS A 16 -5.43 9.85 3.51
CA LYS A 16 -4.96 9.13 2.35
C LYS A 16 -3.45 9.00 2.41
N PHE A 17 -2.78 10.14 2.56
CA PHE A 17 -1.33 10.20 2.66
C PHE A 17 -0.82 9.32 3.79
N GLU A 18 -1.51 9.34 4.94
CA GLU A 18 -1.09 8.55 6.09
C GLU A 18 -0.96 7.07 5.72
N LYS A 19 -1.86 6.61 4.85
CA LYS A 19 -1.82 5.23 4.39
C LYS A 19 -0.63 5.01 3.46
N VAL A 20 -0.57 5.83 2.39
CA VAL A 20 0.53 5.75 1.42
C VAL A 20 1.90 5.97 2.07
N LYS A 21 2.04 7.04 2.85
CA LYS A 21 3.29 7.34 3.54
C LYS A 21 3.77 6.18 4.42
N GLU A 22 2.85 5.48 5.04
CA GLU A 22 3.23 4.34 5.86
C GLU A 22 3.67 3.19 4.95
N TYR A 23 3.19 3.20 3.71
CA TYR A 23 3.59 2.21 2.73
C TYR A 23 4.98 2.55 2.19
N LYS A 24 5.25 3.82 1.94
CA LYS A 24 6.54 4.23 1.43
C LYS A 24 7.61 3.95 2.48
N GLU A 25 7.26 4.18 3.75
CA GLU A 25 8.17 3.89 4.85
C GLU A 25 8.40 2.39 4.93
N ALA A 26 7.32 1.64 4.79
CA ALA A 26 7.37 0.20 4.80
C ALA A 26 8.24 -0.32 3.66
N LEU A 27 8.08 0.27 2.47
CA LEU A 27 8.90 -0.11 1.32
C LEU A 27 10.35 0.29 1.54
N ASP A 28 10.54 1.51 2.06
CA ASP A 28 11.88 2.01 2.34
C ASP A 28 12.57 1.15 3.38
N LEU A 29 11.80 0.67 4.34
CA LEU A 29 12.31 -0.22 5.37
C LEU A 29 12.60 -1.61 4.78
N LEU A 30 11.70 -2.09 3.90
CA LEU A 30 11.92 -3.36 3.20
C LEU A 30 13.21 -3.27 2.39
N ASP A 31 13.49 -2.07 1.95
CA ASP A 31 14.65 -1.79 1.13
C ASP A 31 15.81 -1.29 2.00
N TYR A 32 15.72 -1.56 3.30
CA TYR A 32 16.72 -1.05 4.23
C TYR A 32 17.27 -2.15 5.12
N VAL A 33 16.44 -2.73 5.98
CA VAL A 33 16.90 -3.74 6.90
C VAL A 33 17.26 -5.03 6.17
N GLN A 34 18.10 -5.83 6.81
CA GLN A 34 18.62 -7.04 6.19
C GLN A 34 17.50 -8.00 5.79
N PRO A 35 17.68 -8.70 4.67
CA PRO A 35 16.71 -9.69 4.17
C PRO A 35 16.47 -10.80 5.19
N ASP A 36 17.44 -10.99 6.07
CA ASP A 36 17.35 -12.01 7.09
C ASP A 36 16.40 -11.59 8.21
N VAL A 37 16.24 -10.27 8.40
CA VAL A 37 15.31 -9.79 9.41
C VAL A 37 13.90 -10.08 8.94
N LYS A 38 13.74 -10.20 7.62
CA LYS A 38 12.45 -10.52 7.04
C LYS A 38 12.09 -11.97 7.32
N LYS A 39 13.12 -12.80 7.40
CA LYS A 39 12.96 -14.20 7.75
C LYS A 39 12.60 -14.29 9.24
N ALA A 40 13.33 -13.53 10.04
CA ALA A 40 13.10 -13.48 11.47
C ALA A 40 11.75 -12.80 11.77
N CYS A 41 11.42 -11.79 10.99
CA CYS A 41 10.13 -11.12 11.10
C CYS A 41 9.04 -12.09 10.75
N CYS A 42 9.29 -12.87 9.70
CA CYS A 42 8.38 -13.91 9.28
C CYS A 42 7.95 -14.78 10.46
N GLN A 43 8.90 -15.15 11.30
CA GLN A 43 8.59 -15.97 12.46
C GLN A 43 8.31 -15.11 13.69
N ARG A 44 8.37 -13.81 13.54
CA ARG A 44 8.11 -12.90 14.64
C ARG A 44 6.63 -12.56 14.67
N ASN A 45 6.11 -12.08 13.55
CA ASN A 45 4.68 -11.73 13.48
C ASN A 45 4.15 -11.75 12.05
N GLN A 46 4.77 -12.51 11.16
CA GLN A 46 4.33 -12.53 9.77
C GLN A 46 3.66 -13.84 9.42
N ILE A 47 2.91 -13.83 8.34
CA ILE A 47 2.27 -15.01 7.82
C ILE A 47 2.46 -15.03 6.32
N SER B 1 -12.54 14.88 6.81
CA SER B 1 -12.49 16.00 5.84
C SER B 1 -11.09 16.17 5.25
N ASP B 2 -10.32 15.10 5.24
CA ASP B 2 -8.94 15.15 4.74
C ASP B 2 -8.86 14.53 3.35
N GLY B 3 -8.98 15.36 2.32
CA GLY B 3 -8.93 14.84 0.98
C GLY B 3 -8.22 15.77 0.00
N ASP B 4 -7.95 17.00 0.41
CA ASP B 4 -7.29 17.95 -0.48
C ASP B 4 -5.99 18.47 0.11
N VAL B 5 -5.59 17.95 1.24
CA VAL B 5 -4.36 18.37 1.86
C VAL B 5 -3.20 17.75 1.11
N VAL B 6 -2.63 18.51 0.18
CA VAL B 6 -1.52 18.02 -0.64
C VAL B 6 -0.34 17.60 0.20
N TYR B 7 -0.18 16.30 0.35
CA TYR B 7 0.91 15.74 1.13
C TYR B 7 1.87 15.01 0.22
N THR B 8 2.91 15.74 -0.14
CA THR B 8 3.97 15.25 -1.00
C THR B 8 4.74 14.12 -0.33
N LEU B 9 4.95 13.03 -1.07
CA LEU B 9 5.65 11.88 -0.55
C LEU B 9 6.83 11.56 -1.46
N ASN B 10 7.99 12.12 -1.15
CA ASN B 10 9.20 11.88 -1.95
C ASN B 10 9.65 10.44 -1.73
N ILE B 11 9.48 9.62 -2.74
CA ILE B 11 9.82 8.23 -2.66
C ILE B 11 11.08 7.93 -3.47
N ARG B 12 12.19 7.71 -2.78
CA ARG B 12 13.43 7.38 -3.45
C ARG B 12 13.38 5.95 -3.97
N GLY B 13 13.69 5.78 -5.25
CA GLY B 13 13.62 4.48 -5.86
C GLY B 13 12.40 4.35 -6.77
N LYS B 14 12.65 4.20 -8.08
CA LYS B 14 11.58 4.09 -9.05
C LYS B 14 10.61 2.96 -8.73
N ARG B 15 11.15 1.75 -8.56
CA ARG B 15 10.32 0.57 -8.31
C ARG B 15 9.50 0.77 -7.04
N LYS B 16 10.15 1.32 -6.03
CA LYS B 16 9.52 1.61 -4.77
C LYS B 16 8.33 2.52 -4.99
N PHE B 17 8.55 3.61 -5.73
CA PHE B 17 7.51 4.57 -6.06
C PHE B 17 6.34 3.91 -6.78
N GLU B 18 6.64 3.04 -7.73
CA GLU B 18 5.61 2.36 -8.54
C GLU B 18 4.59 1.67 -7.63
N LYS B 19 5.08 1.12 -6.52
CA LYS B 19 4.22 0.44 -5.57
C LYS B 19 3.35 1.45 -4.82
N VAL B 20 4.00 2.40 -4.17
CA VAL B 20 3.28 3.44 -3.40
C VAL B 20 2.35 4.29 -4.29
N LYS B 21 2.84 4.72 -5.45
CA LYS B 21 2.02 5.47 -6.38
C LYS B 21 0.77 4.69 -6.78
N GLU B 22 0.93 3.38 -6.89
CA GLU B 22 -0.19 2.52 -7.22
C GLU B 22 -1.18 2.56 -6.07
N TYR B 23 -0.66 2.75 -4.87
CA TYR B 23 -1.49 2.82 -3.68
C TYR B 23 -2.18 4.18 -3.59
N LYS B 24 -1.46 5.25 -3.91
CA LYS B 24 -2.04 6.58 -3.83
C LYS B 24 -3.17 6.73 -4.85
N GLU B 25 -2.95 6.22 -6.07
CA GLU B 25 -3.98 6.26 -7.10
C GLU B 25 -5.18 5.43 -6.66
N ALA B 26 -4.89 4.27 -6.11
CA ALA B 26 -5.90 3.37 -5.61
C ALA B 26 -6.70 4.02 -4.47
N LEU B 27 -6.00 4.72 -3.57
CA LEU B 27 -6.67 5.42 -2.48
C LEU B 27 -7.51 6.57 -3.01
N ASP B 28 -6.95 7.31 -3.95
CA ASP B 28 -7.66 8.43 -4.57
C ASP B 28 -8.93 7.93 -5.24
N LEU B 29 -8.83 6.77 -5.87
CA LEU B 29 -9.95 6.13 -6.53
C LEU B 29 -10.96 5.60 -5.52
N LEU B 30 -10.47 5.01 -4.42
CA LEU B 30 -11.33 4.48 -3.35
C LEU B 30 -12.28 5.55 -2.84
N ASP B 31 -11.76 6.75 -2.67
CA ASP B 31 -12.55 7.86 -2.14
C ASP B 31 -13.14 8.69 -3.28
N TYR B 32 -13.19 8.10 -4.47
CA TYR B 32 -13.70 8.81 -5.61
C TYR B 32 -14.99 8.19 -6.13
N VAL B 33 -14.89 6.97 -6.63
CA VAL B 33 -16.02 6.30 -7.23
C VAL B 33 -17.11 6.00 -6.22
N GLN B 34 -18.33 5.90 -6.73
CA GLN B 34 -19.51 5.69 -5.91
C GLN B 34 -19.35 4.51 -4.96
N PRO B 35 -19.91 4.61 -3.75
CA PRO B 35 -19.83 3.55 -2.75
C PRO B 35 -20.41 2.23 -3.27
N ASP B 36 -21.37 2.35 -4.17
CA ASP B 36 -22.02 1.19 -4.78
C ASP B 36 -21.06 0.45 -5.71
N VAL B 37 -20.06 1.14 -6.26
CA VAL B 37 -19.11 0.48 -7.13
C VAL B 37 -18.22 -0.43 -6.30
N LYS B 38 -18.00 -0.08 -5.03
CA LYS B 38 -17.20 -0.91 -4.16
C LYS B 38 -17.94 -2.21 -3.86
N LYS B 39 -19.26 -2.11 -3.84
CA LYS B 39 -20.12 -3.27 -3.64
C LYS B 39 -20.11 -4.12 -4.90
N ALA B 40 -20.28 -3.47 -6.03
CA ALA B 40 -20.28 -4.16 -7.31
C ALA B 40 -18.89 -4.69 -7.64
N CYS B 41 -17.85 -3.96 -7.22
CA CYS B 41 -16.48 -4.42 -7.38
C CYS B 41 -16.28 -5.65 -6.52
N CYS B 42 -16.83 -5.57 -5.32
CA CYS B 42 -16.80 -6.68 -4.38
C CYS B 42 -17.29 -7.96 -5.04
N GLN B 43 -18.28 -7.85 -5.91
CA GLN B 43 -18.80 -9.01 -6.61
C GLN B 43 -18.36 -9.03 -8.08
N ARG B 44 -17.35 -8.23 -8.41
CA ARG B 44 -16.79 -8.21 -9.75
C ARG B 44 -15.48 -8.98 -9.75
N ASN B 45 -14.58 -8.59 -8.84
CA ASN B 45 -13.29 -9.26 -8.74
C ASN B 45 -12.67 -9.10 -7.36
N GLN B 46 -13.46 -8.73 -6.36
CA GLN B 46 -12.90 -8.51 -5.04
C GLN B 46 -13.19 -9.68 -4.13
N ILE B 47 -12.48 -9.73 -3.02
CA ILE B 47 -12.69 -10.74 -2.02
C ILE B 47 -12.52 -10.09 -0.65
N SER C 1 -3.13 -4.83 21.63
CA SER C 1 -2.00 -5.17 20.75
C SER C 1 -2.51 -5.75 19.42
N ASP C 2 -2.48 -4.93 18.38
CA ASP C 2 -3.00 -5.32 17.08
C ASP C 2 -1.87 -5.76 16.15
N GLY C 3 -1.10 -6.77 16.53
CA GLY C 3 0.00 -7.20 15.69
C GLY C 3 0.04 -8.70 15.45
N ASP C 4 -0.82 -9.46 16.11
CA ASP C 4 -0.81 -10.91 15.94
C ASP C 4 -2.19 -11.46 15.60
N VAL C 5 -3.10 -10.59 15.23
CA VAL C 5 -4.44 -11.02 14.86
C VAL C 5 -4.49 -11.38 13.39
N VAL C 6 -4.53 -12.68 13.10
CA VAL C 6 -4.52 -13.16 11.72
C VAL C 6 -5.71 -12.64 10.92
N TYR C 7 -5.43 -11.67 10.07
CA TYR C 7 -6.46 -11.08 9.22
C TYR C 7 -6.17 -11.40 7.76
N THR C 8 -6.78 -12.49 7.32
CA THR C 8 -6.66 -12.97 5.96
C THR C 8 -7.23 -11.97 4.96
N LEU C 9 -6.49 -11.73 3.89
CA LEU C 9 -6.90 -10.80 2.87
C LEU C 9 -6.84 -11.48 1.51
N ASN C 10 -7.96 -12.06 1.09
CA ASN C 10 -8.04 -12.75 -0.20
C ASN C 10 -7.97 -11.72 -1.33
N ILE C 11 -6.84 -11.65 -1.99
CA ILE C 11 -6.63 -10.68 -3.05
C ILE C 11 -6.75 -11.35 -4.41
N ARG C 12 -7.88 -11.18 -5.07
CA ARG C 12 -8.06 -11.73 -6.39
C ARG C 12 -7.21 -10.97 -7.39
N GLY C 13 -6.42 -11.70 -8.16
CA GLY C 13 -5.50 -11.07 -9.09
C GLY C 13 -4.06 -11.16 -8.64
N LYS C 14 -3.22 -11.81 -9.45
CA LYS C 14 -1.81 -11.99 -9.12
C LYS C 14 -1.07 -10.66 -8.97
N ARG C 15 -1.09 -9.85 -10.03
CA ARG C 15 -0.38 -8.58 -10.04
C ARG C 15 -0.84 -7.71 -8.87
N LYS C 16 -2.14 -7.76 -8.62
CA LYS C 16 -2.73 -7.04 -7.52
C LYS C 16 -2.11 -7.49 -6.22
N PHE C 17 -2.18 -8.80 -5.97
CA PHE C 17 -1.63 -9.42 -4.77
C PHE C 17 -0.15 -9.07 -4.60
N GLU C 18 0.61 -9.12 -5.68
CA GLU C 18 2.04 -8.82 -5.62
C GLU C 18 2.29 -7.47 -4.96
N LYS C 19 1.45 -6.49 -5.28
CA LYS C 19 1.56 -5.15 -4.70
C LYS C 19 1.25 -5.17 -3.21
N VAL C 20 0.04 -5.62 -2.89
CA VAL C 20 -0.41 -5.71 -1.49
C VAL C 20 0.45 -6.64 -0.64
N LYS C 21 0.80 -7.81 -1.16
CA LYS C 21 1.63 -8.75 -0.44
C LYS C 21 2.96 -8.13 -0.02
N GLU C 22 3.51 -7.29 -0.87
CA GLU C 22 4.76 -6.63 -0.49
C GLU C 22 4.47 -5.51 0.51
N TYR C 23 3.23 -5.02 0.50
CA TYR C 23 2.81 -4.01 1.47
C TYR C 23 2.70 -4.64 2.84
N LYS C 24 2.11 -5.83 2.90
CA LYS C 24 1.96 -6.52 4.15
C LYS C 24 3.33 -6.89 4.71
N GLU C 25 4.24 -7.29 3.82
CA GLU C 25 5.62 -7.62 4.21
C GLU C 25 6.28 -6.38 4.77
N ALA C 26 6.11 -5.29 4.06
CA ALA C 26 6.66 -4.01 4.44
C ALA C 26 6.11 -3.55 5.79
N LEU C 27 4.82 -3.81 6.01
CA LEU C 27 4.18 -3.46 7.27
C LEU C 27 4.65 -4.39 8.38
N ASP C 28 4.77 -5.66 8.05
CA ASP C 28 5.27 -6.66 8.99
C ASP C 28 6.68 -6.31 9.41
N LEU C 29 7.41 -5.73 8.48
CA LEU C 29 8.77 -5.26 8.73
C LEU C 29 8.75 -3.95 9.51
N LEU C 30 7.81 -3.06 9.16
CA LEU C 30 7.63 -1.80 9.90
C LEU C 30 7.34 -2.11 11.36
N ASP C 31 6.61 -3.19 11.58
CA ASP C 31 6.25 -3.65 12.90
C ASP C 31 7.28 -4.65 13.41
N TYR C 32 8.50 -4.57 12.90
CA TYR C 32 9.52 -5.51 13.29
C TYR C 32 10.84 -4.83 13.63
N VAL C 33 11.47 -4.19 12.65
CA VAL C 33 12.75 -3.58 12.88
C VAL C 33 12.62 -2.32 13.72
N GLN C 34 13.65 -2.06 14.50
CA GLN C 34 13.66 -0.96 15.46
C GLN C 34 13.32 0.39 14.83
N PRO C 35 12.65 1.25 15.59
CA PRO C 35 12.29 2.60 15.13
C PRO C 35 13.52 3.41 14.77
N ASP C 36 14.64 3.03 15.36
CA ASP C 36 15.91 3.72 15.10
C ASP C 36 16.43 3.36 13.72
N VAL C 37 16.13 2.15 13.24
CA VAL C 37 16.54 1.77 11.89
C VAL C 37 15.73 2.59 10.90
N LYS C 38 14.54 3.01 11.33
CA LYS C 38 13.67 3.83 10.50
C LYS C 38 14.24 5.23 10.39
N LYS C 39 14.95 5.64 11.44
CA LYS C 39 15.63 6.94 11.46
C LYS C 39 16.84 6.87 10.54
N ALA C 40 17.58 5.78 10.67
CA ALA C 40 18.74 5.55 9.83
C ALA C 40 18.29 5.33 8.38
N CYS C 41 17.18 4.61 8.21
CA CYS C 41 16.58 4.41 6.91
C CYS C 41 16.12 5.74 6.36
N CYS C 42 15.51 6.53 7.24
CA CYS C 42 15.06 7.87 6.91
C CYS C 42 16.16 8.66 6.20
N GLN C 43 17.42 8.38 6.54
CA GLN C 43 18.54 9.04 5.89
C GLN C 43 19.38 8.08 5.05
N ARG C 44 18.89 6.87 4.83
CA ARG C 44 19.62 5.90 4.01
C ARG C 44 19.06 5.93 2.61
N ASN C 45 17.79 5.57 2.50
CA ASN C 45 17.12 5.52 1.21
C ASN C 45 15.75 6.15 1.26
N GLN C 46 15.42 6.75 2.40
CA GLN C 46 14.09 7.30 2.58
C GLN C 46 14.13 8.80 2.39
N ILE C 47 12.95 9.36 2.18
CA ILE C 47 12.80 10.79 2.05
C ILE C 47 11.60 11.22 2.85
N SER D 1 -4.92 -12.43 -17.53
CA SER D 1 -5.95 -12.96 -16.60
C SER D 1 -5.46 -12.92 -15.15
N ASP D 2 -4.57 -11.98 -14.84
CA ASP D 2 -4.00 -11.88 -13.50
C ASP D 2 -4.80 -10.92 -12.63
N GLY D 3 -6.12 -10.96 -12.77
CA GLY D 3 -6.96 -10.08 -11.97
C GLY D 3 -7.99 -10.85 -11.16
N ASP D 4 -8.09 -12.16 -11.40
CA ASP D 4 -9.07 -12.98 -10.70
C ASP D 4 -8.43 -14.18 -10.02
N VAL D 5 -7.13 -14.14 -9.84
CA VAL D 5 -6.43 -15.23 -9.17
C VAL D 5 -6.44 -14.99 -7.67
N VAL D 6 -7.30 -15.71 -6.96
CA VAL D 6 -7.45 -15.55 -5.51
C VAL D 6 -6.15 -15.85 -4.78
N TYR D 7 -5.51 -14.79 -4.34
CA TYR D 7 -4.26 -14.88 -3.60
C TYR D 7 -4.47 -14.38 -2.17
N THR D 8 -4.58 -15.33 -1.25
CA THR D 8 -4.78 -15.05 0.15
C THR D 8 -3.53 -14.44 0.80
N LEU D 9 -3.74 -13.40 1.60
CA LEU D 9 -2.66 -12.73 2.29
C LEU D 9 -2.98 -12.66 3.78
N ASN D 10 -2.49 -13.63 4.54
CA ASN D 10 -2.73 -13.67 5.99
C ASN D 10 -1.92 -12.57 6.66
N ILE D 11 -2.59 -11.51 7.04
CA ILE D 11 -1.94 -10.39 7.67
C ILE D 11 -2.14 -10.42 9.17
N ARG D 12 -1.13 -10.91 9.88
CA ARG D 12 -1.19 -10.94 11.32
C ARG D 12 -1.10 -9.52 11.86
N GLY D 13 -2.05 -9.12 12.68
CA GLY D 13 -2.08 -7.75 13.16
C GLY D 13 -3.20 -6.95 12.54
N LYS D 14 -4.17 -6.57 13.36
CA LYS D 14 -5.34 -5.82 12.91
C LYS D 14 -4.97 -4.51 12.21
N ARG D 15 -4.22 -3.65 12.89
CA ARG D 15 -3.85 -2.36 12.33
C ARG D 15 -3.10 -2.53 11.03
N LYS D 16 -2.19 -3.49 11.03
CA LYS D 16 -1.43 -3.84 9.85
C LYS D 16 -2.37 -4.14 8.69
N PHE D 17 -3.35 -5.00 8.98
CA PHE D 17 -4.35 -5.40 8.00
C PHE D 17 -5.12 -4.20 7.47
N GLU D 18 -5.54 -3.30 8.36
CA GLU D 18 -6.31 -2.11 7.95
C GLU D 18 -5.61 -1.37 6.82
N LYS D 19 -4.28 -1.32 6.90
CA LYS D 19 -3.48 -0.65 5.90
C LYS D 19 -3.50 -1.44 4.59
N VAL D 20 -3.09 -2.70 4.64
CA VAL D 20 -3.05 -3.58 3.46
C VAL D 20 -4.44 -3.72 2.83
N LYS D 21 -5.44 -4.04 3.64
CA LYS D 21 -6.81 -4.20 3.17
C LYS D 21 -7.28 -2.96 2.44
N GLU D 22 -6.88 -1.79 2.92
CA GLU D 22 -7.25 -0.55 2.27
C GLU D 22 -6.59 -0.50 0.89
N TYR D 23 -5.40 -1.06 0.81
CA TYR D 23 -4.65 -1.11 -0.44
C TYR D 23 -5.24 -2.14 -1.39
N LYS D 24 -5.66 -3.30 -0.86
CA LYS D 24 -6.22 -4.34 -1.71
C LYS D 24 -7.54 -3.86 -2.30
N GLU D 25 -8.37 -3.22 -1.47
CA GLU D 25 -9.65 -2.70 -1.94
C GLU D 25 -9.40 -1.63 -2.98
N ALA D 26 -8.40 -0.81 -2.72
CA ALA D 26 -7.99 0.24 -3.61
C ALA D 26 -7.48 -0.35 -4.93
N LEU D 27 -6.70 -1.42 -4.84
CA LEU D 27 -6.18 -2.11 -6.02
C LEU D 27 -7.32 -2.76 -6.81
N ASP D 28 -8.23 -3.39 -6.08
CA ASP D 28 -9.40 -4.04 -6.69
C ASP D 28 -10.27 -3.00 -7.37
N LEU D 29 -10.36 -1.83 -6.75
CA LEU D 29 -11.13 -0.73 -7.32
C LEU D 29 -10.41 -0.12 -8.52
N LEU D 30 -9.07 -0.04 -8.44
CA LEU D 30 -8.27 0.47 -9.56
C LEU D 30 -8.48 -0.39 -10.80
N ASP D 31 -8.69 -1.68 -10.56
CA ASP D 31 -8.91 -2.64 -11.63
C ASP D 31 -10.41 -2.90 -11.80
N TYR D 32 -11.23 -1.92 -11.42
CA TYR D 32 -12.67 -2.08 -11.51
C TYR D 32 -13.32 -0.92 -12.23
N VAL D 33 -13.21 0.28 -11.66
CA VAL D 33 -13.89 1.42 -12.24
C VAL D 33 -13.25 1.87 -13.52
N GLN D 34 -14.05 2.49 -14.37
CA GLN D 34 -13.64 2.92 -15.69
C GLN D 34 -12.36 3.75 -15.67
N PRO D 35 -11.55 3.66 -16.74
CA PRO D 35 -10.35 4.48 -16.87
C PRO D 35 -10.73 5.95 -16.91
N ASP D 36 -11.95 6.20 -17.35
CA ASP D 36 -12.51 7.53 -17.45
C ASP D 36 -12.61 8.15 -16.07
N VAL D 37 -12.99 7.34 -15.08
CA VAL D 37 -13.14 7.84 -13.73
C VAL D 37 -11.78 8.21 -13.17
N LYS D 38 -10.73 7.54 -13.64
CA LYS D 38 -9.38 7.84 -13.18
C LYS D 38 -8.95 9.21 -13.69
N LYS D 39 -9.45 9.57 -14.88
CA LYS D 39 -9.19 10.88 -15.45
C LYS D 39 -9.90 11.94 -14.63
N ALA D 40 -11.19 11.69 -14.37
CA ALA D 40 -12.00 12.61 -13.60
C ALA D 40 -11.56 12.64 -12.13
N CYS D 41 -11.13 11.51 -11.61
CA CYS D 41 -10.60 11.43 -10.25
C CYS D 41 -9.33 12.25 -10.15
N CYS D 42 -8.50 12.11 -11.18
CA CYS D 42 -7.26 12.86 -11.29
C CYS D 42 -7.52 14.34 -11.08
N GLN D 43 -8.65 14.82 -11.61
CA GLN D 43 -9.02 16.22 -11.46
C GLN D 43 -10.11 16.42 -10.39
N ARG D 44 -10.37 15.39 -9.60
CA ARG D 44 -11.35 15.50 -8.53
C ARG D 44 -10.65 15.71 -7.19
N ASN D 45 -9.66 14.88 -6.91
CA ASN D 45 -8.92 15.00 -5.65
C ASN D 45 -7.53 14.38 -5.76
N GLN D 46 -7.06 14.17 -6.98
CA GLN D 46 -5.78 13.50 -7.17
C GLN D 46 -4.70 14.50 -7.56
N ILE D 47 -3.47 14.04 -7.49
CA ILE D 47 -2.32 14.81 -7.90
C ILE D 47 -1.34 13.88 -8.59
N SER A 1 18.20 -1.14 -9.90
CA SER A 1 18.90 -0.26 -8.94
C SER A 1 18.09 1.01 -8.70
N ASP A 2 16.77 0.88 -8.75
CA ASP A 2 15.89 2.02 -8.58
C ASP A 2 15.44 2.14 -7.13
N GLY A 3 16.32 2.64 -6.29
CA GLY A 3 15.98 2.79 -4.89
C GLY A 3 16.32 4.17 -4.34
N ASP A 4 16.97 5.00 -5.16
CA ASP A 4 17.36 6.34 -4.73
C ASP A 4 16.86 7.41 -5.68
N VAL A 5 16.01 7.00 -6.61
CA VAL A 5 15.45 7.94 -7.57
C VAL A 5 14.25 8.64 -6.94
N VAL A 6 14.45 9.88 -6.52
CA VAL A 6 13.40 10.64 -5.83
C VAL A 6 12.15 10.79 -6.69
N TYR A 7 11.12 10.03 -6.34
CA TYR A 7 9.83 10.06 -7.03
C TYR A 7 8.76 10.63 -6.11
N THR A 8 8.51 11.91 -6.27
CA THR A 8 7.52 12.63 -5.48
C THR A 8 6.11 12.11 -5.76
N LEU A 9 5.34 11.96 -4.70
CA LEU A 9 3.97 11.51 -4.81
C LEU A 9 3.07 12.44 -4.00
N ASN A 10 2.59 13.50 -4.64
CA ASN A 10 1.72 14.47 -3.98
C ASN A 10 0.36 13.83 -3.72
N ILE A 11 0.11 13.52 -2.46
CA ILE A 11 -1.11 12.85 -2.08
C ILE A 11 -2.09 13.82 -1.44
N ARG A 12 -3.09 14.23 -2.21
CA ARG A 12 -4.11 15.12 -1.69
C ARG A 12 -4.98 14.37 -0.67
N GLY A 13 -5.11 14.95 0.51
CA GLY A 13 -5.87 14.30 1.56
C GLY A 13 -4.99 13.72 2.64
N LYS A 14 -5.10 14.26 3.85
CA LYS A 14 -4.28 13.82 4.99
C LYS A 14 -4.41 12.33 5.28
N ARG A 15 -5.64 11.86 5.45
CA ARG A 15 -5.88 10.47 5.82
C ARG A 15 -5.40 9.53 4.72
N LYS A 16 -5.60 9.97 3.49
CA LYS A 16 -5.14 9.23 2.35
C LYS A 16 -3.63 9.07 2.42
N PHE A 17 -2.96 10.19 2.61
CA PHE A 17 -1.51 10.23 2.75
C PHE A 17 -1.03 9.33 3.87
N GLU A 18 -1.71 9.38 5.03
CA GLU A 18 -1.31 8.57 6.18
C GLU A 18 -1.17 7.11 5.78
N LYS A 19 -2.04 6.63 4.91
CA LYS A 19 -1.99 5.26 4.44
C LYS A 19 -0.80 5.02 3.52
N VAL A 20 -0.74 5.79 2.43
CA VAL A 20 0.36 5.69 1.46
C VAL A 20 1.73 5.96 2.09
N LYS A 21 1.84 7.02 2.88
CA LYS A 21 3.09 7.34 3.57
C LYS A 21 3.53 6.17 4.44
N GLU A 22 2.56 5.47 5.02
CA GLU A 22 2.85 4.31 5.85
C GLU A 22 3.43 3.21 4.95
N TYR A 23 3.02 3.22 3.69
CA TYR A 23 3.50 2.27 2.70
C TYR A 23 4.93 2.61 2.28
N LYS A 24 5.18 3.88 1.99
CA LYS A 24 6.50 4.29 1.53
C LYS A 24 7.54 4.05 2.63
N GLU A 25 7.16 4.31 3.88
CA GLU A 25 8.05 4.08 5.01
C GLU A 25 8.36 2.60 5.13
N ALA A 26 7.31 1.80 4.99
CA ALA A 26 7.41 0.38 5.02
C ALA A 26 8.29 -0.13 3.88
N LEU A 27 8.13 0.46 2.69
CA LEU A 27 8.92 0.07 1.53
C LEU A 27 10.38 0.48 1.72
N ASP A 28 10.60 1.67 2.26
CA ASP A 28 11.95 2.16 2.51
C ASP A 28 12.67 1.23 3.46
N LEU A 29 11.93 0.72 4.44
CA LEU A 29 12.46 -0.22 5.41
C LEU A 29 12.71 -1.59 4.78
N LEU A 30 11.77 -2.04 3.91
CA LEU A 30 11.91 -3.33 3.21
C LEU A 30 13.25 -3.43 2.48
N ASP A 31 13.66 -2.32 1.87
CA ASP A 31 14.90 -2.28 1.10
C ASP A 31 16.05 -1.78 1.95
N TYR A 32 15.85 -1.70 3.26
CA TYR A 32 16.88 -1.19 4.13
C TYR A 32 17.47 -2.27 5.03
N VAL A 33 16.62 -2.92 5.80
CA VAL A 33 17.09 -3.92 6.72
C VAL A 33 17.49 -5.21 6.02
N GLN A 34 18.40 -5.93 6.66
CA GLN A 34 18.97 -7.14 6.09
C GLN A 34 17.90 -8.14 5.66
N PRO A 35 18.16 -8.90 4.59
CA PRO A 35 17.23 -9.90 4.08
C PRO A 35 16.91 -10.96 5.12
N ASP A 36 17.85 -11.16 6.05
CA ASP A 36 17.68 -12.14 7.11
C ASP A 36 16.64 -11.69 8.12
N VAL A 37 16.51 -10.37 8.31
CA VAL A 37 15.52 -9.86 9.25
C VAL A 37 14.13 -10.10 8.68
N LYS A 38 14.04 -10.15 7.35
CA LYS A 38 12.77 -10.38 6.69
C LYS A 38 12.36 -11.83 6.89
N LYS A 39 13.35 -12.72 6.88
CA LYS A 39 13.12 -14.13 7.14
C LYS A 39 12.68 -14.30 8.59
N ALA A 40 13.42 -13.67 9.50
CA ALA A 40 13.14 -13.74 10.91
C ALA A 40 11.82 -13.01 11.24
N CYS A 41 11.52 -11.98 10.47
CA CYS A 41 10.25 -11.26 10.63
C CYS A 41 9.10 -12.19 10.28
N CYS A 42 9.29 -12.94 9.21
CA CYS A 42 8.32 -13.94 8.80
C CYS A 42 7.93 -14.82 9.98
N GLN A 43 8.93 -15.26 10.75
CA GLN A 43 8.67 -16.12 11.88
C GLN A 43 8.50 -15.32 13.18
N ARG A 44 8.47 -13.98 13.06
CA ARG A 44 8.26 -13.14 14.23
C ARG A 44 6.79 -12.86 14.37
N ASN A 45 6.17 -12.37 13.31
CA ASN A 45 4.74 -12.08 13.34
C ASN A 45 4.12 -12.06 11.95
N GLN A 46 4.83 -12.58 10.94
CA GLN A 46 4.30 -12.48 9.60
C GLN A 46 3.64 -13.77 9.18
N ILE A 47 2.81 -13.68 8.16
CA ILE A 47 2.11 -14.82 7.64
C ILE A 47 2.14 -14.76 6.12
N SER B 1 -12.37 15.22 7.43
CA SER B 1 -12.69 15.69 6.06
C SER B 1 -11.40 16.05 5.31
N ASP B 2 -10.40 15.19 5.41
CA ASP B 2 -9.10 15.46 4.82
C ASP B 2 -8.96 14.76 3.48
N GLY B 3 -9.18 15.50 2.40
CA GLY B 3 -9.07 14.91 1.07
C GLY B 3 -8.44 15.84 0.05
N ASP B 4 -8.13 17.06 0.44
CA ASP B 4 -7.51 18.03 -0.47
C ASP B 4 -6.20 18.56 0.07
N VAL B 5 -5.80 18.07 1.23
CA VAL B 5 -4.56 18.52 1.83
C VAL B 5 -3.38 17.88 1.12
N VAL B 6 -2.75 18.64 0.22
CA VAL B 6 -1.62 18.14 -0.57
C VAL B 6 -0.48 17.69 0.34
N TYR B 7 -0.34 16.38 0.47
CA TYR B 7 0.72 15.79 1.26
C TYR B 7 1.72 15.06 0.37
N THR B 8 2.78 15.77 0.05
CA THR B 8 3.85 15.26 -0.79
C THR B 8 4.58 14.10 -0.14
N LEU B 9 4.82 13.06 -0.91
CA LEU B 9 5.51 11.89 -0.42
C LEU B 9 6.68 11.56 -1.35
N ASN B 10 7.82 12.18 -1.10
CA ASN B 10 9.02 11.93 -1.90
C ASN B 10 9.48 10.49 -1.68
N ILE B 11 9.33 9.67 -2.70
CA ILE B 11 9.68 8.27 -2.61
C ILE B 11 10.94 7.96 -3.42
N ARG B 12 12.07 7.89 -2.74
CA ARG B 12 13.31 7.52 -3.39
C ARG B 12 13.22 6.09 -3.90
N GLY B 13 13.50 5.90 -5.19
CA GLY B 13 13.40 4.59 -5.78
C GLY B 13 12.19 4.43 -6.67
N LYS B 14 12.43 4.18 -7.96
CA LYS B 14 11.36 4.02 -8.94
C LYS B 14 10.44 2.85 -8.57
N ARG B 15 11.04 1.69 -8.30
CA ARG B 15 10.27 0.49 -8.00
C ARG B 15 9.43 0.70 -6.76
N LYS B 16 10.06 1.30 -5.75
CA LYS B 16 9.40 1.63 -4.52
C LYS B 16 8.19 2.51 -4.79
N PHE B 17 8.42 3.59 -5.55
CA PHE B 17 7.37 4.53 -5.92
C PHE B 17 6.21 3.85 -6.63
N GLU B 18 6.54 2.98 -7.59
CA GLU B 18 5.51 2.29 -8.37
C GLU B 18 4.52 1.60 -7.45
N LYS B 19 5.02 1.05 -6.36
CA LYS B 19 4.16 0.40 -5.38
C LYS B 19 3.29 1.43 -4.67
N VAL B 20 3.93 2.40 -4.03
CA VAL B 20 3.24 3.48 -3.30
C VAL B 20 2.24 4.22 -4.20
N LYS B 21 2.71 4.71 -5.34
CA LYS B 21 1.87 5.43 -6.29
C LYS B 21 0.65 4.61 -6.69
N GLU B 22 0.82 3.30 -6.79
CA GLU B 22 -0.29 2.43 -7.13
C GLU B 22 -1.32 2.48 -6.01
N TYR B 23 -0.83 2.67 -4.79
CA TYR B 23 -1.68 2.77 -3.61
C TYR B 23 -2.35 4.13 -3.55
N LYS B 24 -1.62 5.19 -3.87
CA LYS B 24 -2.18 6.52 -3.80
C LYS B 24 -3.31 6.68 -4.82
N GLU B 25 -3.08 6.17 -6.05
CA GLU B 25 -4.10 6.23 -7.09
C GLU B 25 -5.31 5.42 -6.67
N ALA B 26 -5.03 4.27 -6.06
CA ALA B 26 -6.05 3.38 -5.57
C ALA B 26 -6.87 4.05 -4.46
N LEU B 27 -6.19 4.72 -3.53
CA LEU B 27 -6.87 5.44 -2.44
C LEU B 27 -7.72 6.57 -3.00
N ASP B 28 -7.14 7.32 -3.93
CA ASP B 28 -7.85 8.43 -4.56
C ASP B 28 -9.07 7.93 -5.32
N LEU B 29 -8.95 6.73 -5.87
CA LEU B 29 -10.05 6.10 -6.61
C LEU B 29 -11.10 5.56 -5.65
N LEU B 30 -10.66 4.99 -4.52
CA LEU B 30 -11.58 4.47 -3.50
C LEU B 30 -12.54 5.56 -3.04
N ASP B 31 -12.01 6.77 -2.94
CA ASP B 31 -12.77 7.92 -2.50
C ASP B 31 -13.26 8.74 -3.70
N TYR B 32 -13.37 8.08 -4.86
CA TYR B 32 -13.78 8.79 -6.06
C TYR B 32 -15.06 8.20 -6.65
N VAL B 33 -15.00 6.93 -7.05
CA VAL B 33 -16.14 6.29 -7.68
C VAL B 33 -17.26 6.05 -6.68
N GLN B 34 -18.46 5.80 -7.20
CA GLN B 34 -19.65 5.62 -6.38
C GLN B 34 -19.44 4.52 -5.34
N PRO B 35 -20.05 4.66 -4.15
CA PRO B 35 -19.95 3.66 -3.09
C PRO B 35 -20.54 2.32 -3.51
N ASP B 36 -21.45 2.38 -4.48
CA ASP B 36 -22.11 1.19 -4.97
C ASP B 36 -21.20 0.41 -5.91
N VAL B 37 -20.24 1.09 -6.53
CA VAL B 37 -19.30 0.38 -7.39
C VAL B 37 -18.42 -0.52 -6.54
N LYS B 38 -18.21 -0.13 -5.28
CA LYS B 38 -17.41 -0.92 -4.38
C LYS B 38 -18.13 -2.22 -4.06
N LYS B 39 -19.44 -2.13 -3.93
CA LYS B 39 -20.27 -3.30 -3.68
C LYS B 39 -20.24 -4.20 -4.91
N ALA B 40 -20.39 -3.57 -6.06
CA ALA B 40 -20.36 -4.27 -7.33
C ALA B 40 -18.96 -4.81 -7.63
N CYS B 41 -17.94 -4.10 -7.15
CA CYS B 41 -16.57 -4.57 -7.28
C CYS B 41 -16.38 -5.78 -6.41
N CYS B 42 -16.92 -5.69 -5.19
CA CYS B 42 -16.90 -6.79 -4.24
C CYS B 42 -17.37 -8.09 -4.89
N GLN B 43 -18.37 -7.98 -5.76
CA GLN B 43 -18.90 -9.15 -6.44
C GLN B 43 -18.38 -9.29 -7.88
N ARG B 44 -17.47 -8.41 -8.27
CA ARG B 44 -16.90 -8.47 -9.61
C ARG B 44 -15.62 -9.27 -9.58
N ASN B 45 -14.71 -8.85 -8.72
CA ASN B 45 -13.42 -9.54 -8.60
C ASN B 45 -12.79 -9.34 -7.24
N GLN B 46 -13.58 -8.95 -6.25
CA GLN B 46 -13.03 -8.68 -4.94
C GLN B 46 -13.29 -9.85 -4.02
N ILE B 47 -12.52 -9.90 -2.95
CA ILE B 47 -12.70 -10.90 -1.93
C ILE B 47 -12.51 -10.24 -0.58
N SER C 1 -3.29 -3.77 21.36
CA SER C 1 -2.35 -4.74 20.75
C SER C 1 -2.92 -5.27 19.45
N ASP C 2 -2.44 -4.76 18.34
CA ASP C 2 -2.96 -5.12 17.02
C ASP C 2 -1.85 -5.57 16.10
N GLY C 3 -1.04 -6.52 16.53
CA GLY C 3 0.07 -6.94 15.70
C GLY C 3 0.08 -8.44 15.45
N ASP C 4 -0.79 -9.18 16.12
CA ASP C 4 -0.79 -10.63 15.97
C ASP C 4 -2.16 -11.18 15.62
N VAL C 5 -3.08 -10.30 15.27
CA VAL C 5 -4.42 -10.74 14.90
C VAL C 5 -4.44 -11.13 13.43
N VAL C 6 -4.44 -12.44 13.16
CA VAL C 6 -4.40 -12.95 11.80
C VAL C 6 -5.61 -12.50 11.00
N TYR C 7 -5.39 -11.53 10.14
CA TYR C 7 -6.43 -10.99 9.28
C TYR C 7 -6.16 -11.35 7.83
N THR C 8 -6.80 -12.41 7.39
CA THR C 8 -6.68 -12.90 6.03
C THR C 8 -7.26 -11.93 5.02
N LEU C 9 -6.51 -11.69 3.95
CA LEU C 9 -6.93 -10.76 2.92
C LEU C 9 -6.84 -11.46 1.57
N ASN C 10 -7.93 -12.09 1.15
CA ASN C 10 -7.96 -12.79 -0.14
C ASN C 10 -7.94 -11.76 -1.26
N ILE C 11 -6.84 -11.70 -1.96
CA ILE C 11 -6.66 -10.74 -3.02
C ILE C 11 -6.77 -11.41 -4.38
N ARG C 12 -7.91 -11.26 -5.02
CA ARG C 12 -8.08 -11.83 -6.34
C ARG C 12 -7.26 -11.04 -7.35
N GLY C 13 -6.43 -11.74 -8.11
CA GLY C 13 -5.53 -11.09 -9.05
C GLY C 13 -4.09 -11.13 -8.60
N LYS C 14 -3.27 -11.89 -9.32
CA LYS C 14 -1.85 -12.06 -8.99
C LYS C 14 -1.13 -10.71 -8.88
N ARG C 15 -1.22 -9.90 -9.92
CA ARG C 15 -0.50 -8.62 -9.96
C ARG C 15 -0.99 -7.71 -8.84
N LYS C 16 -2.28 -7.74 -8.60
CA LYS C 16 -2.90 -6.99 -7.54
C LYS C 16 -2.28 -7.38 -6.20
N PHE C 17 -2.24 -8.69 -5.97
CA PHE C 17 -1.66 -9.26 -4.77
C PHE C 17 -0.21 -8.85 -4.60
N GLU C 18 0.56 -8.91 -5.68
CA GLU C 18 1.98 -8.57 -5.63
C GLU C 18 2.18 -7.19 -5.03
N LYS C 19 1.24 -6.29 -5.30
CA LYS C 19 1.28 -4.95 -4.73
C LYS C 19 0.95 -4.98 -3.24
N VAL C 20 -0.24 -5.49 -2.91
CA VAL C 20 -0.68 -5.60 -1.50
C VAL C 20 0.31 -6.38 -0.64
N LYS C 21 0.70 -7.56 -1.11
CA LYS C 21 1.66 -8.40 -0.42
C LYS C 21 2.97 -7.65 -0.17
N GLU C 22 3.36 -6.81 -1.11
CA GLU C 22 4.57 -6.02 -0.94
C GLU C 22 4.37 -5.03 0.19
N TYR C 23 3.12 -4.61 0.37
CA TYR C 23 2.77 -3.68 1.43
C TYR C 23 2.72 -4.39 2.77
N LYS C 24 2.15 -5.60 2.78
CA LYS C 24 2.03 -6.36 4.02
C LYS C 24 3.43 -6.73 4.55
N GLU C 25 4.33 -7.13 3.65
CA GLU C 25 5.72 -7.44 4.01
C GLU C 25 6.36 -6.22 4.63
N ALA C 26 6.14 -5.08 3.98
CA ALA C 26 6.66 -3.82 4.43
C ALA C 26 6.08 -3.42 5.78
N LEU C 27 4.78 -3.64 5.96
CA LEU C 27 4.11 -3.34 7.23
C LEU C 27 4.63 -4.23 8.34
N ASP C 28 4.75 -5.51 8.05
CA ASP C 28 5.25 -6.48 9.02
C ASP C 28 6.69 -6.15 9.41
N LEU C 29 7.44 -5.67 8.43
CA LEU C 29 8.83 -5.26 8.65
C LEU C 29 8.89 -3.95 9.45
N LEU C 30 7.94 -3.05 9.22
CA LEU C 30 7.88 -1.78 9.95
C LEU C 30 7.74 -2.02 11.45
N ASP C 31 6.99 -3.06 11.81
CA ASP C 31 6.80 -3.41 13.21
C ASP C 31 7.80 -4.48 13.64
N TYR C 32 8.86 -4.66 12.86
CA TYR C 32 9.80 -5.71 13.16
C TYR C 32 11.16 -5.16 13.54
N VAL C 33 11.80 -4.45 12.63
CA VAL C 33 13.14 -3.98 12.85
C VAL C 33 13.17 -2.81 13.84
N GLN C 34 14.33 -2.66 14.48
CA GLN C 34 14.54 -1.67 15.52
C GLN C 34 14.17 -0.26 15.06
N PRO C 35 13.73 0.59 16.01
CA PRO C 35 13.40 1.98 15.72
C PRO C 35 14.62 2.74 15.21
N ASP C 36 15.80 2.28 15.60
CA ASP C 36 17.04 2.92 15.20
C ASP C 36 17.36 2.65 13.73
N VAL C 37 17.00 1.46 13.25
CA VAL C 37 17.23 1.16 11.85
C VAL C 37 16.35 2.06 11.00
N LYS C 38 15.19 2.44 11.55
CA LYS C 38 14.28 3.31 10.85
C LYS C 38 14.90 4.71 10.75
N LYS C 39 15.52 5.15 11.85
CA LYS C 39 16.20 6.44 11.88
C LYS C 39 17.30 6.44 10.81
N ALA C 40 18.12 5.39 10.86
CA ALA C 40 19.21 5.23 9.91
C ALA C 40 18.68 5.02 8.48
N CYS C 41 17.53 4.37 8.37
CA CYS C 41 16.90 4.16 7.07
C CYS C 41 16.45 5.49 6.49
N CYS C 42 15.82 6.29 7.33
CA CYS C 42 15.39 7.62 6.93
C CYS C 42 16.54 8.40 6.31
N GLN C 43 17.75 8.20 6.83
CA GLN C 43 18.92 8.89 6.29
C GLN C 43 19.76 7.99 5.38
N ARG C 44 19.24 6.81 5.05
CA ARG C 44 19.95 5.88 4.19
C ARG C 44 19.46 6.03 2.76
N ASN C 45 18.16 5.94 2.56
CA ASN C 45 17.57 6.06 1.22
C ASN C 45 16.14 6.57 1.28
N GLN C 46 15.80 7.23 2.38
CA GLN C 46 14.43 7.69 2.56
C GLN C 46 14.34 9.18 2.34
N ILE C 47 13.12 9.67 2.21
CA ILE C 47 12.86 11.08 2.07
C ILE C 47 11.70 11.44 2.99
N SER D 1 -2.84 -10.13 -17.28
CA SER D 1 -3.81 -11.23 -17.44
C SER D 1 -4.05 -11.95 -16.10
N ASP D 2 -3.84 -11.23 -15.00
CA ASP D 2 -3.98 -11.82 -13.67
C ASP D 2 -4.82 -10.91 -12.77
N GLY D 3 -6.14 -11.08 -12.80
CA GLY D 3 -6.98 -10.23 -11.97
C GLY D 3 -7.99 -11.00 -11.17
N ASP D 4 -8.05 -12.32 -11.35
CA ASP D 4 -9.03 -13.13 -10.64
C ASP D 4 -8.39 -14.32 -9.93
N VAL D 5 -7.07 -14.28 -9.77
CA VAL D 5 -6.38 -15.35 -9.07
C VAL D 5 -6.38 -15.08 -7.58
N VAL D 6 -7.17 -15.83 -6.84
CA VAL D 6 -7.30 -15.64 -5.40
C VAL D 6 -5.97 -15.86 -4.67
N TYR D 7 -5.37 -14.76 -4.27
CA TYR D 7 -4.12 -14.79 -3.54
C TYR D 7 -4.34 -14.29 -2.11
N THR D 8 -4.42 -15.24 -1.21
CA THR D 8 -4.65 -14.96 0.21
C THR D 8 -3.44 -14.31 0.85
N LEU D 9 -3.69 -13.30 1.65
CA LEU D 9 -2.63 -12.59 2.35
C LEU D 9 -2.96 -12.51 3.84
N ASN D 10 -2.54 -13.51 4.59
CA ASN D 10 -2.79 -13.54 6.02
C ASN D 10 -1.97 -12.45 6.70
N ILE D 11 -2.62 -11.36 7.04
CA ILE D 11 -1.96 -10.23 7.64
C ILE D 11 -2.15 -10.23 9.14
N ARG D 12 -1.14 -10.71 9.84
CA ARG D 12 -1.19 -10.72 11.30
C ARG D 12 -1.10 -9.28 11.81
N GLY D 13 -2.06 -8.89 12.63
CA GLY D 13 -2.10 -7.52 13.11
C GLY D 13 -3.26 -6.73 12.52
N LYS D 14 -4.18 -6.32 13.38
CA LYS D 14 -5.37 -5.57 12.97
C LYS D 14 -5.03 -4.28 12.23
N ARG D 15 -4.28 -3.39 12.89
CA ARG D 15 -3.96 -2.09 12.29
C ARG D 15 -3.17 -2.29 11.01
N LYS D 16 -2.31 -3.29 11.01
CA LYS D 16 -1.54 -3.64 9.85
C LYS D 16 -2.50 -3.94 8.70
N PHE D 17 -3.40 -4.88 8.96
CA PHE D 17 -4.41 -5.31 8.00
C PHE D 17 -5.23 -4.13 7.49
N GLU D 18 -5.63 -3.24 8.39
CA GLU D 18 -6.46 -2.09 7.99
C GLU D 18 -5.79 -1.31 6.88
N LYS D 19 -4.47 -1.20 6.95
CA LYS D 19 -3.70 -0.50 5.92
C LYS D 19 -3.72 -1.29 4.61
N VAL D 20 -3.23 -2.52 4.67
CA VAL D 20 -3.19 -3.40 3.49
C VAL D 20 -4.56 -3.66 2.88
N LYS D 21 -5.55 -3.98 3.70
CA LYS D 21 -6.90 -4.20 3.22
C LYS D 21 -7.43 -2.98 2.49
N GLU D 22 -7.06 -1.80 2.98
CA GLU D 22 -7.46 -0.55 2.35
C GLU D 22 -6.80 -0.48 0.97
N TYR D 23 -5.63 -1.09 0.88
CA TYR D 23 -4.85 -1.12 -0.35
C TYR D 23 -5.45 -2.13 -1.33
N LYS D 24 -5.81 -3.31 -0.83
CA LYS D 24 -6.37 -4.34 -1.69
C LYS D 24 -7.71 -3.88 -2.26
N GLU D 25 -8.54 -3.23 -1.43
CA GLU D 25 -9.82 -2.71 -1.87
C GLU D 25 -9.59 -1.65 -2.94
N ALA D 26 -8.61 -0.80 -2.67
CA ALA D 26 -8.23 0.25 -3.58
C ALA D 26 -7.71 -0.32 -4.90
N LEU D 27 -6.93 -1.41 -4.84
CA LEU D 27 -6.42 -2.06 -6.04
C LEU D 27 -7.54 -2.74 -6.79
N ASP D 28 -8.43 -3.40 -6.05
CA ASP D 28 -9.57 -4.07 -6.64
C ASP D 28 -10.45 -3.06 -7.36
N LEU D 29 -10.57 -1.88 -6.75
CA LEU D 29 -11.32 -0.79 -7.33
C LEU D 29 -10.56 -0.20 -8.53
N LEU D 30 -9.22 -0.11 -8.41
CA LEU D 30 -8.39 0.37 -9.52
C LEU D 30 -8.55 -0.53 -10.74
N ASP D 31 -8.79 -1.80 -10.49
CA ASP D 31 -8.96 -2.78 -11.55
C ASP D 31 -10.45 -3.06 -11.77
N TYR D 32 -11.30 -2.12 -11.34
CA TYR D 32 -12.73 -2.31 -11.48
C TYR D 32 -13.37 -1.18 -12.26
N VAL D 33 -13.30 0.05 -11.75
CA VAL D 33 -13.95 1.15 -12.41
C VAL D 33 -13.24 1.54 -13.70
N GLN D 34 -13.98 2.20 -14.58
CA GLN D 34 -13.49 2.57 -15.90
C GLN D 34 -12.17 3.33 -15.81
N PRO D 35 -11.29 3.13 -16.80
CA PRO D 35 -9.98 3.77 -16.85
C PRO D 35 -10.08 5.29 -16.91
N ASP D 36 -11.19 5.77 -17.47
CA ASP D 36 -11.40 7.21 -17.61
C ASP D 36 -11.78 7.85 -16.28
N VAL D 37 -12.32 7.07 -15.34
CA VAL D 37 -12.65 7.63 -14.05
C VAL D 37 -11.38 7.99 -13.32
N LYS D 38 -10.30 7.30 -13.63
CA LYS D 38 -9.01 7.55 -13.01
C LYS D 38 -8.47 8.89 -13.49
N LYS D 39 -8.74 9.19 -14.75
CA LYS D 39 -8.34 10.46 -15.34
C LYS D 39 -9.16 11.58 -14.71
N ALA D 40 -10.46 11.34 -14.61
CA ALA D 40 -11.36 12.30 -13.99
C ALA D 40 -11.09 12.42 -12.50
N CYS D 41 -10.66 11.32 -11.88
CA CYS D 41 -10.28 11.33 -10.47
C CYS D 41 -9.04 12.18 -10.31
N CYS D 42 -8.10 12.02 -11.24
CA CYS D 42 -6.88 12.83 -11.26
C CYS D 42 -7.22 14.31 -11.09
N GLN D 43 -8.25 14.76 -11.80
CA GLN D 43 -8.64 16.16 -11.75
C GLN D 43 -9.80 16.39 -10.77
N ARG D 44 -10.16 15.36 -10.00
CA ARG D 44 -11.21 15.49 -9.01
C ARG D 44 -10.61 15.81 -7.65
N ASN D 45 -9.61 15.03 -7.24
CA ASN D 45 -8.96 15.24 -5.96
C ASN D 45 -7.58 14.61 -5.91
N GLN D 46 -6.99 14.36 -7.06
CA GLN D 46 -5.70 13.69 -7.10
C GLN D 46 -4.60 14.62 -7.55
N ILE D 47 -3.37 14.18 -7.33
CA ILE D 47 -2.21 14.89 -7.79
C ILE D 47 -1.25 13.88 -8.40
N SER A 1 19.65 0.28 -8.89
CA SER A 1 19.77 1.76 -8.97
C SER A 1 18.40 2.43 -8.80
N ASP A 2 17.35 1.66 -8.97
CA ASP A 2 15.98 2.19 -8.83
C ASP A 2 15.52 2.17 -7.38
N GLY A 3 16.43 2.43 -6.45
CA GLY A 3 16.08 2.48 -5.05
C GLY A 3 16.39 3.83 -4.43
N ASP A 4 17.03 4.71 -5.21
CA ASP A 4 17.42 6.02 -4.71
C ASP A 4 16.95 7.14 -5.63
N VAL A 5 16.03 6.82 -6.53
CA VAL A 5 15.51 7.81 -7.45
C VAL A 5 14.33 8.51 -6.80
N VAL A 6 14.51 9.77 -6.41
CA VAL A 6 13.47 10.53 -5.72
C VAL A 6 12.23 10.71 -6.58
N TYR A 7 11.20 9.95 -6.26
CA TYR A 7 9.93 10.01 -6.97
C TYR A 7 8.85 10.56 -6.05
N THR A 8 8.59 11.84 -6.23
CA THR A 8 7.60 12.55 -5.46
C THR A 8 6.19 12.05 -5.75
N LEU A 9 5.40 11.88 -4.70
CA LEU A 9 4.03 11.43 -4.82
C LEU A 9 3.11 12.41 -4.09
N ASN A 10 2.59 13.38 -4.81
CA ASN A 10 1.69 14.37 -4.22
C ASN A 10 0.35 13.70 -3.92
N ILE A 11 0.11 13.45 -2.65
CA ILE A 11 -1.10 12.77 -2.22
C ILE A 11 -2.12 13.74 -1.63
N ARG A 12 -3.11 14.10 -2.41
CA ARG A 12 -4.18 14.94 -1.91
C ARG A 12 -4.99 14.20 -0.85
N GLY A 13 -5.09 14.78 0.33
CA GLY A 13 -5.80 14.15 1.41
C GLY A 13 -4.89 13.69 2.53
N LYS A 14 -5.05 14.28 3.71
CA LYS A 14 -4.25 13.93 4.87
C LYS A 14 -4.39 12.45 5.23
N ARG A 15 -5.62 12.00 5.42
CA ARG A 15 -5.89 10.61 5.79
C ARG A 15 -5.35 9.67 4.71
N LYS A 16 -5.58 10.05 3.46
CA LYS A 16 -5.12 9.30 2.32
C LYS A 16 -3.60 9.13 2.41
N PHE A 17 -2.92 10.25 2.59
CA PHE A 17 -1.48 10.29 2.71
C PHE A 17 -0.97 9.40 3.84
N GLU A 18 -1.64 9.44 4.99
CA GLU A 18 -1.23 8.63 6.15
C GLU A 18 -1.10 7.16 5.76
N LYS A 19 -2.01 6.69 4.94
CA LYS A 19 -1.98 5.31 4.47
C LYS A 19 -0.78 5.08 3.55
N VAL A 20 -0.69 5.89 2.51
CA VAL A 20 0.41 5.81 1.55
C VAL A 20 1.78 6.00 2.23
N LYS A 21 1.94 7.06 3.02
CA LYS A 21 3.18 7.32 3.74
C LYS A 21 3.59 6.13 4.59
N GLU A 22 2.61 5.44 5.16
CA GLU A 22 2.90 4.27 5.98
C GLU A 22 3.51 3.19 5.07
N TYR A 23 3.02 3.15 3.84
CA TYR A 23 3.50 2.20 2.84
C TYR A 23 4.90 2.58 2.36
N LYS A 24 5.14 3.87 2.16
CA LYS A 24 6.45 4.31 1.68
C LYS A 24 7.51 4.04 2.75
N GLU A 25 7.16 4.28 4.02
CA GLU A 25 8.07 3.99 5.12
C GLU A 25 8.36 2.51 5.16
N ALA A 26 7.29 1.73 5.02
CA ALA A 26 7.37 0.28 5.01
C ALA A 26 8.25 -0.22 3.86
N LEU A 27 8.07 0.35 2.67
CA LEU A 27 8.89 -0.03 1.51
C LEU A 27 10.33 0.39 1.72
N ASP A 28 10.53 1.59 2.26
CA ASP A 28 11.88 2.10 2.53
C ASP A 28 12.58 1.19 3.53
N LEU A 29 11.82 0.69 4.49
CA LEU A 29 12.35 -0.24 5.48
C LEU A 29 12.63 -1.60 4.84
N LEU A 30 11.73 -2.05 3.95
CA LEU A 30 11.94 -3.30 3.20
C LEU A 30 13.24 -3.20 2.41
N ASP A 31 13.51 -2.01 1.92
CA ASP A 31 14.70 -1.71 1.13
C ASP A 31 15.83 -1.22 2.04
N TYR A 32 15.75 -1.53 3.33
CA TYR A 32 16.77 -1.04 4.25
C TYR A 32 17.37 -2.16 5.09
N VAL A 33 16.56 -2.79 5.93
CA VAL A 33 17.05 -3.80 6.83
C VAL A 33 17.47 -5.07 6.09
N GLN A 34 18.34 -5.84 6.72
CA GLN A 34 18.92 -7.02 6.12
C GLN A 34 17.86 -8.04 5.72
N PRO A 35 18.10 -8.80 4.63
CA PRO A 35 17.18 -9.83 4.16
C PRO A 35 16.92 -10.88 5.23
N ASP A 36 17.91 -11.08 6.10
CA ASP A 36 17.80 -12.03 7.20
C ASP A 36 16.71 -11.61 8.15
N VAL A 37 16.53 -10.31 8.32
CA VAL A 37 15.49 -9.82 9.21
C VAL A 37 14.13 -10.10 8.60
N LYS A 38 14.08 -10.17 7.27
CA LYS A 38 12.82 -10.49 6.59
C LYS A 38 12.47 -11.95 6.80
N LYS A 39 13.49 -12.78 6.93
CA LYS A 39 13.30 -14.19 7.21
C LYS A 39 12.82 -14.35 8.64
N ALA A 40 13.50 -13.67 9.55
CA ALA A 40 13.14 -13.70 10.95
C ALA A 40 11.79 -13.01 11.19
N CYS A 41 11.55 -11.91 10.48
CA CYS A 41 10.27 -11.22 10.53
C CYS A 41 9.18 -12.14 10.03
N CYS A 42 9.50 -12.84 8.96
CA CYS A 42 8.59 -13.82 8.39
C CYS A 42 8.06 -14.76 9.46
N GLN A 43 8.92 -15.15 10.41
CA GLN A 43 8.51 -16.04 11.49
C GLN A 43 8.27 -15.28 12.79
N ARG A 44 8.30 -13.95 12.74
CA ARG A 44 8.09 -13.14 13.93
C ARG A 44 6.65 -12.65 13.96
N ASN A 45 6.23 -12.04 12.87
CA ASN A 45 4.89 -11.46 12.79
C ASN A 45 4.30 -11.60 11.40
N GLN A 46 4.98 -12.32 10.52
CA GLN A 46 4.49 -12.46 9.16
C GLN A 46 3.78 -13.79 9.01
N ILE A 47 3.12 -13.98 7.89
CA ILE A 47 2.43 -15.20 7.62
C ILE A 47 2.60 -15.59 6.16
N SER B 1 -11.00 19.04 6.80
CA SER B 1 -10.61 18.77 5.41
C SER B 1 -9.36 17.90 5.37
N ASP B 2 -9.50 16.71 4.80
CA ASP B 2 -8.39 15.77 4.75
C ASP B 2 -8.48 14.86 3.52
N GLY B 3 -9.11 15.37 2.46
CA GLY B 3 -9.21 14.59 1.23
C GLY B 3 -8.58 15.30 0.05
N ASP B 4 -8.27 16.58 0.22
CA ASP B 4 -7.67 17.38 -0.84
C ASP B 4 -6.44 18.12 -0.35
N VAL B 5 -5.94 17.72 0.80
CA VAL B 5 -4.75 18.36 1.35
C VAL B 5 -3.51 17.76 0.69
N VAL B 6 -2.94 18.50 -0.25
CA VAL B 6 -1.78 18.03 -1.00
C VAL B 6 -0.61 17.66 -0.08
N TYR B 7 -0.43 16.37 0.12
CA TYR B 7 0.64 15.84 0.95
C TYR B 7 1.67 15.10 0.09
N THR B 8 2.76 15.77 -0.18
CA THR B 8 3.84 15.25 -0.99
C THR B 8 4.61 14.15 -0.27
N LEU B 9 4.86 13.05 -0.98
CA LEU B 9 5.57 11.92 -0.41
C LEU B 9 6.75 11.57 -1.32
N ASN B 10 7.93 12.11 -1.01
CA ASN B 10 9.12 11.85 -1.82
C ASN B 10 9.57 10.41 -1.60
N ILE B 11 9.32 9.58 -2.59
CA ILE B 11 9.66 8.18 -2.49
C ILE B 11 10.93 7.88 -3.28
N ARG B 12 12.02 7.70 -2.56
CA ARG B 12 13.27 7.36 -3.20
C ARG B 12 13.22 5.95 -3.75
N GLY B 13 13.54 5.79 -5.01
CA GLY B 13 13.46 4.49 -5.65
C GLY B 13 12.24 4.35 -6.54
N LYS B 14 12.49 4.15 -7.83
CA LYS B 14 11.41 4.00 -8.80
C LYS B 14 10.49 2.84 -8.47
N ARG B 15 11.05 1.65 -8.33
CA ARG B 15 10.25 0.46 -8.04
C ARG B 15 9.40 0.71 -6.82
N LYS B 16 10.04 1.25 -5.79
CA LYS B 16 9.41 1.59 -4.54
C LYS B 16 8.21 2.50 -4.80
N PHE B 17 8.46 3.60 -5.51
CA PHE B 17 7.44 4.56 -5.86
C PHE B 17 6.27 3.92 -6.56
N GLU B 18 6.55 3.09 -7.55
CA GLU B 18 5.49 2.45 -8.35
C GLU B 18 4.49 1.72 -7.46
N LYS B 19 4.98 1.15 -6.37
CA LYS B 19 4.13 0.46 -5.41
C LYS B 19 3.25 1.46 -4.64
N VAL B 20 3.91 2.40 -3.96
CA VAL B 20 3.19 3.43 -3.19
C VAL B 20 2.28 4.29 -4.08
N LYS B 21 2.79 4.69 -5.23
CA LYS B 21 2.03 5.46 -6.20
C LYS B 21 0.77 4.71 -6.60
N GLU B 22 0.87 3.40 -6.70
CA GLU B 22 -0.26 2.58 -7.03
C GLU B 22 -1.27 2.64 -5.89
N TYR B 23 -0.75 2.79 -4.68
CA TYR B 23 -1.58 2.88 -3.50
C TYR B 23 -2.30 4.22 -3.45
N LYS B 24 -1.57 5.29 -3.72
CA LYS B 24 -2.16 6.61 -3.69
C LYS B 24 -3.23 6.75 -4.78
N GLU B 25 -2.95 6.14 -5.94
CA GLU B 25 -3.88 6.15 -7.06
C GLU B 25 -5.14 5.40 -6.67
N ALA B 26 -4.93 4.24 -6.08
CA ALA B 26 -6.00 3.40 -5.59
C ALA B 26 -6.80 4.11 -4.49
N LEU B 27 -6.11 4.79 -3.58
CA LEU B 27 -6.78 5.54 -2.51
C LEU B 27 -7.62 6.65 -3.11
N ASP B 28 -7.08 7.33 -4.11
CA ASP B 28 -7.79 8.41 -4.79
C ASP B 28 -9.02 7.87 -5.51
N LEU B 29 -8.88 6.70 -6.10
CA LEU B 29 -10.01 6.05 -6.77
C LEU B 29 -11.05 5.59 -5.75
N LEU B 30 -10.58 5.10 -4.59
CA LEU B 30 -11.48 4.73 -3.49
C LEU B 30 -12.29 5.96 -3.06
N ASP B 31 -11.59 7.09 -3.09
CA ASP B 31 -12.17 8.38 -2.71
C ASP B 31 -12.77 9.07 -3.93
N TYR B 32 -13.11 8.31 -4.98
CA TYR B 32 -13.64 8.91 -6.17
C TYR B 32 -14.93 8.26 -6.64
N VAL B 33 -14.86 7.00 -7.05
CA VAL B 33 -16.01 6.33 -7.60
C VAL B 33 -17.09 6.06 -6.57
N GLN B 34 -18.32 5.93 -7.06
CA GLN B 34 -19.49 5.76 -6.21
C GLN B 34 -19.33 4.57 -5.26
N PRO B 35 -19.90 4.67 -4.04
CA PRO B 35 -19.85 3.60 -3.06
C PRO B 35 -20.50 2.33 -3.57
N ASP B 36 -21.43 2.49 -4.50
CA ASP B 36 -22.14 1.34 -5.08
C ASP B 36 -21.23 0.56 -6.02
N VAL B 37 -20.28 1.25 -6.65
CA VAL B 37 -19.34 0.56 -7.52
C VAL B 37 -18.43 -0.31 -6.66
N LYS B 38 -18.27 0.10 -5.41
CA LYS B 38 -17.45 -0.64 -4.46
C LYS B 38 -18.18 -1.91 -4.04
N LYS B 39 -19.50 -1.82 -3.99
CA LYS B 39 -20.33 -2.98 -3.69
C LYS B 39 -20.25 -3.95 -4.86
N ALA B 40 -20.42 -3.40 -6.05
CA ALA B 40 -20.35 -4.17 -7.27
C ALA B 40 -18.94 -4.70 -7.50
N CYS B 41 -17.94 -3.90 -7.15
CA CYS B 41 -16.54 -4.31 -7.21
C CYS B 41 -16.31 -5.43 -6.24
N CYS B 42 -16.85 -5.25 -5.04
CA CYS B 42 -16.79 -6.25 -3.99
C CYS B 42 -17.20 -7.63 -4.53
N GLN B 43 -18.10 -7.64 -5.51
CA GLN B 43 -18.56 -8.90 -6.09
C GLN B 43 -18.11 -9.04 -7.56
N ARG B 44 -17.21 -8.18 -8.02
CA ARG B 44 -16.72 -8.25 -9.39
C ARG B 44 -15.33 -8.86 -9.42
N ASN B 45 -14.45 -8.32 -8.60
CA ASN B 45 -13.06 -8.76 -8.58
C ASN B 45 -12.48 -8.73 -7.18
N GLN B 46 -13.32 -8.42 -6.20
CA GLN B 46 -12.83 -8.27 -4.84
C GLN B 46 -13.18 -9.48 -4.01
N ILE B 47 -12.51 -9.60 -2.89
CA ILE B 47 -12.77 -10.66 -1.93
C ILE B 47 -12.68 -10.05 -0.55
N SER C 1 -2.56 -5.51 21.40
CA SER C 1 -2.33 -6.90 20.95
C SER C 1 -2.70 -7.06 19.47
N ASP C 2 -2.87 -5.94 18.78
CA ASP C 2 -3.29 -5.96 17.38
C ASP C 2 -2.10 -6.00 16.42
N GLY C 3 -1.10 -6.82 16.75
CA GLY C 3 0.07 -6.95 15.89
C GLY C 3 0.33 -8.39 15.50
N ASP C 4 -0.41 -9.31 16.12
CA ASP C 4 -0.23 -10.74 15.84
C ASP C 4 -1.57 -11.42 15.56
N VAL C 5 -2.56 -10.64 15.20
CA VAL C 5 -3.88 -11.19 14.90
C VAL C 5 -3.97 -11.55 13.42
N VAL C 6 -3.99 -12.85 13.13
CA VAL C 6 -4.03 -13.31 11.74
C VAL C 6 -5.28 -12.85 11.01
N TYR C 7 -5.10 -11.85 10.16
CA TYR C 7 -6.18 -11.29 9.36
C TYR C 7 -5.94 -11.59 7.89
N THR C 8 -6.66 -12.57 7.41
CA THR C 8 -6.58 -13.02 6.03
C THR C 8 -7.15 -11.97 5.07
N LEU C 9 -6.43 -11.75 3.97
CA LEU C 9 -6.86 -10.80 2.96
C LEU C 9 -6.83 -11.47 1.59
N ASN C 10 -7.95 -12.06 1.19
CA ASN C 10 -8.04 -12.73 -0.11
C ASN C 10 -8.00 -11.70 -1.22
N ILE C 11 -6.87 -11.62 -1.89
CA ILE C 11 -6.69 -10.63 -2.94
C ILE C 11 -6.80 -11.27 -4.32
N ARG C 12 -7.94 -11.06 -4.97
CA ARG C 12 -8.13 -11.60 -6.29
C ARG C 12 -7.28 -10.84 -7.30
N GLY C 13 -6.48 -11.57 -8.06
CA GLY C 13 -5.58 -10.95 -9.01
C GLY C 13 -4.13 -11.00 -8.56
N LYS C 14 -3.30 -11.69 -9.34
CA LYS C 14 -1.89 -11.84 -9.03
C LYS C 14 -1.17 -10.50 -8.88
N ARG C 15 -1.22 -9.67 -9.93
CA ARG C 15 -0.52 -8.39 -9.93
C ARG C 15 -0.98 -7.54 -8.76
N LYS C 16 -2.28 -7.59 -8.52
CA LYS C 16 -2.89 -6.89 -7.42
C LYS C 16 -2.25 -7.33 -6.11
N PHE C 17 -2.27 -8.64 -5.88
CA PHE C 17 -1.70 -9.24 -4.69
C PHE C 17 -0.24 -8.86 -4.53
N GLU C 18 0.53 -8.89 -5.62
CA GLU C 18 1.96 -8.55 -5.57
C GLU C 18 2.17 -7.21 -4.87
N LYS C 19 1.32 -6.25 -5.18
CA LYS C 19 1.42 -4.93 -4.59
C LYS C 19 1.11 -4.98 -3.08
N VAL C 20 -0.08 -5.44 -2.76
CA VAL C 20 -0.53 -5.57 -1.36
C VAL C 20 0.38 -6.49 -0.53
N LYS C 21 0.74 -7.65 -1.08
CA LYS C 21 1.60 -8.60 -0.40
C LYS C 21 2.92 -7.96 0.02
N GLU C 22 3.45 -7.06 -0.80
CA GLU C 22 4.68 -6.41 -0.42
C GLU C 22 4.40 -5.33 0.61
N TYR C 23 3.17 -4.82 0.62
CA TYR C 23 2.75 -3.84 1.61
C TYR C 23 2.65 -4.51 2.97
N LYS C 24 2.09 -5.73 2.99
CA LYS C 24 1.94 -6.45 4.25
C LYS C 24 3.31 -6.84 4.78
N GLU C 25 4.23 -7.17 3.88
CA GLU C 25 5.60 -7.50 4.26
C GLU C 25 6.28 -6.26 4.81
N ALA C 26 6.11 -5.16 4.10
CA ALA C 26 6.64 -3.89 4.49
C ALA C 26 6.08 -3.47 5.86
N LEU C 27 4.78 -3.70 6.07
CA LEU C 27 4.16 -3.39 7.35
C LEU C 27 4.71 -4.30 8.44
N ASP C 28 4.89 -5.57 8.11
CA ASP C 28 5.44 -6.54 9.04
C ASP C 28 6.86 -6.15 9.42
N LEU C 29 7.60 -5.65 8.45
CA LEU C 29 8.96 -5.19 8.67
C LEU C 29 8.96 -3.92 9.50
N LEU C 30 8.00 -3.00 9.23
CA LEU C 30 7.86 -1.79 10.04
C LEU C 30 7.60 -2.18 11.50
N ASP C 31 6.87 -3.26 11.66
CA ASP C 31 6.49 -3.80 12.97
C ASP C 31 7.52 -4.84 13.42
N TYR C 32 8.70 -4.82 12.82
CA TYR C 32 9.71 -5.81 13.15
C TYR C 32 11.04 -5.16 13.56
N VAL C 33 11.68 -4.47 12.63
CA VAL C 33 12.98 -3.90 12.90
C VAL C 33 12.88 -2.70 13.84
N GLN C 34 13.98 -2.45 14.54
CA GLN C 34 14.04 -1.41 15.56
C GLN C 34 13.66 -0.03 15.01
N PRO C 35 13.08 0.82 15.86
CA PRO C 35 12.69 2.19 15.46
C PRO C 35 13.90 3.01 15.06
N ASP C 36 15.06 2.61 15.57
CA ASP C 36 16.31 3.30 15.28
C ASP C 36 16.74 3.03 13.85
N VAL C 37 16.42 1.85 13.34
CA VAL C 37 16.76 1.53 11.96
C VAL C 37 15.94 2.40 11.03
N LYS C 38 14.77 2.83 11.53
CA LYS C 38 13.88 3.69 10.76
C LYS C 38 14.48 5.09 10.67
N LYS C 39 15.28 5.45 11.66
CA LYS C 39 15.97 6.73 11.66
C LYS C 39 17.12 6.66 10.67
N ALA C 40 17.88 5.58 10.77
CA ALA C 40 18.99 5.36 9.88
C ALA C 40 18.50 5.12 8.45
N CYS C 41 17.33 4.50 8.33
CA CYS C 41 16.67 4.31 7.04
C CYS C 41 16.24 5.66 6.51
N CYS C 42 15.66 6.45 7.40
CA CYS C 42 15.25 7.82 7.10
C CYS C 42 16.36 8.58 6.37
N GLN C 43 17.61 8.26 6.70
CA GLN C 43 18.75 8.92 6.06
C GLN C 43 19.53 7.99 5.10
N ARG C 44 19.06 6.76 4.94
CA ARG C 44 19.73 5.80 4.07
C ARG C 44 19.13 5.81 2.69
N ASN C 45 17.83 5.65 2.63
CA ASN C 45 17.12 5.55 1.36
C ASN C 45 15.75 6.18 1.43
N GLN C 46 15.45 6.83 2.54
CA GLN C 46 14.11 7.36 2.74
C GLN C 46 14.10 8.86 2.56
N ILE C 47 12.92 9.38 2.32
CA ILE C 47 12.73 10.80 2.17
C ILE C 47 11.48 11.19 2.92
N SER D 1 -4.94 -13.36 -17.47
CA SER D 1 -5.98 -12.88 -16.53
C SER D 1 -5.44 -12.82 -15.11
N ASP D 2 -4.58 -11.83 -14.83
CA ASP D 2 -3.96 -11.72 -13.51
C ASP D 2 -4.78 -10.81 -12.60
N GLY D 3 -6.10 -10.83 -12.76
CA GLY D 3 -6.94 -9.96 -11.95
C GLY D 3 -8.01 -10.71 -11.20
N ASP D 4 -8.04 -12.04 -11.36
CA ASP D 4 -9.06 -12.84 -10.70
C ASP D 4 -8.45 -14.04 -9.96
N VAL D 5 -7.14 -14.04 -9.81
CA VAL D 5 -6.46 -15.13 -9.12
C VAL D 5 -6.47 -14.88 -7.62
N VAL D 6 -7.33 -15.60 -6.91
CA VAL D 6 -7.46 -15.44 -5.46
C VAL D 6 -6.15 -15.72 -4.73
N TYR D 7 -5.51 -14.65 -4.29
CA TYR D 7 -4.26 -14.74 -3.56
C TYR D 7 -4.45 -14.27 -2.13
N THR D 8 -4.59 -15.23 -1.25
CA THR D 8 -4.80 -14.99 0.16
C THR D 8 -3.54 -14.41 0.82
N LEU D 9 -3.73 -13.36 1.60
CA LEU D 9 -2.63 -12.70 2.28
C LEU D 9 -2.90 -12.65 3.78
N ASN D 10 -2.43 -13.66 4.49
CA ASN D 10 -2.62 -13.71 5.94
C ASN D 10 -1.78 -12.63 6.61
N ILE D 11 -2.44 -11.58 7.04
CA ILE D 11 -1.76 -10.44 7.64
C ILE D 11 -1.91 -10.45 9.16
N ARG D 12 -0.84 -10.84 9.84
CA ARG D 12 -0.86 -10.85 11.29
C ARG D 12 -0.84 -9.41 11.82
N GLY D 13 -1.79 -9.11 12.69
CA GLY D 13 -1.92 -7.76 13.22
C GLY D 13 -3.09 -7.00 12.62
N LYS D 14 -4.06 -6.65 13.45
CA LYS D 14 -5.26 -5.93 13.01
C LYS D 14 -4.92 -4.61 12.31
N ARG D 15 -4.22 -3.71 13.01
CA ARG D 15 -3.90 -2.39 12.47
C ARG D 15 -3.15 -2.55 11.15
N LYS D 16 -2.25 -3.53 11.14
CA LYS D 16 -1.47 -3.84 9.97
C LYS D 16 -2.37 -4.21 8.82
N PHE D 17 -3.26 -5.16 9.08
CA PHE D 17 -4.23 -5.62 8.10
C PHE D 17 -5.07 -4.49 7.55
N GLU D 18 -5.58 -3.63 8.44
CA GLU D 18 -6.44 -2.53 8.02
C GLU D 18 -5.79 -1.69 6.93
N LYS D 19 -4.48 -1.50 7.03
CA LYS D 19 -3.73 -0.74 6.03
C LYS D 19 -3.73 -1.48 4.69
N VAL D 20 -3.24 -2.72 4.73
CA VAL D 20 -3.19 -3.58 3.54
C VAL D 20 -4.60 -3.81 2.95
N LYS D 21 -5.55 -4.12 3.81
CA LYS D 21 -6.92 -4.39 3.41
C LYS D 21 -7.53 -3.25 2.62
N GLU D 22 -7.22 -2.01 2.99
CA GLU D 22 -7.76 -0.91 2.25
C GLU D 22 -6.99 -0.73 0.95
N TYR D 23 -5.74 -1.17 0.96
CA TYR D 23 -4.92 -1.14 -0.25
C TYR D 23 -5.46 -2.15 -1.26
N LYS D 24 -5.85 -3.33 -0.77
CA LYS D 24 -6.41 -4.35 -1.66
C LYS D 24 -7.77 -3.87 -2.15
N GLU D 25 -8.48 -3.15 -1.28
CA GLU D 25 -9.77 -2.57 -1.62
C GLU D 25 -9.59 -1.56 -2.75
N ALA D 26 -8.62 -0.68 -2.54
CA ALA D 26 -8.27 0.33 -3.49
C ALA D 26 -7.75 -0.29 -4.79
N LEU D 27 -6.93 -1.35 -4.67
CA LEU D 27 -6.41 -2.05 -5.85
C LEU D 27 -7.54 -2.69 -6.64
N ASP D 28 -8.49 -3.27 -5.91
CA ASP D 28 -9.65 -3.91 -6.53
C ASP D 28 -10.48 -2.87 -7.26
N LEU D 29 -10.60 -1.68 -6.66
CA LEU D 29 -11.30 -0.58 -7.29
C LEU D 29 -10.54 -0.07 -8.51
N LEU D 30 -9.21 0.02 -8.41
CA LEU D 30 -8.36 0.40 -9.54
C LEU D 30 -8.58 -0.56 -10.71
N ASP D 31 -8.84 -1.82 -10.36
CA ASP D 31 -9.05 -2.88 -11.33
C ASP D 31 -10.54 -3.08 -11.59
N TYR D 32 -11.36 -2.08 -11.25
CA TYR D 32 -12.79 -2.22 -11.42
C TYR D 32 -13.37 -1.09 -12.25
N VAL D 33 -13.28 0.14 -11.77
CA VAL D 33 -13.89 1.26 -12.47
C VAL D 33 -13.14 1.61 -13.75
N GLN D 34 -13.86 2.27 -14.64
CA GLN D 34 -13.35 2.60 -15.97
C GLN D 34 -12.11 3.47 -15.91
N PRO D 35 -11.24 3.36 -16.93
CA PRO D 35 -10.05 4.20 -17.05
C PRO D 35 -10.44 5.66 -17.17
N ASP D 36 -11.65 5.88 -17.69
CA ASP D 36 -12.17 7.23 -17.85
C ASP D 36 -12.33 7.90 -16.51
N VAL D 37 -12.83 7.16 -15.53
CA VAL D 37 -13.06 7.70 -14.21
C VAL D 37 -11.73 8.06 -13.56
N LYS D 38 -10.67 7.37 -13.97
CA LYS D 38 -9.35 7.63 -13.42
C LYS D 38 -8.83 8.96 -13.93
N LYS D 39 -9.25 9.32 -15.13
CA LYS D 39 -8.89 10.60 -15.72
C LYS D 39 -9.60 11.71 -14.96
N ALA D 40 -10.90 11.53 -14.80
CA ALA D 40 -11.72 12.48 -14.07
C ALA D 40 -11.34 12.48 -12.58
N CYS D 41 -10.92 11.33 -12.07
CA CYS D 41 -10.44 11.22 -10.69
C CYS D 41 -9.15 12.01 -10.55
N CYS D 42 -8.26 11.81 -11.52
CA CYS D 42 -6.99 12.52 -11.56
C CYS D 42 -7.20 14.03 -11.38
N GLN D 43 -8.29 14.55 -11.91
CA GLN D 43 -8.59 15.98 -11.79
C GLN D 43 -9.65 16.26 -10.71
N ARG D 44 -10.11 15.22 -10.03
CA ARG D 44 -11.12 15.37 -8.99
C ARG D 44 -10.45 15.47 -7.64
N ASN D 45 -9.58 14.52 -7.35
CA ASN D 45 -8.92 14.46 -6.06
C ASN D 45 -7.48 13.97 -6.16
N GLN D 46 -6.98 13.79 -7.37
CA GLN D 46 -5.62 13.30 -7.54
C GLN D 46 -4.70 14.47 -7.85
N ILE D 47 -3.42 14.17 -8.02
CA ILE D 47 -2.44 15.20 -8.28
C ILE D 47 -1.49 14.75 -9.38
N SER A 1 19.50 -0.84 -7.15
CA SER A 1 19.22 -0.34 -8.51
C SER A 1 18.25 0.83 -8.47
N ASP A 2 16.96 0.52 -8.51
CA ASP A 2 15.92 1.52 -8.50
C ASP A 2 15.48 1.78 -7.06
N GLY A 3 16.41 2.22 -6.23
CA GLY A 3 16.08 2.44 -4.83
C GLY A 3 16.55 3.79 -4.30
N ASP A 4 16.99 4.67 -5.20
CA ASP A 4 17.43 6.00 -4.78
C ASP A 4 17.01 7.07 -5.78
N VAL A 5 16.00 6.76 -6.57
CA VAL A 5 15.48 7.72 -7.52
C VAL A 5 14.31 8.46 -6.88
N VAL A 6 14.52 9.73 -6.54
CA VAL A 6 13.50 10.52 -5.86
C VAL A 6 12.26 10.72 -6.71
N TYR A 7 11.23 9.97 -6.39
CA TYR A 7 9.96 10.05 -7.08
C TYR A 7 8.89 10.62 -6.14
N THR A 8 8.63 11.89 -6.32
CA THR A 8 7.65 12.62 -5.53
C THR A 8 6.23 12.14 -5.82
N LEU A 9 5.45 11.97 -4.76
CA LEU A 9 4.07 11.53 -4.88
C LEU A 9 3.16 12.48 -4.10
N ASN A 10 2.64 13.50 -4.78
CA ASN A 10 1.77 14.47 -4.14
C ASN A 10 0.42 13.82 -3.84
N ILE A 11 0.16 13.60 -2.57
CA ILE A 11 -1.05 12.94 -2.15
C ILE A 11 -1.99 13.92 -1.47
N ARG A 12 -3.07 14.28 -2.15
CA ARG A 12 -4.02 15.20 -1.58
C ARG A 12 -4.87 14.52 -0.51
N GLY A 13 -4.98 15.18 0.62
CA GLY A 13 -5.75 14.63 1.72
C GLY A 13 -4.87 13.93 2.75
N LYS A 14 -4.99 14.34 4.01
CA LYS A 14 -4.17 13.79 5.08
C LYS A 14 -4.36 12.29 5.26
N ARG A 15 -5.62 11.85 5.38
CA ARG A 15 -5.93 10.45 5.66
C ARG A 15 -5.35 9.56 4.57
N LYS A 16 -5.54 10.01 3.33
CA LYS A 16 -5.02 9.32 2.18
C LYS A 16 -3.51 9.16 2.30
N PHE A 17 -2.82 10.27 2.50
CA PHE A 17 -1.38 10.29 2.66
C PHE A 17 -0.91 9.34 3.76
N GLU A 18 -1.59 9.38 4.91
CA GLU A 18 -1.21 8.54 6.04
C GLU A 18 -1.09 7.08 5.62
N LYS A 19 -1.99 6.64 4.76
CA LYS A 19 -1.96 5.27 4.26
C LYS A 19 -0.77 5.05 3.33
N VAL A 20 -0.67 5.88 2.30
CA VAL A 20 0.43 5.80 1.33
C VAL A 20 1.79 5.95 1.99
N LYS A 21 1.96 7.00 2.80
CA LYS A 21 3.20 7.23 3.52
C LYS A 21 3.57 6.03 4.38
N GLU A 22 2.57 5.35 4.93
CA GLU A 22 2.81 4.17 5.73
C GLU A 22 3.39 3.08 4.84
N TYR A 23 2.97 3.09 3.58
CA TYR A 23 3.45 2.13 2.59
C TYR A 23 4.86 2.50 2.14
N LYS A 24 5.09 3.78 1.90
CA LYS A 24 6.41 4.23 1.45
C LYS A 24 7.44 3.99 2.55
N GLU A 25 7.04 4.22 3.79
CA GLU A 25 7.90 4.00 4.95
C GLU A 25 8.23 2.53 5.06
N ALA A 26 7.20 1.72 4.92
CA ALA A 26 7.32 0.28 4.95
C ALA A 26 8.21 -0.20 3.79
N LEU A 27 8.02 0.38 2.61
CA LEU A 27 8.82 0.05 1.45
C LEU A 27 10.28 0.45 1.67
N ASP A 28 10.47 1.64 2.25
CA ASP A 28 11.80 2.15 2.53
C ASP A 28 12.54 1.23 3.49
N LEU A 29 11.82 0.73 4.49
CA LEU A 29 12.37 -0.20 5.45
C LEU A 29 12.63 -1.55 4.79
N LEU A 30 11.72 -1.99 3.91
CA LEU A 30 11.90 -3.24 3.16
C LEU A 30 13.21 -3.20 2.38
N ASP A 31 13.52 -2.03 1.84
CA ASP A 31 14.73 -1.82 1.04
C ASP A 31 15.87 -1.33 1.91
N TYR A 32 15.82 -1.58 3.21
CA TYR A 32 16.85 -1.08 4.09
C TYR A 32 17.42 -2.18 4.99
N VAL A 33 16.58 -2.79 5.81
CA VAL A 33 17.04 -3.78 6.74
C VAL A 33 17.47 -5.07 6.04
N GLN A 34 18.28 -5.86 6.73
CA GLN A 34 18.88 -7.06 6.17
C GLN A 34 17.81 -8.06 5.70
N PRO A 35 18.10 -8.80 4.63
CA PRO A 35 17.18 -9.80 4.09
C PRO A 35 16.86 -10.89 5.10
N ASP A 36 17.78 -11.11 6.03
CA ASP A 36 17.59 -12.13 7.06
C ASP A 36 16.53 -11.71 8.05
N VAL A 37 16.36 -10.39 8.24
CA VAL A 37 15.35 -9.92 9.18
C VAL A 37 13.97 -10.23 8.61
N LYS A 38 13.88 -10.33 7.29
CA LYS A 38 12.62 -10.64 6.64
C LYS A 38 12.26 -12.09 6.89
N LYS A 39 13.27 -12.92 7.02
CA LYS A 39 13.07 -14.32 7.33
C LYS A 39 12.58 -14.44 8.77
N ALA A 40 13.28 -13.75 9.65
CA ALA A 40 12.94 -13.73 11.06
C ALA A 40 11.60 -13.03 11.28
N CYS A 41 11.35 -11.95 10.55
CA CYS A 41 10.08 -11.25 10.61
C CYS A 41 8.98 -12.17 10.15
N CYS A 42 9.27 -12.88 9.06
CA CYS A 42 8.35 -13.85 8.49
C CYS A 42 7.85 -14.80 9.59
N GLN A 43 8.71 -15.12 10.55
CA GLN A 43 8.34 -16.00 11.64
C GLN A 43 8.24 -15.24 12.98
N ARG A 44 8.17 -13.92 12.92
CA ARG A 44 8.03 -13.12 14.12
C ARG A 44 6.59 -12.67 14.25
N ASN A 45 6.13 -11.89 13.29
CA ASN A 45 4.77 -11.37 13.31
C ASN A 45 4.17 -11.38 11.91
N GLN A 46 4.74 -12.16 11.03
CA GLN A 46 4.30 -12.22 9.65
C GLN A 46 3.69 -13.56 9.34
N ILE A 47 3.00 -13.63 8.22
CA ILE A 47 2.41 -14.85 7.75
C ILE A 47 2.61 -14.98 6.25
N SER B 1 -12.63 18.78 4.84
CA SER B 1 -11.91 17.81 5.69
C SER B 1 -10.58 17.43 5.05
N ASP B 2 -9.94 16.40 5.58
CA ASP B 2 -8.64 15.94 5.07
C ASP B 2 -8.77 15.25 3.72
N GLY B 3 -8.84 16.03 2.66
CA GLY B 3 -8.93 15.45 1.33
C GLY B 3 -8.23 16.28 0.28
N ASP B 4 -7.89 17.52 0.60
CA ASP B 4 -7.20 18.38 -0.36
C ASP B 4 -5.86 18.82 0.18
N VAL B 5 -5.48 18.29 1.33
CA VAL B 5 -4.21 18.65 1.94
C VAL B 5 -3.09 17.96 1.19
N VAL B 6 -2.50 18.67 0.24
CA VAL B 6 -1.43 18.14 -0.58
C VAL B 6 -0.25 17.70 0.26
N TYR B 7 -0.12 16.41 0.43
CA TYR B 7 0.96 15.82 1.20
C TYR B 7 1.93 15.12 0.27
N THR B 8 2.98 15.83 -0.07
CA THR B 8 4.03 15.33 -0.93
C THR B 8 4.79 14.21 -0.26
N LEU B 9 4.99 13.12 -0.98
CA LEU B 9 5.68 11.96 -0.46
C LEU B 9 6.84 11.61 -1.39
N ASN B 10 8.02 12.16 -1.10
CA ASN B 10 9.20 11.89 -1.92
C ASN B 10 9.63 10.46 -1.70
N ILE B 11 9.41 9.62 -2.69
CA ILE B 11 9.74 8.22 -2.59
C ILE B 11 10.99 7.89 -3.37
N ARG B 12 12.11 7.75 -2.67
CA ARG B 12 13.34 7.38 -3.34
C ARG B 12 13.27 5.93 -3.79
N GLY B 13 13.58 5.70 -5.06
CA GLY B 13 13.48 4.36 -5.61
C GLY B 13 12.30 4.22 -6.54
N LYS B 14 12.58 3.98 -7.82
CA LYS B 14 11.55 3.84 -8.83
C LYS B 14 10.57 2.72 -8.49
N ARG B 15 11.08 1.49 -8.36
CA ARG B 15 10.25 0.33 -8.09
C ARG B 15 9.40 0.56 -6.85
N LYS B 16 10.01 1.20 -5.86
CA LYS B 16 9.35 1.55 -4.64
C LYS B 16 8.17 2.45 -4.94
N PHE B 17 8.46 3.58 -5.58
CA PHE B 17 7.44 4.55 -5.96
C PHE B 17 6.32 3.89 -6.74
N GLU B 18 6.67 3.04 -7.69
CA GLU B 18 5.67 2.35 -8.52
C GLU B 18 4.61 1.69 -7.65
N LYS B 19 5.04 1.07 -6.56
CA LYS B 19 4.13 0.41 -5.63
C LYS B 19 3.24 1.44 -4.92
N VAL B 20 3.88 2.37 -4.22
CA VAL B 20 3.16 3.43 -3.48
C VAL B 20 2.30 4.32 -4.38
N LYS B 21 2.85 4.73 -5.53
CA LYS B 21 2.13 5.55 -6.48
C LYS B 21 0.83 4.90 -6.91
N GLU B 22 0.84 3.60 -7.06
CA GLU B 22 -0.38 2.91 -7.44
C GLU B 22 -1.31 2.80 -6.23
N TYR B 23 -0.73 2.92 -5.03
CA TYR B 23 -1.51 2.93 -3.81
C TYR B 23 -2.24 4.27 -3.69
N LYS B 24 -1.53 5.35 -3.97
CA LYS B 24 -2.13 6.66 -3.89
C LYS B 24 -3.23 6.78 -4.95
N GLU B 25 -2.97 6.22 -6.15
CA GLU B 25 -3.98 6.20 -7.21
C GLU B 25 -5.20 5.43 -6.74
N ALA B 26 -4.94 4.27 -6.15
CA ALA B 26 -5.97 3.42 -5.63
C ALA B 26 -6.77 4.11 -4.52
N LEU B 27 -6.08 4.85 -3.66
CA LEU B 27 -6.75 5.62 -2.60
C LEU B 27 -7.58 6.73 -3.20
N ASP B 28 -7.01 7.41 -4.19
CA ASP B 28 -7.70 8.50 -4.87
C ASP B 28 -8.99 7.96 -5.48
N LEU B 29 -8.90 6.77 -6.03
CA LEU B 29 -10.04 6.09 -6.63
C LEU B 29 -11.02 5.59 -5.57
N LEU B 30 -10.50 5.11 -4.44
CA LEU B 30 -11.35 4.64 -3.34
C LEU B 30 -12.29 5.73 -2.88
N ASP B 31 -11.76 6.93 -2.77
CA ASP B 31 -12.55 8.09 -2.35
C ASP B 31 -13.12 8.80 -3.57
N TYR B 32 -13.27 8.09 -4.68
CA TYR B 32 -13.76 8.71 -5.89
C TYR B 32 -15.01 8.03 -6.43
N VAL B 33 -14.88 6.77 -6.83
CA VAL B 33 -15.99 6.09 -7.44
C VAL B 33 -17.08 5.75 -6.44
N GLN B 34 -18.31 5.68 -6.95
CA GLN B 34 -19.50 5.48 -6.12
C GLN B 34 -19.35 4.29 -5.19
N PRO B 35 -19.94 4.38 -3.99
CA PRO B 35 -19.90 3.29 -3.01
C PRO B 35 -20.50 2.01 -3.57
N ASP B 36 -21.44 2.18 -4.50
CA ASP B 36 -22.10 1.05 -5.13
C ASP B 36 -21.15 0.29 -6.04
N VAL B 37 -20.15 1.00 -6.60
CA VAL B 37 -19.18 0.33 -7.45
C VAL B 37 -18.33 -0.58 -6.59
N LYS B 38 -18.19 -0.25 -5.31
CA LYS B 38 -17.41 -1.08 -4.38
C LYS B 38 -18.19 -2.34 -4.08
N LYS B 39 -19.51 -2.22 -4.06
CA LYS B 39 -20.39 -3.37 -3.85
C LYS B 39 -20.31 -4.27 -5.08
N ALA B 40 -20.40 -3.65 -6.24
CA ALA B 40 -20.32 -4.36 -7.50
C ALA B 40 -18.90 -4.90 -7.73
N CYS B 41 -17.91 -4.15 -7.28
CA CYS B 41 -16.51 -4.59 -7.36
C CYS B 41 -16.32 -5.78 -6.43
N CYS B 42 -16.90 -5.65 -5.23
CA CYS B 42 -16.91 -6.72 -4.24
C CYS B 42 -17.32 -8.05 -4.88
N GLN B 43 -18.26 -7.97 -5.82
CA GLN B 43 -18.73 -9.17 -6.50
C GLN B 43 -18.22 -9.25 -7.95
N ARG B 44 -17.29 -8.36 -8.31
CA ARG B 44 -16.72 -8.38 -9.65
C ARG B 44 -15.41 -9.13 -9.64
N ASN B 45 -14.48 -8.67 -8.82
CA ASN B 45 -13.17 -9.32 -8.74
C ASN B 45 -12.54 -9.11 -7.36
N GLN B 46 -13.38 -8.90 -6.37
CA GLN B 46 -12.89 -8.66 -5.02
C GLN B 46 -13.27 -9.79 -4.10
N ILE B 47 -12.57 -9.89 -2.99
CA ILE B 47 -12.84 -10.89 -2.00
C ILE B 47 -12.76 -10.26 -0.62
N SER C 1 0.77 -5.95 20.80
CA SER C 1 -0.28 -5.01 20.32
C SER C 1 -1.10 -5.69 19.22
N ASP C 2 -1.83 -4.89 18.44
CA ASP C 2 -2.62 -5.41 17.33
C ASP C 2 -1.71 -5.72 16.14
N GLY C 3 -0.71 -6.55 16.38
CA GLY C 3 0.23 -6.89 15.35
C GLY C 3 0.35 -8.39 15.12
N ASP C 4 -0.48 -9.16 15.82
CA ASP C 4 -0.42 -10.61 15.70
C ASP C 4 -1.80 -11.22 15.49
N VAL C 5 -2.77 -10.39 15.16
CA VAL C 5 -4.12 -10.86 14.90
C VAL C 5 -4.23 -11.25 13.42
N VAL C 6 -4.23 -12.55 13.15
CA VAL C 6 -4.27 -13.07 11.79
C VAL C 6 -5.51 -12.59 11.03
N TYR C 7 -5.31 -11.64 10.15
CA TYR C 7 -6.38 -11.09 9.31
C TYR C 7 -6.12 -11.43 7.85
N THR C 8 -6.78 -12.48 7.40
CA THR C 8 -6.67 -12.97 6.05
C THR C 8 -7.26 -11.98 5.05
N LEU C 9 -6.53 -11.76 3.96
CA LEU C 9 -6.96 -10.83 2.93
C LEU C 9 -6.91 -11.53 1.57
N ASN C 10 -8.02 -12.16 1.18
CA ASN C 10 -8.08 -12.86 -0.10
C ASN C 10 -8.05 -11.82 -1.23
N ILE C 11 -6.91 -11.72 -1.87
CA ILE C 11 -6.73 -10.75 -2.94
C ILE C 11 -6.85 -11.43 -4.29
N ARG C 12 -8.00 -11.27 -4.92
CA ARG C 12 -8.21 -11.84 -6.24
C ARG C 12 -7.35 -11.09 -7.25
N GLY C 13 -6.50 -11.81 -7.97
CA GLY C 13 -5.60 -11.18 -8.90
C GLY C 13 -4.14 -11.25 -8.45
N LYS C 14 -3.31 -11.96 -9.23
CA LYS C 14 -1.90 -12.11 -8.92
C LYS C 14 -1.18 -10.77 -8.83
N ARG C 15 -1.31 -9.96 -9.87
CA ARG C 15 -0.60 -8.68 -9.94
C ARG C 15 -1.03 -7.80 -8.78
N LYS C 16 -2.34 -7.78 -8.55
CA LYS C 16 -2.92 -7.04 -7.46
C LYS C 16 -2.28 -7.47 -6.14
N PHE C 17 -2.28 -8.78 -5.90
CA PHE C 17 -1.70 -9.36 -4.71
C PHE C 17 -0.26 -8.95 -4.53
N GLU C 18 0.53 -9.03 -5.59
CA GLU C 18 1.95 -8.70 -5.51
C GLU C 18 2.16 -7.32 -4.89
N LYS C 19 1.27 -6.38 -5.21
CA LYS C 19 1.35 -5.03 -4.67
C LYS C 19 1.04 -5.03 -3.16
N VAL C 20 -0.14 -5.51 -2.81
CA VAL C 20 -0.57 -5.58 -1.39
C VAL C 20 0.32 -6.51 -0.55
N LYS C 21 0.68 -7.66 -1.10
CA LYS C 21 1.55 -8.59 -0.43
C LYS C 21 2.88 -7.94 -0.07
N GLU C 22 3.37 -7.08 -0.95
CA GLU C 22 4.61 -6.39 -0.67
C GLU C 22 4.37 -5.31 0.38
N TYR C 23 3.12 -4.86 0.47
CA TYR C 23 2.72 -3.88 1.48
C TYR C 23 2.64 -4.55 2.84
N LYS C 24 2.05 -5.74 2.88
CA LYS C 24 1.92 -6.46 4.13
C LYS C 24 3.31 -6.84 4.65
N GLU C 25 4.21 -7.22 3.74
CA GLU C 25 5.59 -7.55 4.11
C GLU C 25 6.27 -6.32 4.68
N ALA C 26 6.08 -5.21 3.98
CA ALA C 26 6.64 -3.95 4.39
C ALA C 26 6.12 -3.52 5.76
N LEU C 27 4.82 -3.73 5.98
CA LEU C 27 4.22 -3.41 7.28
C LEU C 27 4.74 -4.36 8.35
N ASP C 28 4.83 -5.64 8.00
CA ASP C 28 5.35 -6.64 8.92
C ASP C 28 6.77 -6.28 9.33
N LEU C 29 7.49 -5.67 8.39
CA LEU C 29 8.86 -5.24 8.61
C LEU C 29 8.89 -3.93 9.42
N LEU C 30 7.96 -3.02 9.12
CA LEU C 30 7.85 -1.76 9.85
C LEU C 30 7.75 -2.01 11.35
N ASP C 31 6.87 -2.94 11.71
CA ASP C 31 6.65 -3.29 13.10
C ASP C 31 7.57 -4.42 13.55
N TYR C 32 8.74 -4.53 12.93
CA TYR C 32 9.67 -5.60 13.27
C TYR C 32 11.06 -5.07 13.59
N VAL C 33 11.70 -4.41 12.63
CA VAL C 33 13.07 -3.96 12.83
C VAL C 33 13.15 -2.80 13.81
N GLN C 34 14.31 -2.67 14.44
CA GLN C 34 14.54 -1.67 15.49
C GLN C 34 14.11 -0.27 15.04
N PRO C 35 13.60 0.54 15.98
CA PRO C 35 13.18 1.91 15.69
C PRO C 35 14.34 2.76 15.18
N ASP C 36 15.54 2.41 15.63
CA ASP C 36 16.74 3.14 15.23
C ASP C 36 17.10 2.89 13.78
N VAL C 37 16.73 1.72 13.25
CA VAL C 37 17.00 1.44 11.85
C VAL C 37 16.09 2.30 11.00
N LYS C 38 14.93 2.66 11.55
CA LYS C 38 13.99 3.51 10.85
C LYS C 38 14.53 4.93 10.80
N LYS C 39 15.24 5.31 11.85
CA LYS C 39 15.89 6.61 11.89
C LYS C 39 16.98 6.65 10.83
N ALA C 40 17.83 5.64 10.86
CA ALA C 40 18.92 5.51 9.92
C ALA C 40 18.39 5.35 8.50
N CYS C 41 17.32 4.56 8.34
CA CYS C 41 16.68 4.38 7.04
C CYS C 41 16.14 5.70 6.54
N CYS C 42 15.50 6.42 7.46
CA CYS C 42 14.95 7.73 7.18
C CYS C 42 15.97 8.64 6.50
N GLN C 43 17.24 8.50 6.87
CA GLN C 43 18.30 9.30 6.26
C GLN C 43 19.19 8.46 5.34
N ARG C 44 18.86 7.17 5.20
CA ARG C 44 19.62 6.28 4.33
C ARG C 44 19.14 6.44 2.90
N ASN C 45 17.85 6.17 2.71
CA ASN C 45 17.25 6.28 1.38
C ASN C 45 15.89 6.96 1.46
N GLN C 46 15.39 7.17 2.65
CA GLN C 46 14.05 7.71 2.80
C GLN C 46 14.03 9.19 2.56
N ILE C 47 12.87 9.69 2.22
CA ILE C 47 12.70 11.10 1.97
C ILE C 47 11.40 11.56 2.61
N SER D 1 -7.11 -11.36 -16.69
CA SER D 1 -5.85 -12.12 -16.84
C SER D 1 -5.34 -12.57 -15.46
N ASP D 2 -4.64 -11.68 -14.79
CA ASP D 2 -4.14 -11.96 -13.45
C ASP D 2 -4.86 -11.08 -12.45
N GLY D 3 -6.18 -10.98 -12.61
CA GLY D 3 -6.97 -10.15 -11.72
C GLY D 3 -8.05 -10.94 -10.99
N ASP D 4 -8.09 -12.24 -11.23
CA ASP D 4 -9.10 -13.09 -10.60
C ASP D 4 -8.48 -14.30 -9.90
N VAL D 5 -7.16 -14.29 -9.75
CA VAL D 5 -6.47 -15.36 -9.08
C VAL D 5 -6.48 -15.12 -7.58
N VAL D 6 -7.32 -15.86 -6.85
CA VAL D 6 -7.45 -15.67 -5.42
C VAL D 6 -6.13 -15.89 -4.68
N TYR D 7 -5.53 -14.80 -4.27
CA TYR D 7 -4.27 -14.83 -3.55
C TYR D 7 -4.47 -14.34 -2.13
N THR D 8 -4.55 -15.29 -1.22
CA THR D 8 -4.76 -15.03 0.19
C THR D 8 -3.53 -14.41 0.83
N LEU D 9 -3.76 -13.37 1.64
CA LEU D 9 -2.69 -12.67 2.31
C LEU D 9 -2.99 -12.60 3.80
N ASN D 10 -2.52 -13.60 4.54
CA ASN D 10 -2.74 -13.65 5.99
C ASN D 10 -1.91 -12.55 6.64
N ILE D 11 -2.58 -11.49 7.04
CA ILE D 11 -1.92 -10.34 7.64
C ILE D 11 -2.07 -10.35 9.15
N ARG D 12 -1.00 -10.75 9.83
CA ARG D 12 -1.02 -10.74 11.28
C ARG D 12 -1.00 -9.29 11.78
N GLY D 13 -1.97 -8.93 12.60
CA GLY D 13 -2.05 -7.56 13.08
C GLY D 13 -3.23 -6.81 12.51
N LYS D 14 -4.13 -6.39 13.39
CA LYS D 14 -5.31 -5.65 13.00
C LYS D 14 -4.95 -4.34 12.29
N ARG D 15 -4.12 -3.54 12.94
CA ARG D 15 -3.73 -2.24 12.40
C ARG D 15 -3.03 -2.42 11.06
N LYS D 16 -2.16 -3.42 11.01
CA LYS D 16 -1.45 -3.78 9.82
C LYS D 16 -2.43 -4.07 8.69
N PHE D 17 -3.37 -4.98 8.97
CA PHE D 17 -4.39 -5.37 8.01
C PHE D 17 -5.18 -4.17 7.52
N GLU D 18 -5.56 -3.29 8.43
CA GLU D 18 -6.33 -2.10 8.08
C GLU D 18 -5.65 -1.32 6.95
N LYS D 19 -4.32 -1.26 7.02
CA LYS D 19 -3.55 -0.58 5.99
C LYS D 19 -3.59 -1.36 4.68
N VAL D 20 -3.16 -2.63 4.74
CA VAL D 20 -3.14 -3.51 3.56
C VAL D 20 -4.51 -3.67 2.92
N LYS D 21 -5.52 -4.01 3.72
CA LYS D 21 -6.88 -4.15 3.23
C LYS D 21 -7.35 -2.90 2.52
N GLU D 22 -6.95 -1.74 3.02
CA GLU D 22 -7.32 -0.49 2.38
C GLU D 22 -6.69 -0.42 1.00
N TYR D 23 -5.49 -1.00 0.90
CA TYR D 23 -4.76 -1.05 -0.36
C TYR D 23 -5.37 -2.08 -1.30
N LYS D 24 -5.79 -3.23 -0.76
CA LYS D 24 -6.38 -4.26 -1.59
C LYS D 24 -7.71 -3.79 -2.16
N GLU D 25 -8.51 -3.11 -1.33
CA GLU D 25 -9.78 -2.58 -1.80
C GLU D 25 -9.54 -1.51 -2.84
N ALA D 26 -8.53 -0.69 -2.59
CA ALA D 26 -8.14 0.35 -3.52
C ALA D 26 -7.65 -0.26 -4.83
N LEU D 27 -6.87 -1.34 -4.74
CA LEU D 27 -6.39 -2.04 -5.93
C LEU D 27 -7.54 -2.69 -6.69
N ASP D 28 -8.42 -3.36 -5.93
CA ASP D 28 -9.59 -4.01 -6.51
C ASP D 28 -10.42 -3.00 -7.27
N LEU D 29 -10.52 -1.79 -6.70
CA LEU D 29 -11.27 -0.71 -7.30
C LEU D 29 -10.53 -0.14 -8.52
N LEU D 30 -9.20 0.00 -8.41
CA LEU D 30 -8.38 0.48 -9.52
C LEU D 30 -8.62 -0.36 -10.77
N ASP D 31 -8.59 -1.68 -10.59
CA ASP D 31 -8.79 -2.61 -11.69
C ASP D 31 -10.27 -2.91 -11.88
N TYR D 32 -11.15 -2.01 -11.44
CA TYR D 32 -12.58 -2.26 -11.55
C TYR D 32 -13.28 -1.16 -12.34
N VAL D 33 -13.24 0.08 -11.82
CA VAL D 33 -13.95 1.16 -12.44
C VAL D 33 -13.35 1.56 -13.78
N GLN D 34 -14.10 2.36 -14.53
CA GLN D 34 -13.72 2.75 -15.88
C GLN D 34 -12.46 3.61 -15.89
N PRO D 35 -11.66 3.52 -16.97
CA PRO D 35 -10.43 4.30 -17.11
C PRO D 35 -10.69 5.80 -17.11
N ASP D 36 -11.87 6.20 -17.54
CA ASP D 36 -12.23 7.61 -17.61
C ASP D 36 -12.41 8.19 -16.22
N VAL D 37 -12.82 7.35 -15.28
CA VAL D 37 -13.02 7.82 -13.91
C VAL D 37 -11.68 8.17 -13.30
N LYS D 38 -10.62 7.51 -13.78
CA LYS D 38 -9.28 7.78 -13.28
C LYS D 38 -8.81 9.15 -13.77
N LYS D 39 -9.28 9.53 -14.95
CA LYS D 39 -8.97 10.84 -15.50
C LYS D 39 -9.64 11.92 -14.66
N ALA D 40 -10.93 11.76 -14.46
CA ALA D 40 -11.71 12.68 -13.67
C ALA D 40 -11.29 12.64 -12.20
N CYS D 41 -10.87 11.48 -11.72
CA CYS D 41 -10.35 11.34 -10.37
C CYS D 41 -9.05 12.09 -10.26
N CYS D 42 -8.22 11.94 -11.28
CA CYS D 42 -6.95 12.65 -11.39
C CYS D 42 -7.15 14.14 -11.07
N GLN D 43 -8.27 14.70 -11.51
CA GLN D 43 -8.56 16.11 -11.25
C GLN D 43 -9.64 16.30 -10.17
N ARG D 44 -10.01 15.22 -9.48
CA ARG D 44 -11.03 15.29 -8.45
C ARG D 44 -10.39 15.43 -7.07
N ASN D 45 -9.44 14.55 -6.78
CA ASN D 45 -8.74 14.59 -5.49
C ASN D 45 -7.33 14.01 -5.62
N GLN D 46 -6.88 13.86 -6.84
CA GLN D 46 -5.59 13.26 -7.10
C GLN D 46 -4.58 14.31 -7.50
N ILE D 47 -3.32 13.95 -7.42
CA ILE D 47 -2.26 14.82 -7.84
C ILE D 47 -1.26 13.99 -8.63
N SER A 1 19.60 0.19 -9.14
CA SER A 1 19.75 1.67 -9.09
C SER A 1 18.42 2.33 -8.77
N ASP A 2 17.32 1.65 -9.07
CA ASP A 2 15.99 2.22 -8.85
C ASP A 2 15.53 2.11 -7.40
N GLY A 3 16.42 2.49 -6.49
CA GLY A 3 16.11 2.47 -5.08
C GLY A 3 16.43 3.81 -4.43
N ASP A 4 17.05 4.70 -5.18
CA ASP A 4 17.41 6.02 -4.66
C ASP A 4 16.92 7.15 -5.56
N VAL A 5 16.03 6.82 -6.51
CA VAL A 5 15.51 7.82 -7.41
C VAL A 5 14.33 8.55 -6.76
N VAL A 6 14.54 9.78 -6.31
CA VAL A 6 13.52 10.54 -5.62
C VAL A 6 12.28 10.75 -6.50
N TYR A 7 11.24 10.00 -6.19
CA TYR A 7 9.98 10.09 -6.92
C TYR A 7 8.88 10.62 -6.00
N THR A 8 8.61 11.91 -6.15
CA THR A 8 7.61 12.60 -5.36
C THR A 8 6.19 12.11 -5.69
N LEU A 9 5.40 11.92 -4.65
CA LEU A 9 4.03 11.47 -4.80
C LEU A 9 3.09 12.40 -4.01
N ASN A 10 2.60 13.45 -4.65
CA ASN A 10 1.69 14.40 -3.99
C ASN A 10 0.35 13.71 -3.73
N ILE A 11 0.09 13.43 -2.47
CA ILE A 11 -1.13 12.75 -2.07
C ILE A 11 -2.09 13.72 -1.40
N ARG A 12 -3.11 14.12 -2.13
CA ARG A 12 -4.10 15.02 -1.58
C ARG A 12 -4.97 14.27 -0.57
N GLY A 13 -5.04 14.78 0.66
CA GLY A 13 -5.77 14.10 1.71
C GLY A 13 -4.86 13.49 2.76
N LYS A 14 -4.98 13.97 4.00
CA LYS A 14 -4.18 13.48 5.12
C LYS A 14 -4.35 11.98 5.36
N ARG A 15 -5.60 11.53 5.54
CA ARG A 15 -5.87 10.12 5.83
C ARG A 15 -5.36 9.24 4.71
N LYS A 16 -5.58 9.69 3.50
CA LYS A 16 -5.11 9.02 2.33
C LYS A 16 -3.60 8.85 2.41
N PHE A 17 -2.92 9.98 2.63
CA PHE A 17 -1.48 10.01 2.78
C PHE A 17 -1.00 9.05 3.87
N GLU A 18 -1.70 9.03 4.99
CA GLU A 18 -1.33 8.16 6.11
C GLU A 18 -1.20 6.72 5.65
N LYS A 19 -2.09 6.30 4.76
CA LYS A 19 -2.04 4.95 4.22
C LYS A 19 -0.81 4.76 3.34
N VAL A 20 -0.72 5.57 2.28
CA VAL A 20 0.41 5.48 1.34
C VAL A 20 1.77 5.74 2.02
N LYS A 21 1.85 6.77 2.84
CA LYS A 21 3.08 7.07 3.56
C LYS A 21 3.51 5.90 4.44
N GLU A 22 2.54 5.21 5.01
CA GLU A 22 2.84 4.05 5.83
C GLU A 22 3.41 2.96 4.93
N TYR A 23 2.99 2.99 3.66
CA TYR A 23 3.46 2.05 2.66
C TYR A 23 4.86 2.43 2.19
N LYS A 24 5.09 3.72 1.97
CA LYS A 24 6.38 4.17 1.48
C LYS A 24 7.46 3.93 2.53
N GLU A 25 7.15 4.23 3.80
CA GLU A 25 8.11 4.00 4.88
C GLU A 25 8.40 2.51 4.99
N ALA A 26 7.33 1.74 4.87
CA ALA A 26 7.43 0.29 4.90
C ALA A 26 8.26 -0.23 3.73
N LEU A 27 8.08 0.38 2.56
CA LEU A 27 8.86 0.03 1.37
C LEU A 27 10.31 0.44 1.54
N ASP A 28 10.50 1.65 2.06
CA ASP A 28 11.83 2.18 2.31
C ASP A 28 12.57 1.29 3.31
N LEU A 29 11.81 0.78 4.27
CA LEU A 29 12.34 -0.14 5.27
C LEU A 29 12.59 -1.52 4.64
N LEU A 30 11.68 -1.95 3.75
CA LEU A 30 11.85 -3.23 3.03
C LEU A 30 13.16 -3.23 2.28
N ASP A 31 13.52 -2.07 1.74
CA ASP A 31 14.76 -1.92 1.00
C ASP A 31 15.86 -1.34 1.88
N TYR A 32 15.77 -1.55 3.18
CA TYR A 32 16.76 -1.02 4.09
C TYR A 32 17.33 -2.11 4.99
N VAL A 33 16.47 -2.74 5.79
CA VAL A 33 16.94 -3.76 6.70
C VAL A 33 17.26 -5.04 5.96
N GLN A 34 18.21 -5.77 6.51
CA GLN A 34 18.74 -6.98 5.90
C GLN A 34 17.65 -7.97 5.52
N PRO A 35 17.85 -8.74 4.43
CA PRO A 35 16.90 -9.75 3.98
C PRO A 35 16.67 -10.82 5.06
N ASP A 36 17.66 -10.99 5.92
CA ASP A 36 17.58 -11.97 6.98
C ASP A 36 16.57 -11.53 8.04
N VAL A 37 16.41 -10.22 8.19
CA VAL A 37 15.44 -9.72 9.15
C VAL A 37 14.05 -10.01 8.63
N LYS A 38 13.91 -10.09 7.30
CA LYS A 38 12.63 -10.40 6.69
C LYS A 38 12.27 -11.85 6.98
N LYS A 39 13.28 -12.70 6.98
CA LYS A 39 13.10 -14.10 7.32
C LYS A 39 12.65 -14.22 8.77
N ALA A 40 13.39 -13.55 9.63
CA ALA A 40 13.09 -13.56 11.06
C ALA A 40 11.79 -12.81 11.36
N CYS A 41 11.48 -11.80 10.54
CA CYS A 41 10.23 -11.06 10.67
C CYS A 41 9.08 -11.95 10.25
N CYS A 42 9.31 -12.67 9.17
CA CYS A 42 8.33 -13.61 8.65
C CYS A 42 7.89 -14.57 9.74
N GLN A 43 8.80 -14.90 10.64
CA GLN A 43 8.49 -15.81 11.74
C GLN A 43 8.27 -15.05 13.06
N ARG A 44 8.35 -13.71 13.01
CA ARG A 44 8.16 -12.90 14.20
C ARG A 44 6.70 -12.47 14.30
N ASN A 45 6.16 -11.97 13.20
CA ASN A 45 4.76 -11.52 13.20
C ASN A 45 4.14 -11.56 11.81
N GLN A 46 4.79 -12.23 10.88
CA GLN A 46 4.27 -12.27 9.52
C GLN A 46 3.59 -13.60 9.25
N ILE A 47 2.89 -13.66 8.13
CA ILE A 47 2.21 -14.86 7.71
C ILE A 47 2.27 -14.92 6.18
N SER B 1 -12.14 17.49 7.33
CA SER B 1 -11.61 17.64 5.96
C SER B 1 -10.18 17.11 5.91
N ASP B 2 -10.03 15.91 5.37
CA ASP B 2 -8.73 15.24 5.31
C ASP B 2 -8.53 14.53 3.99
N GLY B 3 -9.22 14.97 2.95
CA GLY B 3 -9.07 14.36 1.64
C GLY B 3 -8.61 15.34 0.60
N ASP B 4 -8.22 16.53 1.04
CA ASP B 4 -7.80 17.58 0.11
C ASP B 4 -6.47 18.21 0.52
N VAL B 5 -5.84 17.68 1.55
CA VAL B 5 -4.58 18.23 2.05
C VAL B 5 -3.41 17.64 1.27
N VAL B 6 -2.80 18.45 0.39
CA VAL B 6 -1.69 17.98 -0.43
C VAL B 6 -0.51 17.54 0.43
N TYR B 7 -0.34 16.23 0.53
CA TYR B 7 0.74 15.63 1.28
C TYR B 7 1.73 14.95 0.36
N THR B 8 2.80 15.66 0.07
CA THR B 8 3.87 15.18 -0.79
C THR B 8 4.61 14.02 -0.14
N LEU B 9 4.81 12.97 -0.91
CA LEU B 9 5.50 11.79 -0.41
C LEU B 9 6.68 11.47 -1.31
N ASN B 10 7.83 12.02 -0.99
CA ASN B 10 9.04 11.79 -1.78
C ASN B 10 9.50 10.35 -1.58
N ILE B 11 9.27 9.53 -2.58
CA ILE B 11 9.63 8.13 -2.51
C ILE B 11 10.90 7.85 -3.28
N ARG B 12 11.98 7.65 -2.56
CA ARG B 12 13.24 7.34 -3.19
C ARG B 12 13.22 5.93 -3.76
N GLY B 13 13.54 5.80 -5.04
CA GLY B 13 13.51 4.51 -5.69
C GLY B 13 12.32 4.34 -6.62
N LYS B 14 12.60 4.06 -7.89
CA LYS B 14 11.55 3.89 -8.88
C LYS B 14 10.61 2.73 -8.54
N ARG B 15 11.15 1.54 -8.36
CA ARG B 15 10.33 0.36 -8.10
C ARG B 15 9.49 0.57 -6.86
N LYS B 16 10.11 1.16 -5.85
CA LYS B 16 9.45 1.49 -4.62
C LYS B 16 8.26 2.39 -4.90
N PHE B 17 8.53 3.51 -5.57
CA PHE B 17 7.51 4.47 -5.94
C PHE B 17 6.38 3.84 -6.73
N GLU B 18 6.72 2.97 -7.70
CA GLU B 18 5.71 2.32 -8.54
C GLU B 18 4.65 1.65 -7.67
N LYS B 19 5.09 1.03 -6.57
CA LYS B 19 4.18 0.37 -5.65
C LYS B 19 3.27 1.40 -4.96
N VAL B 20 3.90 2.34 -4.26
CA VAL B 20 3.18 3.40 -3.54
C VAL B 20 2.31 4.27 -4.46
N LYS B 21 2.89 4.70 -5.57
CA LYS B 21 2.21 5.55 -6.55
C LYS B 21 0.88 4.95 -6.98
N GLU B 22 0.84 3.66 -7.22
CA GLU B 22 -0.41 3.05 -7.63
C GLU B 22 -1.34 2.94 -6.43
N TYR B 23 -0.75 2.85 -5.24
CA TYR B 23 -1.53 2.82 -4.01
C TYR B 23 -2.24 4.16 -3.81
N LYS B 24 -1.53 5.26 -4.06
CA LYS B 24 -2.12 6.57 -3.91
C LYS B 24 -3.23 6.77 -4.94
N GLU B 25 -3.01 6.24 -6.15
CA GLU B 25 -4.03 6.32 -7.20
C GLU B 25 -5.25 5.52 -6.78
N ALA B 26 -4.99 4.33 -6.25
CA ALA B 26 -6.03 3.46 -5.77
C ALA B 26 -6.78 4.11 -4.61
N LEU B 27 -6.07 4.82 -3.75
CA LEU B 27 -6.68 5.53 -2.63
C LEU B 27 -7.50 6.70 -3.14
N ASP B 28 -6.97 7.40 -4.14
CA ASP B 28 -7.68 8.53 -4.74
C ASP B 28 -8.96 8.02 -5.40
N LEU B 29 -8.87 6.84 -5.99
CA LEU B 29 -10.01 6.19 -6.63
C LEU B 29 -10.99 5.68 -5.57
N LEU B 30 -10.47 5.12 -4.47
CA LEU B 30 -11.31 4.64 -3.36
C LEU B 30 -12.21 5.76 -2.86
N ASP B 31 -11.70 6.98 -2.90
CA ASP B 31 -12.43 8.15 -2.42
C ASP B 31 -13.08 8.88 -3.60
N TYR B 32 -13.13 8.25 -4.76
CA TYR B 32 -13.65 8.90 -5.94
C TYR B 32 -14.91 8.24 -6.47
N VAL B 33 -14.80 6.97 -6.87
CA VAL B 33 -15.93 6.29 -7.43
C VAL B 33 -16.97 5.96 -6.38
N GLN B 34 -18.22 5.89 -6.82
CA GLN B 34 -19.36 5.68 -5.92
C GLN B 34 -19.15 4.46 -5.02
N PRO B 35 -19.67 4.53 -3.79
CA PRO B 35 -19.58 3.41 -2.83
C PRO B 35 -20.23 2.15 -3.38
N ASP B 36 -21.22 2.35 -4.25
CA ASP B 36 -21.93 1.23 -4.85
C ASP B 36 -21.06 0.50 -5.86
N VAL B 37 -20.08 1.19 -6.44
CA VAL B 37 -19.17 0.53 -7.35
C VAL B 37 -18.27 -0.40 -6.56
N LYS B 38 -18.06 -0.08 -5.27
CA LYS B 38 -17.24 -0.92 -4.42
C LYS B 38 -18.00 -2.20 -4.07
N LYS B 39 -19.31 -2.09 -4.03
CA LYS B 39 -20.17 -3.23 -3.79
C LYS B 39 -20.16 -4.10 -5.04
N ALA B 40 -20.33 -3.43 -6.17
CA ALA B 40 -20.31 -4.10 -7.47
C ALA B 40 -18.92 -4.65 -7.77
N CYS B 41 -17.89 -3.94 -7.29
CA CYS B 41 -16.51 -4.40 -7.42
C CYS B 41 -16.31 -5.59 -6.51
N CYS B 42 -16.87 -5.49 -5.31
CA CYS B 42 -16.82 -6.57 -4.35
C CYS B 42 -17.32 -7.88 -4.95
N GLN B 43 -18.20 -7.78 -5.94
CA GLN B 43 -18.72 -8.97 -6.61
C GLN B 43 -18.18 -9.10 -8.04
N ARG B 44 -17.30 -8.18 -8.43
CA ARG B 44 -16.72 -8.21 -9.77
C ARG B 44 -15.35 -8.87 -9.70
N ASN B 45 -14.51 -8.36 -8.81
CA ASN B 45 -13.14 -8.87 -8.68
C ASN B 45 -12.65 -8.88 -7.24
N GLN B 46 -13.51 -8.56 -6.30
CA GLN B 46 -13.04 -8.44 -4.93
C GLN B 46 -13.37 -9.68 -4.13
N ILE B 47 -12.72 -9.80 -2.99
CA ILE B 47 -12.95 -10.89 -2.09
C ILE B 47 -13.02 -10.31 -0.68
N SER C 1 -4.43 -5.89 21.81
CA SER C 1 -3.49 -6.62 20.93
C SER C 1 -3.95 -6.52 19.49
N ASP C 2 -3.15 -5.88 18.65
CA ASP C 2 -3.50 -5.70 17.25
C ASP C 2 -2.29 -5.82 16.32
N GLY C 3 -1.30 -6.59 16.75
CA GLY C 3 -0.13 -6.81 15.92
C GLY C 3 0.09 -8.29 15.64
N ASP C 4 -0.72 -9.14 16.27
CA ASP C 4 -0.60 -10.58 16.11
C ASP C 4 -1.93 -11.25 15.78
N VAL C 5 -2.89 -10.46 15.34
CA VAL C 5 -4.21 -10.99 15.00
C VAL C 5 -4.26 -11.37 13.53
N VAL C 6 -4.29 -12.67 13.24
CA VAL C 6 -4.29 -13.16 11.87
C VAL C 6 -5.51 -12.68 11.10
N TYR C 7 -5.29 -11.71 10.22
CA TYR C 7 -6.34 -11.16 9.38
C TYR C 7 -6.09 -11.49 7.91
N THR C 8 -6.81 -12.48 7.43
CA THR C 8 -6.69 -12.95 6.06
C THR C 8 -7.25 -11.92 5.07
N LEU C 9 -6.49 -11.70 4.00
CA LEU C 9 -6.89 -10.76 2.97
C LEU C 9 -6.85 -11.45 1.61
N ASN C 10 -7.97 -12.05 1.21
CA ASN C 10 -8.05 -12.74 -0.07
C ASN C 10 -8.01 -11.72 -1.22
N ILE C 11 -6.89 -11.66 -1.89
CA ILE C 11 -6.70 -10.72 -2.97
C ILE C 11 -6.82 -11.40 -4.32
N ARG C 12 -7.95 -11.22 -4.97
CA ARG C 12 -8.16 -11.80 -6.28
C ARG C 12 -7.31 -11.07 -7.31
N GLY C 13 -6.48 -11.83 -8.02
CA GLY C 13 -5.56 -11.24 -8.98
C GLY C 13 -4.11 -11.31 -8.50
N LYS C 14 -3.29 -12.08 -9.21
CA LYS C 14 -1.88 -12.22 -8.88
C LYS C 14 -1.15 -10.89 -8.79
N ARG C 15 -1.22 -10.11 -9.88
CA ARG C 15 -0.52 -8.83 -9.94
C ARG C 15 -0.97 -7.92 -8.81
N LYS C 16 -2.28 -7.92 -8.59
CA LYS C 16 -2.88 -7.16 -7.54
C LYS C 16 -2.27 -7.55 -6.19
N PHE C 17 -2.24 -8.84 -5.94
CA PHE C 17 -1.67 -9.39 -4.73
C PHE C 17 -0.22 -8.99 -4.54
N GLU C 18 0.55 -9.06 -5.62
CA GLU C 18 1.98 -8.73 -5.56
C GLU C 18 2.20 -7.34 -4.95
N LYS C 19 1.30 -6.43 -5.28
CA LYS C 19 1.36 -5.08 -4.73
C LYS C 19 1.01 -5.08 -3.24
N VAL C 20 -0.18 -5.61 -2.92
CA VAL C 20 -0.65 -5.69 -1.53
C VAL C 20 0.34 -6.47 -0.64
N LYS C 21 0.71 -7.67 -1.06
CA LYS C 21 1.66 -8.48 -0.32
C LYS C 21 2.96 -7.75 -0.07
N GLU C 22 3.37 -6.90 -1.02
CA GLU C 22 4.57 -6.11 -0.86
C GLU C 22 4.36 -5.13 0.29
N TYR C 23 3.13 -4.67 0.44
CA TYR C 23 2.76 -3.75 1.50
C TYR C 23 2.67 -4.48 2.84
N LYS C 24 2.13 -5.69 2.84
CA LYS C 24 1.98 -6.44 4.07
C LYS C 24 3.35 -6.78 4.67
N GLU C 25 4.30 -7.21 3.82
CA GLU C 25 5.65 -7.51 4.30
C GLU C 25 6.29 -6.24 4.82
N ALA C 26 6.09 -5.16 4.10
CA ALA C 26 6.60 -3.87 4.47
C ALA C 26 6.03 -3.42 5.82
N LEU C 27 4.73 -3.65 6.04
CA LEU C 27 4.11 -3.32 7.32
C LEU C 27 4.65 -4.22 8.43
N ASP C 28 4.80 -5.50 8.12
CA ASP C 28 5.32 -6.46 9.08
C ASP C 28 6.75 -6.10 9.45
N LEU C 29 7.48 -5.58 8.47
CA LEU C 29 8.85 -5.13 8.66
C LEU C 29 8.89 -3.83 9.47
N LEU C 30 7.92 -2.95 9.23
CA LEU C 30 7.82 -1.69 9.97
C LEU C 30 7.66 -1.95 11.45
N ASP C 31 6.96 -3.02 11.78
CA ASP C 31 6.71 -3.39 13.18
C ASP C 31 7.73 -4.43 13.62
N TYR C 32 8.83 -4.53 12.90
CA TYR C 32 9.80 -5.56 13.22
C TYR C 32 11.16 -4.97 13.60
N VAL C 33 11.81 -4.31 12.65
CA VAL C 33 13.14 -3.80 12.88
C VAL C 33 13.12 -2.62 13.83
N GLN C 34 14.26 -2.41 14.50
CA GLN C 34 14.39 -1.37 15.53
C GLN C 34 13.99 0.01 15.02
N PRO C 35 13.40 0.83 15.90
CA PRO C 35 12.98 2.19 15.56
C PRO C 35 14.15 3.03 15.05
N ASP C 36 15.35 2.72 15.52
CA ASP C 36 16.54 3.44 15.11
C ASP C 36 16.89 3.16 13.67
N VAL C 37 16.52 1.98 13.17
CA VAL C 37 16.79 1.66 11.78
C VAL C 37 15.93 2.55 10.90
N LYS C 38 14.78 2.99 11.41
CA LYS C 38 13.90 3.88 10.66
C LYS C 38 14.52 5.26 10.58
N LYS C 39 15.28 5.62 11.61
CA LYS C 39 16.00 6.89 11.62
C LYS C 39 17.10 6.85 10.57
N ALA C 40 17.89 5.79 10.64
CA ALA C 40 18.99 5.60 9.71
C ALA C 40 18.46 5.34 8.30
N CYS C 41 17.33 4.66 8.21
CA CYS C 41 16.67 4.43 6.92
C CYS C 41 16.19 5.75 6.38
N CYS C 42 15.59 6.55 7.27
CA CYS C 42 15.12 7.88 6.94
C CYS C 42 16.17 8.65 6.14
N GLN C 43 17.43 8.49 6.52
CA GLN C 43 18.52 9.16 5.82
C GLN C 43 19.32 8.21 4.92
N ARG C 44 18.88 6.98 4.78
CA ARG C 44 19.57 6.01 3.94
C ARG C 44 18.98 6.03 2.54
N ASN C 45 17.69 5.76 2.47
CA ASN C 45 17.01 5.73 1.18
C ASN C 45 15.57 6.19 1.32
N GLN C 46 15.26 6.84 2.43
CA GLN C 46 13.91 7.30 2.67
C GLN C 46 13.86 8.80 2.48
N ILE C 47 12.66 9.34 2.36
CA ILE C 47 12.50 10.77 2.20
C ILE C 47 11.24 11.20 2.94
N SER D 1 -5.19 -13.03 -17.09
CA SER D 1 -5.98 -13.81 -16.12
C SER D 1 -5.45 -13.59 -14.70
N ASP D 2 -4.42 -12.75 -14.55
CA ASP D 2 -3.82 -12.47 -13.25
C ASP D 2 -4.58 -11.38 -12.49
N GLY D 3 -5.88 -11.30 -12.74
CA GLY D 3 -6.72 -10.35 -12.02
C GLY D 3 -7.84 -11.04 -11.27
N ASP D 4 -7.90 -12.36 -11.39
CA ASP D 4 -8.97 -13.13 -10.75
C ASP D 4 -8.43 -14.31 -9.96
N VAL D 5 -7.12 -14.34 -9.73
CA VAL D 5 -6.50 -15.43 -9.00
C VAL D 5 -6.53 -15.14 -7.50
N VAL D 6 -7.35 -15.87 -6.75
CA VAL D 6 -7.49 -15.66 -5.32
C VAL D 6 -6.17 -15.89 -4.58
N TYR D 7 -5.55 -14.79 -4.20
CA TYR D 7 -4.28 -14.82 -3.47
C TYR D 7 -4.49 -14.33 -2.04
N THR D 8 -4.61 -15.28 -1.15
CA THR D 8 -4.82 -15.02 0.27
C THR D 8 -3.57 -14.43 0.91
N LEU D 9 -3.76 -13.36 1.68
CA LEU D 9 -2.67 -12.70 2.35
C LEU D 9 -2.97 -12.59 3.84
N ASN D 10 -2.53 -13.59 4.60
CA ASN D 10 -2.77 -13.62 6.04
C ASN D 10 -1.92 -12.54 6.70
N ILE D 11 -2.57 -11.46 7.12
CA ILE D 11 -1.90 -10.34 7.73
C ILE D 11 -2.09 -10.35 9.24
N ARG D 12 -1.06 -10.79 9.95
CA ARG D 12 -1.11 -10.83 11.40
C ARG D 12 -1.05 -9.40 11.94
N GLY D 13 -2.01 -9.05 12.78
CA GLY D 13 -2.09 -7.69 13.30
C GLY D 13 -3.22 -6.90 12.67
N LYS D 14 -4.20 -6.54 13.49
CA LYS D 14 -5.37 -5.80 13.01
C LYS D 14 -4.98 -4.49 12.31
N ARG D 15 -4.26 -3.63 13.03
CA ARG D 15 -3.89 -2.31 12.48
C ARG D 15 -3.16 -2.47 11.17
N LYS D 16 -2.26 -3.45 11.16
CA LYS D 16 -1.50 -3.79 9.98
C LYS D 16 -2.44 -4.10 8.83
N PHE D 17 -3.35 -5.03 9.07
CA PHE D 17 -4.33 -5.47 8.08
C PHE D 17 -5.16 -4.30 7.56
N GLU D 18 -5.61 -3.44 8.47
CA GLU D 18 -6.44 -2.29 8.10
C GLU D 18 -5.77 -1.48 6.99
N LYS D 19 -4.46 -1.34 7.07
CA LYS D 19 -3.69 -0.62 6.06
C LYS D 19 -3.68 -1.38 4.73
N VAL D 20 -3.21 -2.62 4.78
CA VAL D 20 -3.14 -3.46 3.57
C VAL D 20 -4.52 -3.72 2.94
N LYS D 21 -5.52 -4.03 3.76
CA LYS D 21 -6.88 -4.23 3.28
C LYS D 21 -7.35 -3.02 2.50
N GLU D 22 -6.98 -1.84 2.99
CA GLU D 22 -7.34 -0.62 2.31
C GLU D 22 -6.68 -0.60 0.93
N TYR D 23 -5.47 -1.15 0.86
CA TYR D 23 -4.72 -1.22 -0.38
C TYR D 23 -5.35 -2.21 -1.35
N LYS D 24 -5.71 -3.39 -0.85
CA LYS D 24 -6.27 -4.42 -1.70
C LYS D 24 -7.59 -3.95 -2.30
N GLU D 25 -8.41 -3.26 -1.51
CA GLU D 25 -9.68 -2.74 -2.01
C GLU D 25 -9.43 -1.60 -2.99
N ALA D 26 -8.42 -0.78 -2.70
CA ALA D 26 -8.02 0.28 -3.58
C ALA D 26 -7.57 -0.29 -4.94
N LEU D 27 -6.76 -1.36 -4.89
CA LEU D 27 -6.31 -2.03 -6.11
C LEU D 27 -7.49 -2.67 -6.82
N ASP D 28 -8.36 -3.31 -6.04
CA ASP D 28 -9.55 -3.95 -6.60
C ASP D 28 -10.43 -2.93 -7.30
N LEU D 29 -10.50 -1.74 -6.72
CA LEU D 29 -11.26 -0.64 -7.31
C LEU D 29 -10.53 -0.10 -8.54
N LEU D 30 -9.19 -0.01 -8.49
CA LEU D 30 -8.40 0.39 -9.66
C LEU D 30 -8.64 -0.59 -10.80
N ASP D 31 -8.82 -1.84 -10.41
CA ASP D 31 -9.05 -2.94 -11.34
C ASP D 31 -10.54 -3.08 -11.63
N TYR D 32 -11.32 -2.03 -11.35
CA TYR D 32 -12.74 -2.14 -11.52
C TYR D 32 -13.33 -0.96 -12.31
N VAL D 33 -13.24 0.24 -11.75
CA VAL D 33 -13.87 1.38 -12.38
C VAL D 33 -13.17 1.79 -13.67
N GLN D 34 -13.91 2.49 -14.52
CA GLN D 34 -13.42 2.90 -15.84
C GLN D 34 -12.12 3.70 -15.74
N PRO D 35 -11.24 3.56 -16.73
CA PRO D 35 -9.96 4.28 -16.77
C PRO D 35 -10.19 5.78 -16.87
N ASP D 36 -11.34 6.17 -17.40
CA ASP D 36 -11.68 7.57 -17.56
C ASP D 36 -12.05 8.21 -16.24
N VAL D 37 -12.54 7.41 -15.30
CA VAL D 37 -12.86 7.94 -13.98
C VAL D 37 -11.56 8.30 -13.29
N LYS D 38 -10.48 7.64 -13.71
CA LYS D 38 -9.17 7.91 -13.15
C LYS D 38 -8.65 9.24 -13.67
N LYS D 39 -9.06 9.58 -14.89
CA LYS D 39 -8.70 10.87 -15.49
C LYS D 39 -9.46 11.97 -14.76
N ALA D 40 -10.73 11.71 -14.54
CA ALA D 40 -11.58 12.65 -13.80
C ALA D 40 -11.17 12.70 -12.34
N CYS D 41 -10.82 11.55 -11.77
CA CYS D 41 -10.31 11.47 -10.40
C CYS D 41 -9.00 12.22 -10.30
N CYS D 42 -8.18 12.06 -11.33
CA CYS D 42 -6.91 12.76 -11.44
C CYS D 42 -7.11 14.25 -11.20
N GLN D 43 -8.21 14.79 -11.71
CA GLN D 43 -8.52 16.20 -11.53
C GLN D 43 -9.59 16.44 -10.46
N ARG D 44 -9.95 15.39 -9.73
CA ARG D 44 -10.94 15.51 -8.66
C ARG D 44 -10.23 15.66 -7.33
N ASN D 45 -9.33 14.72 -7.03
CA ASN D 45 -8.61 14.76 -5.76
C ASN D 45 -7.21 14.18 -5.89
N GLN D 46 -6.77 13.97 -7.11
CA GLN D 46 -5.46 13.40 -7.33
C GLN D 46 -4.48 14.53 -7.60
N ILE D 47 -3.21 14.21 -7.55
CA ILE D 47 -2.17 15.17 -7.80
C ILE D 47 -1.12 14.53 -8.68
N SER A 1 19.82 -0.29 -10.05
CA SER A 1 19.83 1.03 -9.40
C SER A 1 18.48 1.71 -9.54
N ASP A 2 17.58 1.45 -8.60
CA ASP A 2 16.24 2.05 -8.61
C ASP A 2 15.70 2.16 -7.19
N GLY A 3 16.58 2.45 -6.25
CA GLY A 3 16.17 2.56 -4.86
C GLY A 3 16.47 3.92 -4.27
N ASP A 4 17.10 4.79 -5.06
CA ASP A 4 17.46 6.12 -4.59
C ASP A 4 17.03 7.20 -5.56
N VAL A 5 16.09 6.89 -6.43
CA VAL A 5 15.59 7.85 -7.38
C VAL A 5 14.39 8.58 -6.78
N VAL A 6 14.58 9.85 -6.46
CA VAL A 6 13.53 10.64 -5.81
C VAL A 6 12.30 10.78 -6.70
N TYR A 7 11.25 10.05 -6.34
CA TYR A 7 9.99 10.10 -7.05
C TYR A 7 8.89 10.66 -6.13
N THR A 8 8.60 11.93 -6.33
CA THR A 8 7.61 12.64 -5.55
C THR A 8 6.19 12.18 -5.88
N LEU A 9 5.41 11.94 -4.83
CA LEU A 9 4.04 11.49 -4.97
C LEU A 9 3.11 12.42 -4.19
N ASN A 10 2.50 13.38 -4.89
CA ASN A 10 1.59 14.34 -4.24
C ASN A 10 0.28 13.64 -3.92
N ILE A 11 0.08 13.35 -2.65
CA ILE A 11 -1.12 12.66 -2.22
C ILE A 11 -2.11 13.62 -1.58
N ARG A 12 -3.17 13.95 -2.32
CA ARG A 12 -4.18 14.82 -1.77
C ARG A 12 -5.00 14.10 -0.69
N GLY A 13 -5.09 14.72 0.48
CA GLY A 13 -5.78 14.10 1.60
C GLY A 13 -4.83 13.51 2.62
N LYS A 14 -4.91 13.99 3.87
CA LYS A 14 -4.03 13.51 4.94
C LYS A 14 -4.21 12.02 5.22
N ARG A 15 -5.44 11.61 5.47
CA ARG A 15 -5.73 10.22 5.80
C ARG A 15 -5.24 9.32 4.68
N LYS A 16 -5.49 9.75 3.46
CA LYS A 16 -5.03 9.05 2.28
C LYS A 16 -3.52 8.90 2.33
N PHE A 17 -2.84 10.02 2.51
CA PHE A 17 -1.39 10.06 2.62
C PHE A 17 -0.87 9.13 3.70
N GLU A 18 -1.50 9.15 4.87
CA GLU A 18 -1.06 8.33 6.00
C GLU A 18 -0.96 6.86 5.60
N LYS A 19 -1.87 6.43 4.74
CA LYS A 19 -1.85 5.06 4.25
C LYS A 19 -0.67 4.85 3.30
N VAL A 20 -0.61 5.66 2.25
CA VAL A 20 0.49 5.57 1.27
C VAL A 20 1.86 5.80 1.90
N LYS A 21 2.00 6.84 2.73
CA LYS A 21 3.24 7.11 3.43
C LYS A 21 3.64 5.93 4.29
N GLU A 22 2.66 5.26 4.87
CA GLU A 22 2.93 4.08 5.67
C GLU A 22 3.51 3.00 4.78
N TYR A 23 3.07 3.00 3.51
CA TYR A 23 3.54 2.05 2.54
C TYR A 23 4.95 2.43 2.06
N LYS A 24 5.17 3.71 1.83
CA LYS A 24 6.48 4.16 1.37
C LYS A 24 7.53 3.89 2.44
N GLU A 25 7.17 4.16 3.71
CA GLU A 25 8.09 3.90 4.82
C GLU A 25 8.35 2.41 4.94
N ALA A 26 7.27 1.65 4.82
CA ALA A 26 7.35 0.21 4.87
C ALA A 26 8.22 -0.33 3.73
N LEU A 27 8.06 0.23 2.53
CA LEU A 27 8.90 -0.14 1.39
C LEU A 27 10.34 0.26 1.63
N ASP A 28 10.53 1.46 2.19
CA ASP A 28 11.86 1.96 2.51
C ASP A 28 12.54 1.03 3.52
N LEU A 29 11.76 0.55 4.48
CA LEU A 29 12.26 -0.37 5.49
C LEU A 29 12.53 -1.75 4.88
N LEU A 30 11.65 -2.18 3.96
CA LEU A 30 11.83 -3.46 3.27
C LEU A 30 13.15 -3.49 2.53
N ASP A 31 13.55 -2.33 2.02
CA ASP A 31 14.77 -2.22 1.25
C ASP A 31 15.86 -1.58 2.11
N TYR A 32 15.76 -1.77 3.42
CA TYR A 32 16.73 -1.20 4.33
C TYR A 32 17.32 -2.26 5.23
N VAL A 33 16.50 -2.86 6.08
CA VAL A 33 17.00 -3.84 7.00
C VAL A 33 17.32 -5.14 6.26
N GLN A 34 18.21 -5.92 6.87
CA GLN A 34 18.70 -7.16 6.25
C GLN A 34 17.56 -8.06 5.77
N PRO A 35 17.78 -8.77 4.67
CA PRO A 35 16.82 -9.74 4.16
C PRO A 35 16.65 -10.87 5.16
N ASP A 36 17.62 -10.98 6.04
CA ASP A 36 17.62 -11.97 7.09
C ASP A 36 16.57 -11.61 8.14
N VAL A 37 16.40 -10.32 8.40
CA VAL A 37 15.41 -9.87 9.37
C VAL A 37 14.03 -10.14 8.83
N LYS A 38 13.90 -10.19 7.50
CA LYS A 38 12.62 -10.47 6.87
C LYS A 38 12.20 -11.89 7.19
N LYS A 39 13.19 -12.78 7.27
CA LYS A 39 12.95 -14.17 7.61
C LYS A 39 12.56 -14.28 9.06
N ALA A 40 13.29 -13.56 9.90
CA ALA A 40 13.02 -13.53 11.32
C ALA A 40 11.69 -12.81 11.60
N CYS A 41 11.41 -11.77 10.83
CA CYS A 41 10.14 -11.05 10.94
C CYS A 41 9.02 -11.95 10.51
N CYS A 42 9.27 -12.69 9.44
CA CYS A 42 8.32 -13.66 8.93
C CYS A 42 7.81 -14.55 10.06
N GLN A 43 8.72 -15.02 10.91
CA GLN A 43 8.36 -15.89 12.02
C GLN A 43 8.14 -15.09 13.30
N ARG A 44 8.19 -13.77 13.22
CA ARG A 44 7.99 -12.93 14.37
C ARG A 44 6.53 -12.50 14.46
N ASN A 45 6.02 -11.94 13.38
CA ASN A 45 4.64 -11.47 13.36
C ASN A 45 4.04 -11.44 11.96
N GLN A 46 4.51 -12.33 11.10
CA GLN A 46 4.06 -12.35 9.72
C GLN A 46 3.50 -13.72 9.35
N ILE A 47 2.88 -13.78 8.20
CA ILE A 47 2.33 -15.00 7.66
C ILE A 47 2.53 -15.00 6.16
N SER B 1 -12.37 15.82 6.79
CA SER B 1 -12.18 16.65 5.59
C SER B 1 -10.73 16.57 5.10
N ASP B 2 -10.07 15.45 5.38
CA ASP B 2 -8.67 15.29 4.97
C ASP B 2 -8.58 14.50 3.68
N GLY B 3 -9.10 15.07 2.60
CA GLY B 3 -9.03 14.40 1.32
C GLY B 3 -8.49 15.27 0.21
N ASP B 4 -8.26 16.55 0.51
CA ASP B 4 -7.75 17.48 -0.49
C ASP B 4 -6.49 18.17 0.01
N VAL B 5 -5.92 17.65 1.09
CA VAL B 5 -4.70 18.22 1.64
C VAL B 5 -3.50 17.61 0.94
N VAL B 6 -2.93 18.37 0.00
CA VAL B 6 -1.80 17.90 -0.81
C VAL B 6 -0.59 17.52 0.05
N TYR B 7 -0.41 16.23 0.23
CA TYR B 7 0.69 15.69 1.00
C TYR B 7 1.70 15.00 0.10
N THR B 8 2.76 15.72 -0.19
CA THR B 8 3.83 15.24 -1.04
C THR B 8 4.61 14.13 -0.34
N LEU B 9 4.84 13.05 -1.07
CA LEU B 9 5.56 11.91 -0.55
C LEU B 9 6.75 11.60 -1.46
N ASN B 10 7.91 12.17 -1.14
CA ASN B 10 9.11 11.95 -1.93
C ASN B 10 9.58 10.51 -1.72
N ILE B 11 9.34 9.68 -2.70
CA ILE B 11 9.69 8.27 -2.61
C ILE B 11 10.97 7.98 -3.36
N ARG B 12 12.07 7.87 -2.62
CA ARG B 12 13.33 7.52 -3.23
C ARG B 12 13.29 6.07 -3.68
N GLY B 13 13.58 5.83 -4.95
CA GLY B 13 13.49 4.50 -5.49
C GLY B 13 12.33 4.34 -6.46
N LYS B 14 12.66 4.17 -7.74
CA LYS B 14 11.66 4.03 -8.80
C LYS B 14 10.70 2.88 -8.54
N ARG B 15 11.25 1.68 -8.35
CA ARG B 15 10.43 0.48 -8.14
C ARG B 15 9.53 0.67 -6.93
N LYS B 16 10.12 1.23 -5.90
CA LYS B 16 9.42 1.53 -4.68
C LYS B 16 8.24 2.44 -4.96
N PHE B 17 8.52 3.56 -5.63
CA PHE B 17 7.51 4.52 -6.02
C PHE B 17 6.40 3.88 -6.82
N GLU B 18 6.75 3.01 -7.75
CA GLU B 18 5.77 2.32 -8.58
C GLU B 18 4.69 1.67 -7.70
N LYS B 19 5.13 1.06 -6.60
CA LYS B 19 4.21 0.41 -5.67
C LYS B 19 3.33 1.44 -4.96
N VAL B 20 3.98 2.38 -4.28
CA VAL B 20 3.28 3.46 -3.55
C VAL B 20 2.38 4.28 -4.47
N LYS B 21 2.91 4.73 -5.60
CA LYS B 21 2.18 5.55 -6.56
C LYS B 21 0.87 4.91 -7.00
N GLU B 22 0.86 3.61 -7.21
CA GLU B 22 -0.38 2.97 -7.60
C GLU B 22 -1.33 2.92 -6.41
N TYR B 23 -0.77 2.83 -5.21
CA TYR B 23 -1.56 2.82 -4.00
C TYR B 23 -2.24 4.18 -3.81
N LYS B 24 -1.52 5.26 -4.08
CA LYS B 24 -2.09 6.59 -3.93
C LYS B 24 -3.22 6.78 -4.94
N GLU B 25 -3.04 6.24 -6.15
CA GLU B 25 -4.07 6.31 -7.18
C GLU B 25 -5.27 5.49 -6.75
N ALA B 26 -4.99 4.30 -6.22
CA ALA B 26 -6.00 3.42 -5.72
C ALA B 26 -6.77 4.06 -4.56
N LEU B 27 -6.06 4.74 -3.66
CA LEU B 27 -6.69 5.44 -2.55
C LEU B 27 -7.50 6.62 -3.07
N ASP B 28 -6.94 7.33 -4.04
CA ASP B 28 -7.62 8.47 -4.64
C ASP B 28 -8.88 8.02 -5.34
N LEU B 29 -8.84 6.84 -5.92
CA LEU B 29 -10.00 6.25 -6.58
C LEU B 29 -11.02 5.77 -5.54
N LEU B 30 -10.53 5.16 -4.45
CA LEU B 30 -11.41 4.73 -3.35
C LEU B 30 -12.17 5.91 -2.77
N ASP B 31 -11.54 7.08 -2.86
CA ASP B 31 -12.11 8.32 -2.34
C ASP B 31 -12.74 9.12 -3.49
N TYR B 32 -13.02 8.46 -4.61
CA TYR B 32 -13.56 9.16 -5.76
C TYR B 32 -14.86 8.53 -6.27
N VAL B 33 -14.79 7.28 -6.73
CA VAL B 33 -15.94 6.65 -7.30
C VAL B 33 -17.03 6.38 -6.27
N GLN B 34 -18.25 6.20 -6.76
CA GLN B 34 -19.41 6.00 -5.91
C GLN B 34 -19.21 4.85 -4.93
N PRO B 35 -19.79 4.96 -3.72
CA PRO B 35 -19.67 3.93 -2.69
C PRO B 35 -20.29 2.61 -3.15
N ASP B 36 -21.23 2.72 -4.09
CA ASP B 36 -21.91 1.54 -4.60
C ASP B 36 -21.01 0.74 -5.52
N VAL B 37 -20.06 1.41 -6.16
CA VAL B 37 -19.14 0.73 -7.06
C VAL B 37 -18.24 -0.19 -6.24
N LYS B 38 -18.00 0.19 -4.98
CA LYS B 38 -17.18 -0.63 -4.10
C LYS B 38 -17.92 -1.90 -3.75
N LYS B 39 -19.22 -1.78 -3.58
CA LYS B 39 -20.07 -2.93 -3.30
C LYS B 39 -20.07 -3.86 -4.50
N ALA B 40 -20.28 -3.27 -5.67
CA ALA B 40 -20.31 -4.03 -6.90
C ALA B 40 -18.92 -4.55 -7.26
N CYS B 41 -17.89 -3.80 -6.92
CA CYS B 41 -16.51 -4.24 -7.15
C CYS B 41 -16.21 -5.42 -6.26
N CYS B 42 -16.66 -5.33 -5.03
CA CYS B 42 -16.49 -6.39 -4.06
C CYS B 42 -17.01 -7.72 -4.65
N GLN B 43 -18.10 -7.63 -5.41
CA GLN B 43 -18.69 -8.81 -6.03
C GLN B 43 -18.33 -8.92 -7.52
N ARG B 44 -17.41 -8.07 -7.98
CA ARG B 44 -16.99 -8.09 -9.38
C ARG B 44 -15.72 -8.91 -9.53
N ASN B 45 -14.69 -8.54 -8.79
CA ASN B 45 -13.42 -9.25 -8.87
C ASN B 45 -12.69 -9.23 -7.53
N GLN B 46 -13.42 -8.97 -6.47
CA GLN B 46 -12.82 -8.85 -5.15
C GLN B 46 -13.13 -10.06 -4.30
N ILE B 47 -12.45 -10.15 -3.17
CA ILE B 47 -12.67 -11.21 -2.21
C ILE B 47 -12.60 -10.62 -0.81
N SER C 1 -2.91 -3.46 21.26
CA SER C 1 -2.20 -4.74 21.04
C SER C 1 -2.85 -5.49 19.89
N ASP C 2 -2.30 -5.33 18.70
CA ASP C 2 -2.85 -5.93 17.50
C ASP C 2 -1.81 -6.07 16.40
N GLY C 3 -0.80 -6.87 16.67
CA GLY C 3 0.24 -7.11 15.70
C GLY C 3 0.38 -8.59 15.39
N ASP C 4 -0.42 -9.41 16.06
CA ASP C 4 -0.36 -10.86 15.89
C ASP C 4 -1.72 -11.47 15.58
N VAL C 5 -2.68 -10.64 15.20
CA VAL C 5 -4.02 -11.12 14.90
C VAL C 5 -4.14 -11.50 13.42
N VAL C 6 -4.24 -12.80 13.14
CA VAL C 6 -4.28 -13.29 11.77
C VAL C 6 -5.53 -12.82 11.02
N TYR C 7 -5.33 -11.87 10.14
CA TYR C 7 -6.39 -11.33 9.31
C TYR C 7 -6.12 -11.64 7.84
N THR C 8 -6.83 -12.62 7.34
CA THR C 8 -6.69 -13.08 5.96
C THR C 8 -7.26 -12.06 4.97
N LEU C 9 -6.52 -11.83 3.89
CA LEU C 9 -6.94 -10.91 2.84
C LEU C 9 -6.84 -11.61 1.49
N ASN C 10 -7.93 -12.24 1.06
CA ASN C 10 -7.95 -12.96 -0.22
C ASN C 10 -7.92 -11.95 -1.36
N ILE C 11 -6.76 -11.82 -1.97
CA ILE C 11 -6.57 -10.87 -3.04
C ILE C 11 -6.64 -11.54 -4.40
N ARG C 12 -7.76 -11.37 -5.07
CA ARG C 12 -7.91 -11.93 -6.39
C ARG C 12 -7.06 -11.15 -7.40
N GLY C 13 -6.20 -11.86 -8.11
CA GLY C 13 -5.29 -11.22 -9.04
C GLY C 13 -3.85 -11.23 -8.57
N LYS C 14 -2.98 -11.89 -9.34
CA LYS C 14 -1.56 -11.98 -8.99
C LYS C 14 -0.90 -10.62 -8.87
N ARG C 15 -1.00 -9.81 -9.92
CA ARG C 15 -0.38 -8.49 -9.92
C ARG C 15 -0.88 -7.68 -8.74
N LYS C 16 -2.19 -7.74 -8.54
CA LYS C 16 -2.83 -7.07 -7.44
C LYS C 16 -2.20 -7.49 -6.11
N PHE C 17 -2.15 -8.80 -5.90
CA PHE C 17 -1.56 -9.39 -4.70
C PHE C 17 -0.13 -8.93 -4.49
N GLU C 18 0.68 -8.96 -5.55
CA GLU C 18 2.08 -8.57 -5.45
C GLU C 18 2.24 -7.21 -4.79
N LYS C 19 1.33 -6.31 -5.13
CA LYS C 19 1.34 -4.96 -4.55
C LYS C 19 0.98 -5.01 -3.07
N VAL C 20 -0.20 -5.56 -2.77
CA VAL C 20 -0.67 -5.69 -1.38
C VAL C 20 0.31 -6.50 -0.51
N LYS C 21 0.72 -7.66 -0.99
CA LYS C 21 1.68 -8.50 -0.27
C LYS C 21 2.98 -7.75 0.01
N GLU C 22 3.39 -6.92 -0.93
CA GLU C 22 4.58 -6.11 -0.75
C GLU C 22 4.36 -5.16 0.41
N TYR C 23 3.12 -4.68 0.52
CA TYR C 23 2.72 -3.77 1.58
C TYR C 23 2.64 -4.49 2.92
N LYS C 24 2.05 -5.69 2.94
CA LYS C 24 1.91 -6.43 4.17
C LYS C 24 3.28 -6.78 4.75
N GLU C 25 4.20 -7.24 3.88
CA GLU C 25 5.55 -7.58 4.31
C GLU C 25 6.25 -6.34 4.84
N ALA C 26 6.06 -5.25 4.11
CA ALA C 26 6.61 -3.97 4.49
C ALA C 26 6.07 -3.50 5.84
N LEU C 27 4.77 -3.72 6.07
CA LEU C 27 4.15 -3.38 7.34
C LEU C 27 4.72 -4.26 8.46
N ASP C 28 4.85 -5.55 8.17
CA ASP C 28 5.41 -6.50 9.12
C ASP C 28 6.82 -6.07 9.52
N LEU C 29 7.56 -5.58 8.55
CA LEU C 29 8.92 -5.11 8.77
C LEU C 29 8.95 -3.78 9.52
N LEU C 30 8.00 -2.89 9.20
CA LEU C 30 7.90 -1.58 9.84
C LEU C 30 7.90 -1.71 11.37
N ASP C 31 7.10 -2.62 11.88
CA ASP C 31 6.97 -2.80 13.32
C ASP C 31 7.81 -4.00 13.79
N TYR C 32 8.85 -4.34 13.05
CA TYR C 32 9.70 -5.45 13.43
C TYR C 32 11.08 -4.96 13.84
N VAL C 33 11.77 -4.30 12.92
CA VAL C 33 13.10 -3.81 13.19
C VAL C 33 13.06 -2.61 14.13
N GLN C 34 14.19 -2.33 14.76
CA GLN C 34 14.29 -1.25 15.74
C GLN C 34 13.76 0.07 15.20
N PRO C 35 13.19 0.90 16.09
CA PRO C 35 12.68 2.23 15.72
C PRO C 35 13.80 3.13 15.23
N ASP C 36 15.03 2.80 15.63
CA ASP C 36 16.18 3.59 15.25
C ASP C 36 16.62 3.26 13.83
N VAL C 37 16.27 2.06 13.34
CA VAL C 37 16.60 1.72 11.97
C VAL C 37 15.74 2.54 11.04
N LYS C 38 14.58 2.97 11.53
CA LYS C 38 13.68 3.79 10.74
C LYS C 38 14.26 5.17 10.56
N LYS C 39 15.00 5.62 11.58
CA LYS C 39 15.67 6.91 11.53
C LYS C 39 16.82 6.82 10.54
N ALA C 40 17.61 5.76 10.69
CA ALA C 40 18.74 5.51 9.82
C ALA C 40 18.27 5.17 8.41
N CYS C 41 17.11 4.53 8.29
CA CYS C 41 16.52 4.23 7.00
C CYS C 41 16.05 5.52 6.36
N CYS C 42 15.43 6.36 7.19
CA CYS C 42 14.97 7.66 6.78
C CYS C 42 16.07 8.43 6.05
N GLN C 43 17.32 8.27 6.51
CA GLN C 43 18.45 8.95 5.89
C GLN C 43 19.23 8.03 4.95
N ARG C 44 18.80 6.79 4.82
CA ARG C 44 19.49 5.81 3.98
C ARG C 44 18.93 5.83 2.58
N ASN C 45 17.62 5.69 2.46
CA ASN C 45 16.98 5.65 1.15
C ASN C 45 15.58 6.23 1.21
N GLN C 46 15.32 7.04 2.21
CA GLN C 46 14.01 7.61 2.39
C GLN C 46 14.06 9.12 2.21
N ILE C 47 12.90 9.73 2.13
CA ILE C 47 12.78 11.16 1.97
C ILE C 47 11.58 11.63 2.77
N SER D 1 -3.60 -11.13 -17.55
CA SER D 1 -4.66 -12.08 -17.17
C SER D 1 -4.50 -12.46 -15.70
N ASP D 2 -3.97 -11.55 -14.90
CA ASP D 2 -3.73 -11.82 -13.49
C ASP D 2 -4.62 -10.97 -12.61
N GLY D 3 -5.93 -11.17 -12.71
CA GLY D 3 -6.84 -10.39 -11.93
C GLY D 3 -7.85 -11.22 -11.15
N ASP D 4 -7.83 -12.53 -11.36
CA ASP D 4 -8.77 -13.42 -10.68
C ASP D 4 -8.07 -14.53 -9.93
N VAL D 5 -6.75 -14.47 -9.85
CA VAL D 5 -6.01 -15.49 -9.14
C VAL D 5 -6.06 -15.21 -7.65
N VAL D 6 -6.88 -15.98 -6.94
CA VAL D 6 -7.07 -15.79 -5.50
C VAL D 6 -5.77 -16.00 -4.73
N TYR D 7 -5.18 -14.90 -4.31
CA TYR D 7 -3.95 -14.93 -3.54
C TYR D 7 -4.21 -14.42 -2.13
N THR D 8 -4.39 -15.38 -1.23
CA THR D 8 -4.65 -15.12 0.17
C THR D 8 -3.44 -14.50 0.86
N LEU D 9 -3.69 -13.43 1.60
CA LEU D 9 -2.65 -12.73 2.29
C LEU D 9 -2.97 -12.69 3.79
N ASN D 10 -2.50 -13.69 4.52
CA ASN D 10 -2.73 -13.76 5.95
C ASN D 10 -1.93 -12.67 6.64
N ILE D 11 -2.59 -11.59 6.98
CA ILE D 11 -1.94 -10.46 7.60
C ILE D 11 -2.07 -10.51 9.11
N ARG D 12 -1.03 -10.96 9.77
CA ARG D 12 -1.04 -11.02 11.21
C ARG D 12 -0.91 -9.60 11.78
N GLY D 13 -1.87 -9.23 12.63
CA GLY D 13 -1.93 -7.87 13.15
C GLY D 13 -3.11 -7.08 12.58
N LYS D 14 -4.01 -6.64 13.47
CA LYS D 14 -5.20 -5.89 13.05
C LYS D 14 -4.88 -4.59 12.32
N ARG D 15 -4.16 -3.68 12.99
CA ARG D 15 -3.86 -2.38 12.40
C ARG D 15 -3.12 -2.56 11.08
N LYS D 16 -2.26 -3.56 11.06
CA LYS D 16 -1.53 -3.91 9.88
C LYS D 16 -2.50 -4.22 8.75
N PHE D 17 -3.38 -5.18 9.01
CA PHE D 17 -4.39 -5.60 8.04
C PHE D 17 -5.22 -4.43 7.54
N GLU D 18 -5.62 -3.55 8.45
CA GLU D 18 -6.44 -2.39 8.07
C GLU D 18 -5.79 -1.61 6.93
N LYS D 19 -4.48 -1.43 7.01
CA LYS D 19 -3.75 -0.69 5.99
C LYS D 19 -3.78 -1.44 4.65
N VAL D 20 -3.30 -2.68 4.68
CA VAL D 20 -3.26 -3.54 3.49
C VAL D 20 -4.65 -3.83 2.91
N LYS D 21 -5.60 -4.16 3.78
CA LYS D 21 -6.97 -4.44 3.36
C LYS D 21 -7.53 -3.30 2.53
N GLU D 22 -7.24 -2.08 2.91
CA GLU D 22 -7.72 -0.95 2.14
C GLU D 22 -6.95 -0.84 0.82
N TYR D 23 -5.70 -1.30 0.84
CA TYR D 23 -4.88 -1.32 -0.36
C TYR D 23 -5.46 -2.30 -1.37
N LYS D 24 -5.86 -3.47 -0.91
CA LYS D 24 -6.42 -4.48 -1.78
C LYS D 24 -7.75 -3.97 -2.36
N GLU D 25 -8.53 -3.26 -1.54
CA GLU D 25 -9.79 -2.67 -1.99
C GLU D 25 -9.50 -1.63 -3.06
N ALA D 26 -8.54 -0.77 -2.78
CA ALA D 26 -8.12 0.27 -3.69
C ALA D 26 -7.64 -0.32 -5.01
N LEU D 27 -6.85 -1.39 -4.95
CA LEU D 27 -6.38 -2.06 -6.15
C LEU D 27 -7.54 -2.67 -6.93
N ASP D 28 -8.44 -3.31 -6.18
CA ASP D 28 -9.63 -3.94 -6.78
C ASP D 28 -10.49 -2.86 -7.44
N LEU D 29 -10.51 -1.69 -6.84
CA LEU D 29 -11.27 -0.56 -7.37
C LEU D 29 -10.58 0.06 -8.58
N LEU D 30 -9.24 0.10 -8.55
CA LEU D 30 -8.46 0.66 -9.65
C LEU D 30 -8.78 -0.05 -10.97
N ASP D 31 -8.90 -1.38 -10.90
CA ASP D 31 -9.18 -2.17 -12.09
C ASP D 31 -10.67 -2.50 -12.16
N TYR D 32 -11.50 -1.61 -11.62
CA TYR D 32 -12.93 -1.86 -11.62
C TYR D 32 -13.70 -0.75 -12.31
N VAL D 33 -13.58 0.48 -11.82
CA VAL D 33 -14.33 1.58 -12.37
C VAL D 33 -13.82 1.98 -13.75
N GLN D 34 -14.65 2.72 -14.48
CA GLN D 34 -14.35 3.14 -15.85
C GLN D 34 -13.02 3.88 -15.91
N PRO D 35 -12.27 3.71 -17.00
CA PRO D 35 -10.98 4.35 -17.19
C PRO D 35 -11.09 5.88 -17.15
N ASP D 36 -12.24 6.38 -17.60
CA ASP D 36 -12.49 7.82 -17.63
C ASP D 36 -12.62 8.39 -16.24
N VAL D 37 -13.00 7.56 -15.26
CA VAL D 37 -13.13 8.04 -13.89
C VAL D 37 -11.77 8.37 -13.33
N LYS D 38 -10.73 7.71 -13.84
CA LYS D 38 -9.37 7.97 -13.40
C LYS D 38 -8.90 9.30 -13.94
N LYS D 39 -9.45 9.69 -15.09
CA LYS D 39 -9.15 10.98 -15.69
C LYS D 39 -9.82 12.07 -14.86
N ALA D 40 -11.09 11.83 -14.55
CA ALA D 40 -11.86 12.76 -13.75
C ALA D 40 -11.35 12.80 -12.31
N CYS D 41 -11.01 11.63 -11.77
CA CYS D 41 -10.41 11.53 -10.44
C CYS D 41 -9.11 12.29 -10.42
N CYS D 42 -8.31 12.06 -11.46
CA CYS D 42 -7.05 12.77 -11.67
C CYS D 42 -7.23 14.27 -11.41
N GLN D 43 -8.36 14.81 -11.80
CA GLN D 43 -8.64 16.24 -11.59
C GLN D 43 -9.73 16.49 -10.55
N ARG D 44 -10.10 15.48 -9.79
CA ARG D 44 -11.12 15.63 -8.76
C ARG D 44 -10.44 15.74 -7.41
N ASN D 45 -9.68 14.71 -7.07
CA ASN D 45 -8.99 14.68 -5.78
C ASN D 45 -7.60 14.07 -5.91
N GLN D 46 -7.16 13.82 -7.13
CA GLN D 46 -5.89 13.16 -7.33
C GLN D 46 -4.83 14.15 -7.76
N ILE D 47 -3.59 13.73 -7.62
CA ILE D 47 -2.47 14.55 -8.02
C ILE D 47 -1.46 13.68 -8.71
N SER A 1 19.93 1.21 -9.53
CA SER A 1 19.80 2.64 -9.84
C SER A 1 18.35 3.09 -9.69
N ASP A 2 17.56 2.34 -8.92
CA ASP A 2 16.15 2.62 -8.76
C ASP A 2 15.74 2.68 -7.28
N GLY A 3 16.69 3.00 -6.41
CA GLY A 3 16.40 3.05 -4.98
C GLY A 3 16.70 4.40 -4.36
N ASP A 4 17.29 5.30 -5.13
CA ASP A 4 17.65 6.62 -4.61
C ASP A 4 17.11 7.74 -5.50
N VAL A 5 16.22 7.40 -6.41
CA VAL A 5 15.64 8.39 -7.32
C VAL A 5 14.44 9.05 -6.66
N VAL A 6 14.60 10.31 -6.27
CA VAL A 6 13.53 11.05 -5.60
C VAL A 6 12.29 11.16 -6.47
N TYR A 7 11.29 10.36 -6.14
CA TYR A 7 10.02 10.37 -6.85
C TYR A 7 8.91 10.89 -5.95
N THR A 8 8.60 12.16 -6.15
CA THR A 8 7.59 12.85 -5.37
C THR A 8 6.19 12.35 -5.69
N LEU A 9 5.42 12.11 -4.65
CA LEU A 9 4.05 11.64 -4.80
C LEU A 9 3.11 12.58 -4.06
N ASN A 10 2.57 13.58 -4.75
CA ASN A 10 1.65 14.53 -4.13
C ASN A 10 0.33 13.83 -3.88
N ILE A 11 0.12 13.44 -2.64
CA ILE A 11 -1.08 12.73 -2.26
C ILE A 11 -2.08 13.69 -1.67
N ARG A 12 -3.03 14.09 -2.48
CA ARG A 12 -4.07 14.97 -2.01
C ARG A 12 -4.99 14.22 -1.05
N GLY A 13 -5.13 14.74 0.15
CA GLY A 13 -5.90 14.06 1.17
C GLY A 13 -5.04 13.53 2.31
N LYS A 14 -5.30 14.04 3.52
CA LYS A 14 -4.56 13.64 4.71
C LYS A 14 -4.70 12.15 4.99
N ARG A 15 -5.93 11.67 5.09
CA ARG A 15 -6.20 10.26 5.37
C ARG A 15 -5.52 9.39 4.33
N LYS A 16 -5.70 9.79 3.08
CA LYS A 16 -5.13 9.10 1.95
C LYS A 16 -3.61 8.96 2.13
N PHE A 17 -2.97 10.09 2.40
CA PHE A 17 -1.53 10.14 2.60
C PHE A 17 -1.08 9.21 3.72
N GLU A 18 -1.81 9.23 4.84
CA GLU A 18 -1.48 8.40 5.99
C GLU A 18 -1.25 6.95 5.56
N LYS A 19 -2.09 6.49 4.65
CA LYS A 19 -2.01 5.13 4.14
C LYS A 19 -0.78 4.95 3.25
N VAL A 20 -0.68 5.77 2.21
CA VAL A 20 0.46 5.71 1.28
C VAL A 20 1.80 5.91 1.99
N LYS A 21 1.90 6.96 2.80
CA LYS A 21 3.12 7.22 3.57
C LYS A 21 3.52 6.03 4.41
N GLU A 22 2.54 5.32 4.96
CA GLU A 22 2.83 4.15 5.75
C GLU A 22 3.46 3.07 4.85
N TYR A 23 3.04 3.07 3.59
CA TYR A 23 3.55 2.13 2.60
C TYR A 23 4.95 2.53 2.16
N LYS A 24 5.18 3.82 1.96
CA LYS A 24 6.48 4.29 1.51
C LYS A 24 7.53 4.03 2.59
N GLU A 25 7.16 4.24 3.85
CA GLU A 25 8.05 3.96 4.97
C GLU A 25 8.38 2.47 5.00
N ALA A 26 7.33 1.68 4.84
CA ALA A 26 7.45 0.24 4.83
C ALA A 26 8.32 -0.24 3.67
N LEU A 27 8.16 0.37 2.49
CA LEU A 27 8.99 0.03 1.34
C LEU A 27 10.43 0.41 1.58
N ASP A 28 10.64 1.59 2.16
CA ASP A 28 11.98 2.06 2.47
C ASP A 28 12.66 1.11 3.44
N LEU A 29 11.89 0.60 4.38
CA LEU A 29 12.38 -0.34 5.38
C LEU A 29 12.65 -1.71 4.76
N LEU A 30 11.77 -2.13 3.83
CA LEU A 30 11.94 -3.41 3.13
C LEU A 30 13.29 -3.45 2.42
N ASP A 31 13.67 -2.33 1.84
CA ASP A 31 14.94 -2.22 1.14
C ASP A 31 16.02 -1.65 2.04
N TYR A 32 15.87 -1.84 3.35
CA TYR A 32 16.84 -1.31 4.28
C TYR A 32 17.38 -2.39 5.20
N VAL A 33 16.50 -3.04 5.99
CA VAL A 33 16.95 -4.04 6.91
C VAL A 33 17.30 -5.34 6.19
N GLN A 34 18.11 -6.16 6.85
CA GLN A 34 18.64 -7.39 6.25
C GLN A 34 17.53 -8.33 5.79
N PRO A 35 17.78 -9.09 4.71
CA PRO A 35 16.83 -10.07 4.20
C PRO A 35 16.53 -11.15 5.23
N ASP A 36 17.48 -11.37 6.14
CA ASP A 36 17.32 -12.37 7.17
C ASP A 36 16.34 -11.92 8.23
N VAL A 37 16.22 -10.60 8.44
CA VAL A 37 15.27 -10.09 9.40
C VAL A 37 13.87 -10.32 8.84
N LYS A 38 13.78 -10.39 7.52
CA LYS A 38 12.52 -10.65 6.85
C LYS A 38 12.10 -12.09 7.10
N LYS A 39 13.08 -12.97 7.16
CA LYS A 39 12.85 -14.38 7.45
C LYS A 39 12.39 -14.52 8.90
N ALA A 40 13.11 -13.82 9.78
CA ALA A 40 12.79 -13.83 11.19
C ALA A 40 11.46 -13.12 11.44
N CYS A 41 11.22 -12.04 10.71
CA CYS A 41 9.95 -11.32 10.77
C CYS A 41 8.85 -12.22 10.27
N CYS A 42 9.14 -12.93 9.19
CA CYS A 42 8.23 -13.89 8.60
C CYS A 42 7.67 -14.83 9.66
N GLN A 43 8.52 -15.21 10.61
CA GLN A 43 8.09 -16.09 11.70
C GLN A 43 7.92 -15.34 13.02
N ARG A 44 7.98 -14.01 12.98
CA ARG A 44 7.79 -13.20 14.18
C ARG A 44 6.38 -12.68 14.24
N ASN A 45 5.99 -11.93 13.22
CA ASN A 45 4.68 -11.32 13.19
C ASN A 45 4.06 -11.41 11.81
N GLN A 46 4.61 -12.27 10.97
CA GLN A 46 4.14 -12.38 9.60
C GLN A 46 3.48 -13.73 9.37
N ILE A 47 2.81 -13.84 8.23
CA ILE A 47 2.16 -15.06 7.83
C ILE A 47 2.34 -15.22 6.33
N SER B 1 -12.42 18.04 4.62
CA SER B 1 -11.59 18.27 3.43
C SER B 1 -10.28 17.47 3.49
N ASP B 2 -10.30 16.31 4.18
CA ASP B 2 -9.09 15.49 4.31
C ASP B 2 -8.85 14.65 3.06
N GLY B 3 -9.46 15.04 1.96
CA GLY B 3 -9.26 14.35 0.70
C GLY B 3 -8.62 15.25 -0.32
N ASP B 4 -8.37 16.51 0.07
CA ASP B 4 -7.79 17.48 -0.85
C ASP B 4 -6.57 18.17 -0.27
N VAL B 5 -6.05 17.65 0.84
CA VAL B 5 -4.87 18.24 1.45
C VAL B 5 -3.62 17.67 0.78
N VAL B 6 -2.96 18.50 -0.02
CA VAL B 6 -1.78 18.07 -0.77
C VAL B 6 -0.66 17.62 0.16
N TYR B 7 -0.49 16.32 0.27
CA TYR B 7 0.54 15.73 1.10
C TYR B 7 1.59 15.06 0.25
N THR B 8 2.65 15.80 -0.02
CA THR B 8 3.76 15.33 -0.82
C THR B 8 4.50 14.21 -0.12
N LEU B 9 4.81 13.16 -0.87
CA LEU B 9 5.52 12.02 -0.35
C LEU B 9 6.71 11.72 -1.25
N ASN B 10 7.85 12.35 -0.96
CA ASN B 10 9.06 12.12 -1.74
C ASN B 10 9.54 10.69 -1.54
N ILE B 11 9.30 9.87 -2.53
CA ILE B 11 9.68 8.47 -2.46
C ILE B 11 10.97 8.24 -3.20
N ARG B 12 12.06 8.18 -2.46
CA ARG B 12 13.36 7.92 -3.06
C ARG B 12 13.39 6.47 -3.56
N GLY B 13 13.69 6.29 -4.84
CA GLY B 13 13.65 4.97 -5.43
C GLY B 13 12.48 4.80 -6.38
N LYS B 14 12.78 4.66 -7.66
CA LYS B 14 11.76 4.50 -8.70
C LYS B 14 10.81 3.34 -8.42
N ARG B 15 11.37 2.12 -8.40
CA ARG B 15 10.57 0.92 -8.19
C ARG B 15 9.70 1.05 -6.95
N LYS B 16 10.29 1.59 -5.91
CA LYS B 16 9.63 1.85 -4.67
C LYS B 16 8.39 2.70 -4.91
N PHE B 17 8.62 3.83 -5.58
CA PHE B 17 7.57 4.77 -5.94
C PHE B 17 6.44 4.10 -6.70
N GLU B 18 6.80 3.31 -7.71
CA GLU B 18 5.82 2.63 -8.55
C GLU B 18 4.81 1.85 -7.70
N LYS B 19 5.27 1.26 -6.60
CA LYS B 19 4.39 0.53 -5.69
C LYS B 19 3.44 1.49 -4.96
N VAL B 20 4.04 2.44 -4.24
CA VAL B 20 3.27 3.45 -3.49
C VAL B 20 2.39 4.32 -4.38
N LYS B 21 2.93 4.80 -5.49
CA LYS B 21 2.19 5.61 -6.44
C LYS B 21 0.93 4.90 -6.87
N GLU B 22 1.02 3.61 -7.10
CA GLU B 22 -0.14 2.84 -7.49
C GLU B 22 -1.11 2.77 -6.31
N TYR B 23 -0.57 2.81 -5.10
CA TYR B 23 -1.40 2.82 -3.90
C TYR B 23 -2.14 4.14 -3.79
N LYS B 24 -1.44 5.24 -4.06
CA LYS B 24 -2.05 6.55 -3.98
C LYS B 24 -3.13 6.69 -5.06
N GLU B 25 -2.87 6.12 -6.24
CA GLU B 25 -3.86 6.12 -7.33
C GLU B 25 -5.10 5.38 -6.89
N ALA B 26 -4.87 4.18 -6.39
CA ALA B 26 -5.92 3.33 -5.90
C ALA B 26 -6.72 4.00 -4.77
N LEU B 27 -6.01 4.68 -3.88
CA LEU B 27 -6.66 5.42 -2.79
C LEU B 27 -7.47 6.58 -3.34
N ASP B 28 -6.92 7.29 -4.32
CA ASP B 28 -7.61 8.40 -4.95
C ASP B 28 -8.92 7.92 -5.56
N LEU B 29 -8.85 6.74 -6.17
CA LEU B 29 -10.01 6.11 -6.79
C LEU B 29 -10.99 5.64 -5.72
N LEU B 30 -10.47 5.10 -4.61
CA LEU B 30 -11.32 4.64 -3.50
C LEU B 30 -12.18 5.77 -2.96
N ASP B 31 -11.61 6.97 -2.93
CA ASP B 31 -12.30 8.14 -2.42
C ASP B 31 -12.89 8.97 -3.57
N TYR B 32 -13.11 8.31 -4.71
CA TYR B 32 -13.64 9.01 -5.86
C TYR B 32 -14.93 8.39 -6.37
N VAL B 33 -14.87 7.12 -6.77
CA VAL B 33 -16.03 6.47 -7.34
C VAL B 33 -17.12 6.24 -6.29
N GLN B 34 -18.33 6.00 -6.78
CA GLN B 34 -19.49 5.84 -5.92
C GLN B 34 -19.28 4.74 -4.89
N PRO B 35 -19.86 4.92 -3.69
CA PRO B 35 -19.75 3.95 -2.59
C PRO B 35 -20.33 2.59 -2.98
N ASP B 36 -21.28 2.61 -3.90
CA ASP B 36 -21.93 1.39 -4.35
C ASP B 36 -21.05 0.60 -5.28
N VAL B 37 -20.09 1.26 -5.94
CA VAL B 37 -19.19 0.54 -6.82
C VAL B 37 -18.25 -0.31 -5.98
N LYS B 38 -18.01 0.13 -4.75
CA LYS B 38 -17.16 -0.63 -3.84
C LYS B 38 -17.89 -1.88 -3.41
N LYS B 39 -19.21 -1.77 -3.28
CA LYS B 39 -20.05 -2.92 -2.94
C LYS B 39 -20.06 -3.89 -4.11
N ALA B 40 -20.26 -3.34 -5.29
CA ALA B 40 -20.30 -4.12 -6.51
C ALA B 40 -18.93 -4.66 -6.86
N CYS B 41 -17.88 -3.90 -6.58
CA CYS B 41 -16.51 -4.36 -6.80
C CYS B 41 -16.24 -5.50 -5.84
N CYS B 42 -16.70 -5.32 -4.61
CA CYS B 42 -16.61 -6.34 -3.58
C CYS B 42 -17.12 -7.69 -4.10
N GLN B 43 -18.19 -7.65 -4.90
CA GLN B 43 -18.77 -8.87 -5.46
C GLN B 43 -18.44 -9.02 -6.95
N ARG B 44 -17.51 -8.23 -7.45
CA ARG B 44 -17.10 -8.32 -8.85
C ARG B 44 -15.85 -9.17 -8.94
N ASN B 45 -14.82 -8.77 -8.22
CA ASN B 45 -13.56 -9.50 -8.23
C ASN B 45 -12.80 -9.34 -6.92
N GLN B 46 -13.49 -8.89 -5.90
CA GLN B 46 -12.85 -8.63 -4.62
C GLN B 46 -13.14 -9.77 -3.66
N ILE B 47 -12.34 -9.85 -2.62
CA ILE B 47 -12.50 -10.86 -1.60
C ILE B 47 -12.06 -10.25 -0.28
N SER C 1 -2.38 -5.95 21.78
CA SER C 1 -1.52 -6.50 20.71
C SER C 1 -2.26 -6.55 19.39
N ASP C 2 -2.16 -5.46 18.62
CA ASP C 2 -2.81 -5.37 17.32
C ASP C 2 -1.79 -5.65 16.21
N GLY C 3 -0.78 -6.43 16.53
CA GLY C 3 0.23 -6.77 15.55
C GLY C 3 0.35 -8.27 15.34
N ASP C 4 -0.54 -9.03 15.99
CA ASP C 4 -0.49 -10.49 15.92
C ASP C 4 -1.86 -11.10 15.63
N VAL C 5 -2.80 -10.29 15.16
CA VAL C 5 -4.15 -10.79 14.85
C VAL C 5 -4.22 -11.22 13.39
N VAL C 6 -4.32 -12.53 13.16
CA VAL C 6 -4.36 -13.06 11.80
C VAL C 6 -5.56 -12.55 11.01
N TYR C 7 -5.30 -11.63 10.11
CA TYR C 7 -6.34 -11.06 9.27
C TYR C 7 -6.07 -11.41 7.80
N THR C 8 -6.77 -12.43 7.33
CA THR C 8 -6.65 -12.91 5.97
C THR C 8 -7.18 -11.90 4.96
N LEU C 9 -6.43 -11.72 3.88
CA LEU C 9 -6.81 -10.80 2.83
C LEU C 9 -6.77 -11.53 1.49
N ASN C 10 -7.89 -12.14 1.11
CA ASN C 10 -7.97 -12.86 -0.16
C ASN C 10 -7.97 -11.87 -1.30
N ILE C 11 -6.84 -11.76 -1.96
CA ILE C 11 -6.67 -10.82 -3.04
C ILE C 11 -6.80 -11.52 -4.38
N ARG C 12 -7.96 -11.40 -5.00
CA ARG C 12 -8.15 -11.97 -6.32
C ARG C 12 -7.31 -11.22 -7.33
N GLY C 13 -6.51 -11.95 -8.07
CA GLY C 13 -5.61 -11.34 -9.03
C GLY C 13 -4.15 -11.40 -8.61
N LYS C 14 -3.32 -12.03 -9.45
CA LYS C 14 -1.90 -12.18 -9.16
C LYS C 14 -1.18 -10.84 -9.02
N ARG C 15 -1.21 -10.04 -10.09
CA ARG C 15 -0.52 -8.74 -10.10
C ARG C 15 -0.96 -7.90 -8.91
N LYS C 16 -2.27 -7.92 -8.68
CA LYS C 16 -2.87 -7.21 -7.58
C LYS C 16 -2.22 -7.64 -6.26
N PHE C 17 -2.25 -8.95 -6.01
CA PHE C 17 -1.67 -9.52 -4.80
C PHE C 17 -0.21 -9.14 -4.64
N GLU C 18 0.56 -9.21 -5.72
CA GLU C 18 1.99 -8.88 -5.68
C GLU C 18 2.22 -7.51 -5.02
N LYS C 19 1.37 -6.55 -5.35
CA LYS C 19 1.48 -5.20 -4.80
C LYS C 19 1.17 -5.18 -3.29
N VAL C 20 -0.02 -5.66 -2.94
CA VAL C 20 -0.45 -5.70 -1.54
C VAL C 20 0.42 -6.61 -0.68
N LYS C 21 0.73 -7.80 -1.19
CA LYS C 21 1.57 -8.75 -0.48
C LYS C 21 2.90 -8.12 -0.09
N GLU C 22 3.44 -7.31 -0.97
CA GLU C 22 4.70 -6.65 -0.69
C GLU C 22 4.47 -5.54 0.33
N TYR C 23 3.23 -5.01 0.36
CA TYR C 23 2.85 -4.01 1.34
C TYR C 23 2.75 -4.64 2.72
N LYS C 24 2.16 -5.83 2.78
CA LYS C 24 2.01 -6.53 4.05
C LYS C 24 3.38 -6.92 4.57
N GLU C 25 4.29 -7.28 3.66
CA GLU C 25 5.67 -7.58 4.04
C GLU C 25 6.32 -6.35 4.63
N ALA C 26 6.18 -5.25 3.90
CA ALA C 26 6.73 -3.98 4.31
C ALA C 26 6.19 -3.56 5.68
N LEU C 27 4.89 -3.73 5.87
CA LEU C 27 4.26 -3.40 7.15
C LEU C 27 4.78 -4.32 8.25
N ASP C 28 4.86 -5.61 7.93
CA ASP C 28 5.35 -6.60 8.88
C ASP C 28 6.79 -6.28 9.28
N LEU C 29 7.54 -5.70 8.35
CA LEU C 29 8.91 -5.31 8.62
C LEU C 29 8.94 -4.00 9.42
N LEU C 30 8.03 -3.07 9.11
CA LEU C 30 7.93 -1.79 9.81
C LEU C 30 7.79 -2.00 11.32
N ASP C 31 6.96 -2.97 11.69
CA ASP C 31 6.70 -3.26 13.09
C ASP C 31 7.55 -4.43 13.59
N TYR C 32 8.71 -4.63 12.98
CA TYR C 32 9.57 -5.74 13.39
C TYR C 32 10.96 -5.27 13.79
N VAL C 33 11.69 -4.66 12.85
CA VAL C 33 13.05 -4.25 13.09
C VAL C 33 13.14 -3.14 14.14
N GLN C 34 14.35 -2.92 14.64
CA GLN C 34 14.58 -1.93 15.68
C GLN C 34 14.08 -0.56 15.27
N PRO C 35 13.58 0.23 16.23
CA PRO C 35 13.05 1.57 15.96
C PRO C 35 14.10 2.49 15.39
N ASP C 36 15.35 2.26 15.77
CA ASP C 36 16.46 3.09 15.31
C ASP C 36 16.82 2.80 13.86
N VAL C 37 16.42 1.64 13.35
CA VAL C 37 16.68 1.35 11.96
C VAL C 37 15.82 2.24 11.10
N LYS C 38 14.65 2.63 11.62
CA LYS C 38 13.77 3.53 10.90
C LYS C 38 14.39 4.91 10.82
N LYS C 39 15.05 5.30 11.89
CA LYS C 39 15.74 6.57 11.95
C LYS C 39 16.88 6.57 10.93
N ALA C 40 17.67 5.50 10.99
CA ALA C 40 18.80 5.35 10.10
C ALA C 40 18.35 5.13 8.65
N CYS C 41 17.25 4.40 8.47
CA CYS C 41 16.67 4.18 7.15
C CYS C 41 16.20 5.51 6.58
N CYS C 42 15.54 6.28 7.44
CA CYS C 42 15.07 7.60 7.08
C CYS C 42 16.19 8.40 6.42
N GLN C 43 17.39 8.31 6.98
CA GLN C 43 18.55 9.02 6.44
C GLN C 43 19.42 8.10 5.58
N ARG C 44 18.90 6.94 5.23
CA ARG C 44 19.63 6.00 4.39
C ARG C 44 19.17 6.13 2.95
N ASN C 45 17.86 6.00 2.73
CA ASN C 45 17.30 6.10 1.39
C ASN C 45 15.85 6.56 1.42
N GLN C 46 15.49 7.31 2.45
CA GLN C 46 14.13 7.77 2.62
C GLN C 46 14.04 9.28 2.51
N ILE C 47 12.83 9.77 2.32
CA ILE C 47 12.57 11.19 2.27
C ILE C 47 11.26 11.46 2.97
N SER D 1 -6.02 -14.00 -17.17
CA SER D 1 -6.85 -13.27 -16.19
C SER D 1 -6.13 -13.19 -14.84
N ASP D 2 -5.18 -12.28 -14.74
CA ASP D 2 -4.39 -12.10 -13.53
C ASP D 2 -5.10 -11.16 -12.55
N GLY D 3 -6.41 -11.08 -12.66
CA GLY D 3 -7.18 -10.24 -11.79
C GLY D 3 -8.21 -11.02 -11.00
N ASP D 4 -8.23 -12.35 -11.22
CA ASP D 4 -9.22 -13.19 -10.57
C ASP D 4 -8.57 -14.39 -9.87
N VAL D 5 -7.26 -14.37 -9.74
CA VAL D 5 -6.55 -15.46 -9.09
C VAL D 5 -6.51 -15.21 -7.59
N VAL D 6 -7.38 -15.90 -6.85
CA VAL D 6 -7.47 -15.71 -5.40
C VAL D 6 -6.15 -16.00 -4.71
N TYR D 7 -5.49 -14.93 -4.29
CA TYR D 7 -4.24 -15.02 -3.58
C TYR D 7 -4.43 -14.50 -2.16
N THR D 8 -4.53 -15.43 -1.23
CA THR D 8 -4.75 -15.13 0.18
C THR D 8 -3.51 -14.52 0.84
N LEU D 9 -3.72 -13.47 1.61
CA LEU D 9 -2.65 -12.77 2.28
C LEU D 9 -2.95 -12.66 3.77
N ASN D 10 -2.53 -13.66 4.54
CA ASN D 10 -2.76 -13.66 5.99
C ASN D 10 -1.91 -12.58 6.64
N ILE D 11 -2.56 -11.49 7.03
CA ILE D 11 -1.86 -10.37 7.63
C ILE D 11 -2.03 -10.38 9.13
N ARG D 12 -0.99 -10.79 9.83
CA ARG D 12 -1.03 -10.79 11.28
C ARG D 12 -0.92 -9.36 11.79
N GLY D 13 -1.88 -8.95 12.60
CA GLY D 13 -1.93 -7.59 13.08
C GLY D 13 -3.08 -6.79 12.49
N LYS D 14 -4.01 -6.37 13.35
CA LYS D 14 -5.19 -5.61 12.91
C LYS D 14 -4.82 -4.34 12.15
N ARG D 15 -4.10 -3.44 12.82
CA ARG D 15 -3.74 -2.15 12.23
C ARG D 15 -3.02 -2.36 10.91
N LYS D 16 -2.14 -3.34 10.90
CA LYS D 16 -1.38 -3.70 9.74
C LYS D 16 -2.33 -4.07 8.60
N PHE D 17 -3.22 -5.01 8.89
CA PHE D 17 -4.20 -5.47 7.91
C PHE D 17 -5.01 -4.32 7.36
N GLU D 18 -5.48 -3.44 8.23
CA GLU D 18 -6.31 -2.31 7.82
C GLU D 18 -5.64 -1.52 6.69
N LYS D 19 -4.33 -1.36 6.78
CA LYS D 19 -3.57 -0.65 5.76
C LYS D 19 -3.58 -1.45 4.44
N VAL D 20 -3.11 -2.69 4.52
CA VAL D 20 -3.07 -3.58 3.34
C VAL D 20 -4.46 -3.79 2.74
N LYS D 21 -5.44 -4.09 3.60
CA LYS D 21 -6.81 -4.33 3.20
C LYS D 21 -7.37 -3.19 2.36
N GLU D 22 -7.09 -1.96 2.75
CA GLU D 22 -7.60 -0.85 1.97
C GLU D 22 -6.82 -0.72 0.67
N TYR D 23 -5.57 -1.19 0.68
CA TYR D 23 -4.76 -1.19 -0.53
C TYR D 23 -5.30 -2.22 -1.51
N LYS D 24 -5.68 -3.39 -1.01
CA LYS D 24 -6.23 -4.43 -1.87
C LYS D 24 -7.57 -3.97 -2.43
N GLU D 25 -8.34 -3.26 -1.59
CA GLU D 25 -9.62 -2.71 -2.02
C GLU D 25 -9.38 -1.69 -3.13
N ALA D 26 -8.43 -0.81 -2.86
CA ALA D 26 -8.05 0.21 -3.80
C ALA D 26 -7.54 -0.40 -5.11
N LEU D 27 -6.77 -1.48 -5.00
CA LEU D 27 -6.28 -2.19 -6.19
C LEU D 27 -7.45 -2.82 -6.93
N ASP D 28 -8.38 -3.40 -6.18
CA ASP D 28 -9.58 -4.03 -6.75
C ASP D 28 -10.42 -2.97 -7.44
N LEU D 29 -10.45 -1.78 -6.86
CA LEU D 29 -11.21 -0.66 -7.42
C LEU D 29 -10.51 -0.11 -8.66
N LEU D 30 -9.17 -0.05 -8.63
CA LEU D 30 -8.40 0.43 -9.78
C LEU D 30 -8.71 -0.40 -11.03
N ASP D 31 -8.93 -1.69 -10.81
CA ASP D 31 -9.25 -2.61 -11.90
C ASP D 31 -10.75 -2.89 -11.95
N TYR D 32 -11.55 -1.95 -11.45
CA TYR D 32 -12.98 -2.15 -11.43
C TYR D 32 -13.72 -1.01 -12.13
N VAL D 33 -13.54 0.22 -11.64
CA VAL D 33 -14.25 1.34 -12.19
C VAL D 33 -13.71 1.74 -13.56
N GLN D 34 -14.55 2.40 -14.34
CA GLN D 34 -14.22 2.79 -15.70
C GLN D 34 -12.91 3.55 -15.75
N PRO D 35 -12.13 3.36 -16.82
CA PRO D 35 -10.84 4.03 -16.99
C PRO D 35 -10.97 5.55 -17.00
N ASP D 36 -12.12 6.02 -17.46
CA ASP D 36 -12.39 7.46 -17.53
C ASP D 36 -12.56 8.06 -16.16
N VAL D 37 -13.01 7.27 -15.20
CA VAL D 37 -13.18 7.79 -13.85
C VAL D 37 -11.82 8.09 -13.25
N LYS D 38 -10.80 7.40 -13.74
CA LYS D 38 -9.43 7.63 -13.28
C LYS D 38 -8.91 8.94 -13.84
N LYS D 39 -9.37 9.28 -15.04
CA LYS D 39 -9.02 10.54 -15.67
C LYS D 39 -9.70 11.67 -14.91
N ALA D 40 -10.98 11.47 -14.65
CA ALA D 40 -11.78 12.44 -13.92
C ALA D 40 -11.33 12.53 -12.45
N CYS D 41 -10.98 11.39 -11.88
CA CYS D 41 -10.45 11.35 -10.51
C CYS D 41 -9.15 12.12 -10.47
N CYS D 42 -8.34 11.90 -11.48
CA CYS D 42 -7.08 12.60 -11.64
C CYS D 42 -7.27 14.12 -11.51
N GLN D 43 -8.39 14.62 -12.04
CA GLN D 43 -8.69 16.04 -11.96
C GLN D 43 -9.77 16.33 -10.89
N ARG D 44 -10.04 15.36 -10.04
CA ARG D 44 -11.01 15.53 -8.98
C ARG D 44 -10.31 15.78 -7.67
N ASN D 45 -9.40 14.88 -7.32
CA ASN D 45 -8.65 15.02 -6.07
C ASN D 45 -7.31 14.30 -6.13
N GLN D 46 -6.73 14.19 -7.31
CA GLN D 46 -5.46 13.48 -7.45
C GLN D 46 -4.35 14.42 -7.83
N ILE D 47 -3.13 13.99 -7.57
CA ILE D 47 -1.94 14.72 -7.94
C ILE D 47 -0.87 13.71 -8.32
N SER A 1 19.33 -0.26 -9.47
CA SER A 1 19.86 1.11 -9.31
C SER A 1 18.71 2.11 -9.13
N ASP A 2 17.54 1.58 -8.79
CA ASP A 2 16.34 2.40 -8.64
C ASP A 2 15.82 2.36 -7.21
N GLY A 3 16.70 2.59 -6.25
CA GLY A 3 16.29 2.61 -4.86
C GLY A 3 16.56 3.94 -4.19
N ASP A 4 17.15 4.87 -4.94
CA ASP A 4 17.49 6.18 -4.41
C ASP A 4 17.08 7.30 -5.37
N VAL A 5 16.13 7.01 -6.24
CA VAL A 5 15.64 7.99 -7.19
C VAL A 5 14.43 8.71 -6.62
N VAL A 6 14.59 9.98 -6.26
CA VAL A 6 13.53 10.76 -5.62
C VAL A 6 12.32 10.93 -6.52
N TYR A 7 11.27 10.18 -6.20
CA TYR A 7 10.02 10.25 -6.94
C TYR A 7 8.91 10.78 -6.03
N THR A 8 8.61 12.05 -6.22
CA THR A 8 7.59 12.75 -5.45
C THR A 8 6.18 12.24 -5.75
N LEU A 9 5.42 12.03 -4.70
CA LEU A 9 4.05 11.57 -4.83
C LEU A 9 3.12 12.50 -4.04
N ASN A 10 2.58 13.52 -4.70
CA ASN A 10 1.70 14.46 -4.03
C ASN A 10 0.36 13.79 -3.75
N ILE A 11 0.11 13.49 -2.49
CA ILE A 11 -1.11 12.82 -2.10
C ILE A 11 -2.08 13.80 -1.46
N ARG A 12 -3.07 14.23 -2.23
CA ARG A 12 -4.06 15.15 -1.70
C ARG A 12 -4.94 14.43 -0.68
N GLY A 13 -5.03 15.00 0.51
CA GLY A 13 -5.79 14.36 1.57
C GLY A 13 -4.91 13.72 2.62
N LYS A 14 -4.99 14.23 3.84
CA LYS A 14 -4.19 13.76 4.96
C LYS A 14 -4.35 12.26 5.23
N ARG A 15 -5.59 11.82 5.48
CA ARG A 15 -5.84 10.42 5.81
C ARG A 15 -5.34 9.50 4.70
N LYS A 16 -5.56 9.94 3.47
CA LYS A 16 -5.10 9.23 2.30
C LYS A 16 -3.59 9.06 2.36
N PHE A 17 -2.89 10.18 2.54
CA PHE A 17 -1.45 10.20 2.65
C PHE A 17 -0.95 9.27 3.73
N GLU A 18 -1.61 9.28 4.88
CA GLU A 18 -1.20 8.46 6.01
C GLU A 18 -1.11 6.99 5.61
N LYS A 19 -2.02 6.56 4.75
CA LYS A 19 -2.00 5.20 4.26
C LYS A 19 -0.79 4.97 3.34
N VAL A 20 -0.68 5.81 2.32
CA VAL A 20 0.43 5.74 1.36
C VAL A 20 1.79 5.89 2.04
N LYS A 21 1.95 6.94 2.84
CA LYS A 21 3.19 7.18 3.55
C LYS A 21 3.56 6.00 4.44
N GLU A 22 2.56 5.31 4.97
CA GLU A 22 2.80 4.14 5.78
C GLU A 22 3.38 3.04 4.90
N TYR A 23 2.96 3.05 3.64
CA TYR A 23 3.44 2.08 2.65
C TYR A 23 4.83 2.46 2.18
N LYS A 24 5.09 3.75 1.98
CA LYS A 24 6.39 4.19 1.51
C LYS A 24 7.44 3.91 2.59
N GLU A 25 7.09 4.17 3.85
CA GLU A 25 7.97 3.88 4.98
C GLU A 25 8.27 2.39 5.01
N ALA A 26 7.21 1.62 4.83
CA ALA A 26 7.28 0.19 4.80
C ALA A 26 8.16 -0.31 3.64
N LEU A 27 7.99 0.29 2.47
CA LEU A 27 8.79 -0.07 1.30
C LEU A 27 10.24 0.31 1.51
N ASP A 28 10.44 1.48 2.10
CA ASP A 28 11.78 1.99 2.37
C ASP A 28 12.49 1.08 3.36
N LEU A 29 11.75 0.63 4.37
CA LEU A 29 12.28 -0.30 5.36
C LEU A 29 12.53 -1.67 4.73
N LEU A 30 11.63 -2.10 3.82
CA LEU A 30 11.80 -3.38 3.12
C LEU A 30 13.11 -3.43 2.35
N ASP A 31 13.50 -2.29 1.80
CA ASP A 31 14.73 -2.20 1.02
C ASP A 31 15.88 -1.70 1.88
N TYR A 32 15.68 -1.70 3.19
CA TYR A 32 16.69 -1.17 4.07
C TYR A 32 17.32 -2.23 4.96
N VAL A 33 16.50 -2.87 5.79
CA VAL A 33 17.01 -3.83 6.73
C VAL A 33 17.47 -5.10 6.03
N GLN A 34 18.36 -5.83 6.70
CA GLN A 34 18.95 -7.03 6.13
C GLN A 34 17.87 -8.02 5.71
N PRO A 35 18.12 -8.77 4.61
CA PRO A 35 17.18 -9.77 4.12
C PRO A 35 16.92 -10.85 5.16
N ASP A 36 17.91 -11.04 6.02
CA ASP A 36 17.84 -12.02 7.08
C ASP A 36 16.77 -11.64 8.10
N VAL A 37 16.56 -10.34 8.29
CA VAL A 37 15.55 -9.89 9.24
C VAL A 37 14.17 -10.22 8.71
N LYS A 38 14.03 -10.31 7.39
CA LYS A 38 12.75 -10.63 6.80
C LYS A 38 12.40 -12.07 7.09
N LYS A 39 13.43 -12.92 7.09
CA LYS A 39 13.25 -14.33 7.42
C LYS A 39 12.78 -14.44 8.87
N ALA A 40 13.48 -13.72 9.74
CA ALA A 40 13.14 -13.71 11.15
C ALA A 40 11.80 -13.00 11.39
N CYS A 41 11.52 -11.96 10.62
CA CYS A 41 10.25 -11.24 10.69
C CYS A 41 9.13 -12.17 10.29
N CYS A 42 9.37 -12.90 9.21
CA CYS A 42 8.42 -13.90 8.74
C CYS A 42 7.96 -14.80 9.89
N GLN A 43 8.88 -15.12 10.78
CA GLN A 43 8.56 -15.98 11.91
C GLN A 43 8.44 -15.19 13.23
N ARG A 44 8.36 -13.87 13.12
CA ARG A 44 8.19 -13.03 14.30
C ARG A 44 6.76 -12.53 14.33
N ASN A 45 6.33 -11.89 13.25
CA ASN A 45 4.98 -11.33 13.18
C ASN A 45 4.37 -11.47 11.80
N GLN A 46 4.99 -12.22 10.92
CA GLN A 46 4.46 -12.35 9.57
C GLN A 46 3.72 -13.66 9.41
N ILE A 47 3.06 -13.80 8.28
CA ILE A 47 2.33 -15.01 7.98
C ILE A 47 2.56 -15.37 6.52
N SER B 1 -12.10 16.23 8.00
CA SER B 1 -12.23 16.51 6.55
C SER B 1 -10.86 16.72 5.94
N ASP B 2 -10.27 15.65 5.42
CA ASP B 2 -8.91 15.72 4.90
C ASP B 2 -8.76 14.94 3.61
N GLY B 3 -9.15 15.56 2.51
CA GLY B 3 -9.01 14.92 1.22
C GLY B 3 -8.43 15.86 0.18
N ASP B 4 -8.09 17.07 0.63
CA ASP B 4 -7.55 18.08 -0.27
C ASP B 4 -6.19 18.60 0.19
N VAL B 5 -5.70 18.07 1.28
CA VAL B 5 -4.43 18.52 1.82
C VAL B 5 -3.29 17.88 1.06
N VAL B 6 -2.67 18.64 0.17
CA VAL B 6 -1.57 18.14 -0.64
C VAL B 6 -0.41 17.68 0.24
N TYR B 7 -0.29 16.37 0.38
CA TYR B 7 0.77 15.77 1.17
C TYR B 7 1.77 15.08 0.26
N THR B 8 2.85 15.80 -0.01
CA THR B 8 3.92 15.31 -0.86
C THR B 8 4.68 14.18 -0.20
N LEU B 9 4.87 13.10 -0.92
CA LEU B 9 5.57 11.94 -0.40
C LEU B 9 6.74 11.62 -1.31
N ASN B 10 7.90 12.22 -1.02
CA ASN B 10 9.09 11.99 -1.81
C ASN B 10 9.57 10.56 -1.59
N ILE B 11 9.34 9.72 -2.58
CA ILE B 11 9.70 8.33 -2.49
C ILE B 11 10.99 8.06 -3.24
N ARG B 12 12.08 7.94 -2.50
CA ARG B 12 13.35 7.62 -3.12
C ARG B 12 13.34 6.16 -3.58
N GLY B 13 13.63 5.96 -4.85
CA GLY B 13 13.55 4.64 -5.43
C GLY B 13 12.40 4.52 -6.42
N LYS B 14 12.75 4.37 -7.70
CA LYS B 14 11.77 4.26 -8.78
C LYS B 14 10.76 3.14 -8.54
N ARG B 15 11.25 1.92 -8.38
CA ARG B 15 10.38 0.75 -8.22
C ARG B 15 9.55 0.89 -6.96
N LYS B 16 10.18 1.40 -5.91
CA LYS B 16 9.51 1.68 -4.66
C LYS B 16 8.31 2.58 -4.91
N PHE B 17 8.58 3.70 -5.58
CA PHE B 17 7.55 4.68 -5.93
C PHE B 17 6.41 4.04 -6.70
N GLU B 18 6.73 3.23 -7.71
CA GLU B 18 5.72 2.59 -8.54
C GLU B 18 4.66 1.89 -7.68
N LYS B 19 5.09 1.25 -6.61
CA LYS B 19 4.19 0.55 -5.71
C LYS B 19 3.29 1.54 -4.96
N VAL B 20 3.93 2.45 -4.24
CA VAL B 20 3.20 3.46 -3.45
C VAL B 20 2.34 4.37 -4.33
N LYS B 21 2.88 4.81 -5.46
CA LYS B 21 2.16 5.66 -6.39
C LYS B 21 0.85 5.01 -6.81
N GLU B 22 0.88 3.71 -7.03
CA GLU B 22 -0.34 3.03 -7.43
C GLU B 22 -1.27 2.93 -6.23
N TYR B 23 -0.71 2.97 -5.02
CA TYR B 23 -1.50 2.96 -3.80
C TYR B 23 -2.23 4.28 -3.65
N LYS B 24 -1.53 5.37 -3.90
CA LYS B 24 -2.12 6.69 -3.75
C LYS B 24 -3.23 6.88 -4.78
N GLU B 25 -3.01 6.35 -5.98
CA GLU B 25 -4.01 6.46 -7.05
C GLU B 25 -5.20 5.57 -6.70
N ALA B 26 -4.91 4.39 -6.17
CA ALA B 26 -5.93 3.48 -5.72
C ALA B 26 -6.77 4.11 -4.60
N LEU B 27 -6.10 4.83 -3.70
CA LEU B 27 -6.78 5.53 -2.60
C LEU B 27 -7.63 6.66 -3.16
N ASP B 28 -7.06 7.38 -4.12
CA ASP B 28 -7.76 8.49 -4.77
C ASP B 28 -9.02 7.97 -5.47
N LEU B 29 -8.90 6.79 -6.06
CA LEU B 29 -10.03 6.14 -6.72
C LEU B 29 -11.03 5.63 -5.69
N LEU B 30 -10.52 5.11 -4.57
CA LEU B 30 -11.39 4.61 -3.48
C LEU B 30 -12.34 5.72 -3.00
N ASP B 31 -11.80 6.92 -2.88
CA ASP B 31 -12.59 8.07 -2.41
C ASP B 31 -13.20 8.82 -3.59
N TYR B 32 -13.22 8.19 -4.75
CA TYR B 32 -13.73 8.86 -5.93
C TYR B 32 -15.01 8.22 -6.43
N VAL B 33 -14.92 6.95 -6.83
CA VAL B 33 -16.06 6.28 -7.39
C VAL B 33 -17.08 5.93 -6.31
N GLN B 34 -18.34 5.84 -6.74
CA GLN B 34 -19.47 5.62 -5.84
C GLN B 34 -19.24 4.42 -4.93
N PRO B 35 -19.79 4.47 -3.71
CA PRO B 35 -19.71 3.37 -2.77
C PRO B 35 -20.42 2.14 -3.33
N ASP B 36 -21.34 2.40 -4.25
CA ASP B 36 -22.09 1.35 -4.91
C ASP B 36 -21.17 0.53 -5.79
N VAL B 37 -20.23 1.20 -6.45
CA VAL B 37 -19.30 0.51 -7.33
C VAL B 37 -18.39 -0.38 -6.50
N LYS B 38 -18.17 -0.01 -5.25
CA LYS B 38 -17.33 -0.79 -4.37
C LYS B 38 -18.02 -2.12 -4.06
N LYS B 39 -19.33 -2.06 -3.93
CA LYS B 39 -20.14 -3.24 -3.67
C LYS B 39 -20.13 -4.14 -4.89
N ALA B 40 -20.34 -3.53 -6.05
CA ALA B 40 -20.30 -4.27 -7.31
C ALA B 40 -18.89 -4.73 -7.61
N CYS B 41 -17.90 -3.96 -7.18
CA CYS B 41 -16.50 -4.34 -7.33
C CYS B 41 -16.23 -5.57 -6.49
N CYS B 42 -16.74 -5.53 -5.27
CA CYS B 42 -16.64 -6.66 -4.36
C CYS B 42 -17.07 -7.96 -5.05
N GLN B 43 -18.10 -7.88 -5.89
CA GLN B 43 -18.59 -9.05 -6.59
C GLN B 43 -18.05 -9.14 -8.02
N ARG B 44 -17.15 -8.24 -8.39
CA ARG B 44 -16.56 -8.25 -9.73
C ARG B 44 -15.18 -8.87 -9.71
N ASN B 45 -14.36 -8.46 -8.74
CA ASN B 45 -13.00 -8.97 -8.66
C ASN B 45 -12.48 -9.02 -7.23
N GLN B 46 -13.34 -8.74 -6.27
CA GLN B 46 -12.87 -8.66 -4.88
C GLN B 46 -13.18 -9.91 -4.11
N ILE B 47 -12.58 -9.99 -2.93
CA ILE B 47 -12.80 -11.05 -2.00
C ILE B 47 -12.71 -10.45 -0.60
N SER C 1 -3.22 -2.92 21.04
CA SER C 1 -2.15 -3.83 20.60
C SER C 1 -2.68 -4.79 19.55
N ASP C 2 -2.43 -4.48 18.29
CA ASP C 2 -2.93 -5.30 17.20
C ASP C 2 -1.84 -5.56 16.17
N GLY C 3 -0.96 -6.50 16.45
CA GLY C 3 0.09 -6.80 15.49
C GLY C 3 0.26 -8.29 15.24
N ASP C 4 -0.51 -9.10 15.96
CA ASP C 4 -0.41 -10.56 15.80
C ASP C 4 -1.77 -11.17 15.53
N VAL C 5 -2.75 -10.34 15.26
CA VAL C 5 -4.09 -10.81 14.99
C VAL C 5 -4.20 -11.19 13.52
N VAL C 6 -4.11 -12.49 13.24
CA VAL C 6 -4.13 -13.00 11.86
C VAL C 6 -5.40 -12.57 11.11
N TYR C 7 -5.23 -11.62 10.23
CA TYR C 7 -6.31 -11.11 9.39
C TYR C 7 -6.07 -11.47 7.93
N THR C 8 -6.83 -12.44 7.46
CA THR C 8 -6.73 -12.91 6.09
C THR C 8 -7.30 -11.91 5.09
N LEU C 9 -6.55 -11.69 4.02
CA LEU C 9 -6.95 -10.78 2.97
C LEU C 9 -6.89 -11.51 1.63
N ASN C 10 -8.00 -12.10 1.21
CA ASN C 10 -8.06 -12.82 -0.06
C ASN C 10 -8.04 -11.82 -1.21
N ILE C 11 -6.91 -11.75 -1.87
CA ILE C 11 -6.73 -10.81 -2.96
C ILE C 11 -6.82 -11.54 -4.30
N ARG C 12 -7.95 -11.38 -4.96
CA ARG C 12 -8.13 -11.99 -6.26
C ARG C 12 -7.28 -11.26 -7.31
N GLY C 13 -6.44 -12.02 -7.99
CA GLY C 13 -5.52 -11.44 -8.94
C GLY C 13 -4.08 -11.45 -8.45
N LYS C 14 -3.21 -12.16 -9.18
CA LYS C 14 -1.79 -12.27 -8.80
C LYS C 14 -1.11 -10.92 -8.71
N ARG C 15 -1.17 -10.14 -9.79
CA ARG C 15 -0.46 -8.86 -9.85
C ARG C 15 -0.96 -7.94 -8.74
N LYS C 16 -2.26 -7.95 -8.54
CA LYS C 16 -2.88 -7.20 -7.47
C LYS C 16 -2.27 -7.60 -6.14
N PHE C 17 -2.30 -8.90 -5.88
CA PHE C 17 -1.74 -9.47 -4.66
C PHE C 17 -0.28 -9.07 -4.47
N GLU C 18 0.52 -9.14 -5.53
CA GLU C 18 1.94 -8.82 -5.44
C GLU C 18 2.15 -7.45 -4.80
N LYS C 19 1.32 -6.50 -5.17
CA LYS C 19 1.41 -5.15 -4.62
C LYS C 19 1.09 -5.13 -3.13
N VAL C 20 -0.10 -5.61 -2.79
CA VAL C 20 -0.54 -5.69 -1.39
C VAL C 20 0.33 -6.61 -0.53
N LYS C 21 0.71 -7.77 -1.07
CA LYS C 21 1.57 -8.71 -0.35
C LYS C 21 2.90 -8.05 0.01
N GLU C 22 3.40 -7.20 -0.84
CA GLU C 22 4.64 -6.50 -0.55
C GLU C 22 4.36 -5.42 0.49
N TYR C 23 3.13 -4.95 0.52
CA TYR C 23 2.71 -3.95 1.50
C TYR C 23 2.60 -4.60 2.88
N LYS C 24 2.03 -5.79 2.93
CA LYS C 24 1.88 -6.49 4.20
C LYS C 24 3.24 -6.87 4.76
N GLU C 25 4.17 -7.27 3.88
CA GLU C 25 5.52 -7.60 4.29
C GLU C 25 6.22 -6.35 4.77
N ALA C 26 6.02 -5.26 4.04
CA ALA C 26 6.55 -3.98 4.38
C ALA C 26 6.02 -3.51 5.74
N LEU C 27 4.72 -3.69 5.96
CA LEU C 27 4.11 -3.33 7.23
C LEU C 27 4.63 -4.23 8.34
N ASP C 28 4.75 -5.52 8.04
CA ASP C 28 5.27 -6.49 8.99
C ASP C 28 6.70 -6.15 9.37
N LEU C 29 7.46 -5.69 8.38
CA LEU C 29 8.84 -5.27 8.60
C LEU C 29 8.87 -3.97 9.41
N LEU C 30 7.95 -3.05 9.10
CA LEU C 30 7.81 -1.81 9.88
C LEU C 30 7.57 -2.14 11.35
N ASP C 31 6.86 -3.24 11.56
CA ASP C 31 6.50 -3.70 12.89
C ASP C 31 7.49 -4.75 13.38
N TYR C 32 8.70 -4.75 12.81
CA TYR C 32 9.68 -5.73 13.18
C TYR C 32 11.03 -5.12 13.53
N VAL C 33 11.66 -4.45 12.56
CA VAL C 33 12.99 -3.93 12.76
C VAL C 33 13.00 -2.73 13.71
N GLN C 34 14.13 -2.57 14.40
CA GLN C 34 14.32 -1.55 15.40
C GLN C 34 13.94 -0.16 14.90
N PRO C 35 13.46 0.71 15.81
CA PRO C 35 13.09 2.08 15.47
C PRO C 35 14.29 2.87 14.96
N ASP C 36 15.47 2.48 15.40
CA ASP C 36 16.70 3.16 15.00
C ASP C 36 17.03 2.88 13.55
N VAL C 37 16.71 1.68 13.07
CA VAL C 37 16.95 1.35 11.67
C VAL C 37 16.05 2.21 10.82
N LYS C 38 14.90 2.60 11.37
CA LYS C 38 13.96 3.45 10.67
C LYS C 38 14.53 4.85 10.54
N LYS C 39 15.25 5.27 11.59
CA LYS C 39 15.91 6.57 11.59
C LYS C 39 17.02 6.57 10.54
N ALA C 40 17.83 5.52 10.60
CA ALA C 40 18.92 5.35 9.67
C ALA C 40 18.38 5.11 8.25
N CYS C 41 17.24 4.44 8.16
CA CYS C 41 16.57 4.25 6.88
C CYS C 41 16.14 5.60 6.33
N CYS C 42 15.58 6.42 7.21
CA CYS C 42 15.19 7.77 6.86
C CYS C 42 16.34 8.52 6.18
N GLN C 43 17.56 8.21 6.58
CA GLN C 43 18.73 8.86 5.99
C GLN C 43 19.50 7.93 5.06
N ARG C 44 18.90 6.79 4.72
CA ARG C 44 19.53 5.86 3.79
C ARG C 44 18.81 5.92 2.45
N ASN C 45 17.50 5.75 2.49
CA ASN C 45 16.70 5.73 1.28
C ASN C 45 15.37 6.45 1.43
N GLN C 46 15.14 7.05 2.58
CA GLN C 46 13.87 7.68 2.81
C GLN C 46 13.96 9.17 2.63
N ILE C 47 12.82 9.79 2.46
CA ILE C 47 12.74 11.22 2.26
C ILE C 47 11.60 11.78 3.09
N SER D 1 -4.38 -13.77 -17.71
CA SER D 1 -5.29 -13.17 -16.73
C SER D 1 -4.75 -13.32 -15.31
N ASP D 2 -4.41 -12.20 -14.69
CA ASP D 2 -3.84 -12.22 -13.35
C ASP D 2 -4.66 -11.35 -12.42
N GLY D 3 -5.98 -11.35 -12.62
CA GLY D 3 -6.84 -10.53 -11.79
C GLY D 3 -7.96 -11.33 -11.15
N ASP D 4 -7.89 -12.66 -11.27
CA ASP D 4 -8.94 -13.52 -10.72
C ASP D 4 -8.34 -14.64 -9.86
N VAL D 5 -7.04 -14.63 -9.69
CA VAL D 5 -6.37 -15.66 -8.92
C VAL D 5 -6.44 -15.35 -7.43
N VAL D 6 -7.26 -16.09 -6.70
CA VAL D 6 -7.44 -15.86 -5.26
C VAL D 6 -6.13 -16.06 -4.51
N TYR D 7 -5.53 -14.95 -4.11
CA TYR D 7 -4.28 -14.97 -3.35
C TYR D 7 -4.51 -14.45 -1.94
N THR D 8 -4.64 -15.37 -1.02
CA THR D 8 -4.86 -15.08 0.38
C THR D 8 -3.62 -14.45 1.01
N LEU D 9 -3.83 -13.35 1.74
CA LEU D 9 -2.74 -12.66 2.39
C LEU D 9 -3.02 -12.55 3.88
N ASN D 10 -2.56 -13.54 4.65
CA ASN D 10 -2.77 -13.55 6.09
C ASN D 10 -1.92 -12.44 6.71
N ILE D 11 -2.58 -11.41 7.19
CA ILE D 11 -1.91 -10.26 7.75
C ILE D 11 -2.05 -10.22 9.26
N ARG D 12 -0.99 -10.59 9.96
CA ARG D 12 -1.00 -10.54 11.41
C ARG D 12 -1.03 -9.08 11.87
N GLY D 13 -2.00 -8.77 12.72
CA GLY D 13 -2.17 -7.42 13.20
C GLY D 13 -3.34 -6.71 12.55
N LYS D 14 -4.31 -6.28 13.35
CA LYS D 14 -5.48 -5.59 12.84
C LYS D 14 -5.12 -4.30 12.12
N ARG D 15 -4.39 -3.45 12.80
CA ARG D 15 -4.04 -2.14 12.26
C ARG D 15 -3.23 -2.31 10.99
N LYS D 16 -2.36 -3.32 11.01
CA LYS D 16 -1.57 -3.67 9.85
C LYS D 16 -2.48 -4.04 8.69
N PHE D 17 -3.40 -4.97 8.98
CA PHE D 17 -4.37 -5.43 7.98
C PHE D 17 -5.18 -4.28 7.42
N GLU D 18 -5.68 -3.40 8.29
CA GLU D 18 -6.48 -2.26 7.86
C GLU D 18 -5.79 -1.50 6.72
N LYS D 19 -4.49 -1.30 6.86
CA LYS D 19 -3.71 -0.61 5.84
C LYS D 19 -3.69 -1.41 4.55
N VAL D 20 -3.20 -2.65 4.64
CA VAL D 20 -3.13 -3.55 3.47
C VAL D 20 -4.51 -3.76 2.84
N LYS D 21 -5.51 -4.09 3.66
CA LYS D 21 -6.86 -4.32 3.21
C LYS D 21 -7.41 -3.14 2.42
N GLU D 22 -7.17 -1.94 2.92
CA GLU D 22 -7.66 -0.76 2.24
C GLU D 22 -6.88 -0.57 0.93
N TYR D 23 -5.70 -1.17 0.87
CA TYR D 23 -4.90 -1.14 -0.35
C TYR D 23 -5.45 -2.15 -1.36
N LYS D 24 -5.83 -3.33 -0.87
CA LYS D 24 -6.39 -4.35 -1.76
C LYS D 24 -7.71 -3.86 -2.35
N GLU D 25 -8.51 -3.17 -1.52
CA GLU D 25 -9.76 -2.59 -1.98
C GLU D 25 -9.47 -1.55 -3.05
N ALA D 26 -8.49 -0.72 -2.77
CA ALA D 26 -8.06 0.31 -3.69
C ALA D 26 -7.55 -0.30 -4.99
N LEU D 27 -6.79 -1.39 -4.91
CA LEU D 27 -6.28 -2.08 -6.10
C LEU D 27 -7.45 -2.68 -6.87
N ASP D 28 -8.37 -3.28 -6.13
CA ASP D 28 -9.56 -3.90 -6.72
C ASP D 28 -10.38 -2.85 -7.46
N LEU D 29 -10.50 -1.68 -6.84
CA LEU D 29 -11.24 -0.57 -7.42
C LEU D 29 -10.48 0.03 -8.62
N LEU D 30 -9.15 0.10 -8.53
CA LEU D 30 -8.32 0.63 -9.62
C LEU D 30 -8.57 -0.11 -10.93
N ASP D 31 -8.77 -1.42 -10.82
CA ASP D 31 -9.02 -2.26 -11.99
C ASP D 31 -10.52 -2.43 -12.24
N TYR D 32 -11.33 -1.80 -11.41
CA TYR D 32 -12.76 -2.00 -11.50
C TYR D 32 -13.41 -0.89 -12.30
N VAL D 33 -13.34 0.32 -11.77
CA VAL D 33 -13.99 1.44 -12.40
C VAL D 33 -13.29 1.84 -13.68
N GLN D 34 -14.06 2.44 -14.58
CA GLN D 34 -13.58 2.80 -15.92
C GLN D 34 -12.38 3.74 -15.86
N PRO D 35 -11.48 3.65 -16.87
CA PRO D 35 -10.32 4.53 -16.98
C PRO D 35 -10.72 6.00 -17.04
N ASP D 36 -11.94 6.23 -17.50
CA ASP D 36 -12.47 7.59 -17.60
C ASP D 36 -12.62 8.21 -16.22
N VAL D 37 -13.14 7.44 -15.28
CA VAL D 37 -13.32 7.94 -13.93
C VAL D 37 -11.97 8.21 -13.30
N LYS D 38 -10.95 7.46 -13.75
CA LYS D 38 -9.61 7.62 -13.24
C LYS D 38 -9.05 8.95 -13.69
N LYS D 39 -9.38 9.34 -14.91
CA LYS D 39 -8.97 10.64 -15.46
C LYS D 39 -9.63 11.74 -14.65
N ALA D 40 -10.95 11.63 -14.55
CA ALA D 40 -11.73 12.59 -13.79
C ALA D 40 -11.31 12.60 -12.31
N CYS D 41 -10.90 11.45 -11.81
CA CYS D 41 -10.41 11.33 -10.44
C CYS D 41 -9.09 12.07 -10.30
N CYS D 42 -8.23 11.88 -11.30
CA CYS D 42 -6.96 12.57 -11.34
C CYS D 42 -7.13 14.07 -11.13
N GLN D 43 -8.22 14.63 -11.65
CA GLN D 43 -8.49 16.05 -11.50
C GLN D 43 -9.54 16.31 -10.41
N ARG D 44 -10.00 15.26 -9.72
CA ARG D 44 -10.98 15.42 -8.67
C ARG D 44 -10.31 15.55 -7.32
N ASN D 45 -9.38 14.65 -7.02
CA ASN D 45 -8.69 14.68 -5.74
C ASN D 45 -7.29 14.09 -5.83
N GLN D 46 -6.82 13.88 -7.05
CA GLN D 46 -5.51 13.29 -7.23
C GLN D 46 -4.52 14.39 -7.58
N ILE D 47 -3.24 14.05 -7.56
CA ILE D 47 -2.21 15.01 -7.89
C ILE D 47 -1.13 14.33 -8.72
N SER A 1 19.79 0.44 -7.96
CA SER A 1 19.59 1.37 -9.09
C SER A 1 18.31 2.17 -8.92
N ASP A 2 17.18 1.50 -9.11
CA ASP A 2 15.87 2.13 -8.97
C ASP A 2 15.40 2.13 -7.52
N GLY A 3 16.33 2.46 -6.62
CA GLY A 3 16.02 2.53 -5.21
C GLY A 3 16.41 3.87 -4.61
N ASP A 4 16.97 4.75 -5.44
CA ASP A 4 17.40 6.06 -4.96
C ASP A 4 16.88 7.18 -5.88
N VAL A 5 15.92 6.86 -6.71
CA VAL A 5 15.37 7.86 -7.62
C VAL A 5 14.21 8.59 -6.95
N VAL A 6 14.42 9.84 -6.58
CA VAL A 6 13.41 10.61 -5.86
C VAL A 6 12.16 10.80 -6.69
N TYR A 7 11.13 10.04 -6.35
CA TYR A 7 9.85 10.10 -7.03
C TYR A 7 8.80 10.68 -6.11
N THR A 8 8.55 11.96 -6.29
CA THR A 8 7.59 12.71 -5.51
C THR A 8 6.16 12.24 -5.80
N LEU A 9 5.39 12.03 -4.74
CA LEU A 9 4.03 11.59 -4.88
C LEU A 9 3.11 12.54 -4.11
N ASN A 10 2.61 13.58 -4.79
CA ASN A 10 1.73 14.55 -4.16
C ASN A 10 0.38 13.89 -3.86
N ILE A 11 0.19 13.53 -2.62
CA ILE A 11 -1.03 12.85 -2.20
C ILE A 11 -2.01 13.82 -1.59
N ARG A 12 -3.00 14.23 -2.37
CA ARG A 12 -4.02 15.13 -1.88
C ARG A 12 -4.94 14.38 -0.93
N GLY A 13 -5.09 14.92 0.27
CA GLY A 13 -5.86 14.23 1.29
C GLY A 13 -4.99 13.69 2.40
N LYS A 14 -5.16 14.25 3.60
CA LYS A 14 -4.35 13.86 4.76
C LYS A 14 -4.46 12.37 5.05
N ARG A 15 -5.68 11.88 5.22
CA ARG A 15 -5.90 10.49 5.58
C ARG A 15 -5.35 9.56 4.51
N LYS A 16 -5.56 9.95 3.27
CA LYS A 16 -5.04 9.23 2.14
C LYS A 16 -3.54 9.10 2.27
N PHE A 17 -2.87 10.25 2.42
CA PHE A 17 -1.42 10.31 2.56
C PHE A 17 -0.93 9.43 3.70
N GLU A 18 -1.60 9.48 4.85
CA GLU A 18 -1.17 8.70 6.00
C GLU A 18 -1.00 7.22 5.64
N LYS A 19 -1.93 6.71 4.84
CA LYS A 19 -1.88 5.31 4.41
C LYS A 19 -0.65 5.05 3.52
N VAL A 20 -0.57 5.81 2.43
CA VAL A 20 0.54 5.70 1.48
C VAL A 20 1.90 6.05 2.09
N LYS A 21 1.95 7.13 2.88
CA LYS A 21 3.18 7.55 3.53
C LYS A 21 3.74 6.44 4.42
N GLU A 22 2.87 5.66 5.02
CA GLU A 22 3.35 4.58 5.84
C GLU A 22 3.75 3.41 4.95
N TYR A 23 3.18 3.37 3.74
CA TYR A 23 3.56 2.37 2.76
C TYR A 23 4.96 2.67 2.25
N LYS A 24 5.22 3.94 1.96
CA LYS A 24 6.54 4.34 1.48
C LYS A 24 7.57 4.08 2.57
N GLU A 25 7.16 4.27 3.83
CA GLU A 25 8.03 3.98 4.98
C GLU A 25 8.34 2.49 5.00
N ALA A 26 7.28 1.70 4.93
CA ALA A 26 7.37 0.27 4.93
C ALA A 26 8.24 -0.23 3.78
N LEU A 27 8.07 0.37 2.61
CA LEU A 27 8.88 0.01 1.45
C LEU A 27 10.32 0.44 1.65
N ASP A 28 10.51 1.65 2.17
CA ASP A 28 11.84 2.17 2.45
C ASP A 28 12.56 1.26 3.43
N LEU A 29 11.80 0.71 4.37
CA LEU A 29 12.32 -0.23 5.35
C LEU A 29 12.61 -1.58 4.70
N LEU A 30 11.72 -2.03 3.81
CA LEU A 30 11.91 -3.28 3.08
C LEU A 30 13.23 -3.26 2.33
N ASP A 31 13.54 -2.12 1.73
CA ASP A 31 14.78 -1.96 0.98
C ASP A 31 15.89 -1.40 1.87
N TYR A 32 15.76 -1.57 3.18
CA TYR A 32 16.76 -1.05 4.09
C TYR A 32 17.33 -2.14 4.98
N VAL A 33 16.49 -2.78 5.79
CA VAL A 33 16.97 -3.79 6.70
C VAL A 33 17.39 -5.06 5.97
N GLN A 34 18.25 -5.83 6.62
CA GLN A 34 18.83 -7.03 6.03
C GLN A 34 17.77 -8.05 5.63
N PRO A 35 18.03 -8.82 4.55
CA PRO A 35 17.12 -9.88 4.10
C PRO A 35 16.91 -10.93 5.18
N ASP A 36 17.89 -11.05 6.07
CA ASP A 36 17.81 -11.99 7.18
C ASP A 36 16.69 -11.60 8.12
N VAL A 37 16.50 -10.29 8.31
CA VAL A 37 15.44 -9.82 9.20
C VAL A 37 14.09 -10.14 8.59
N LYS A 38 14.03 -10.21 7.26
CA LYS A 38 12.79 -10.55 6.58
C LYS A 38 12.45 -12.02 6.82
N LYS A 39 13.49 -12.82 7.02
CA LYS A 39 13.31 -14.24 7.33
C LYS A 39 12.80 -14.36 8.76
N ALA A 40 13.50 -13.68 9.66
CA ALA A 40 13.13 -13.69 11.07
C ALA A 40 11.78 -13.01 11.30
N CYS A 41 11.51 -11.95 10.54
CA CYS A 41 10.22 -11.26 10.61
C CYS A 41 9.14 -12.19 10.14
N CYS A 42 9.45 -12.91 9.05
CA CYS A 42 8.55 -13.91 8.51
C CYS A 42 8.04 -14.84 9.61
N GLN A 43 8.91 -15.19 10.54
CA GLN A 43 8.53 -16.07 11.65
C GLN A 43 8.28 -15.30 12.95
N ARG A 44 8.34 -13.97 12.91
CA ARG A 44 8.14 -13.17 14.10
C ARG A 44 6.69 -12.75 14.21
N ASN A 45 6.16 -12.18 13.13
CA ASN A 45 4.77 -11.75 13.12
C ASN A 45 4.20 -11.69 11.72
N GLN A 46 4.82 -12.40 10.79
CA GLN A 46 4.37 -12.38 9.42
C GLN A 46 3.73 -13.71 9.08
N ILE A 47 2.96 -13.70 8.01
CA ILE A 47 2.30 -14.89 7.54
C ILE A 47 2.34 -14.89 6.02
N SER B 1 -13.84 13.70 4.15
CA SER B 1 -12.90 14.16 5.19
C SER B 1 -11.66 14.78 4.54
N ASP B 2 -10.49 14.53 5.12
CA ASP B 2 -9.24 15.08 4.59
C ASP B 2 -8.91 14.47 3.23
N GLY B 3 -9.38 15.10 2.16
CA GLY B 3 -9.14 14.56 0.83
C GLY B 3 -8.54 15.55 -0.13
N ASP B 4 -8.25 16.77 0.32
CA ASP B 4 -7.68 17.78 -0.57
C ASP B 4 -6.42 18.43 0.00
N VAL B 5 -5.86 17.85 1.05
CA VAL B 5 -4.66 18.40 1.64
C VAL B 5 -3.44 17.82 0.93
N VAL B 6 -2.82 18.63 0.07
CA VAL B 6 -1.67 18.17 -0.70
C VAL B 6 -0.51 17.77 0.20
N TYR B 7 -0.32 16.46 0.31
CA TYR B 7 0.75 15.90 1.11
C TYR B 7 1.74 15.17 0.21
N THR B 8 2.83 15.84 -0.06
CA THR B 8 3.89 15.34 -0.92
C THR B 8 4.66 14.20 -0.25
N LEU B 9 4.91 13.15 -1.00
CA LEU B 9 5.62 11.99 -0.48
C LEU B 9 6.80 11.66 -1.41
N ASN B 10 7.97 12.20 -1.10
CA ASN B 10 9.15 11.95 -1.93
C ASN B 10 9.63 10.52 -1.72
N ILE B 11 9.37 9.67 -2.69
CA ILE B 11 9.72 8.27 -2.60
C ILE B 11 10.98 7.96 -3.38
N ARG B 12 12.10 7.82 -2.68
CA ARG B 12 13.34 7.49 -3.34
C ARG B 12 13.30 6.04 -3.84
N GLY B 13 13.52 5.86 -5.12
CA GLY B 13 13.44 4.54 -5.72
C GLY B 13 12.23 4.39 -6.62
N LYS B 14 12.49 4.17 -7.92
CA LYS B 14 11.42 4.00 -8.91
C LYS B 14 10.47 2.86 -8.55
N ARG B 15 11.03 1.67 -8.34
CA ARG B 15 10.22 0.49 -8.04
C ARG B 15 9.39 0.72 -6.79
N LYS B 16 10.03 1.30 -5.79
CA LYS B 16 9.40 1.63 -4.55
C LYS B 16 8.21 2.54 -4.80
N PHE B 17 8.44 3.60 -5.57
CA PHE B 17 7.41 4.56 -5.94
C PHE B 17 6.26 3.88 -6.66
N GLU B 18 6.58 2.98 -7.59
CA GLU B 18 5.56 2.27 -8.37
C GLU B 18 4.54 1.62 -7.45
N LYS B 19 5.02 1.09 -6.33
CA LYS B 19 4.16 0.45 -5.36
C LYS B 19 3.28 1.49 -4.66
N VAL B 20 3.93 2.48 -4.05
CA VAL B 20 3.21 3.56 -3.34
C VAL B 20 2.25 4.32 -4.27
N LYS B 21 2.74 4.75 -5.42
CA LYS B 21 1.92 5.46 -6.39
C LYS B 21 0.70 4.63 -6.80
N GLU B 22 0.89 3.33 -6.92
CA GLU B 22 -0.22 2.45 -7.27
C GLU B 22 -1.24 2.47 -6.13
N TYR B 23 -0.73 2.65 -4.91
CA TYR B 23 -1.56 2.73 -3.72
C TYR B 23 -2.24 4.09 -3.63
N LYS B 24 -1.51 5.16 -3.93
CA LYS B 24 -2.07 6.49 -3.84
C LYS B 24 -3.19 6.66 -4.87
N GLU B 25 -2.96 6.14 -6.09
CA GLU B 25 -3.98 6.20 -7.14
C GLU B 25 -5.20 5.42 -6.70
N ALA B 26 -4.94 4.24 -6.15
CA ALA B 26 -5.98 3.37 -5.65
C ALA B 26 -6.74 4.05 -4.49
N LEU B 27 -6.01 4.72 -3.60
CA LEU B 27 -6.62 5.43 -2.49
C LEU B 27 -7.50 6.57 -3.00
N ASP B 28 -7.00 7.30 -3.99
CA ASP B 28 -7.74 8.39 -4.61
C ASP B 28 -9.02 7.85 -5.22
N LEU B 29 -8.90 6.72 -5.90
CA LEU B 29 -10.03 6.07 -6.54
C LEU B 29 -11.04 5.59 -5.50
N LEU B 30 -10.54 5.03 -4.39
CA LEU B 30 -11.40 4.57 -3.29
C LEU B 30 -12.28 5.71 -2.78
N ASP B 31 -11.72 6.91 -2.83
CA ASP B 31 -12.42 8.09 -2.34
C ASP B 31 -12.95 8.92 -3.51
N TYR B 32 -13.17 8.27 -4.65
CA TYR B 32 -13.64 8.97 -5.83
C TYR B 32 -14.90 8.33 -6.39
N VAL B 33 -14.81 7.10 -6.87
CA VAL B 33 -15.94 6.43 -7.47
C VAL B 33 -17.04 6.17 -6.44
N GLN B 34 -18.24 5.92 -6.94
CA GLN B 34 -19.41 5.73 -6.07
C GLN B 34 -19.21 4.60 -5.07
N PRO B 35 -19.81 4.74 -3.88
CA PRO B 35 -19.75 3.69 -2.86
C PRO B 35 -20.44 2.43 -3.35
N ASP B 36 -21.32 2.62 -4.31
CA ASP B 36 -22.06 1.53 -4.91
C ASP B 36 -21.14 0.68 -5.77
N VAL B 37 -20.14 1.32 -6.38
CA VAL B 37 -19.20 0.58 -7.21
C VAL B 37 -18.34 -0.31 -6.33
N LYS B 38 -18.15 0.10 -5.07
CA LYS B 38 -17.37 -0.69 -4.13
C LYS B 38 -18.11 -1.99 -3.82
N LYS B 39 -19.44 -1.88 -3.73
CA LYS B 39 -20.29 -3.03 -3.49
C LYS B 39 -20.20 -3.98 -4.68
N ALA B 40 -20.37 -3.40 -5.86
CA ALA B 40 -20.31 -4.17 -7.10
C ALA B 40 -18.90 -4.67 -7.37
N CYS B 41 -17.90 -3.89 -7.01
CA CYS B 41 -16.50 -4.30 -7.17
C CYS B 41 -16.21 -5.46 -6.25
N CYS B 42 -16.69 -5.32 -5.02
CA CYS B 42 -16.56 -6.37 -4.01
C CYS B 42 -17.02 -7.71 -4.58
N GLN B 43 -18.08 -7.68 -5.38
CA GLN B 43 -18.61 -8.90 -5.98
C GLN B 43 -18.19 -9.07 -7.44
N ARG B 44 -17.28 -8.21 -7.91
CA ARG B 44 -16.82 -8.29 -9.28
C ARG B 44 -15.50 -9.04 -9.36
N ASN B 45 -14.53 -8.59 -8.58
CA ASN B 45 -13.21 -9.22 -8.58
C ASN B 45 -12.53 -9.10 -7.23
N GLN B 46 -13.32 -8.91 -6.19
CA GLN B 46 -12.78 -8.74 -4.86
C GLN B 46 -13.16 -9.91 -3.98
N ILE B 47 -12.42 -10.06 -2.89
CA ILE B 47 -12.68 -11.09 -1.93
C ILE B 47 -12.52 -10.50 -0.54
N SER C 1 -1.70 -5.19 20.90
CA SER C 1 -3.08 -5.68 20.83
C SER C 1 -3.53 -5.93 19.39
N ASP C 2 -2.86 -5.29 18.43
CA ASP C 2 -3.29 -5.38 17.04
C ASP C 2 -2.10 -5.66 16.11
N GLY C 3 -1.19 -6.53 16.52
CA GLY C 3 -0.03 -6.81 15.69
C GLY C 3 0.15 -8.28 15.38
N ASP C 4 -0.58 -9.14 16.08
CA ASP C 4 -0.46 -10.57 15.86
C ASP C 4 -1.80 -11.22 15.55
N VAL C 5 -2.78 -10.42 15.19
CA VAL C 5 -4.11 -10.95 14.87
C VAL C 5 -4.17 -11.33 13.40
N VAL C 6 -4.22 -12.63 13.13
CA VAL C 6 -4.24 -13.13 11.76
C VAL C 6 -5.47 -12.65 10.99
N TYR C 7 -5.27 -11.69 10.11
CA TYR C 7 -6.33 -11.15 9.27
C TYR C 7 -6.08 -11.49 7.82
N THR C 8 -6.73 -12.57 7.39
CA THR C 8 -6.63 -13.06 6.02
C THR C 8 -7.23 -12.05 5.03
N LEU C 9 -6.51 -11.83 3.94
CA LEU C 9 -6.95 -10.91 2.92
C LEU C 9 -6.88 -11.61 1.56
N ASN C 10 -7.98 -12.27 1.16
CA ASN C 10 -8.01 -12.95 -0.12
C ASN C 10 -8.00 -11.94 -1.25
N ILE C 11 -6.86 -11.82 -1.90
CA ILE C 11 -6.67 -10.85 -2.96
C ILE C 11 -6.79 -11.53 -4.31
N ARG C 12 -7.93 -11.36 -4.96
CA ARG C 12 -8.13 -11.92 -6.28
C ARG C 12 -7.30 -11.14 -7.29
N GLY C 13 -6.48 -11.85 -8.04
CA GLY C 13 -5.57 -11.21 -8.98
C GLY C 13 -4.13 -11.28 -8.52
N LYS C 14 -3.30 -11.98 -9.29
CA LYS C 14 -1.89 -12.14 -8.98
C LYS C 14 -1.15 -10.81 -8.85
N ARG C 15 -1.26 -9.98 -9.89
CA ARG C 15 -0.53 -8.71 -9.92
C ARG C 15 -0.99 -7.80 -8.79
N LYS C 16 -2.29 -7.83 -8.54
CA LYS C 16 -2.88 -7.10 -7.45
C LYS C 16 -2.24 -7.54 -6.14
N PHE C 17 -2.20 -8.84 -5.93
CA PHE C 17 -1.61 -9.44 -4.75
C PHE C 17 -0.15 -9.06 -4.59
N GLU C 18 0.60 -9.06 -5.69
CA GLU C 18 2.03 -8.69 -5.64
C GLU C 18 2.22 -7.35 -4.95
N LYS C 19 1.32 -6.42 -5.26
CA LYS C 19 1.38 -5.08 -4.67
C LYS C 19 1.04 -5.12 -3.19
N VAL C 20 -0.14 -5.65 -2.87
CA VAL C 20 -0.59 -5.78 -1.48
C VAL C 20 0.38 -6.62 -0.62
N LYS C 21 0.77 -7.79 -1.12
CA LYS C 21 1.68 -8.68 -0.41
C LYS C 21 2.99 -8.00 -0.07
N GLU C 22 3.48 -7.14 -0.95
CA GLU C 22 4.70 -6.42 -0.67
C GLU C 22 4.44 -5.35 0.39
N TYR C 23 3.20 -4.87 0.45
CA TYR C 23 2.80 -3.90 1.47
C TYR C 23 2.69 -4.57 2.81
N LYS C 24 2.09 -5.76 2.85
CA LYS C 24 1.93 -6.48 4.10
C LYS C 24 3.29 -6.84 4.67
N GLU C 25 4.23 -7.23 3.79
CA GLU C 25 5.59 -7.53 4.23
C GLU C 25 6.26 -6.29 4.77
N ALA C 26 6.08 -5.19 4.04
CA ALA C 26 6.62 -3.92 4.43
C ALA C 26 6.04 -3.49 5.79
N LEU C 27 4.75 -3.71 5.99
CA LEU C 27 4.09 -3.39 7.26
C LEU C 27 4.59 -4.31 8.36
N ASP C 28 4.72 -5.59 8.03
CA ASP C 28 5.22 -6.58 8.98
C ASP C 28 6.63 -6.22 9.39
N LEU C 29 7.40 -5.72 8.43
CA LEU C 29 8.77 -5.28 8.66
C LEU C 29 8.77 -3.98 9.47
N LEU C 30 7.83 -3.08 9.18
CA LEU C 30 7.67 -1.84 9.94
C LEU C 30 7.43 -2.16 11.41
N ASP C 31 6.74 -3.27 11.65
CA ASP C 31 6.43 -3.73 12.99
C ASP C 31 7.43 -4.78 13.43
N TYR C 32 8.62 -4.78 12.83
CA TYR C 32 9.61 -5.78 13.17
C TYR C 32 10.95 -5.14 13.52
N VAL C 33 11.58 -4.48 12.55
CA VAL C 33 12.88 -3.91 12.78
C VAL C 33 12.81 -2.72 13.70
N GLN C 34 13.91 -2.50 14.41
CA GLN C 34 14.00 -1.46 15.43
C GLN C 34 13.57 -0.10 14.90
N PRO C 35 12.99 0.73 15.77
CA PRO C 35 12.61 2.10 15.43
C PRO C 35 13.83 2.91 15.03
N ASP C 36 14.99 2.47 15.55
CA ASP C 36 16.26 3.10 15.28
C ASP C 36 16.64 2.92 13.81
N VAL C 37 16.37 1.73 13.28
CA VAL C 37 16.69 1.47 11.88
C VAL C 37 15.79 2.33 11.00
N LYS C 38 14.61 2.67 11.51
CA LYS C 38 13.68 3.52 10.77
C LYS C 38 14.23 4.92 10.67
N LYS C 39 14.89 5.36 11.73
CA LYS C 39 15.51 6.67 11.75
C LYS C 39 16.68 6.69 10.78
N ALA C 40 17.49 5.65 10.87
CA ALA C 40 18.63 5.50 9.99
C ALA C 40 18.18 5.28 8.55
N CYS C 41 17.07 4.57 8.38
CA CYS C 41 16.49 4.37 7.05
C CYS C 41 15.98 5.68 6.53
N CYS C 42 15.35 6.45 7.41
CA CYS C 42 14.86 7.77 7.10
C CYS C 42 15.97 8.63 6.50
N GLN C 43 17.21 8.36 6.91
CA GLN C 43 18.35 9.10 6.38
C GLN C 43 19.24 8.22 5.51
N ARG C 44 18.75 7.05 5.13
CA ARG C 44 19.50 6.14 4.27
C ARG C 44 18.94 6.20 2.87
N ASN C 45 17.67 5.87 2.75
CA ASN C 45 17.00 5.83 1.45
C ASN C 45 15.62 6.45 1.49
N GLN C 46 15.30 7.15 2.56
CA GLN C 46 13.98 7.73 2.69
C GLN C 46 14.02 9.21 2.40
N ILE C 47 12.85 9.79 2.24
CA ILE C 47 12.71 11.21 2.00
C ILE C 47 11.46 11.71 2.70
N SER D 1 -5.99 -10.20 -17.02
CA SER D 1 -5.89 -11.66 -16.85
C SER D 1 -5.60 -12.02 -15.40
N ASP D 2 -4.56 -11.41 -14.87
CA ASP D 2 -4.10 -11.68 -13.52
C ASP D 2 -4.87 -10.86 -12.50
N GLY D 3 -6.20 -10.89 -12.60
CA GLY D 3 -7.03 -10.12 -11.70
C GLY D 3 -8.10 -10.95 -11.01
N ASP D 4 -8.10 -12.26 -11.26
CA ASP D 4 -9.12 -13.12 -10.68
C ASP D 4 -8.52 -14.35 -10.00
N VAL D 5 -7.22 -14.31 -9.74
CA VAL D 5 -6.55 -15.42 -9.09
C VAL D 5 -6.54 -15.18 -7.57
N VAL D 6 -7.29 -15.98 -6.84
CA VAL D 6 -7.41 -15.81 -5.38
C VAL D 6 -6.07 -16.01 -4.69
N TYR D 7 -5.47 -14.91 -4.27
CA TYR D 7 -4.21 -14.93 -3.57
C TYR D 7 -4.39 -14.43 -2.15
N THR D 8 -4.51 -15.37 -1.24
CA THR D 8 -4.70 -15.11 0.17
C THR D 8 -3.47 -14.47 0.80
N LEU D 9 -3.72 -13.45 1.61
CA LEU D 9 -2.65 -12.75 2.30
C LEU D 9 -2.96 -12.69 3.79
N ASN D 10 -2.46 -13.65 4.56
CA ASN D 10 -2.70 -13.67 5.99
C ASN D 10 -1.90 -12.56 6.66
N ILE D 11 -2.57 -11.49 6.99
CA ILE D 11 -1.91 -10.34 7.59
C ILE D 11 -2.06 -10.35 9.09
N ARG D 12 -1.01 -10.79 9.77
CA ARG D 12 -1.03 -10.78 11.21
C ARG D 12 -0.97 -9.35 11.72
N GLY D 13 -1.92 -8.99 12.57
CA GLY D 13 -2.01 -7.63 13.04
C GLY D 13 -3.19 -6.89 12.45
N LYS D 14 -4.18 -6.58 13.29
CA LYS D 14 -5.38 -5.89 12.87
C LYS D 14 -5.10 -4.56 12.18
N ARG D 15 -4.38 -3.68 12.86
CA ARG D 15 -4.09 -2.36 12.31
C ARG D 15 -3.28 -2.47 11.04
N LYS D 16 -2.35 -3.43 11.05
CA LYS D 16 -1.56 -3.72 9.89
C LYS D 16 -2.47 -4.05 8.71
N PHE D 17 -3.38 -4.99 8.96
CA PHE D 17 -4.37 -5.43 7.98
C PHE D 17 -5.18 -4.26 7.44
N GLU D 18 -5.61 -3.37 8.32
CA GLU D 18 -6.43 -2.23 7.92
C GLU D 18 -5.74 -1.43 6.81
N LYS D 19 -4.42 -1.33 6.90
CA LYS D 19 -3.65 -0.61 5.90
C LYS D 19 -3.63 -1.39 4.59
N VAL D 20 -3.18 -2.65 4.66
CA VAL D 20 -3.11 -3.52 3.48
C VAL D 20 -4.48 -3.75 2.84
N LYS D 21 -5.49 -4.09 3.64
CA LYS D 21 -6.85 -4.26 3.13
C LYS D 21 -7.34 -3.01 2.43
N GLU D 22 -6.94 -1.84 2.93
CA GLU D 22 -7.29 -0.59 2.31
C GLU D 22 -6.64 -0.53 0.93
N TYR D 23 -5.46 -1.16 0.83
CA TYR D 23 -4.72 -1.22 -0.41
C TYR D 23 -5.37 -2.22 -1.36
N LYS D 24 -5.75 -3.38 -0.84
CA LYS D 24 -6.35 -4.39 -1.69
C LYS D 24 -7.68 -3.90 -2.24
N GLU D 25 -8.46 -3.22 -1.40
CA GLU D 25 -9.74 -2.67 -1.83
C GLU D 25 -9.50 -1.61 -2.90
N ALA D 26 -8.51 -0.78 -2.65
CA ALA D 26 -8.13 0.26 -3.57
C ALA D 26 -7.64 -0.33 -4.90
N LEU D 27 -6.86 -1.41 -4.82
CA LEU D 27 -6.37 -2.09 -6.00
C LEU D 27 -7.51 -2.74 -6.76
N ASP D 28 -8.43 -3.35 -6.02
CA ASP D 28 -9.60 -3.99 -6.62
C ASP D 28 -10.43 -2.94 -7.35
N LEU D 29 -10.50 -1.76 -6.76
CA LEU D 29 -11.21 -0.63 -7.36
C LEU D 29 -10.45 -0.12 -8.60
N LEU D 30 -9.12 -0.05 -8.51
CA LEU D 30 -8.29 0.38 -9.65
C LEU D 30 -8.49 -0.57 -10.83
N ASP D 31 -8.79 -1.81 -10.52
CA ASP D 31 -9.01 -2.83 -11.53
C ASP D 31 -10.51 -3.08 -11.70
N TYR D 32 -11.32 -2.06 -11.38
CA TYR D 32 -12.76 -2.20 -11.49
C TYR D 32 -13.38 -1.04 -12.23
N VAL D 33 -13.24 0.18 -11.71
CA VAL D 33 -13.86 1.32 -12.34
C VAL D 33 -13.12 1.70 -13.62
N GLN D 34 -13.82 2.41 -14.49
CA GLN D 34 -13.29 2.76 -15.79
C GLN D 34 -11.96 3.51 -15.70
N PRO D 35 -11.09 3.33 -16.69
CA PRO D 35 -9.79 4.01 -16.73
C PRO D 35 -9.96 5.52 -16.84
N ASP D 36 -11.11 5.93 -17.34
CA ASP D 36 -11.41 7.34 -17.51
C ASP D 36 -11.76 7.99 -16.19
N VAL D 37 -12.28 7.20 -15.25
CA VAL D 37 -12.59 7.74 -13.94
C VAL D 37 -11.29 8.08 -13.23
N LYS D 38 -10.22 7.38 -13.61
CA LYS D 38 -8.91 7.62 -13.03
C LYS D 38 -8.39 8.97 -13.50
N LYS D 39 -8.72 9.30 -14.73
CA LYS D 39 -8.36 10.60 -15.30
C LYS D 39 -9.14 11.69 -14.58
N ALA D 40 -10.44 11.45 -14.45
CA ALA D 40 -11.33 12.38 -13.77
C ALA D 40 -10.98 12.47 -12.29
N CYS D 41 -10.64 11.33 -11.68
CA CYS D 41 -10.22 11.31 -10.28
C CYS D 41 -8.93 12.08 -10.13
N CYS D 42 -8.03 11.86 -11.09
CA CYS D 42 -6.76 12.55 -11.14
C CYS D 42 -6.96 14.07 -11.02
N GLN D 43 -8.05 14.57 -11.60
CA GLN D 43 -8.34 15.99 -11.54
C GLN D 43 -9.48 16.31 -10.56
N ARG D 44 -9.90 15.31 -9.79
CA ARG D 44 -10.99 15.49 -8.84
C ARG D 44 -10.43 15.73 -7.45
N ASN D 45 -9.60 14.81 -6.98
CA ASN D 45 -9.00 14.92 -5.64
C ASN D 45 -7.62 14.31 -5.61
N GLN D 46 -7.01 14.19 -6.77
CA GLN D 46 -5.72 13.54 -6.88
C GLN D 46 -4.69 14.51 -7.44
N ILE D 47 -3.44 14.09 -7.39
CA ILE D 47 -2.36 14.87 -7.91
C ILE D 47 -1.40 13.92 -8.62
N SER A 1 19.42 0.88 -10.09
CA SER A 1 19.38 2.17 -9.36
C SER A 1 17.96 2.54 -8.98
N ASP A 2 17.07 1.56 -8.92
CA ASP A 2 15.66 1.80 -8.62
C ASP A 2 15.43 1.95 -7.12
N GLY A 3 16.38 2.54 -6.43
CA GLY A 3 16.23 2.74 -5.01
C GLY A 3 16.52 4.17 -4.57
N ASP A 4 17.13 4.97 -5.46
CA ASP A 4 17.46 6.35 -5.14
C ASP A 4 16.77 7.35 -6.05
N VAL A 5 15.89 6.88 -6.91
CA VAL A 5 15.20 7.78 -7.81
C VAL A 5 14.08 8.48 -7.06
N VAL A 6 14.34 9.71 -6.62
CA VAL A 6 13.37 10.49 -5.86
C VAL A 6 12.11 10.71 -6.66
N TYR A 7 11.08 9.97 -6.32
CA TYR A 7 9.81 10.06 -6.99
C TYR A 7 8.75 10.61 -6.04
N THR A 8 8.57 11.91 -6.14
CA THR A 8 7.59 12.64 -5.35
C THR A 8 6.18 12.16 -5.66
N LEU A 9 5.39 11.97 -4.62
CA LEU A 9 4.03 11.53 -4.76
C LEU A 9 3.10 12.44 -3.97
N ASN A 10 2.68 13.52 -4.61
CA ASN A 10 1.78 14.49 -3.98
C ASN A 10 0.43 13.84 -3.74
N ILE A 11 0.17 13.49 -2.50
CA ILE A 11 -1.06 12.82 -2.14
C ILE A 11 -2.03 13.79 -1.51
N ARG A 12 -2.97 14.27 -2.32
CA ARG A 12 -4.00 15.15 -1.80
C ARG A 12 -4.94 14.38 -0.90
N GLY A 13 -5.14 14.87 0.31
CA GLY A 13 -5.94 14.16 1.27
C GLY A 13 -5.12 13.63 2.43
N LYS A 14 -5.35 14.18 3.61
CA LYS A 14 -4.63 13.78 4.81
C LYS A 14 -4.70 12.28 5.07
N ARG A 15 -5.92 11.78 5.25
CA ARG A 15 -6.13 10.36 5.56
C ARG A 15 -5.53 9.48 4.49
N LYS A 16 -5.72 9.91 3.25
CA LYS A 16 -5.18 9.22 2.11
C LYS A 16 -3.68 9.09 2.24
N PHE A 17 -3.02 10.23 2.43
CA PHE A 17 -1.58 10.29 2.61
C PHE A 17 -1.11 9.39 3.73
N GLU A 18 -1.80 9.43 4.87
CA GLU A 18 -1.42 8.62 6.04
C GLU A 18 -1.17 7.16 5.63
N LYS A 19 -2.08 6.62 4.83
CA LYS A 19 -1.99 5.22 4.40
C LYS A 19 -0.75 5.01 3.53
N VAL A 20 -0.67 5.77 2.44
CA VAL A 20 0.46 5.68 1.51
C VAL A 20 1.80 6.03 2.17
N LYS A 21 1.81 7.09 2.99
CA LYS A 21 3.02 7.52 3.68
C LYS A 21 3.63 6.40 4.49
N GLU A 22 2.81 5.57 5.10
CA GLU A 22 3.35 4.46 5.85
C GLU A 22 3.82 3.37 4.90
N TYR A 23 3.18 3.30 3.74
CA TYR A 23 3.55 2.33 2.72
C TYR A 23 4.95 2.65 2.19
N LYS A 24 5.21 3.91 1.92
CA LYS A 24 6.51 4.31 1.41
C LYS A 24 7.58 4.06 2.47
N GLU A 25 7.22 4.25 3.74
CA GLU A 25 8.14 3.99 4.84
C GLU A 25 8.44 2.52 4.91
N ALA A 26 7.37 1.73 4.86
CA ALA A 26 7.46 0.29 4.90
C ALA A 26 8.28 -0.24 3.72
N LEU A 27 8.11 0.36 2.54
CA LEU A 27 8.89 -0.03 1.37
C LEU A 27 10.34 0.37 1.53
N ASP A 28 10.56 1.59 2.03
CA ASP A 28 11.91 2.09 2.25
C ASP A 28 12.62 1.23 3.28
N LEU A 29 11.85 0.73 4.25
CA LEU A 29 12.38 -0.17 5.26
C LEU A 29 12.62 -1.55 4.68
N LEU A 30 11.72 -2.01 3.79
CA LEU A 30 11.90 -3.29 3.09
C LEU A 30 13.21 -3.28 2.33
N ASP A 31 13.56 -2.11 1.83
CA ASP A 31 14.78 -1.91 1.06
C ASP A 31 15.91 -1.42 1.98
N TYR A 32 15.73 -1.58 3.28
CA TYR A 32 16.72 -1.09 4.21
C TYR A 32 17.24 -2.19 5.13
N VAL A 33 16.35 -2.84 5.89
CA VAL A 33 16.79 -3.83 6.83
C VAL A 33 17.18 -5.14 6.15
N GLN A 34 18.07 -5.87 6.80
CA GLN A 34 18.63 -7.11 6.27
C GLN A 34 17.53 -8.09 5.85
N PRO A 35 17.77 -8.85 4.78
CA PRO A 35 16.82 -9.86 4.30
C PRO A 35 16.59 -10.94 5.35
N ASP A 36 17.57 -11.10 6.22
CA ASP A 36 17.50 -12.08 7.30
C ASP A 36 16.43 -11.68 8.30
N VAL A 37 16.27 -10.38 8.53
CA VAL A 37 15.28 -9.91 9.48
C VAL A 37 13.88 -10.14 8.92
N LYS A 38 13.79 -10.24 7.60
CA LYS A 38 12.51 -10.49 6.95
C LYS A 38 12.10 -11.94 7.18
N LYS A 39 13.09 -12.79 7.35
CA LYS A 39 12.88 -14.20 7.65
C LYS A 39 12.53 -14.34 9.13
N ALA A 40 13.25 -13.57 9.94
CA ALA A 40 12.99 -13.54 11.38
C ALA A 40 11.64 -12.89 11.64
N CYS A 41 11.34 -11.82 10.92
CA CYS A 41 10.04 -11.16 11.01
C CYS A 41 8.98 -12.13 10.53
N CYS A 42 9.32 -12.86 9.47
CA CYS A 42 8.45 -13.89 8.94
C CYS A 42 8.01 -14.85 10.03
N GLN A 43 8.91 -15.13 10.98
CA GLN A 43 8.59 -16.03 12.07
C GLN A 43 8.40 -15.26 13.38
N ARG A 44 8.25 -13.94 13.28
CA ARG A 44 8.02 -13.10 14.43
C ARG A 44 6.57 -12.68 14.45
N ASN A 45 6.15 -11.99 13.39
CA ASN A 45 4.80 -11.48 13.31
C ASN A 45 4.23 -11.60 11.89
N GLN A 46 4.82 -12.43 11.06
CA GLN A 46 4.37 -12.53 9.69
C GLN A 46 3.67 -13.85 9.40
N ILE A 47 3.00 -13.88 8.27
CA ILE A 47 2.36 -15.07 7.77
C ILE A 47 2.55 -15.13 6.27
N SER B 1 -11.88 18.37 6.35
CA SER B 1 -11.00 18.53 5.17
C SER B 1 -9.80 17.60 5.31
N ASP B 2 -9.90 16.44 4.66
CA ASP B 2 -8.86 15.44 4.73
C ASP B 2 -8.77 14.67 3.42
N GLY B 3 -9.30 15.24 2.36
CA GLY B 3 -9.23 14.63 1.05
C GLY B 3 -8.63 15.57 0.02
N ASP B 4 -8.33 16.81 0.45
CA ASP B 4 -7.78 17.80 -0.47
C ASP B 4 -6.48 18.41 0.05
N VAL B 5 -5.94 17.84 1.11
CA VAL B 5 -4.72 18.37 1.70
C VAL B 5 -3.50 17.78 1.01
N VAL B 6 -2.83 18.59 0.18
CA VAL B 6 -1.66 18.13 -0.56
C VAL B 6 -0.53 17.71 0.37
N TYR B 7 -0.34 16.40 0.47
CA TYR B 7 0.70 15.83 1.28
C TYR B 7 1.71 15.10 0.40
N THR B 8 2.83 15.75 0.15
CA THR B 8 3.89 15.23 -0.69
C THR B 8 4.60 14.06 -0.03
N LEU B 9 4.88 13.02 -0.83
CA LEU B 9 5.56 11.85 -0.35
C LEU B 9 6.74 11.52 -1.28
N ASN B 10 7.92 12.02 -0.97
CA ASN B 10 9.10 11.80 -1.80
C ASN B 10 9.56 10.35 -1.65
N ILE B 11 9.29 9.54 -2.64
CA ILE B 11 9.64 8.13 -2.59
C ILE B 11 10.90 7.85 -3.39
N ARG B 12 12.00 7.67 -2.70
CA ARG B 12 13.24 7.36 -3.38
C ARG B 12 13.23 5.92 -3.85
N GLY B 13 13.49 5.72 -5.14
CA GLY B 13 13.45 4.40 -5.71
C GLY B 13 12.28 4.21 -6.64
N LYS B 14 12.56 3.87 -7.90
CA LYS B 14 11.51 3.68 -8.90
C LYS B 14 10.55 2.58 -8.50
N ARG B 15 11.06 1.38 -8.31
CA ARG B 15 10.25 0.22 -7.94
C ARG B 15 9.40 0.54 -6.72
N LYS B 16 10.04 1.19 -5.75
CA LYS B 16 9.41 1.58 -4.52
C LYS B 16 8.21 2.48 -4.82
N PHE B 17 8.46 3.54 -5.58
CA PHE B 17 7.42 4.49 -5.98
C PHE B 17 6.29 3.81 -6.72
N GLU B 18 6.63 2.93 -7.67
CA GLU B 18 5.62 2.22 -8.46
C GLU B 18 4.57 1.60 -7.56
N LYS B 19 5.01 1.07 -6.43
CA LYS B 19 4.11 0.45 -5.48
C LYS B 19 3.26 1.51 -4.75
N VAL B 20 3.93 2.45 -4.10
CA VAL B 20 3.23 3.54 -3.37
C VAL B 20 2.29 4.32 -4.29
N LYS B 21 2.79 4.74 -5.45
CA LYS B 21 1.98 5.47 -6.41
C LYS B 21 0.74 4.68 -6.82
N GLU B 22 0.89 3.37 -6.94
CA GLU B 22 -0.24 2.52 -7.28
C GLU B 22 -1.25 2.57 -6.14
N TYR B 23 -0.73 2.71 -4.92
CA TYR B 23 -1.56 2.79 -3.73
C TYR B 23 -2.25 4.15 -3.64
N LYS B 24 -1.52 5.23 -3.94
CA LYS B 24 -2.10 6.55 -3.86
C LYS B 24 -3.22 6.70 -4.90
N GLU B 25 -2.99 6.16 -6.10
CA GLU B 25 -4.02 6.19 -7.14
C GLU B 25 -5.23 5.38 -6.68
N ALA B 26 -4.95 4.22 -6.13
CA ALA B 26 -5.96 3.35 -5.60
C ALA B 26 -6.76 4.04 -4.48
N LEU B 27 -6.05 4.75 -3.60
CA LEU B 27 -6.70 5.48 -2.53
C LEU B 27 -7.51 6.64 -3.08
N ASP B 28 -6.95 7.33 -4.06
CA ASP B 28 -7.62 8.45 -4.70
C ASP B 28 -8.90 7.97 -5.38
N LEU B 29 -8.81 6.78 -5.98
CA LEU B 29 -9.95 6.15 -6.63
C LEU B 29 -10.96 5.65 -5.60
N LEU B 30 -10.47 5.08 -4.48
CA LEU B 30 -11.34 4.67 -3.38
C LEU B 30 -12.16 5.86 -2.90
N ASP B 31 -11.50 7.01 -2.86
CA ASP B 31 -12.12 8.25 -2.42
C ASP B 31 -12.67 9.01 -3.64
N TYR B 32 -13.05 8.28 -4.67
CA TYR B 32 -13.57 8.91 -5.86
C TYR B 32 -14.86 8.28 -6.33
N VAL B 33 -14.81 7.01 -6.74
CA VAL B 33 -15.97 6.36 -7.28
C VAL B 33 -17.00 6.06 -6.19
N GLN B 34 -18.24 5.91 -6.63
CA GLN B 34 -19.37 5.71 -5.73
C GLN B 34 -19.18 4.48 -4.85
N PRO B 35 -19.68 4.53 -3.60
CA PRO B 35 -19.60 3.40 -2.68
C PRO B 35 -20.27 2.16 -3.26
N ASP B 36 -21.27 2.41 -4.10
CA ASP B 36 -22.01 1.35 -4.76
C ASP B 36 -21.09 0.52 -5.63
N VAL B 37 -20.13 1.19 -6.28
CA VAL B 37 -19.21 0.49 -7.17
C VAL B 37 -18.34 -0.46 -6.36
N LYS B 38 -18.10 -0.13 -5.10
CA LYS B 38 -17.27 -0.96 -4.23
C LYS B 38 -17.99 -2.26 -3.90
N LYS B 39 -19.31 -2.21 -3.91
CA LYS B 39 -20.14 -3.37 -3.68
C LYS B 39 -20.16 -4.25 -4.93
N ALA B 40 -20.33 -3.58 -6.07
CA ALA B 40 -20.31 -4.27 -7.34
C ALA B 40 -18.90 -4.77 -7.65
N CYS B 41 -17.90 -4.01 -7.20
CA CYS B 41 -16.50 -4.42 -7.34
C CYS B 41 -16.26 -5.61 -6.46
N CYS B 42 -16.83 -5.53 -5.26
CA CYS B 42 -16.77 -6.61 -4.29
C CYS B 42 -17.18 -7.93 -4.94
N GLN B 43 -18.12 -7.86 -5.88
CA GLN B 43 -18.58 -9.07 -6.56
C GLN B 43 -18.03 -9.16 -7.99
N ARG B 44 -17.13 -8.25 -8.37
CA ARG B 44 -16.53 -8.27 -9.70
C ARG B 44 -15.18 -8.94 -9.66
N ASN B 45 -14.35 -8.54 -8.71
CA ASN B 45 -13.01 -9.12 -8.58
C ASN B 45 -12.46 -9.00 -7.16
N GLN B 46 -13.33 -8.70 -6.21
CA GLN B 46 -12.87 -8.51 -4.85
C GLN B 46 -13.17 -9.76 -4.03
N ILE B 47 -12.51 -9.87 -2.90
CA ILE B 47 -12.73 -10.98 -2.00
C ILE B 47 -12.63 -10.46 -0.57
N SER C 1 -2.06 -5.83 21.37
CA SER C 1 -2.60 -7.15 20.96
C SER C 1 -3.12 -7.08 19.53
N ASP C 2 -2.59 -6.14 18.74
CA ASP C 2 -3.08 -5.92 17.37
C ASP C 2 -1.98 -6.16 16.35
N GLY C 3 -0.95 -6.91 16.72
CA GLY C 3 0.14 -7.17 15.79
C GLY C 3 0.29 -8.63 15.46
N ASP C 4 -0.56 -9.46 16.07
CA ASP C 4 -0.47 -10.90 15.87
C ASP C 4 -1.84 -11.50 15.56
N VAL C 5 -2.79 -10.66 15.19
CA VAL C 5 -4.13 -11.15 14.86
C VAL C 5 -4.19 -11.52 13.39
N VAL C 6 -4.25 -12.82 13.11
CA VAL C 6 -4.26 -13.31 11.74
C VAL C 6 -5.47 -12.80 10.97
N TYR C 7 -5.22 -11.82 10.11
CA TYR C 7 -6.27 -11.23 9.27
C TYR C 7 -6.03 -11.56 7.81
N THR C 8 -6.71 -12.59 7.35
CA THR C 8 -6.62 -13.05 5.98
C THR C 8 -7.20 -12.04 5.00
N LEU C 9 -6.48 -11.81 3.91
CA LEU C 9 -6.90 -10.88 2.89
C LEU C 9 -6.86 -11.57 1.53
N ASN C 10 -7.97 -12.17 1.12
CA ASN C 10 -8.04 -12.87 -0.15
C ASN C 10 -8.01 -11.84 -1.28
N ILE C 11 -6.88 -11.75 -1.96
CA ILE C 11 -6.70 -10.78 -3.01
C ILE C 11 -6.78 -11.43 -4.38
N ARG C 12 -7.91 -11.24 -5.06
CA ARG C 12 -8.04 -11.78 -6.40
C ARG C 12 -7.17 -11.00 -7.38
N GLY C 13 -6.35 -11.71 -8.13
CA GLY C 13 -5.44 -11.06 -9.06
C GLY C 13 -4.00 -11.10 -8.58
N LYS C 14 -3.14 -11.74 -9.37
CA LYS C 14 -1.72 -11.85 -9.03
C LYS C 14 -1.06 -10.49 -8.91
N ARG C 15 -1.12 -9.68 -9.97
CA ARG C 15 -0.50 -8.37 -9.99
C ARG C 15 -0.96 -7.54 -8.81
N LYS C 16 -2.25 -7.64 -8.53
CA LYS C 16 -2.84 -6.95 -7.42
C LYS C 16 -2.19 -7.39 -6.12
N PHE C 17 -2.21 -8.70 -5.88
CA PHE C 17 -1.62 -9.30 -4.69
C PHE C 17 -0.16 -8.90 -4.52
N GLU C 18 0.59 -8.92 -5.61
CA GLU C 18 2.00 -8.58 -5.56
C GLU C 18 2.21 -7.21 -4.92
N LYS C 19 1.30 -6.29 -5.22
CA LYS C 19 1.35 -4.96 -4.63
C LYS C 19 1.01 -5.02 -3.14
N VAL C 20 -0.18 -5.54 -2.83
CA VAL C 20 -0.64 -5.67 -1.44
C VAL C 20 0.35 -6.46 -0.58
N LYS C 21 0.74 -7.65 -1.04
CA LYS C 21 1.68 -8.48 -0.31
C LYS C 21 2.98 -7.74 -0.04
N GLU C 22 3.40 -6.91 -0.98
CA GLU C 22 4.61 -6.12 -0.80
C GLU C 22 4.40 -5.14 0.36
N TYR C 23 3.14 -4.70 0.50
CA TYR C 23 2.77 -3.78 1.56
C TYR C 23 2.69 -4.52 2.90
N LYS C 24 2.14 -5.73 2.89
CA LYS C 24 2.00 -6.47 4.12
C LYS C 24 3.38 -6.83 4.68
N GLU C 25 4.30 -7.21 3.79
CA GLU C 25 5.67 -7.53 4.19
C GLU C 25 6.33 -6.27 4.74
N ALA C 26 6.10 -5.17 4.06
CA ALA C 26 6.62 -3.89 4.45
C ALA C 26 6.07 -3.47 5.81
N LEU C 27 4.76 -3.67 6.02
CA LEU C 27 4.14 -3.37 7.31
C LEU C 27 4.67 -4.28 8.40
N ASP C 28 4.80 -5.56 8.06
CA ASP C 28 5.31 -6.56 9.00
C ASP C 28 6.73 -6.22 9.41
N LEU C 29 7.50 -5.72 8.45
CA LEU C 29 8.88 -5.29 8.71
C LEU C 29 8.89 -3.99 9.52
N LEU C 30 7.99 -3.06 9.18
CA LEU C 30 7.86 -1.80 9.94
C LEU C 30 7.57 -2.11 11.40
N ASP C 31 6.73 -3.12 11.61
CA ASP C 31 6.32 -3.56 12.93
C ASP C 31 7.30 -4.61 13.46
N TYR C 32 8.55 -4.58 13.00
CA TYR C 32 9.52 -5.56 13.41
C TYR C 32 10.87 -4.93 13.76
N VAL C 33 11.53 -4.34 12.77
CA VAL C 33 12.87 -3.82 12.98
C VAL C 33 12.87 -2.63 13.94
N GLN C 34 14.05 -2.34 14.49
CA GLN C 34 14.24 -1.30 15.49
C GLN C 34 13.84 0.08 14.96
N PRO C 35 13.35 0.95 15.84
CA PRO C 35 13.00 2.33 15.47
C PRO C 35 14.21 3.09 14.95
N ASP C 36 15.38 2.72 15.46
CA ASP C 36 16.63 3.36 15.04
C ASP C 36 16.93 3.07 13.59
N VAL C 37 16.53 1.90 13.11
CA VAL C 37 16.77 1.54 11.72
C VAL C 37 15.92 2.42 10.82
N LYS C 38 14.78 2.87 11.34
CA LYS C 38 13.90 3.75 10.57
C LYS C 38 14.53 5.13 10.48
N LYS C 39 15.21 5.54 11.54
CA LYS C 39 15.92 6.81 11.56
C LYS C 39 17.08 6.75 10.58
N ALA C 40 17.83 5.66 10.67
CA ALA C 40 18.95 5.43 9.78
C ALA C 40 18.47 5.22 8.34
N CYS C 41 17.34 4.54 8.18
CA CYS C 41 16.72 4.36 6.87
C CYS C 41 16.31 5.69 6.32
N CYS C 42 15.70 6.49 7.20
CA CYS C 42 15.28 7.85 6.88
C CYS C 42 16.40 8.61 6.17
N GLN C 43 17.63 8.34 6.56
CA GLN C 43 18.78 9.01 5.95
C GLN C 43 19.63 8.06 5.08
N ARG C 44 19.16 6.84 4.88
CA ARG C 44 19.91 5.87 4.07
C ARG C 44 19.37 5.84 2.66
N ASN C 45 18.05 5.68 2.55
CA ASN C 45 17.42 5.59 1.24
C ASN C 45 16.01 6.16 1.27
N GLN C 46 15.65 6.81 2.36
CA GLN C 46 14.29 7.29 2.51
C GLN C 46 14.22 8.79 2.31
N ILE C 47 13.00 9.28 2.15
CA ILE C 47 12.76 10.70 2.04
C ILE C 47 11.48 11.02 2.80
N SER D 1 -4.33 -13.81 -17.41
CA SER D 1 -5.31 -13.69 -16.32
C SER D 1 -4.61 -13.47 -14.99
N ASP D 2 -4.53 -12.22 -14.55
CA ASP D 2 -3.86 -11.90 -13.30
C ASP D 2 -4.66 -10.90 -12.49
N GLY D 3 -5.97 -10.87 -12.70
CA GLY D 3 -6.81 -9.95 -11.95
C GLY D 3 -7.91 -10.66 -11.16
N ASP D 4 -7.99 -11.98 -11.31
CA ASP D 4 -9.02 -12.76 -10.61
C ASP D 4 -8.43 -14.04 -10.03
N VAL D 5 -7.15 -14.02 -9.72
CA VAL D 5 -6.49 -15.17 -9.12
C VAL D 5 -6.43 -14.98 -7.62
N VAL D 6 -7.24 -15.75 -6.90
CA VAL D 6 -7.34 -15.61 -5.45
C VAL D 6 -6.01 -15.86 -4.75
N TYR D 7 -5.39 -14.77 -4.30
CA TYR D 7 -4.13 -14.82 -3.57
C TYR D 7 -4.34 -14.36 -2.15
N THR D 8 -4.52 -15.32 -1.26
CA THR D 8 -4.75 -15.06 0.15
C THR D 8 -3.51 -14.46 0.81
N LEU D 9 -3.73 -13.42 1.59
CA LEU D 9 -2.64 -12.74 2.27
C LEU D 9 -2.94 -12.69 3.77
N ASN D 10 -2.46 -13.69 4.51
CA ASN D 10 -2.69 -13.75 5.94
C ASN D 10 -1.86 -12.67 6.63
N ILE D 11 -2.51 -11.59 7.00
CA ILE D 11 -1.83 -10.47 7.61
C ILE D 11 -1.98 -10.50 9.11
N ARG D 12 -0.93 -10.93 9.80
CA ARG D 12 -0.96 -10.95 11.25
C ARG D 12 -0.91 -9.53 11.79
N GLY D 13 -1.88 -9.18 12.62
CA GLY D 13 -1.98 -7.83 13.13
C GLY D 13 -3.15 -7.06 12.55
N LYS D 14 -4.10 -6.69 13.40
CA LYS D 14 -5.29 -5.95 12.97
C LYS D 14 -4.94 -4.65 12.25
N ARG D 15 -4.32 -3.73 12.98
CA ARG D 15 -3.96 -2.42 12.45
C ARG D 15 -3.19 -2.55 11.16
N LYS D 16 -2.30 -3.54 11.14
CA LYS D 16 -1.53 -3.84 9.97
C LYS D 16 -2.45 -4.15 8.79
N PHE D 17 -3.33 -5.12 9.01
CA PHE D 17 -4.31 -5.54 8.00
C PHE D 17 -5.13 -4.38 7.50
N GLU D 18 -5.59 -3.53 8.42
CA GLU D 18 -6.43 -2.39 8.07
C GLU D 18 -5.78 -1.52 7.01
N LYS D 19 -4.46 -1.43 7.06
CA LYS D 19 -3.71 -0.67 6.06
C LYS D 19 -3.65 -1.42 4.73
N VAL D 20 -3.17 -2.67 4.79
CA VAL D 20 -3.08 -3.52 3.59
C VAL D 20 -4.44 -3.75 2.93
N LYS D 21 -5.46 -4.09 3.72
CA LYS D 21 -6.80 -4.27 3.20
C LYS D 21 -7.29 -3.01 2.51
N GLU D 22 -6.90 -1.85 3.04
CA GLU D 22 -7.27 -0.59 2.42
C GLU D 22 -6.62 -0.51 1.04
N TYR D 23 -5.44 -1.13 0.94
CA TYR D 23 -4.71 -1.17 -0.32
C TYR D 23 -5.35 -2.16 -1.28
N LYS D 24 -5.75 -3.32 -0.78
CA LYS D 24 -6.33 -4.34 -1.63
C LYS D 24 -7.66 -3.86 -2.21
N GLU D 25 -8.48 -3.20 -1.37
CA GLU D 25 -9.76 -2.66 -1.82
C GLU D 25 -9.53 -1.59 -2.86
N ALA D 26 -8.53 -0.76 -2.61
CA ALA D 26 -8.14 0.29 -3.51
C ALA D 26 -7.66 -0.28 -4.84
N LEU D 27 -6.89 -1.38 -4.78
CA LEU D 27 -6.40 -2.04 -5.98
C LEU D 27 -7.54 -2.71 -6.74
N ASP D 28 -8.43 -3.35 -5.99
CA ASP D 28 -9.60 -4.02 -6.58
C ASP D 28 -10.45 -2.98 -7.30
N LEU D 29 -10.52 -1.80 -6.72
CA LEU D 29 -11.26 -0.68 -7.29
C LEU D 29 -10.51 -0.10 -8.49
N LEU D 30 -9.18 -0.05 -8.41
CA LEU D 30 -8.35 0.46 -9.52
C LEU D 30 -8.63 -0.29 -10.82
N ASP D 31 -8.77 -1.61 -10.70
CA ASP D 31 -9.02 -2.45 -11.87
C ASP D 31 -10.52 -2.62 -12.09
N TYR D 32 -11.32 -1.82 -11.41
CA TYR D 32 -12.75 -1.98 -11.50
C TYR D 32 -13.40 -0.81 -12.23
N VAL D 33 -13.27 0.38 -11.68
CA VAL D 33 -13.89 1.53 -12.28
C VAL D 33 -13.17 1.95 -13.54
N GLN D 34 -13.95 2.51 -14.47
CA GLN D 34 -13.48 2.86 -15.80
C GLN D 34 -12.26 3.78 -15.78
N PRO D 35 -11.42 3.69 -16.82
CA PRO D 35 -10.24 4.55 -16.97
C PRO D 35 -10.63 6.02 -17.00
N ASP D 36 -11.83 6.28 -17.49
CA ASP D 36 -12.37 7.62 -17.55
C ASP D 36 -12.51 8.22 -16.16
N VAL D 37 -12.89 7.37 -15.21
CA VAL D 37 -13.04 7.83 -13.84
C VAL D 37 -11.67 8.14 -13.25
N LYS D 38 -10.64 7.48 -13.77
CA LYS D 38 -9.28 7.74 -13.30
C LYS D 38 -8.82 9.08 -13.84
N LYS D 39 -9.24 9.40 -15.05
CA LYS D 39 -8.94 10.70 -15.66
C LYS D 39 -9.66 11.77 -14.86
N ALA D 40 -10.94 11.52 -14.64
CA ALA D 40 -11.78 12.43 -13.89
C ALA D 40 -11.35 12.51 -12.42
N CYS D 41 -10.90 11.40 -11.85
CA CYS D 41 -10.40 11.38 -10.48
C CYS D 41 -9.14 12.20 -10.40
N CYS D 42 -8.26 11.99 -11.38
CA CYS D 42 -7.03 12.73 -11.49
C CYS D 42 -7.29 14.24 -11.42
N GLN D 43 -8.42 14.67 -11.98
CA GLN D 43 -8.78 16.08 -11.96
C GLN D 43 -9.85 16.39 -10.90
N ARG D 44 -10.21 15.39 -10.10
CA ARG D 44 -11.20 15.56 -9.06
C ARG D 44 -10.53 16.02 -7.78
N ASN D 45 -9.50 15.28 -7.37
CA ASN D 45 -8.78 15.63 -6.16
C ASN D 45 -7.39 15.01 -6.14
N GLN D 46 -6.93 14.55 -7.30
CA GLN D 46 -5.66 13.85 -7.36
C GLN D 46 -4.55 14.79 -7.76
N ILE D 47 -3.33 14.35 -7.52
CA ILE D 47 -2.15 15.08 -7.91
C ILE D 47 -1.22 14.12 -8.65
#